data_1MX0
#
_entry.id   1MX0
#
_cell.length_a   146.655
_cell.length_b   219.192
_cell.length_c   106.921
_cell.angle_alpha   90.00
_cell.angle_beta   90.00
_cell.angle_gamma   90.00
#
_symmetry.space_group_name_H-M   'P 21 21 2'
#
loop_
_entity.id
_entity.type
_entity.pdbx_description
1 polymer 'Type II DNA topoisomerase VI subunit B'
2 non-polymer 'MAGNESIUM ION'
3 non-polymer 'PHOSPHOAMINOPHOSPHONIC ACID-ADENYLATE ESTER'
4 non-polymer 'SODIUM ION'
5 water water
#
_entity_poly.entity_id   1
_entity_poly.type   'polypeptide(L)'
_entity_poly.pdbx_seq_one_letter_code
;GAMSAKEKFTSLSPAEFFKRNPELAGFPNPARALYQTVRELIENSLDATDVHGILPNIKITIDLIDDARQIYKVNVVDNG
IGIPPQEVPNAFGRVLYSSKYVNRQTRG(MSE)YGLGVKAAVLYSQ(MSE)HQDKPIEIETSPVNSKRIYTFKLKIDINK
NEPIIVERGSVENTRGFHGTSVAISIPGDWPKAKSRIYEYIKRTYIITPYAEFIFKDPEGNVTYYPRLTNKIPKPPQEVK
PHPYGVDREEIKILINNLKRDYTIKEFLVNEFQSIGDTTADKILELAGLKPNKKVKNLTEEEITRLVETFKKYEDFRSPS
ADSLSVIGEDLIELGLKKIFNPDFAASITRKPKAYQGHPFIVEAGVAFGGSIPVGEEPIVLRYANKIPLIYDEKSDVIWK
VVEELDWKRYGIESDQYQ(MSE)VV(MSE)VHLCSTKIPYKSAGKESIAEVEDIEKEIKNAL(MSE)EVARKLKQYLSEK
RKEQEAKKKLLA
;
_entity_poly.pdbx_strand_id   A,B,C,D,E,F
#
loop_
_chem_comp.id
_chem_comp.type
_chem_comp.name
_chem_comp.formula
ANP non-polymer 'PHOSPHOAMINOPHOSPHONIC ACID-ADENYLATE ESTER' 'C10 H17 N6 O12 P3'
MG non-polymer 'MAGNESIUM ION' 'Mg 2'
NA non-polymer 'SODIUM ION' 'Na 1'
#
# COMPACT_ATOMS: atom_id res chain seq x y z
N LYS A 6 -27.11 -27.84 -44.99
CA LYS A 6 -27.42 -26.60 -44.25
C LYS A 6 -27.63 -26.83 -42.74
N GLU A 7 -27.04 -27.85 -42.13
CA GLU A 7 -27.31 -28.05 -40.69
C GLU A 7 -27.04 -26.77 -39.87
N LYS A 8 -27.96 -26.37 -39.01
CA LYS A 8 -27.75 -25.19 -38.17
C LYS A 8 -27.63 -25.67 -36.74
N PHE A 9 -26.55 -25.28 -36.06
CA PHE A 9 -26.32 -25.75 -34.71
C PHE A 9 -26.74 -24.73 -33.67
N THR A 10 -27.48 -25.19 -32.70
CA THR A 10 -28.02 -24.33 -31.66
C THR A 10 -27.96 -25.02 -30.30
N SER A 11 -27.92 -24.22 -29.24
CA SER A 11 -27.94 -24.76 -27.89
C SER A 11 -29.28 -24.41 -27.26
N LEU A 12 -29.67 -25.16 -26.24
CA LEU A 12 -30.95 -24.91 -25.52
C LEU A 12 -30.72 -24.82 -24.02
N SER A 13 -31.48 -23.98 -23.33
CA SER A 13 -31.42 -23.96 -21.87
C SER A 13 -32.33 -25.07 -21.37
N PRO A 14 -32.14 -25.49 -20.13
CA PRO A 14 -33.02 -26.52 -19.56
C PRO A 14 -34.49 -26.12 -19.54
N ALA A 15 -34.77 -24.84 -19.34
CA ALA A 15 -36.18 -24.44 -19.35
C ALA A 15 -36.76 -24.64 -20.77
N GLU A 16 -36.00 -24.26 -21.77
CA GLU A 16 -36.52 -24.40 -23.12
C GLU A 16 -36.57 -25.89 -23.47
N PHE A 17 -35.64 -26.66 -22.94
CA PHE A 17 -35.64 -28.09 -23.14
C PHE A 17 -36.97 -28.69 -22.68
N PHE A 18 -37.34 -28.45 -21.41
CA PHE A 18 -38.61 -29.02 -20.90
C PHE A 18 -39.85 -28.34 -21.45
N LYS A 19 -39.74 -27.08 -21.85
CA LYS A 19 -40.89 -26.45 -22.44
C LYS A 19 -41.23 -27.08 -23.79
N ARG A 20 -40.21 -27.55 -24.49
CA ARG A 20 -40.40 -28.20 -25.81
C ARG A 20 -40.89 -29.63 -25.66
N ASN A 21 -40.63 -30.23 -24.51
CA ASN A 21 -40.95 -31.64 -24.32
C ASN A 21 -41.51 -31.83 -22.91
N PRO A 22 -42.70 -31.26 -22.66
CA PRO A 22 -43.29 -31.29 -21.31
C PRO A 22 -43.57 -32.73 -20.91
N GLU A 23 -43.78 -33.58 -21.92
CA GLU A 23 -44.05 -35.01 -21.68
C GLU A 23 -42.98 -35.64 -20.82
N LEU A 24 -41.74 -35.24 -21.07
CA LEU A 24 -40.59 -35.78 -20.36
C LEU A 24 -40.71 -35.55 -18.86
N ALA A 25 -41.49 -34.55 -18.45
CA ALA A 25 -41.61 -34.26 -17.02
C ALA A 25 -42.95 -34.67 -16.43
N GLY A 26 -43.78 -35.33 -17.21
CA GLY A 26 -45.03 -35.80 -16.69
C GLY A 26 -46.21 -34.92 -17.05
N PHE A 27 -46.07 -34.09 -18.08
CA PHE A 27 -47.15 -33.20 -18.49
C PHE A 27 -47.54 -33.46 -19.93
N PRO A 28 -47.96 -34.70 -20.22
CA PRO A 28 -48.35 -35.09 -21.59
C PRO A 28 -49.74 -34.65 -21.95
N ASN A 29 -50.64 -34.57 -20.98
CA ASN A 29 -52.00 -34.17 -21.25
C ASN A 29 -52.59 -33.48 -20.01
N PRO A 30 -53.70 -32.80 -20.19
CA PRO A 30 -54.29 -32.00 -19.10
C PRO A 30 -54.63 -32.84 -17.87
N ALA A 31 -55.09 -34.07 -18.04
CA ALA A 31 -55.41 -34.91 -16.90
C ALA A 31 -54.16 -35.22 -16.09
N ARG A 32 -53.13 -35.67 -16.78
CA ARG A 32 -51.90 -36.05 -16.11
C ARG A 32 -51.27 -34.79 -15.54
N ALA A 33 -51.52 -33.65 -16.19
CA ALA A 33 -50.92 -32.39 -15.75
C ALA A 33 -51.52 -31.98 -14.42
N LEU A 34 -52.84 -32.08 -14.32
CA LEU A 34 -53.53 -31.69 -13.10
C LEU A 34 -53.06 -32.60 -11.97
N TYR A 35 -52.96 -33.90 -12.25
CA TYR A 35 -52.47 -34.86 -11.25
C TYR A 35 -50.99 -34.59 -10.87
N GLN A 36 -50.17 -34.22 -11.86
CA GLN A 36 -48.74 -34.05 -11.59
C GLN A 36 -48.46 -32.81 -10.73
N THR A 37 -49.26 -31.76 -10.91
CA THR A 37 -49.12 -30.53 -10.15
C THR A 37 -49.46 -30.72 -8.69
N VAL A 38 -50.59 -31.37 -8.41
CA VAL A 38 -50.97 -31.71 -7.03
C VAL A 38 -49.83 -32.47 -6.30
N ARG A 39 -49.39 -33.55 -6.92
CA ARG A 39 -48.33 -34.46 -6.47
C ARG A 39 -46.99 -33.72 -6.16
N GLU A 40 -46.53 -32.93 -7.12
CA GLU A 40 -45.32 -32.16 -6.93
C GLU A 40 -45.42 -31.20 -5.76
N LEU A 41 -46.58 -30.53 -5.62
CA LEU A 41 -46.78 -29.58 -4.51
C LEU A 41 -46.80 -30.28 -3.14
N ILE A 42 -47.58 -31.37 -3.04
CA ILE A 42 -47.65 -32.14 -1.79
C ILE A 42 -46.30 -32.71 -1.44
N GLU A 43 -45.58 -33.20 -2.43
CA GLU A 43 -44.27 -33.75 -2.14
C GLU A 43 -43.32 -32.69 -1.65
N ASN A 44 -43.34 -31.50 -2.23
CA ASN A 44 -42.50 -30.41 -1.73
C ASN A 44 -42.89 -30.04 -0.29
N SER A 45 -44.19 -29.98 -0.02
CA SER A 45 -44.69 -29.70 1.32
C SER A 45 -44.26 -30.76 2.35
N LEU A 46 -44.33 -32.04 1.98
CA LEU A 46 -43.90 -33.09 2.91
C LEU A 46 -42.38 -33.03 3.12
N ASP A 47 -41.63 -32.73 2.06
CA ASP A 47 -40.20 -32.57 2.20
C ASP A 47 -39.89 -31.37 3.09
N ALA A 48 -40.73 -30.33 3.01
CA ALA A 48 -40.52 -29.14 3.82
C ALA A 48 -40.84 -29.29 5.31
N THR A 49 -41.53 -30.38 5.68
CA THR A 49 -41.98 -30.57 7.05
C THR A 49 -41.32 -31.75 7.76
N ASP A 50 -41.62 -32.97 7.32
CA ASP A 50 -41.14 -34.13 8.04
C ASP A 50 -39.65 -34.32 7.99
N VAL A 51 -39.02 -33.89 6.90
CA VAL A 51 -37.58 -34.00 6.83
C VAL A 51 -36.95 -33.04 7.84
N HIS A 52 -37.77 -32.15 8.37
CA HIS A 52 -37.23 -31.23 9.35
C HIS A 52 -37.88 -31.41 10.71
N GLY A 53 -38.46 -32.58 10.94
CA GLY A 53 -39.04 -32.88 12.25
C GLY A 53 -40.34 -32.19 12.54
N ILE A 54 -41.01 -31.70 11.51
CA ILE A 54 -42.29 -31.05 11.69
C ILE A 54 -43.43 -31.98 11.34
N LEU A 55 -44.44 -32.03 12.21
CA LEU A 55 -45.66 -32.81 11.95
C LEU A 55 -46.42 -32.07 10.84
N PRO A 56 -46.52 -32.68 9.68
CA PRO A 56 -47.06 -31.97 8.51
C PRO A 56 -48.55 -31.65 8.62
N ASN A 57 -48.89 -30.41 8.29
CA ASN A 57 -50.27 -30.03 8.20
C ASN A 57 -50.47 -29.38 6.84
N ILE A 58 -51.14 -30.10 5.95
CA ILE A 58 -51.17 -29.71 4.59
C ILE A 58 -52.59 -29.58 4.06
N LYS A 59 -52.88 -28.45 3.45
CA LYS A 59 -54.21 -28.24 2.90
C LYS A 59 -54.14 -28.10 1.42
N ILE A 60 -54.92 -28.90 0.71
CA ILE A 60 -54.89 -28.92 -0.75
C ILE A 60 -56.22 -28.46 -1.29
N THR A 61 -56.21 -27.43 -2.15
CA THR A 61 -57.42 -27.06 -2.83
C THR A 61 -57.23 -26.99 -4.34
N ILE A 62 -58.28 -27.41 -5.03
CA ILE A 62 -58.35 -27.32 -6.48
C ILE A 62 -59.67 -26.67 -6.84
N ASP A 63 -59.60 -25.49 -7.47
CA ASP A 63 -60.79 -24.77 -7.91
C ASP A 63 -60.78 -24.54 -9.41
N LEU A 64 -61.97 -24.69 -10.00
CA LEU A 64 -62.20 -24.40 -11.40
C LEU A 64 -62.36 -22.87 -11.48
N ILE A 65 -61.58 -22.23 -12.34
CA ILE A 65 -61.71 -20.79 -12.50
C ILE A 65 -62.15 -20.42 -13.89
N ASP A 66 -62.27 -21.42 -14.76
CA ASP A 66 -62.78 -21.18 -16.11
C ASP A 66 -63.31 -22.47 -16.73
N ASP A 67 -64.62 -22.68 -16.68
CA ASP A 67 -65.22 -23.91 -17.20
C ASP A 67 -64.94 -24.06 -18.67
N ALA A 68 -65.02 -22.95 -19.38
CA ALA A 68 -64.83 -23.01 -20.82
C ALA A 68 -63.45 -23.57 -21.13
N ARG A 69 -62.44 -22.86 -20.64
CA ARG A 69 -61.05 -23.21 -20.90
C ARG A 69 -60.54 -24.31 -19.99
N GLN A 70 -61.36 -24.67 -19.01
CA GLN A 70 -61.00 -25.71 -18.04
C GLN A 70 -59.67 -25.41 -17.37
N ILE A 71 -59.55 -24.19 -16.84
CA ILE A 71 -58.39 -23.84 -16.09
C ILE A 71 -58.76 -24.08 -14.65
N TYR A 72 -57.86 -24.73 -13.91
CA TYR A 72 -58.05 -24.99 -12.49
C TYR A 72 -56.97 -24.26 -11.73
N LYS A 73 -57.27 -23.77 -10.53
CA LYS A 73 -56.22 -23.21 -9.69
C LYS A 73 -55.92 -24.26 -8.62
N VAL A 74 -54.64 -24.58 -8.45
CA VAL A 74 -54.22 -25.57 -7.45
C VAL A 74 -53.47 -24.87 -6.33
N ASN A 75 -53.97 -24.99 -5.11
CA ASN A 75 -53.30 -24.35 -3.98
C ASN A 75 -52.91 -25.40 -2.95
N VAL A 76 -51.65 -25.45 -2.60
CA VAL A 76 -51.23 -26.33 -1.52
C VAL A 76 -50.59 -25.43 -0.47
N VAL A 77 -51.08 -25.59 0.76
CA VAL A 77 -50.63 -24.78 1.90
C VAL A 77 -50.06 -25.71 2.97
N ASP A 78 -48.85 -25.41 3.45
CA ASP A 78 -48.24 -26.23 4.47
C ASP A 78 -47.69 -25.41 5.66
N ASN A 79 -47.37 -26.12 6.76
CA ASN A 79 -46.78 -25.53 7.93
C ASN A 79 -45.31 -25.92 7.99
N GLY A 80 -44.64 -25.91 6.83
CA GLY A 80 -43.24 -26.33 6.75
C GLY A 80 -42.26 -25.22 7.07
N ILE A 81 -40.98 -25.46 6.79
CA ILE A 81 -39.92 -24.53 7.12
C ILE A 81 -39.88 -23.26 6.25
N GLY A 82 -40.76 -23.15 5.27
CA GLY A 82 -40.67 -22.00 4.39
C GLY A 82 -39.40 -21.91 3.52
N ILE A 83 -39.22 -20.77 2.85
CA ILE A 83 -38.12 -20.58 1.93
C ILE A 83 -37.52 -19.23 2.16
N PRO A 84 -36.21 -19.15 2.33
CA PRO A 84 -35.53 -17.85 2.43
C PRO A 84 -35.90 -17.04 1.20
N PRO A 85 -36.34 -15.81 1.44
CA PRO A 85 -36.86 -14.93 0.39
C PRO A 85 -35.90 -14.79 -0.80
N GLN A 86 -34.61 -14.63 -0.56
CA GLN A 86 -33.71 -14.50 -1.69
C GLN A 86 -33.67 -15.77 -2.57
N GLU A 87 -34.14 -16.90 -2.03
CA GLU A 87 -34.06 -18.14 -2.79
C GLU A 87 -35.33 -18.44 -3.56
N VAL A 88 -36.41 -17.74 -3.25
CA VAL A 88 -37.69 -18.03 -3.88
C VAL A 88 -37.68 -17.98 -5.42
N PRO A 89 -37.20 -16.91 -6.00
CA PRO A 89 -37.16 -16.77 -7.47
C PRO A 89 -36.48 -17.96 -8.12
N ASN A 90 -35.31 -18.33 -7.65
CA ASN A 90 -34.62 -19.47 -8.22
C ASN A 90 -35.31 -20.79 -7.87
N ALA A 91 -35.87 -20.91 -6.68
CA ALA A 91 -36.45 -22.18 -6.29
C ALA A 91 -37.65 -22.52 -7.13
N PHE A 92 -38.42 -21.51 -7.52
CA PHE A 92 -39.62 -21.76 -8.33
C PHE A 92 -39.47 -21.37 -9.78
N GLY A 93 -38.40 -20.68 -10.13
CA GLY A 93 -38.30 -20.08 -11.44
C GLY A 93 -37.05 -20.41 -12.26
N ARG A 94 -36.19 -21.27 -11.74
CA ARG A 94 -34.99 -21.67 -12.49
C ARG A 94 -34.90 -23.19 -12.52
N VAL A 95 -35.06 -23.77 -13.71
CA VAL A 95 -34.95 -25.21 -13.90
C VAL A 95 -33.56 -25.72 -13.46
N LEU A 96 -33.52 -26.87 -12.77
CA LEU A 96 -32.29 -27.43 -12.20
C LEU A 96 -31.77 -26.58 -11.03
N TYR A 97 -32.67 -26.21 -10.14
CA TYR A 97 -32.29 -25.50 -8.93
C TYR A 97 -32.97 -26.22 -7.78
N SER A 98 -32.22 -26.56 -6.75
CA SER A 98 -32.78 -27.45 -5.72
C SER A 98 -32.02 -27.43 -4.43
N SER A 99 -32.65 -27.85 -3.33
CA SER A 99 -31.89 -27.98 -2.10
C SER A 99 -31.77 -29.44 -1.81
N LYS A 100 -32.12 -30.26 -2.80
CA LYS A 100 -32.11 -31.70 -2.60
C LYS A 100 -31.10 -32.46 -3.43
N TYR A 101 -30.05 -31.77 -3.88
CA TYR A 101 -28.99 -32.45 -4.64
C TYR A 101 -28.03 -33.13 -3.69
N VAL A 102 -28.00 -32.67 -2.47
CA VAL A 102 -27.22 -33.29 -1.41
C VAL A 102 -27.67 -34.76 -1.22
N ASN A 103 -26.75 -35.63 -0.86
CA ASN A 103 -27.00 -37.06 -0.68
C ASN A 103 -27.87 -37.42 0.55
N ARG A 104 -29.18 -37.47 0.34
CA ARG A 104 -30.11 -37.66 1.43
C ARG A 104 -31.47 -38.11 0.86
N GLN A 105 -32.21 -38.92 1.63
CA GLN A 105 -33.49 -39.41 1.14
C GLN A 105 -34.54 -38.32 1.26
N THR A 106 -35.01 -37.82 0.12
CA THR A 106 -36.13 -36.88 0.07
C THR A 106 -37.02 -37.29 -1.09
N ARG A 107 -38.26 -36.83 -1.07
CA ARG A 107 -39.15 -37.16 -2.15
C ARG A 107 -38.63 -36.47 -3.41
N GLY A 108 -38.18 -35.23 -3.26
CA GLY A 108 -37.68 -34.48 -4.41
C GLY A 108 -36.23 -34.84 -4.73
N MSE A 109 -35.81 -34.62 -5.97
CA MSE A 109 -34.45 -34.99 -6.38
C MSE A 109 -33.88 -34.28 -7.61
O MSE A 109 -32.68 -34.18 -7.75
CB MSE A 109 -34.39 -36.51 -6.59
CG MSE A 109 -35.20 -36.98 -7.80
SE MSE A 109 -35.05 -38.87 -8.13
CE MSE A 109 -33.21 -38.94 -8.46
N TYR A 110 -34.73 -33.79 -8.50
CA TYR A 110 -34.28 -33.21 -9.80
C TYR A 110 -34.07 -31.68 -9.87
N GLY A 111 -34.71 -30.94 -8.97
CA GLY A 111 -34.67 -29.49 -9.03
C GLY A 111 -35.52 -29.00 -10.19
N LEU A 112 -36.62 -29.72 -10.47
CA LEU A 112 -37.42 -29.50 -11.67
C LEU A 112 -38.94 -29.49 -11.43
N GLY A 113 -39.39 -30.27 -10.44
CA GLY A 113 -40.81 -30.46 -10.19
C GLY A 113 -41.75 -29.26 -10.33
N VAL A 114 -41.60 -28.23 -9.49
CA VAL A 114 -42.57 -27.13 -9.56
C VAL A 114 -42.32 -26.29 -10.83
N LYS A 115 -41.08 -26.25 -11.31
CA LYS A 115 -40.78 -25.55 -12.57
C LYS A 115 -41.49 -26.22 -13.74
N ALA A 116 -41.59 -27.55 -13.75
CA ALA A 116 -42.32 -28.19 -14.87
C ALA A 116 -43.76 -27.69 -14.84
N ALA A 117 -44.35 -27.61 -13.65
CA ALA A 117 -45.76 -27.20 -13.60
C ALA A 117 -45.88 -25.73 -14.04
N VAL A 118 -44.89 -24.94 -13.62
CA VAL A 118 -44.86 -23.54 -14.02
C VAL A 118 -44.77 -23.39 -15.53
N LEU A 119 -43.89 -24.16 -16.17
CA LEU A 119 -43.76 -24.06 -17.65
C LEU A 119 -45.08 -24.44 -18.26
N TYR A 120 -45.68 -25.53 -17.78
CA TYR A 120 -46.95 -25.97 -18.32
C TYR A 120 -47.99 -24.90 -18.13
N SER A 121 -47.96 -24.28 -16.97
CA SER A 121 -48.89 -23.24 -16.66
C SER A 121 -48.72 -22.05 -17.61
N GLN A 122 -47.47 -21.67 -17.88
CA GLN A 122 -47.22 -20.50 -18.75
C GLN A 122 -47.55 -20.78 -20.23
N MSE A 123 -47.45 -22.02 -20.67
CA MSE A 123 -47.73 -22.31 -22.07
C MSE A 123 -49.20 -22.14 -22.36
O MSE A 123 -49.58 -21.93 -23.51
CB MSE A 123 -47.35 -23.74 -22.50
CG MSE A 123 -46.11 -24.27 -21.93
SE MSE A 123 -45.54 -25.96 -22.77
CE MSE A 123 -44.58 -26.44 -21.25
N HIS A 124 -50.02 -22.30 -21.35
CA HIS A 124 -51.43 -22.36 -21.63
C HIS A 124 -52.29 -21.31 -21.00
N GLN A 125 -51.71 -20.44 -20.17
CA GLN A 125 -52.53 -19.56 -19.37
C GLN A 125 -51.71 -18.33 -18.94
N ASP A 126 -52.40 -17.27 -18.47
CA ASP A 126 -51.89 -15.92 -18.14
C ASP A 126 -51.29 -15.66 -16.74
N LYS A 127 -51.87 -16.28 -15.73
CA LYS A 127 -51.56 -15.95 -14.34
C LYS A 127 -50.30 -16.57 -13.79
N PRO A 128 -49.39 -15.73 -13.31
CA PRO A 128 -48.12 -16.21 -12.77
C PRO A 128 -48.35 -17.04 -11.52
N ILE A 129 -47.38 -17.89 -11.20
CA ILE A 129 -47.42 -18.67 -9.99
C ILE A 129 -47.27 -17.70 -8.79
N GLU A 130 -48.01 -17.97 -7.72
CA GLU A 130 -48.06 -17.11 -6.53
C GLU A 130 -47.48 -17.87 -5.33
N ILE A 131 -46.45 -17.34 -4.70
CA ILE A 131 -45.83 -18.01 -3.56
C ILE A 131 -45.85 -17.13 -2.32
N GLU A 132 -46.44 -17.62 -1.24
CA GLU A 132 -46.45 -16.91 0.02
C GLU A 132 -45.74 -17.81 1.02
N THR A 133 -44.73 -17.25 1.68
CA THR A 133 -43.95 -18.09 2.53
C THR A 133 -43.43 -17.32 3.71
N SER A 134 -43.22 -18.03 4.80
CA SER A 134 -42.66 -17.45 5.99
C SER A 134 -41.69 -18.45 6.62
N PRO A 135 -40.39 -18.18 6.45
CA PRO A 135 -39.36 -19.09 6.99
C PRO A 135 -39.37 -19.18 8.51
N VAL A 136 -38.67 -20.17 9.06
CA VAL A 136 -38.66 -20.35 10.49
C VAL A 136 -37.99 -19.17 11.16
N ASN A 137 -38.60 -18.67 12.24
CA ASN A 137 -38.08 -17.51 12.95
C ASN A 137 -38.11 -16.28 12.02
N SER A 138 -39.28 -16.05 11.43
CA SER A 138 -39.47 -14.92 10.55
C SER A 138 -40.64 -14.10 11.03
N LYS A 139 -40.41 -12.82 11.12
CA LYS A 139 -41.44 -11.87 11.51
C LYS A 139 -42.18 -11.34 10.27
N ARG A 140 -41.79 -11.79 9.08
CA ARG A 140 -42.45 -11.35 7.85
C ARG A 140 -43.01 -12.51 7.05
N ILE A 141 -44.12 -12.26 6.38
CA ILE A 141 -44.61 -13.20 5.40
C ILE A 141 -44.29 -12.60 4.02
N TYR A 142 -43.52 -13.30 3.21
CA TYR A 142 -43.11 -12.83 1.86
C TYR A 142 -43.98 -13.42 0.76
N THR A 143 -44.41 -12.59 -0.18
CA THR A 143 -45.25 -13.05 -1.27
C THR A 143 -44.55 -12.73 -2.58
N PHE A 144 -44.58 -13.67 -3.50
CA PHE A 144 -44.03 -13.49 -4.82
C PHE A 144 -45.02 -13.92 -5.88
N LYS A 145 -44.93 -13.34 -7.06
CA LYS A 145 -45.65 -13.84 -8.23
C LYS A 145 -44.57 -13.91 -9.29
N LEU A 146 -44.39 -15.05 -9.91
CA LEU A 146 -43.29 -15.12 -10.83
C LEU A 146 -43.54 -15.89 -12.09
N LYS A 147 -42.71 -15.60 -13.07
CA LYS A 147 -42.71 -16.32 -14.32
C LYS A 147 -41.30 -16.80 -14.58
N ILE A 148 -41.15 -17.68 -15.57
CA ILE A 148 -39.85 -18.14 -16.00
C ILE A 148 -39.57 -17.56 -17.34
N ASP A 149 -38.36 -17.04 -17.51
CA ASP A 149 -37.90 -16.63 -18.83
C ASP A 149 -37.33 -17.88 -19.47
N ILE A 150 -38.15 -18.54 -20.28
CA ILE A 150 -37.79 -19.81 -20.90
C ILE A 150 -36.42 -19.77 -21.57
N ASN A 151 -36.25 -18.91 -22.54
CA ASN A 151 -35.01 -18.83 -23.28
C ASN A 151 -33.74 -18.75 -22.40
N LYS A 152 -33.79 -17.95 -21.34
CA LYS A 152 -32.62 -17.76 -20.47
C LYS A 152 -32.61 -18.70 -19.28
N ASN A 153 -33.74 -19.32 -19.00
CA ASN A 153 -33.85 -20.11 -17.76
C ASN A 153 -33.55 -19.29 -16.50
N GLU A 154 -34.21 -18.15 -16.35
CA GLU A 154 -34.09 -17.38 -15.11
C GLU A 154 -35.46 -16.82 -14.75
N PRO A 155 -35.70 -16.67 -13.46
CA PRO A 155 -37.00 -16.19 -12.97
C PRO A 155 -37.29 -14.77 -13.37
N ILE A 156 -38.55 -14.46 -13.47
CA ILE A 156 -38.94 -13.11 -13.66
C ILE A 156 -39.87 -12.81 -12.53
N ILE A 157 -39.49 -11.83 -11.71
CA ILE A 157 -40.32 -11.43 -10.61
C ILE A 157 -41.35 -10.42 -11.14
N VAL A 158 -42.63 -10.76 -11.06
CA VAL A 158 -43.66 -9.85 -11.52
C VAL A 158 -44.29 -9.06 -10.37
N GLU A 159 -44.40 -9.69 -9.20
CA GLU A 159 -44.87 -9.02 -8.01
C GLU A 159 -44.05 -9.57 -6.86
N ARG A 160 -43.79 -8.74 -5.87
CA ARG A 160 -43.05 -9.15 -4.69
C ARG A 160 -43.31 -8.15 -3.59
N GLY A 161 -43.67 -8.67 -2.43
CA GLY A 161 -44.06 -7.85 -1.32
C GLY A 161 -43.81 -8.57 -0.03
N SER A 162 -44.02 -7.85 1.07
CA SER A 162 -43.76 -8.35 2.39
C SER A 162 -44.82 -7.76 3.31
N VAL A 163 -45.16 -8.47 4.37
CA VAL A 163 -46.08 -7.96 5.38
C VAL A 163 -45.62 -8.42 6.77
N GLU A 164 -46.14 -7.80 7.83
CA GLU A 164 -45.78 -8.16 9.20
C GLU A 164 -46.48 -9.45 9.71
N ASN A 165 -45.69 -10.38 10.25
CA ASN A 165 -46.17 -11.62 10.84
C ASN A 165 -47.69 -11.88 10.89
N PHE A 169 -46.30 -17.85 12.77
CA PHE A 169 -46.93 -18.40 11.57
C PHE A 169 -45.86 -18.80 10.56
N HIS A 170 -45.82 -20.08 10.20
CA HIS A 170 -44.73 -20.56 9.36
C HIS A 170 -45.08 -21.63 8.34
N GLY A 171 -44.45 -21.50 7.18
CA GLY A 171 -44.70 -22.45 6.11
C GLY A 171 -44.91 -21.70 4.80
N THR A 172 -45.60 -22.34 3.88
CA THR A 172 -45.66 -21.85 2.55
C THR A 172 -46.98 -22.18 1.91
N SER A 173 -47.39 -21.33 1.01
CA SER A 173 -48.56 -21.51 0.21
C SER A 173 -48.13 -21.32 -1.23
N VAL A 174 -48.51 -22.24 -2.10
CA VAL A 174 -48.17 -22.09 -3.49
C VAL A 174 -49.44 -22.27 -4.24
N ALA A 175 -49.68 -21.42 -5.22
CA ALA A 175 -50.86 -21.50 -6.05
C ALA A 175 -50.47 -21.42 -7.52
N ILE A 176 -50.98 -22.35 -8.31
CA ILE A 176 -50.65 -22.41 -9.72
C ILE A 176 -51.92 -22.68 -10.53
N SER A 177 -52.05 -21.96 -11.64
CA SER A 177 -53.18 -22.15 -12.52
C SER A 177 -52.78 -22.93 -13.75
N ILE A 178 -53.50 -24.02 -14.04
CA ILE A 178 -53.21 -24.82 -15.24
C ILE A 178 -54.44 -25.39 -15.88
N PRO A 179 -54.28 -25.80 -17.14
CA PRO A 179 -55.28 -26.60 -17.84
C PRO A 179 -55.35 -27.89 -17.08
N GLY A 180 -56.53 -28.48 -16.96
CA GLY A 180 -56.67 -29.74 -16.26
C GLY A 180 -57.86 -30.51 -16.79
N ASP A 181 -57.98 -31.74 -16.34
CA ASP A 181 -59.13 -32.56 -16.71
C ASP A 181 -59.57 -33.24 -15.43
N TRP A 182 -60.38 -32.54 -14.62
CA TRP A 182 -60.79 -33.08 -13.35
C TRP A 182 -61.43 -34.47 -13.40
N PRO A 183 -62.42 -34.67 -14.26
CA PRO A 183 -63.12 -35.99 -14.31
C PRO A 183 -62.21 -37.18 -14.65
N LYS A 184 -61.15 -36.99 -15.44
CA LYS A 184 -60.24 -38.09 -15.72
C LYS A 184 -59.19 -38.31 -14.61
N ALA A 185 -58.71 -37.23 -13.97
CA ALA A 185 -57.69 -37.34 -12.92
C ALA A 185 -58.24 -37.63 -11.51
N LYS A 186 -59.53 -37.41 -11.34
CA LYS A 186 -60.14 -37.47 -10.03
C LYS A 186 -59.76 -38.70 -9.22
N SER A 187 -60.07 -39.87 -9.73
CA SER A 187 -59.86 -41.07 -8.95
C SER A 187 -58.39 -41.28 -8.66
N ARG A 188 -57.51 -40.81 -9.54
CA ARG A 188 -56.08 -40.95 -9.27
C ARG A 188 -55.55 -39.97 -8.19
N ILE A 189 -56.04 -38.74 -8.19
CA ILE A 189 -55.67 -37.77 -7.17
C ILE A 189 -56.17 -38.25 -5.79
N TYR A 190 -57.42 -38.67 -5.71
CA TYR A 190 -57.88 -39.23 -4.43
C TYR A 190 -57.02 -40.42 -3.96
N GLU A 191 -56.71 -41.34 -4.87
CA GLU A 191 -55.87 -42.49 -4.48
C GLU A 191 -54.47 -42.03 -4.03
N TYR A 192 -53.89 -41.09 -4.77
CA TYR A 192 -52.61 -40.54 -4.37
C TYR A 192 -52.67 -40.01 -2.94
N ILE A 193 -53.64 -39.16 -2.64
CA ILE A 193 -53.75 -38.61 -1.28
C ILE A 193 -54.02 -39.68 -0.22
N LYS A 194 -55.00 -40.55 -0.47
CA LYS A 194 -55.29 -41.58 0.51
C LYS A 194 -54.10 -42.52 0.72
N ARG A 195 -53.45 -42.91 -0.37
CA ARG A 195 -52.29 -43.79 -0.20
C ARG A 195 -51.14 -43.09 0.52
N THR A 196 -50.93 -41.78 0.31
CA THR A 196 -49.87 -41.18 1.13
C THR A 196 -50.27 -41.00 2.59
N TYR A 197 -51.55 -40.76 2.83
CA TYR A 197 -52.04 -40.60 4.20
C TYR A 197 -51.86 -41.86 5.04
N ILE A 198 -52.13 -43.00 4.44
CA ILE A 198 -52.01 -44.23 5.18
C ILE A 198 -50.59 -44.58 5.66
N ILE A 199 -49.58 -44.24 4.88
CA ILE A 199 -48.21 -44.43 5.34
C ILE A 199 -47.67 -43.17 6.01
N THR A 200 -48.52 -42.16 6.19
CA THR A 200 -48.08 -40.94 6.87
C THR A 200 -49.02 -40.52 7.99
N PRO A 201 -49.15 -41.34 9.01
CA PRO A 201 -50.16 -41.12 10.05
C PRO A 201 -49.81 -39.97 10.99
N TYR A 202 -48.60 -39.43 10.92
CA TYR A 202 -48.23 -38.27 11.72
C TYR A 202 -48.56 -36.98 10.95
N ALA A 203 -49.10 -37.14 9.73
CA ALA A 203 -49.53 -35.99 8.99
C ALA A 203 -51.04 -35.82 9.06
N GLU A 204 -51.50 -34.61 8.73
CA GLU A 204 -52.91 -34.24 8.71
C GLU A 204 -53.16 -33.49 7.37
N PHE A 205 -54.16 -33.93 6.62
CA PHE A 205 -54.43 -33.35 5.34
C PHE A 205 -55.88 -32.88 5.27
N ILE A 206 -56.10 -31.82 4.52
CA ILE A 206 -57.42 -31.37 4.18
C ILE A 206 -57.37 -31.25 2.66
N PHE A 207 -58.34 -31.84 1.98
CA PHE A 207 -58.39 -31.75 0.53
C PHE A 207 -59.75 -31.28 0.11
N LYS A 208 -59.79 -30.19 -0.64
CA LYS A 208 -61.03 -29.66 -1.18
C LYS A 208 -60.96 -29.71 -2.69
N ASP A 209 -61.90 -30.43 -3.31
CA ASP A 209 -61.84 -30.60 -4.72
C ASP A 209 -62.72 -29.61 -5.47
N PRO A 210 -62.66 -29.64 -6.80
CA PRO A 210 -63.35 -28.63 -7.62
C PRO A 210 -64.87 -28.73 -7.59
N GLU A 211 -65.42 -29.75 -6.95
CA GLU A 211 -66.85 -29.87 -6.89
C GLU A 211 -67.34 -29.41 -5.53
N GLY A 212 -66.42 -28.93 -4.70
CA GLY A 212 -66.76 -28.56 -3.33
C GLY A 212 -66.66 -29.68 -2.29
N ASN A 213 -66.32 -30.91 -2.68
CA ASN A 213 -66.13 -31.96 -1.67
C ASN A 213 -64.91 -31.68 -0.78
N VAL A 214 -65.05 -31.96 0.51
CA VAL A 214 -63.98 -31.78 1.47
C VAL A 214 -63.70 -33.07 2.22
N THR A 215 -62.45 -33.47 2.26
CA THR A 215 -62.07 -34.68 2.95
C THR A 215 -60.97 -34.32 3.93
N TYR A 216 -61.12 -34.81 5.14
CA TYR A 216 -60.20 -34.50 6.20
C TYR A 216 -59.51 -35.82 6.58
N TYR A 217 -58.20 -35.79 6.66
CA TYR A 217 -57.42 -36.94 7.04
C TYR A 217 -56.68 -36.56 8.32
N PRO A 218 -57.21 -36.97 9.47
CA PRO A 218 -56.68 -36.53 10.76
C PRO A 218 -55.39 -37.24 11.15
N ARG A 219 -54.56 -36.54 11.90
CA ARG A 219 -53.31 -37.06 12.44
C ARG A 219 -53.63 -38.15 13.43
N LEU A 220 -53.06 -39.34 13.25
CA LEU A 220 -53.36 -40.50 14.12
C LEU A 220 -52.30 -40.72 15.19
N THR A 221 -51.15 -40.10 15.00
CA THR A 221 -50.09 -40.20 15.97
C THR A 221 -49.24 -38.97 15.94
N ASN A 222 -48.72 -38.61 17.10
CA ASN A 222 -47.85 -37.45 17.20
C ASN A 222 -46.41 -37.87 17.15
N LYS A 223 -46.20 -39.15 16.91
CA LYS A 223 -44.86 -39.69 16.80
C LYS A 223 -44.36 -39.52 15.35
N ILE A 224 -43.25 -38.80 15.17
CA ILE A 224 -42.69 -38.64 13.84
C ILE A 224 -41.38 -39.43 13.66
N PRO A 225 -41.25 -40.10 12.54
CA PRO A 225 -40.05 -40.88 12.23
C PRO A 225 -38.82 -39.98 12.25
N LYS A 226 -37.69 -40.52 12.62
CA LYS A 226 -36.51 -39.70 12.69
C LYS A 226 -36.05 -39.20 11.29
N PRO A 227 -35.99 -37.90 11.11
CA PRO A 227 -35.64 -37.32 9.82
C PRO A 227 -34.39 -37.89 9.18
N PRO A 228 -34.48 -38.16 7.88
CA PRO A 228 -33.35 -38.68 7.12
C PRO A 228 -32.31 -37.57 7.08
N GLN A 229 -31.02 -37.90 7.08
CA GLN A 229 -29.97 -36.87 6.98
C GLN A 229 -29.03 -37.07 5.79
N GLU A 230 -28.28 -36.03 5.47
CA GLU A 230 -27.24 -36.14 4.45
C GLU A 230 -26.18 -37.12 4.91
N VAL A 231 -25.77 -38.04 4.04
CA VAL A 231 -24.72 -39.00 4.43
C VAL A 231 -23.61 -39.10 3.41
N LYS A 232 -22.63 -39.92 3.72
CA LYS A 232 -21.48 -40.12 2.84
C LYS A 232 -21.84 -41.24 1.89
N PRO A 233 -21.27 -41.21 0.70
CA PRO A 233 -21.52 -42.28 -0.26
C PRO A 233 -20.99 -43.60 0.27
N HIS A 234 -21.60 -44.69 -0.16
CA HIS A 234 -21.04 -45.97 0.12
C HIS A 234 -20.20 -46.28 -1.11
N PRO A 235 -19.06 -46.92 -0.92
CA PRO A 235 -18.10 -47.14 -2.01
C PRO A 235 -18.58 -48.07 -3.12
N TYR A 236 -19.42 -49.06 -2.84
CA TYR A 236 -19.81 -49.97 -3.91
C TYR A 236 -20.60 -49.25 -5.01
N GLY A 237 -19.95 -49.01 -6.14
CA GLY A 237 -20.66 -48.43 -7.25
C GLY A 237 -20.45 -46.96 -7.45
N VAL A 238 -19.59 -46.34 -6.66
CA VAL A 238 -19.26 -44.94 -6.90
C VAL A 238 -18.50 -44.85 -8.22
N ASP A 239 -18.84 -43.88 -9.06
CA ASP A 239 -18.21 -43.85 -10.37
C ASP A 239 -17.07 -42.87 -10.49
N ARG A 240 -16.43 -42.90 -11.64
CA ARG A 240 -15.23 -42.10 -11.89
C ARG A 240 -15.46 -40.60 -11.66
N GLU A 241 -16.61 -40.10 -12.12
CA GLU A 241 -16.88 -38.68 -12.03
C GLU A 241 -17.24 -38.25 -10.61
N GLU A 242 -17.88 -39.17 -9.87
CA GLU A 242 -18.20 -38.93 -8.49
C GLU A 242 -16.91 -38.88 -7.70
N ILE A 243 -15.95 -39.74 -8.04
CA ILE A 243 -14.68 -39.64 -7.33
C ILE A 243 -14.07 -38.24 -7.55
N LYS A 244 -14.11 -37.78 -8.79
CA LYS A 244 -13.52 -36.49 -9.14
C LYS A 244 -14.18 -35.35 -8.41
N ILE A 245 -15.50 -35.44 -8.26
CA ILE A 245 -16.28 -34.47 -7.50
C ILE A 245 -15.84 -34.47 -6.03
N LEU A 246 -15.78 -35.65 -5.43
CA LEU A 246 -15.33 -35.78 -4.02
C LEU A 246 -13.92 -35.18 -3.85
N ILE A 247 -13.03 -35.50 -4.76
CA ILE A 247 -11.66 -34.97 -4.67
C ILE A 247 -11.65 -33.44 -4.80
N ASN A 248 -12.50 -32.95 -5.66
CA ASN A 248 -12.56 -31.53 -5.97
C ASN A 248 -13.11 -30.70 -4.80
N ASN A 249 -13.98 -31.32 -4.00
CA ASN A 249 -14.59 -30.60 -2.90
C ASN A 249 -13.79 -30.62 -1.60
N LEU A 250 -12.72 -31.38 -1.58
CA LEU A 250 -11.92 -31.50 -0.36
C LEU A 250 -11.38 -30.16 0.16
N LYS A 251 -11.44 -29.96 1.47
CA LYS A 251 -10.84 -28.78 2.10
C LYS A 251 -9.40 -29.13 2.53
N ARG A 252 -9.25 -30.29 3.17
CA ARG A 252 -7.93 -30.75 3.57
C ARG A 252 -7.29 -31.44 2.38
N ASP A 253 -5.98 -31.57 2.41
CA ASP A 253 -5.22 -32.16 1.33
C ASP A 253 -4.87 -33.61 1.70
N TYR A 254 -5.90 -34.43 1.85
CA TYR A 254 -5.78 -35.83 2.27
C TYR A 254 -4.86 -36.68 1.41
N THR A 255 -4.31 -37.72 2.03
CA THR A 255 -3.66 -38.78 1.28
C THR A 255 -4.77 -39.69 0.77
N ILE A 256 -4.45 -40.57 -0.16
CA ILE A 256 -5.47 -41.47 -0.67
C ILE A 256 -6.12 -42.27 0.46
N LYS A 257 -5.31 -42.71 1.41
CA LYS A 257 -5.83 -43.48 2.52
C LYS A 257 -6.77 -42.63 3.31
N GLU A 258 -6.37 -41.40 3.60
CA GLU A 258 -7.22 -40.50 4.36
C GLU A 258 -8.51 -40.19 3.60
N PHE A 259 -8.42 -40.25 2.28
CA PHE A 259 -9.56 -40.00 1.43
C PHE A 259 -10.57 -41.13 1.60
N LEU A 260 -10.09 -42.37 1.49
CA LEU A 260 -10.94 -43.54 1.65
C LEU A 260 -11.66 -43.61 3.01
N VAL A 261 -10.93 -43.49 4.11
CA VAL A 261 -11.61 -43.56 5.41
C VAL A 261 -12.52 -42.37 5.77
N ASN A 262 -12.26 -41.19 5.22
CA ASN A 262 -13.02 -40.00 5.62
C ASN A 262 -14.19 -39.57 4.72
N GLU A 263 -14.18 -40.01 3.46
CA GLU A 263 -15.16 -39.55 2.48
C GLU A 263 -16.25 -40.58 2.24
N PHE A 264 -16.01 -41.82 2.67
CA PHE A 264 -16.97 -42.87 2.42
C PHE A 264 -17.51 -43.49 3.70
N GLN A 265 -18.64 -44.16 3.56
CA GLN A 265 -19.21 -44.95 4.65
C GLN A 265 -18.53 -46.30 4.49
N SER A 266 -18.49 -47.06 5.58
CA SER A 266 -18.10 -48.47 5.54
C SER A 266 -16.66 -48.71 5.21
N ILE A 267 -15.83 -47.69 5.32
CA ILE A 267 -14.40 -47.89 5.11
C ILE A 267 -13.58 -47.50 6.31
N GLY A 268 -13.04 -48.47 7.01
CA GLY A 268 -12.15 -48.19 8.13
C GLY A 268 -10.71 -48.30 7.69
N ASP A 269 -9.81 -48.35 8.66
CA ASP A 269 -8.36 -48.37 8.45
C ASP A 269 -7.89 -49.60 7.68
N THR A 270 -8.44 -50.75 8.05
CA THR A 270 -8.04 -52.01 7.46
C THR A 270 -8.66 -52.20 6.09
N THR A 271 -9.93 -51.82 5.98
CA THR A 271 -10.63 -51.88 4.71
C THR A 271 -9.87 -51.02 3.70
N ALA A 272 -9.51 -49.81 4.12
CA ALA A 272 -8.68 -48.95 3.32
C ALA A 272 -7.42 -49.69 2.86
N ASP A 273 -6.62 -50.21 3.80
CA ASP A 273 -5.38 -50.92 3.45
C ASP A 273 -5.67 -52.04 2.48
N LYS A 274 -6.78 -52.74 2.67
CA LYS A 274 -7.11 -53.82 1.78
C LYS A 274 -7.42 -53.28 0.38
N ILE A 275 -8.10 -52.13 0.33
CA ILE A 275 -8.49 -51.54 -0.93
C ILE A 275 -7.32 -50.95 -1.70
N LEU A 276 -6.43 -50.27 -1.01
CA LEU A 276 -5.28 -49.67 -1.67
C LEU A 276 -4.39 -50.71 -2.37
N GLU A 277 -4.10 -51.83 -1.71
CA GLU A 277 -3.25 -52.85 -2.34
C GLU A 277 -3.96 -53.51 -3.51
N LEU A 278 -5.27 -53.71 -3.38
CA LEU A 278 -6.07 -54.28 -4.45
C LEU A 278 -6.00 -53.42 -5.71
N ALA A 279 -5.73 -52.14 -5.52
CA ALA A 279 -5.79 -51.18 -6.61
C ALA A 279 -4.43 -50.57 -7.00
N GLY A 280 -3.34 -51.06 -6.44
CA GLY A 280 -2.02 -50.52 -6.78
C GLY A 280 -1.84 -49.06 -6.46
N LEU A 281 -2.31 -48.63 -5.30
CA LEU A 281 -2.13 -47.25 -4.87
C LEU A 281 -1.35 -47.13 -3.57
N LYS A 282 -0.50 -46.10 -3.50
CA LYS A 282 0.32 -45.83 -2.33
C LYS A 282 -0.44 -45.02 -1.32
N PRO A 283 -0.65 -45.59 -0.14
CA PRO A 283 -1.45 -44.94 0.91
C PRO A 283 -1.15 -43.47 1.10
N ASN A 284 0.11 -43.10 0.97
CA ASN A 284 0.55 -41.76 1.31
C ASN A 284 0.57 -40.72 0.19
N LYS A 285 0.33 -41.18 -1.04
CA LYS A 285 0.23 -40.25 -2.16
C LYS A 285 -0.96 -39.34 -1.92
N LYS A 286 -0.83 -38.07 -2.29
CA LYS A 286 -1.92 -37.14 -2.12
C LYS A 286 -3.03 -37.46 -3.12
N VAL A 287 -4.28 -37.38 -2.67
CA VAL A 287 -5.42 -37.70 -3.55
C VAL A 287 -5.52 -36.70 -4.67
N LYS A 288 -5.24 -35.43 -4.36
CA LYS A 288 -5.33 -34.36 -5.36
C LYS A 288 -4.51 -34.67 -6.60
N ASN A 289 -3.68 -35.71 -6.57
CA ASN A 289 -2.87 -36.06 -7.73
C ASN A 289 -3.30 -37.35 -8.42
N LEU A 290 -4.34 -38.00 -7.93
CA LEU A 290 -4.82 -39.24 -8.56
C LEU A 290 -4.93 -39.01 -10.07
N THR A 291 -4.49 -40.00 -10.86
CA THR A 291 -4.59 -39.88 -12.31
C THR A 291 -5.83 -40.55 -12.86
N GLU A 292 -6.28 -40.10 -14.01
CA GLU A 292 -7.48 -40.64 -14.63
C GLU A 292 -7.45 -42.15 -14.56
N GLU A 293 -6.29 -42.69 -14.84
CA GLU A 293 -6.10 -44.13 -14.89
C GLU A 293 -6.25 -44.75 -13.50
N GLU A 294 -5.78 -44.05 -12.48
CA GLU A 294 -5.86 -44.56 -11.12
C GLU A 294 -7.32 -44.47 -10.62
N ILE A 295 -8.04 -43.47 -11.12
CA ILE A 295 -9.42 -43.33 -10.73
C ILE A 295 -10.21 -44.52 -11.27
N THR A 296 -9.93 -44.93 -12.50
CA THR A 296 -10.53 -46.13 -13.04
C THR A 296 -10.24 -47.36 -12.18
N ARG A 297 -8.98 -47.50 -11.77
CA ARG A 297 -8.56 -48.62 -10.94
C ARG A 297 -9.32 -48.64 -9.61
N LEU A 298 -9.41 -47.49 -8.96
CA LEU A 298 -10.12 -47.39 -7.67
C LEU A 298 -11.58 -47.82 -7.84
N VAL A 299 -12.22 -47.24 -8.86
CA VAL A 299 -13.64 -47.47 -9.10
C VAL A 299 -13.87 -48.94 -9.34
N GLU A 300 -13.02 -49.54 -10.17
CA GLU A 300 -13.12 -50.96 -10.46
C GLU A 300 -12.92 -51.79 -9.19
N THR A 301 -12.01 -51.35 -8.31
CA THR A 301 -11.82 -52.10 -7.08
C THR A 301 -13.09 -52.01 -6.22
N PHE A 302 -13.58 -50.79 -6.02
CA PHE A 302 -14.82 -50.61 -5.28
C PHE A 302 -15.88 -51.55 -5.77
N LYS A 303 -15.98 -51.66 -7.08
CA LYS A 303 -17.03 -52.46 -7.67
C LYS A 303 -16.84 -53.95 -7.49
N LYS A 304 -15.60 -54.40 -7.32
CA LYS A 304 -15.30 -55.83 -7.22
C LYS A 304 -15.16 -56.37 -5.80
N TYR A 305 -14.84 -55.48 -4.86
CA TYR A 305 -14.62 -55.84 -3.45
C TYR A 305 -15.81 -56.55 -2.79
N GLU A 306 -15.58 -57.70 -2.18
CA GLU A 306 -16.68 -58.51 -1.64
C GLU A 306 -16.89 -58.40 -0.13
N ASP A 307 -16.09 -57.60 0.55
CA ASP A 307 -16.14 -57.55 2.00
C ASP A 307 -16.58 -56.17 2.58
N PHE A 308 -17.30 -55.36 1.81
CA PHE A 308 -17.74 -54.07 2.33
C PHE A 308 -18.82 -54.25 3.40
N ARG A 309 -18.82 -53.40 4.41
CA ARG A 309 -19.90 -53.45 5.38
C ARG A 309 -21.14 -52.82 4.75
N SER A 310 -22.30 -53.21 5.26
CA SER A 310 -23.57 -52.62 4.83
C SER A 310 -23.63 -51.17 5.20
N PRO A 311 -24.27 -50.40 4.34
CA PRO A 311 -24.52 -48.98 4.59
C PRO A 311 -25.29 -48.78 5.87
N SER A 312 -25.13 -47.63 6.46
CA SER A 312 -25.88 -47.29 7.64
C SER A 312 -27.37 -47.31 7.33
N ALA A 313 -28.15 -47.99 8.16
CA ALA A 313 -29.58 -47.96 7.93
C ALA A 313 -30.09 -46.63 8.44
N ASP A 314 -29.34 -46.04 9.36
CA ASP A 314 -29.76 -44.80 9.98
C ASP A 314 -29.89 -43.70 8.93
N SER A 315 -29.38 -43.95 7.73
CA SER A 315 -29.39 -42.90 6.71
C SER A 315 -30.67 -42.76 5.89
N LEU A 316 -31.60 -43.71 6.02
CA LEU A 316 -32.81 -43.68 5.19
C LEU A 316 -34.06 -43.54 6.04
N SER A 317 -35.22 -43.39 5.41
CA SER A 317 -36.43 -43.34 6.20
C SER A 317 -37.47 -44.34 5.74
N VAL A 318 -37.68 -45.35 6.56
CA VAL A 318 -38.49 -46.49 6.20
C VAL A 318 -39.96 -46.35 6.68
N ILE A 319 -40.88 -47.08 6.06
CA ILE A 319 -42.27 -47.09 6.53
C ILE A 319 -42.37 -47.99 7.75
N GLY A 320 -41.68 -49.13 7.72
CA GLY A 320 -41.65 -50.04 8.85
C GLY A 320 -42.72 -51.13 8.72
N GLU A 321 -42.36 -52.32 9.20
CA GLU A 321 -43.22 -53.48 9.10
C GLU A 321 -44.57 -53.32 9.78
N ASP A 322 -44.61 -52.63 10.91
CA ASP A 322 -45.92 -52.42 11.55
C ASP A 322 -46.87 -51.58 10.71
N LEU A 323 -46.40 -50.46 10.19
CA LEU A 323 -47.26 -49.55 9.41
C LEU A 323 -47.70 -50.23 8.13
N ILE A 324 -46.79 -50.97 7.49
CA ILE A 324 -47.16 -51.67 6.29
C ILE A 324 -48.32 -52.63 6.50
N GLU A 325 -48.17 -53.59 7.43
CA GLU A 325 -49.26 -54.57 7.67
C GLU A 325 -50.52 -53.86 8.16
N LEU A 326 -50.30 -52.80 8.91
CA LEU A 326 -51.38 -52.04 9.46
C LEU A 326 -52.16 -51.37 8.34
N GLY A 327 -51.45 -50.68 7.46
CA GLY A 327 -52.10 -50.01 6.35
C GLY A 327 -52.77 -51.00 5.42
N LEU A 328 -52.17 -52.18 5.25
CA LEU A 328 -52.72 -53.20 4.37
C LEU A 328 -54.07 -53.76 4.86
N LYS A 329 -54.17 -54.01 6.16
CA LYS A 329 -55.39 -54.53 6.75
C LYS A 329 -56.48 -53.48 6.67
N LYS A 330 -56.14 -52.27 7.07
CA LYS A 330 -57.04 -51.13 6.96
C LYS A 330 -57.70 -51.00 5.58
N ILE A 331 -56.91 -51.08 4.53
CA ILE A 331 -57.44 -50.87 3.20
C ILE A 331 -58.14 -52.06 2.58
N PHE A 332 -57.66 -53.26 2.86
CA PHE A 332 -58.20 -54.43 2.17
C PHE A 332 -59.03 -55.34 3.04
N ASN A 333 -58.65 -55.45 4.31
CA ASN A 333 -59.39 -56.29 5.26
C ASN A 333 -59.16 -57.76 4.99
N PRO A 334 -57.93 -58.16 4.67
CA PRO A 334 -57.63 -59.55 4.30
C PRO A 334 -57.66 -60.49 5.50
N ASP A 335 -57.50 -61.78 5.23
CA ASP A 335 -57.42 -62.76 6.29
C ASP A 335 -56.00 -62.75 6.83
N PHE A 336 -55.04 -62.45 5.96
CA PHE A 336 -53.63 -62.51 6.29
C PHE A 336 -52.81 -61.36 5.67
N ALA A 337 -51.77 -60.95 6.38
CA ALA A 337 -50.85 -59.95 5.88
C ALA A 337 -49.52 -60.10 6.57
N ALA A 338 -48.46 -59.86 5.81
CA ALA A 338 -47.09 -59.93 6.29
C ALA A 338 -46.25 -58.87 5.58
N SER A 339 -45.11 -58.56 6.15
CA SER A 339 -44.25 -57.59 5.54
C SER A 339 -42.87 -57.79 6.10
N ILE A 340 -41.87 -57.32 5.37
CA ILE A 340 -40.49 -57.42 5.83
C ILE A 340 -39.76 -56.13 5.52
N THR A 341 -39.09 -55.57 6.52
CA THR A 341 -38.25 -54.43 6.27
C THR A 341 -36.79 -54.92 6.16
N ARG A 342 -36.32 -55.01 4.92
CA ARG A 342 -34.98 -55.53 4.65
C ARG A 342 -33.82 -54.68 5.10
N LYS A 343 -32.67 -55.33 5.27
CA LYS A 343 -31.42 -54.62 5.62
C LYS A 343 -30.88 -53.81 4.43
N PRO A 344 -30.23 -52.70 4.73
CA PRO A 344 -29.72 -51.79 3.68
C PRO A 344 -28.69 -52.40 2.76
N LYS A 345 -28.73 -51.96 1.51
CA LYS A 345 -27.76 -52.35 0.52
C LYS A 345 -27.29 -51.10 -0.10
N ALA A 346 -26.59 -51.23 -1.20
CA ALA A 346 -26.04 -50.09 -1.85
C ALA A 346 -26.02 -50.34 -3.34
N TYR A 347 -26.33 -49.31 -4.12
CA TYR A 347 -26.26 -49.38 -5.56
C TYR A 347 -25.70 -48.05 -6.05
N GLN A 348 -24.77 -48.14 -6.98
CA GLN A 348 -24.12 -46.97 -7.51
C GLN A 348 -23.77 -45.97 -6.41
N GLY A 349 -23.27 -46.50 -5.29
CA GLY A 349 -22.84 -45.69 -4.16
C GLY A 349 -23.96 -45.14 -3.29
N HIS A 350 -25.21 -45.46 -3.61
CA HIS A 350 -26.35 -44.96 -2.83
C HIS A 350 -26.97 -46.01 -1.92
N PRO A 351 -27.10 -45.70 -0.65
CA PRO A 351 -27.79 -46.59 0.29
C PRO A 351 -29.24 -46.76 -0.13
N PHE A 352 -29.77 -47.99 -0.04
CA PHE A 352 -31.19 -48.23 -0.29
C PHE A 352 -31.75 -49.38 0.52
N ILE A 353 -33.06 -49.37 0.70
CA ILE A 353 -33.76 -50.40 1.45
C ILE A 353 -35.02 -50.73 0.66
N VAL A 354 -35.38 -52.01 0.60
CA VAL A 354 -36.61 -52.41 -0.04
C VAL A 354 -37.50 -52.89 1.10
N GLU A 355 -38.74 -52.44 1.15
CA GLU A 355 -39.69 -53.02 2.10
C GLU A 355 -40.72 -53.75 1.27
N ALA A 356 -41.23 -54.84 1.80
CA ALA A 356 -42.27 -55.58 1.09
C ALA A 356 -43.32 -56.06 2.07
N GLY A 357 -44.52 -56.25 1.56
CA GLY A 357 -45.63 -56.71 2.35
C GLY A 357 -46.50 -57.53 1.42
N VAL A 358 -47.36 -58.36 2.00
CA VAL A 358 -48.26 -59.20 1.23
C VAL A 358 -49.52 -59.29 2.05
N ALA A 359 -50.68 -59.27 1.39
CA ALA A 359 -51.97 -59.45 2.05
C ALA A 359 -52.74 -60.45 1.22
N PHE A 360 -53.50 -61.32 1.88
CA PHE A 360 -54.25 -62.36 1.14
C PHE A 360 -55.63 -62.62 1.72
N GLY A 361 -56.60 -62.80 0.84
CA GLY A 361 -57.93 -63.18 1.25
C GLY A 361 -58.86 -62.06 1.65
N GLY A 362 -60.00 -62.43 2.24
CA GLY A 362 -60.96 -61.47 2.72
C GLY A 362 -61.55 -60.60 1.63
N SER A 363 -61.56 -59.29 1.86
CA SER A 363 -62.20 -58.36 0.95
C SER A 363 -61.42 -58.07 -0.33
N ILE A 364 -60.23 -58.64 -0.46
CA ILE A 364 -59.43 -58.46 -1.66
C ILE A 364 -60.17 -59.14 -2.79
N PRO A 365 -60.50 -58.39 -3.83
CA PRO A 365 -61.22 -58.94 -4.98
C PRO A 365 -60.41 -60.04 -5.65
N VAL A 366 -61.10 -60.98 -6.28
CA VAL A 366 -60.44 -62.08 -6.96
C VAL A 366 -60.03 -61.67 -8.37
N GLY A 367 -58.83 -62.06 -8.78
CA GLY A 367 -58.34 -61.78 -10.12
C GLY A 367 -57.31 -62.82 -10.51
N GLU A 368 -56.74 -62.69 -11.71
CA GLU A 368 -55.71 -63.63 -12.15
C GLU A 368 -54.30 -63.15 -11.81
N GLU A 369 -54.18 -61.87 -11.48
CA GLU A 369 -52.88 -61.34 -11.11
C GLU A 369 -52.97 -60.58 -9.80
N PRO A 370 -51.86 -60.48 -9.12
CA PRO A 370 -51.80 -59.77 -7.84
C PRO A 370 -52.09 -58.30 -8.04
N ILE A 371 -52.67 -57.66 -7.04
CA ILE A 371 -52.76 -56.21 -7.04
C ILE A 371 -51.40 -55.70 -6.60
N VAL A 372 -50.82 -54.77 -7.37
CA VAL A 372 -49.47 -54.31 -7.09
C VAL A 372 -49.42 -52.83 -6.66
N LEU A 373 -49.00 -52.61 -5.41
CA LEU A 373 -48.92 -51.27 -4.83
C LEU A 373 -47.46 -50.84 -4.69
N ARG A 374 -47.03 -49.86 -5.47
CA ARG A 374 -45.65 -49.36 -5.45
C ARG A 374 -45.51 -48.04 -4.71
N TYR A 375 -44.43 -47.91 -3.94
CA TYR A 375 -44.06 -46.66 -3.30
C TYR A 375 -42.57 -46.46 -3.47
N ALA A 376 -42.11 -45.22 -3.57
CA ALA A 376 -40.66 -44.91 -3.64
C ALA A 376 -40.41 -43.66 -2.80
N ASN A 377 -39.46 -43.76 -1.89
CA ASN A 377 -39.22 -42.69 -0.95
C ASN A 377 -40.54 -42.16 -0.39
N LYS A 378 -41.39 -43.09 -0.01
CA LYS A 378 -42.65 -42.77 0.63
C LYS A 378 -43.64 -42.09 -0.28
N ILE A 379 -43.45 -42.17 -1.60
CA ILE A 379 -44.42 -41.63 -2.54
C ILE A 379 -45.13 -42.79 -3.22
N PRO A 380 -46.46 -42.78 -3.23
CA PRO A 380 -47.21 -43.84 -3.88
C PRO A 380 -47.08 -43.65 -5.40
N LEU A 381 -46.79 -44.71 -6.16
CA LEU A 381 -46.67 -44.58 -7.61
C LEU A 381 -47.97 -45.06 -8.21
N ILE A 382 -48.57 -44.30 -9.10
CA ILE A 382 -49.86 -44.68 -9.62
C ILE A 382 -49.97 -44.88 -11.14
N TYR A 383 -49.04 -44.33 -11.90
CA TYR A 383 -49.08 -44.48 -13.35
C TYR A 383 -48.02 -45.46 -13.84
N ASP A 384 -48.11 -45.85 -15.11
CA ASP A 384 -47.09 -46.65 -15.75
C ASP A 384 -46.62 -47.87 -14.97
N GLU A 385 -47.52 -48.62 -14.36
CA GLU A 385 -47.04 -49.77 -13.59
C GLU A 385 -46.30 -50.82 -14.44
N LYS A 386 -46.75 -51.05 -15.67
CA LYS A 386 -46.17 -52.09 -16.51
C LYS A 386 -44.79 -51.74 -17.04
N SER A 387 -44.34 -50.53 -16.76
CA SER A 387 -43.00 -50.15 -17.15
C SER A 387 -42.06 -50.21 -15.95
N ASP A 388 -42.60 -50.60 -14.80
CA ASP A 388 -41.84 -50.61 -13.54
C ASP A 388 -41.08 -51.90 -13.27
N VAL A 389 -39.90 -51.79 -12.69
CA VAL A 389 -39.10 -52.95 -12.34
C VAL A 389 -39.79 -53.78 -11.24
N ILE A 390 -40.58 -53.14 -10.39
CA ILE A 390 -41.34 -53.87 -9.37
C ILE A 390 -42.37 -54.75 -10.06
N TRP A 391 -43.08 -54.16 -11.01
CA TRP A 391 -44.03 -54.93 -11.76
C TRP A 391 -43.37 -56.11 -12.45
N LYS A 392 -42.19 -55.86 -13.03
CA LYS A 392 -41.44 -56.91 -13.71
C LYS A 392 -41.04 -58.04 -12.76
N VAL A 393 -40.49 -57.68 -11.60
CA VAL A 393 -40.11 -58.73 -10.65
C VAL A 393 -41.33 -59.57 -10.26
N VAL A 394 -42.44 -58.90 -9.97
CA VAL A 394 -43.66 -59.56 -9.52
C VAL A 394 -44.29 -60.49 -10.56
N GLU A 395 -44.09 -60.16 -11.83
CA GLU A 395 -44.65 -60.96 -12.90
C GLU A 395 -43.76 -62.15 -13.25
N GLU A 396 -42.52 -62.13 -12.79
CA GLU A 396 -41.60 -63.22 -13.09
C GLU A 396 -41.72 -64.35 -12.08
N LEU A 397 -42.15 -64.00 -10.87
CA LEU A 397 -42.25 -64.97 -9.80
C LEU A 397 -43.37 -65.95 -10.00
N ASP A 398 -43.03 -67.24 -9.87
CA ASP A 398 -44.04 -68.27 -9.92
C ASP A 398 -44.68 -68.35 -8.55
N TRP A 399 -45.87 -67.80 -8.44
CA TRP A 399 -46.58 -67.81 -7.17
C TRP A 399 -47.08 -69.22 -6.83
N LYS A 400 -47.22 -70.07 -7.84
CA LYS A 400 -47.64 -71.45 -7.60
C LYS A 400 -46.70 -72.12 -6.60
N ARG A 401 -45.54 -71.51 -6.39
CA ARG A 401 -44.50 -72.09 -5.55
C ARG A 401 -44.53 -71.65 -4.10
N TYR A 402 -45.35 -70.66 -3.79
CA TYR A 402 -45.40 -70.19 -2.42
C TYR A 402 -46.76 -70.48 -1.83
N GLY A 403 -47.46 -71.40 -2.47
CA GLY A 403 -48.74 -71.85 -1.97
C GLY A 403 -49.95 -71.64 -2.85
N ILE A 404 -49.96 -70.58 -3.65
CA ILE A 404 -51.14 -70.29 -4.45
C ILE A 404 -51.50 -71.42 -5.40
N GLU A 405 -52.79 -71.72 -5.43
CA GLU A 405 -53.33 -72.83 -6.18
C GLU A 405 -53.82 -72.44 -7.57
N SER A 406 -55.00 -71.83 -7.60
CA SER A 406 -55.72 -71.53 -8.84
C SER A 406 -55.21 -70.32 -9.58
N ASP A 407 -55.72 -70.12 -10.79
CA ASP A 407 -55.32 -69.01 -11.65
C ASP A 407 -56.09 -67.74 -11.31
N GLN A 408 -56.84 -67.77 -10.22
CA GLN A 408 -57.57 -66.60 -9.76
C GLN A 408 -57.56 -66.58 -8.25
N TYR A 409 -56.69 -65.75 -7.70
CA TYR A 409 -56.45 -65.67 -6.26
C TYR A 409 -56.68 -64.24 -5.74
N GLN A 410 -56.76 -64.09 -4.42
CA GLN A 410 -57.03 -62.80 -3.82
C GLN A 410 -55.77 -62.26 -3.18
N MSE A 411 -54.96 -61.54 -3.95
CA MSE A 411 -53.69 -61.11 -3.37
C MSE A 411 -53.16 -59.73 -3.73
O MSE A 411 -53.12 -59.32 -4.90
CB MSE A 411 -52.63 -62.19 -3.54
CG MSE A 411 -51.51 -61.85 -4.46
SE MSE A 411 -49.85 -62.79 -3.89
CE MSE A 411 -49.68 -63.91 -5.37
N VAL A 412 -52.72 -59.02 -2.69
CA VAL A 412 -52.12 -57.70 -2.82
C VAL A 412 -50.62 -57.76 -2.50
N VAL A 413 -49.81 -57.21 -3.38
CA VAL A 413 -48.39 -57.14 -3.11
C VAL A 413 -47.90 -55.70 -3.04
N MSE A 414 -47.20 -55.36 -1.96
CA MSE A 414 -46.72 -54.00 -1.74
C MSE A 414 -45.19 -53.90 -1.67
O MSE A 414 -44.54 -54.61 -0.89
CB MSE A 414 -47.36 -53.39 -0.49
CG MSE A 414 -46.64 -52.14 0.00
SE MSE A 414 -47.68 -51.25 1.37
CE MSE A 414 -46.22 -50.06 2.13
N VAL A 415 -44.63 -53.03 -2.49
CA VAL A 415 -43.18 -52.87 -2.48
C VAL A 415 -42.80 -51.41 -2.27
N HIS A 416 -41.96 -51.19 -1.27
CA HIS A 416 -41.43 -49.87 -1.06
C HIS A 416 -39.91 -49.80 -1.25
N LEU A 417 -39.46 -48.93 -2.17
CA LEU A 417 -38.05 -48.68 -2.37
C LEU A 417 -37.71 -47.29 -1.82
N CYS A 418 -36.75 -47.20 -0.90
CA CYS A 418 -36.27 -45.89 -0.46
C CYS A 418 -34.75 -45.82 -0.53
N SER A 419 -34.22 -44.65 -0.77
CA SER A 419 -32.82 -44.52 -1.07
C SER A 419 -32.47 -43.04 -1.13
N THR A 420 -31.18 -42.73 -1.17
CA THR A 420 -30.78 -41.35 -1.40
C THR A 420 -30.99 -41.00 -2.87
N LYS A 421 -31.17 -42.01 -3.70
CA LYS A 421 -31.54 -41.74 -5.07
C LYS A 421 -32.43 -42.81 -5.67
N ILE A 422 -33.64 -42.43 -6.06
CA ILE A 422 -34.53 -43.38 -6.70
C ILE A 422 -34.30 -43.26 -8.20
N PRO A 423 -33.96 -44.35 -8.86
CA PRO A 423 -33.69 -44.28 -10.30
C PRO A 423 -34.99 -44.34 -11.15
N TYR A 424 -35.65 -43.21 -11.31
CA TYR A 424 -36.92 -43.19 -12.03
C TYR A 424 -36.64 -43.28 -13.52
N LYS A 425 -37.57 -43.90 -14.26
CA LYS A 425 -37.40 -43.99 -15.71
C LYS A 425 -37.69 -42.66 -16.40
N SER A 426 -38.35 -41.73 -15.72
CA SER A 426 -38.62 -40.42 -16.32
C SER A 426 -38.81 -39.34 -15.26
N ALA A 427 -38.46 -38.12 -15.60
CA ALA A 427 -38.55 -37.02 -14.65
C ALA A 427 -39.96 -36.82 -14.09
N GLY A 428 -40.96 -37.52 -14.66
CA GLY A 428 -42.30 -37.52 -14.11
C GLY A 428 -42.42 -38.39 -12.85
N LYS A 429 -41.42 -39.20 -12.60
CA LYS A 429 -41.34 -40.10 -11.42
C LYS A 429 -42.48 -41.09 -11.24
N GLU A 430 -42.87 -41.78 -12.27
CA GLU A 430 -43.96 -42.69 -12.06
C GLU A 430 -43.58 -44.17 -12.06
N SER A 431 -42.40 -44.49 -12.56
CA SER A 431 -41.92 -45.85 -12.49
C SER A 431 -40.41 -45.88 -12.30
N ILE A 432 -39.95 -46.96 -11.69
CA ILE A 432 -38.56 -47.12 -11.33
C ILE A 432 -37.85 -47.93 -12.42
N ALA A 433 -36.68 -47.48 -12.85
CA ALA A 433 -35.94 -48.18 -13.92
C ALA A 433 -35.30 -49.50 -13.50
N GLU A 434 -34.88 -50.25 -14.50
CA GLU A 434 -34.24 -51.55 -14.33
C GLU A 434 -32.81 -51.48 -13.82
N VAL A 435 -32.63 -51.25 -12.54
CA VAL A 435 -31.29 -51.29 -12.01
C VAL A 435 -31.08 -52.64 -11.34
N GLU A 436 -30.05 -53.35 -11.78
CA GLU A 436 -29.81 -54.73 -11.34
C GLU A 436 -29.74 -54.98 -9.83
N ASP A 437 -28.96 -54.20 -9.11
CA ASP A 437 -28.82 -54.42 -7.68
C ASP A 437 -30.20 -54.29 -7.05
N ILE A 438 -31.00 -53.36 -7.59
CA ILE A 438 -32.34 -53.13 -7.09
C ILE A 438 -33.29 -54.23 -7.49
N GLU A 439 -33.24 -54.62 -8.76
CA GLU A 439 -34.14 -55.66 -9.25
C GLU A 439 -33.92 -56.94 -8.44
N LYS A 440 -32.67 -57.26 -8.16
CA LYS A 440 -32.28 -58.47 -7.43
C LYS A 440 -32.76 -58.47 -5.97
N GLU A 441 -32.69 -57.33 -5.33
CA GLU A 441 -33.07 -57.20 -3.94
C GLU A 441 -34.61 -57.15 -3.76
N ILE A 442 -35.31 -56.56 -4.72
CA ILE A 442 -36.77 -56.59 -4.66
C ILE A 442 -37.24 -58.04 -4.77
N LYS A 443 -36.59 -58.83 -5.64
CA LYS A 443 -36.87 -60.25 -5.75
C LYS A 443 -36.72 -60.88 -4.41
N ASN A 444 -35.57 -60.64 -3.80
CA ASN A 444 -35.27 -61.28 -2.52
C ASN A 444 -36.22 -60.88 -1.43
N ALA A 445 -36.68 -59.64 -1.47
CA ALA A 445 -37.58 -59.14 -0.46
C ALA A 445 -38.93 -59.79 -0.66
N LEU A 446 -39.37 -59.83 -1.90
CA LEU A 446 -40.63 -60.46 -2.21
C LEU A 446 -40.60 -61.91 -1.75
N MSE A 447 -39.52 -62.63 -2.09
CA MSE A 447 -39.38 -64.01 -1.66
C MSE A 447 -39.50 -64.14 -0.15
O MSE A 447 -40.24 -65.00 0.32
CB MSE A 447 -38.07 -64.62 -2.18
CG MSE A 447 -38.25 -65.38 -3.47
SE MSE A 447 -36.60 -65.60 -4.44
CE MSE A 447 -37.28 -65.85 -6.20
N GLU A 448 -38.80 -63.29 0.60
CA GLU A 448 -38.95 -63.30 2.06
C GLU A 448 -40.39 -63.25 2.53
N VAL A 449 -41.18 -62.31 1.99
CA VAL A 449 -42.59 -62.22 2.42
C VAL A 449 -43.46 -63.28 1.80
N ALA A 450 -43.00 -63.88 0.72
CA ALA A 450 -43.74 -64.95 0.07
C ALA A 450 -43.64 -66.22 0.92
N ARG A 451 -42.44 -66.46 1.48
CA ARG A 451 -42.23 -67.57 2.39
C ARG A 451 -43.29 -67.48 3.44
N LYS A 452 -43.53 -66.27 3.93
CA LYS A 452 -44.52 -66.04 4.96
C LYS A 452 -45.92 -66.44 4.49
N LEU A 453 -46.25 -66.10 3.24
CA LEU A 453 -47.56 -66.46 2.69
C LEU A 453 -47.69 -67.97 2.59
N LYS A 454 -46.60 -68.63 2.20
CA LYS A 454 -46.59 -70.08 2.16
C LYS A 454 -47.03 -70.63 3.51
N GLN A 455 -46.31 -70.27 4.57
CA GLN A 455 -46.64 -70.71 5.91
C GLN A 455 -48.12 -70.55 6.24
N TYR A 456 -48.71 -69.43 5.83
CA TYR A 456 -50.12 -69.19 6.09
C TYR A 456 -51.06 -70.07 5.27
N LEU A 457 -50.74 -70.27 4.00
CA LEU A 457 -51.62 -71.04 3.14
C LEU A 457 -51.62 -72.52 3.52
N SER A 458 -50.46 -73.02 3.93
CA SER A 458 -50.34 -74.42 4.29
C SER A 458 -50.62 -74.68 5.77
N GLU A 459 -51.02 -73.63 6.49
CA GLU A 459 -51.48 -73.79 7.85
C GLU A 459 -52.98 -73.75 7.78
N LYS A 460 -53.49 -73.14 6.71
CA LYS A 460 -54.93 -73.06 6.49
C LYS A 460 -55.43 -74.39 5.95
N ARG A 461 -54.75 -74.91 4.94
CA ARG A 461 -55.14 -76.18 4.33
C ARG A 461 -55.15 -77.31 5.36
N LYS A 462 -54.03 -77.51 6.03
CA LYS A 462 -53.89 -78.52 7.08
C LYS A 462 -55.05 -78.44 8.07
N GLU A 463 -55.69 -77.28 8.10
CA GLU A 463 -56.86 -77.10 8.95
C GLU A 463 -58.11 -77.53 8.20
N GLN A 464 -58.12 -77.31 6.89
CA GLN A 464 -59.23 -77.76 6.06
C GLN A 464 -59.19 -79.27 5.88
N GLU A 465 -58.00 -79.86 6.05
CA GLU A 465 -57.82 -81.30 5.91
C GLU A 465 -58.21 -82.04 7.20
N ALA A 466 -58.00 -81.38 8.34
CA ALA A 466 -58.35 -81.96 9.62
C ALA A 466 -59.87 -82.11 9.75
N LYS A 467 -60.59 -81.07 9.35
CA LYS A 467 -62.04 -81.07 9.43
C LYS A 467 -62.69 -82.11 8.53
N LYS A 468 -62.20 -82.24 7.30
CA LYS A 468 -62.75 -83.18 6.33
C LYS A 468 -62.51 -84.63 6.72
N LYS A 469 -61.29 -84.94 7.13
CA LYS A 469 -60.93 -86.31 7.51
C LYS A 469 -61.32 -86.62 8.95
N LYS B 6 -30.09 -27.67 7.84
CA LYS B 6 -30.36 -26.49 6.99
C LYS B 6 -30.33 -26.84 5.50
N GLU B 7 -31.34 -26.38 4.77
CA GLU B 7 -31.37 -26.61 3.33
C GLU B 7 -30.27 -25.80 2.64
N LYS B 8 -29.55 -26.43 1.74
CA LYS B 8 -28.52 -25.76 0.94
C LYS B 8 -28.95 -25.75 -0.55
N PHE B 9 -29.19 -24.56 -1.10
CA PHE B 9 -29.69 -24.47 -2.47
C PHE B 9 -28.56 -24.44 -3.49
N THR B 10 -28.69 -25.23 -4.56
CA THR B 10 -27.67 -25.22 -5.60
C THR B 10 -28.21 -25.50 -6.99
N SER B 11 -27.38 -25.22 -7.98
CA SER B 11 -27.77 -25.36 -9.37
C SER B 11 -26.98 -26.45 -10.11
N LEU B 12 -27.58 -27.09 -11.10
CA LEU B 12 -26.86 -28.10 -11.88
C LEU B 12 -26.78 -27.66 -13.34
N SER B 13 -25.65 -27.96 -13.98
CA SER B 13 -25.57 -27.77 -15.41
C SER B 13 -26.30 -28.97 -16.05
N PRO B 14 -26.73 -28.86 -17.30
CA PRO B 14 -27.41 -29.97 -17.97
C PRO B 14 -26.60 -31.28 -17.95
N ALA B 15 -25.28 -31.18 -18.05
CA ALA B 15 -24.42 -32.37 -18.04
C ALA B 15 -24.39 -33.06 -16.67
N GLU B 16 -24.29 -32.29 -15.59
CA GLU B 16 -24.36 -32.80 -14.23
C GLU B 16 -25.71 -33.48 -13.99
N PHE B 17 -26.76 -32.92 -14.57
CA PHE B 17 -28.11 -33.48 -14.36
C PHE B 17 -28.21 -34.88 -14.96
N PHE B 18 -27.70 -35.04 -16.17
CA PHE B 18 -27.81 -36.33 -16.88
C PHE B 18 -26.81 -37.34 -16.37
N LYS B 19 -25.75 -36.85 -15.78
CA LYS B 19 -24.74 -37.68 -15.18
C LYS B 19 -25.25 -38.23 -13.83
N ARG B 20 -26.00 -37.44 -13.09
CA ARG B 20 -26.58 -37.90 -11.81
C ARG B 20 -27.72 -38.89 -12.06
N ASN B 21 -28.34 -38.76 -13.23
CA ASN B 21 -29.51 -39.56 -13.56
C ASN B 21 -29.40 -40.17 -15.00
N PRO B 22 -28.43 -41.07 -15.24
CA PRO B 22 -28.20 -41.66 -16.57
C PRO B 22 -29.41 -42.44 -17.07
N GLU B 23 -30.15 -43.04 -16.13
CA GLU B 23 -31.41 -43.73 -16.43
C GLU B 23 -32.40 -42.86 -17.18
N LEU B 24 -32.38 -41.56 -16.93
CA LEU B 24 -33.32 -40.68 -17.62
C LEU B 24 -33.15 -40.74 -19.13
N ALA B 25 -31.95 -41.04 -19.59
CA ALA B 25 -31.63 -40.99 -21.02
C ALA B 25 -31.48 -42.33 -21.65
N GLY B 26 -31.86 -43.40 -20.96
CA GLY B 26 -31.74 -44.72 -21.57
C GLY B 26 -30.50 -45.50 -21.17
N PHE B 27 -29.89 -45.13 -20.04
CA PHE B 27 -28.69 -45.80 -19.54
C PHE B 27 -28.81 -46.31 -18.09
N PRO B 28 -29.85 -47.09 -17.79
CA PRO B 28 -30.06 -47.68 -16.45
C PRO B 28 -29.08 -48.78 -16.12
N ASN B 29 -28.84 -49.68 -17.07
CA ASN B 29 -27.91 -50.80 -16.89
C ASN B 29 -27.05 -50.98 -18.11
N PRO B 30 -25.92 -51.67 -17.95
CA PRO B 30 -24.97 -51.92 -19.05
C PRO B 30 -25.58 -52.54 -20.31
N ALA B 31 -26.46 -53.50 -20.17
CA ALA B 31 -27.09 -54.07 -21.35
C ALA B 31 -27.84 -52.99 -22.16
N ARG B 32 -28.72 -52.25 -21.48
CA ARG B 32 -29.50 -51.25 -22.19
C ARG B 32 -28.58 -50.17 -22.71
N ALA B 33 -27.51 -49.89 -21.97
CA ALA B 33 -26.51 -48.91 -22.35
C ALA B 33 -25.86 -49.22 -23.69
N LEU B 34 -25.51 -50.49 -23.92
CA LEU B 34 -24.84 -50.91 -25.15
C LEU B 34 -25.83 -50.79 -26.27
N TYR B 35 -27.06 -51.23 -26.02
CA TYR B 35 -28.09 -51.10 -27.04
C TYR B 35 -28.33 -49.61 -27.34
N GLN B 36 -28.45 -48.81 -26.30
CA GLN B 36 -28.74 -47.40 -26.49
C GLN B 36 -27.64 -46.70 -27.28
N THR B 37 -26.41 -47.10 -27.04
CA THR B 37 -25.28 -46.48 -27.74
C THR B 37 -25.24 -46.81 -29.23
N VAL B 38 -25.45 -48.07 -29.55
CA VAL B 38 -25.55 -48.50 -30.95
C VAL B 38 -26.69 -47.73 -31.64
N ARG B 39 -27.82 -47.65 -30.95
CA ARG B 39 -29.02 -46.91 -31.43
C ARG B 39 -28.73 -45.46 -31.77
N GLU B 40 -28.16 -44.75 -30.80
CA GLU B 40 -27.90 -43.31 -30.96
C GLU B 40 -27.01 -43.01 -32.14
N LEU B 41 -25.97 -43.85 -32.32
CA LEU B 41 -24.96 -43.68 -33.37
C LEU B 41 -25.55 -43.96 -34.75
N ILE B 42 -26.34 -45.03 -34.86
CA ILE B 42 -27.02 -45.35 -36.15
C ILE B 42 -28.05 -44.28 -36.51
N GLU B 43 -28.85 -43.85 -35.54
CA GLU B 43 -29.78 -42.77 -35.81
C GLU B 43 -29.07 -41.49 -36.17
N ASN B 44 -27.86 -41.29 -35.65
CA ASN B 44 -27.10 -40.12 -36.06
C ASN B 44 -26.55 -40.26 -37.50
N SER B 45 -26.05 -41.43 -37.88
CA SER B 45 -25.57 -41.60 -39.24
C SER B 45 -26.75 -41.57 -40.25
N LEU B 46 -27.87 -42.15 -39.85
CA LEU B 46 -29.04 -42.11 -40.73
C LEU B 46 -29.56 -40.67 -40.95
N ASP B 47 -29.52 -39.80 -39.93
CA ASP B 47 -29.92 -38.40 -40.10
C ASP B 47 -28.88 -37.62 -40.94
N ALA B 48 -27.62 -38.04 -40.89
CA ALA B 48 -26.57 -37.32 -41.60
C ALA B 48 -26.55 -37.70 -43.06
N THR B 49 -27.26 -38.77 -43.42
CA THR B 49 -27.28 -39.24 -44.79
C THR B 49 -28.65 -39.02 -45.48
N ASP B 50 -29.66 -39.81 -45.14
CA ASP B 50 -30.92 -39.64 -45.88
C ASP B 50 -31.62 -38.27 -45.76
N VAL B 51 -31.41 -37.55 -44.68
CA VAL B 51 -32.02 -36.21 -44.60
C VAL B 51 -31.35 -35.28 -45.61
N HIS B 52 -30.26 -35.73 -46.20
CA HIS B 52 -29.55 -34.88 -47.13
C HIS B 52 -29.43 -35.49 -48.53
N GLY B 53 -30.26 -36.51 -48.81
CA GLY B 53 -30.32 -37.11 -50.13
C GLY B 53 -29.15 -38.03 -50.46
N ILE B 54 -28.54 -38.59 -49.44
CA ILE B 54 -27.43 -39.50 -49.69
C ILE B 54 -27.85 -40.92 -49.36
N LEU B 55 -27.60 -41.84 -50.28
CA LEU B 55 -27.91 -43.25 -50.05
C LEU B 55 -26.99 -43.71 -48.94
N PRO B 56 -27.57 -44.08 -47.80
CA PRO B 56 -26.76 -44.43 -46.62
C PRO B 56 -25.93 -45.70 -46.74
N ASN B 57 -24.70 -45.58 -46.29
CA ASN B 57 -23.70 -46.62 -46.30
C ASN B 57 -23.23 -46.65 -44.86
N ILE B 58 -23.69 -47.61 -44.08
CA ILE B 58 -23.39 -47.55 -42.66
C ILE B 58 -22.66 -48.78 -42.14
N LYS B 59 -21.58 -48.54 -41.40
CA LYS B 59 -20.80 -49.64 -40.82
C LYS B 59 -20.88 -49.60 -39.30
N ILE B 60 -21.28 -50.72 -38.70
CA ILE B 60 -21.42 -50.85 -37.24
C ILE B 60 -20.53 -51.97 -36.69
N THR B 61 -19.65 -51.66 -35.74
CA THR B 61 -18.86 -52.72 -35.11
C THR B 61 -18.84 -52.53 -33.62
N ILE B 62 -18.93 -53.65 -32.91
CA ILE B 62 -18.81 -53.66 -31.47
C ILE B 62 -17.76 -54.70 -31.11
N ASP B 63 -16.68 -54.27 -30.46
CA ASP B 63 -15.67 -55.19 -29.99
C ASP B 63 -15.55 -55.21 -28.46
N LEU B 64 -15.23 -56.39 -27.92
CA LEU B 64 -14.94 -56.55 -26.50
C LEU B 64 -13.50 -56.15 -26.35
N ILE B 65 -13.22 -55.16 -25.53
CA ILE B 65 -11.83 -54.76 -25.39
C ILE B 65 -11.18 -55.16 -24.05
N ASP B 66 -11.98 -55.23 -23.00
CA ASP B 66 -11.49 -55.60 -21.69
C ASP B 66 -12.52 -56.52 -21.05
N ASP B 67 -12.21 -57.81 -21.00
CA ASP B 67 -13.18 -58.82 -20.57
C ASP B 67 -13.48 -58.80 -19.08
N ALA B 68 -12.52 -58.35 -18.28
CA ALA B 68 -12.74 -58.33 -16.85
C ALA B 68 -13.70 -57.18 -16.48
N ARG B 69 -13.51 -56.03 -17.09
CA ARG B 69 -14.36 -54.90 -16.75
C ARG B 69 -15.55 -54.73 -17.68
N GLN B 70 -15.69 -55.65 -18.63
CA GLN B 70 -16.79 -55.63 -19.60
C GLN B 70 -16.94 -54.30 -20.34
N ILE B 71 -15.84 -53.82 -20.91
CA ILE B 71 -15.88 -52.60 -21.68
C ILE B 71 -15.90 -53.00 -23.14
N TYR B 72 -16.85 -52.45 -23.88
CA TYR B 72 -16.95 -52.71 -25.29
C TYR B 72 -16.70 -51.41 -26.02
N LYS B 73 -16.15 -51.51 -27.23
CA LYS B 73 -15.93 -50.34 -28.07
C LYS B 73 -16.97 -50.41 -29.18
N VAL B 74 -17.73 -49.32 -29.33
CA VAL B 74 -18.75 -49.24 -30.37
C VAL B 74 -18.31 -48.24 -31.39
N ASN B 75 -18.30 -48.63 -32.66
CA ASN B 75 -17.84 -47.79 -33.75
C ASN B 75 -18.90 -47.75 -34.85
N VAL B 76 -19.28 -46.55 -35.27
CA VAL B 76 -20.25 -46.43 -36.34
C VAL B 76 -19.70 -45.47 -37.38
N VAL B 77 -19.66 -45.94 -38.61
CA VAL B 77 -19.11 -45.17 -39.70
C VAL B 77 -20.15 -45.02 -40.79
N ASP B 78 -20.28 -43.81 -41.33
CA ASP B 78 -21.27 -43.51 -42.33
C ASP B 78 -20.66 -42.68 -43.47
N ASN B 79 -21.44 -42.51 -44.53
CA ASN B 79 -21.01 -41.73 -45.68
C ASN B 79 -21.78 -40.42 -45.75
N GLY B 80 -22.23 -39.92 -44.59
CA GLY B 80 -23.01 -38.70 -44.50
C GLY B 80 -22.28 -37.39 -44.75
N ILE B 81 -22.91 -36.31 -44.34
CA ILE B 81 -22.37 -34.98 -44.61
C ILE B 81 -21.20 -34.55 -43.73
N GLY B 82 -20.88 -35.32 -42.69
CA GLY B 82 -19.85 -34.91 -41.77
C GLY B 82 -20.27 -33.71 -40.92
N ILE B 83 -19.35 -33.21 -40.11
CA ILE B 83 -19.59 -32.09 -39.22
C ILE B 83 -18.47 -31.09 -39.39
N PRO B 84 -18.81 -29.83 -39.59
CA PRO B 84 -17.78 -28.80 -39.71
C PRO B 84 -16.87 -28.89 -38.49
N PRO B 85 -15.56 -28.76 -38.70
CA PRO B 85 -14.56 -28.91 -37.63
C PRO B 85 -14.86 -28.05 -36.41
N GLN B 86 -15.25 -26.80 -36.61
CA GLN B 86 -15.50 -25.93 -35.48
C GLN B 86 -16.74 -26.32 -34.68
N GLU B 87 -17.59 -27.19 -35.24
CA GLU B 87 -18.79 -27.65 -34.52
C GLU B 87 -18.62 -28.98 -33.78
N VAL B 88 -17.54 -29.70 -34.00
CA VAL B 88 -17.39 -31.06 -33.40
C VAL B 88 -17.35 -31.08 -31.87
N PRO B 89 -16.52 -30.25 -31.24
CA PRO B 89 -16.47 -30.24 -29.76
C PRO B 89 -17.87 -29.99 -29.18
N ASN B 90 -18.58 -28.98 -29.63
CA ASN B 90 -19.96 -28.82 -29.11
C ASN B 90 -20.93 -29.97 -29.44
N ALA B 91 -20.93 -30.43 -30.68
CA ALA B 91 -21.89 -31.48 -31.07
C ALA B 91 -21.78 -32.72 -30.24
N PHE B 92 -20.55 -33.10 -29.87
CA PHE B 92 -20.33 -34.35 -29.15
C PHE B 92 -20.02 -34.13 -27.69
N GLY B 93 -19.82 -32.88 -27.30
CA GLY B 93 -19.38 -32.61 -25.96
C GLY B 93 -20.11 -31.53 -25.19
N ARG B 94 -21.24 -31.08 -25.72
CA ARG B 94 -22.03 -30.07 -25.01
C ARG B 94 -23.50 -30.50 -24.94
N VAL B 95 -23.95 -30.85 -23.73
CA VAL B 95 -25.30 -31.36 -23.55
C VAL B 95 -26.35 -30.30 -23.91
N LEU B 96 -27.34 -30.66 -24.71
CA LEU B 96 -28.36 -29.70 -25.22
C LEU B 96 -27.82 -28.81 -26.34
N TYR B 97 -27.08 -29.42 -27.27
CA TYR B 97 -26.56 -28.72 -28.44
C TYR B 97 -26.91 -29.58 -29.66
N SER B 98 -27.51 -29.00 -30.69
CA SER B 98 -28.08 -29.83 -31.73
C SER B 98 -28.31 -29.05 -33.01
N SER B 99 -28.28 -29.73 -34.16
CA SER B 99 -28.68 -29.13 -35.43
C SER B 99 -30.09 -29.57 -35.73
N LYS B 100 -30.73 -30.27 -34.79
CA LYS B 100 -32.09 -30.75 -35.02
C LYS B 100 -33.12 -30.11 -34.13
N TYR B 101 -32.87 -28.89 -33.71
CA TYR B 101 -33.90 -28.20 -32.96
C TYR B 101 -34.87 -27.51 -33.92
N VAL B 102 -34.48 -27.39 -35.18
CA VAL B 102 -35.36 -26.81 -36.19
C VAL B 102 -36.54 -27.74 -36.46
N ASN B 103 -37.62 -27.13 -36.89
CA ASN B 103 -38.87 -27.81 -37.13
C ASN B 103 -38.79 -28.68 -38.37
N ARG B 104 -38.38 -29.93 -38.17
CA ARG B 104 -38.11 -30.83 -39.26
C ARG B 104 -38.17 -32.24 -38.70
N GLN B 105 -38.67 -33.19 -39.46
CA GLN B 105 -38.65 -34.56 -38.97
C GLN B 105 -37.26 -35.20 -39.05
N THR B 106 -36.66 -35.51 -37.91
CA THR B 106 -35.43 -36.30 -37.88
C THR B 106 -35.50 -37.32 -36.75
N ARG B 107 -34.71 -38.38 -36.87
CA ARG B 107 -34.67 -39.35 -35.80
C ARG B 107 -34.30 -38.63 -34.48
N GLY B 108 -33.26 -37.79 -34.52
CA GLY B 108 -32.84 -37.10 -33.31
C GLY B 108 -33.67 -35.86 -33.05
N MSE B 109 -33.67 -35.39 -31.81
CA MSE B 109 -34.50 -34.24 -31.43
C MSE B 109 -34.10 -33.50 -30.18
O MSE B 109 -34.48 -32.35 -30.03
CB MSE B 109 -35.96 -34.69 -31.27
CG MSE B 109 -36.12 -35.86 -30.29
SE MSE B 109 -37.98 -36.23 -29.81
CE MSE B 109 -38.49 -34.56 -28.94
N TYR B 110 -33.36 -34.15 -29.26
CA TYR B 110 -33.04 -33.54 -27.95
C TYR B 110 -31.70 -32.82 -27.83
N GLY B 111 -30.76 -33.16 -28.71
CA GLY B 111 -29.39 -32.67 -28.58
C GLY B 111 -28.68 -33.32 -27.38
N LEU B 112 -28.93 -34.60 -27.18
CA LEU B 112 -28.44 -35.26 -25.97
C LEU B 112 -27.79 -36.63 -26.22
N GLY B 113 -28.41 -37.45 -27.05
CA GLY B 113 -28.06 -38.87 -27.19
C GLY B 113 -26.60 -39.26 -27.12
N VAL B 114 -25.77 -38.67 -27.97
CA VAL B 114 -24.41 -39.07 -27.98
C VAL B 114 -23.69 -38.56 -26.74
N LYS B 115 -24.11 -37.40 -26.24
CA LYS B 115 -23.50 -36.87 -25.02
C LYS B 115 -23.84 -37.77 -23.86
N ALA B 116 -25.05 -38.31 -23.86
CA ALA B 116 -25.46 -39.28 -22.83
C ALA B 116 -24.54 -40.48 -22.92
N ALA B 117 -24.23 -40.90 -24.13
CA ALA B 117 -23.32 -42.03 -24.27
C ALA B 117 -21.94 -41.63 -23.73
N VAL B 118 -21.52 -40.40 -24.00
CA VAL B 118 -20.19 -39.97 -23.54
C VAL B 118 -20.11 -39.92 -22.04
N LEU B 119 -21.13 -39.32 -21.42
CA LEU B 119 -21.21 -39.21 -19.97
C LEU B 119 -21.11 -40.58 -19.33
N TYR B 120 -21.83 -41.54 -19.90
CA TYR B 120 -21.77 -42.90 -19.35
C TYR B 120 -20.38 -43.50 -19.56
N SER B 121 -19.79 -43.22 -20.71
CA SER B 121 -18.46 -43.67 -20.98
C SER B 121 -17.46 -43.15 -19.93
N GLN B 122 -17.42 -41.84 -19.76
CA GLN B 122 -16.53 -41.21 -18.80
C GLN B 122 -16.75 -41.69 -17.36
N MSE B 123 -17.99 -41.96 -16.97
CA MSE B 123 -18.16 -42.43 -15.58
C MSE B 123 -17.66 -43.85 -15.29
O MSE B 123 -17.46 -44.21 -14.12
CB MSE B 123 -19.56 -42.15 -14.99
CG MSE B 123 -20.76 -42.64 -15.74
SE MSE B 123 -22.50 -41.87 -14.96
CE MSE B 123 -22.91 -43.16 -13.80
N HIS B 124 -17.39 -44.64 -16.33
CA HIS B 124 -16.96 -46.00 -16.08
C HIS B 124 -15.59 -46.39 -16.67
N GLN B 125 -15.01 -45.53 -17.50
CA GLN B 125 -13.68 -45.84 -18.04
C GLN B 125 -12.99 -44.56 -18.42
N ASP B 126 -11.76 -44.64 -18.92
CA ASP B 126 -11.00 -43.40 -19.15
C ASP B 126 -10.66 -43.03 -20.59
N LYS B 127 -11.04 -43.88 -21.54
CA LYS B 127 -10.81 -43.57 -22.97
C LYS B 127 -11.74 -42.47 -23.46
N PRO B 128 -11.19 -41.50 -24.18
CA PRO B 128 -11.97 -40.43 -24.81
C PRO B 128 -12.76 -40.97 -26.01
N ILE B 129 -13.91 -40.36 -26.33
CA ILE B 129 -14.64 -40.74 -27.54
C ILE B 129 -13.85 -40.29 -28.79
N GLU B 130 -13.91 -41.09 -29.85
CA GLU B 130 -13.11 -40.79 -31.05
C GLU B 130 -14.01 -40.38 -32.23
N ILE B 131 -13.70 -39.25 -32.85
CA ILE B 131 -14.47 -38.73 -33.96
C ILE B 131 -13.59 -38.36 -35.15
N GLU B 132 -13.82 -39.01 -36.30
CA GLU B 132 -13.13 -38.61 -37.52
C GLU B 132 -14.17 -38.15 -38.53
N THR B 133 -14.02 -36.96 -39.06
CA THR B 133 -15.00 -36.49 -40.01
C THR B 133 -14.43 -35.72 -41.19
N SER B 134 -15.15 -35.79 -42.30
CA SER B 134 -14.81 -35.02 -43.49
C SER B 134 -16.09 -34.51 -44.11
N PRO B 135 -16.40 -33.25 -43.85
CA PRO B 135 -17.58 -32.61 -44.42
C PRO B 135 -17.60 -32.66 -45.95
N VAL B 136 -18.76 -32.40 -46.53
CA VAL B 136 -18.94 -32.56 -47.96
C VAL B 136 -17.96 -31.80 -48.85
N ASN B 137 -17.01 -31.09 -48.25
CA ASN B 137 -16.11 -30.29 -49.08
C ASN B 137 -14.59 -30.56 -49.09
N SER B 138 -13.88 -30.06 -48.07
CA SER B 138 -12.41 -29.90 -48.12
C SER B 138 -11.56 -31.13 -48.36
N LYS B 139 -10.26 -30.86 -48.42
CA LYS B 139 -9.24 -31.86 -48.67
C LYS B 139 -8.84 -32.43 -47.34
N ARG B 140 -9.55 -32.02 -46.31
CA ARG B 140 -9.18 -32.42 -44.96
C ARG B 140 -10.09 -33.46 -44.32
N ILE B 141 -9.48 -34.35 -43.54
CA ILE B 141 -10.17 -35.26 -42.65
C ILE B 141 -9.77 -34.85 -41.24
N TYR B 142 -10.73 -34.47 -40.39
CA TYR B 142 -10.40 -34.05 -39.03
C TYR B 142 -10.66 -35.13 -37.99
N THR B 143 -9.71 -35.29 -37.08
CA THR B 143 -9.81 -36.24 -35.98
C THR B 143 -9.89 -35.48 -34.68
N PHE B 144 -10.76 -35.96 -33.79
CA PHE B 144 -10.89 -35.36 -32.49
C PHE B 144 -10.97 -36.45 -31.44
N LYS B 145 -10.48 -36.13 -30.26
CA LYS B 145 -10.69 -36.94 -29.09
C LYS B 145 -11.27 -35.95 -28.09
N LEU B 146 -12.32 -36.36 -27.40
CA LEU B 146 -13.05 -35.42 -26.58
C LEU B 146 -13.49 -35.97 -25.22
N LYS B 147 -13.60 -35.07 -24.25
CA LYS B 147 -14.20 -35.39 -22.95
C LYS B 147 -15.18 -34.28 -22.65
N ILE B 148 -16.15 -34.54 -21.80
CA ILE B 148 -17.07 -33.50 -21.35
C ILE B 148 -16.66 -33.03 -19.94
N ASP B 149 -16.53 -31.72 -19.75
CA ASP B 149 -16.34 -31.14 -18.41
C ASP B 149 -17.74 -30.97 -17.87
N ILE B 150 -18.17 -31.86 -16.96
CA ILE B 150 -19.57 -31.84 -16.58
C ILE B 150 -20.01 -30.64 -15.77
N ASN B 151 -19.13 -30.11 -14.92
CA ASN B 151 -19.53 -28.97 -14.11
C ASN B 151 -19.87 -27.76 -14.97
N LYS B 152 -19.12 -27.58 -16.04
CA LYS B 152 -19.34 -26.46 -16.94
C LYS B 152 -20.19 -26.82 -18.15
N ASN B 153 -20.34 -28.13 -18.40
CA ASN B 153 -21.04 -28.61 -19.60
C ASN B 153 -20.37 -28.03 -20.84
N GLU B 154 -19.07 -28.24 -20.92
CA GLU B 154 -18.28 -27.77 -22.06
C GLU B 154 -17.33 -28.85 -22.45
N PRO B 155 -17.07 -28.94 -23.75
CA PRO B 155 -16.14 -29.95 -24.30
C PRO B 155 -14.72 -29.69 -23.86
N ILE B 156 -13.97 -30.77 -23.72
CA ILE B 156 -12.55 -30.68 -23.49
C ILE B 156 -11.93 -31.39 -24.69
N ILE B 157 -11.09 -30.68 -25.43
CA ILE B 157 -10.45 -31.27 -26.57
C ILE B 157 -9.18 -31.94 -26.13
N VAL B 158 -9.16 -33.25 -26.21
CA VAL B 158 -7.95 -33.94 -25.92
C VAL B 158 -7.19 -33.81 -27.21
N GLU B 159 -7.39 -34.73 -28.15
CA GLU B 159 -6.65 -34.67 -29.41
C GLU B 159 -7.37 -33.93 -30.52
N ARG B 160 -6.58 -33.32 -31.40
CA ARG B 160 -7.11 -32.57 -32.51
C ARG B 160 -6.12 -32.57 -33.66
N GLY B 161 -6.56 -33.04 -34.82
CA GLY B 161 -5.69 -33.09 -35.97
C GLY B 161 -6.39 -33.26 -37.30
N SER B 162 -5.64 -33.07 -38.36
CA SER B 162 -6.20 -33.26 -39.68
C SER B 162 -5.15 -33.73 -40.65
N VAL B 163 -5.60 -34.52 -41.62
CA VAL B 163 -4.72 -34.96 -42.67
C VAL B 163 -5.37 -34.59 -43.98
N GLU B 164 -4.69 -34.87 -45.06
CA GLU B 164 -5.22 -34.61 -46.37
C GLU B 164 -5.90 -35.92 -46.76
N ASN B 165 -7.11 -35.84 -47.30
CA ASN B 165 -7.74 -37.05 -47.81
C ASN B 165 -7.60 -37.06 -49.32
N THR B 166 -8.06 -35.99 -49.94
CA THR B 166 -7.87 -35.78 -51.37
C THR B 166 -8.50 -36.84 -52.25
N ARG B 167 -9.50 -37.54 -51.71
CA ARG B 167 -10.20 -38.54 -52.51
C ARG B 167 -11.59 -38.04 -52.86
N GLY B 168 -12.50 -38.23 -51.92
CA GLY B 168 -13.90 -37.87 -52.10
C GLY B 168 -14.61 -38.55 -50.95
N PHE B 169 -13.91 -38.58 -49.83
CA PHE B 169 -14.43 -39.20 -48.64
C PHE B 169 -15.23 -38.20 -47.87
N HIS B 170 -16.53 -38.39 -47.81
CA HIS B 170 -17.36 -37.62 -46.90
C HIS B 170 -18.01 -38.58 -45.91
N GLY B 171 -18.07 -38.17 -44.66
CA GLY B 171 -18.71 -38.98 -43.67
C GLY B 171 -18.13 -38.83 -42.31
N THR B 172 -18.54 -39.71 -41.41
CA THR B 172 -18.13 -39.59 -40.02
C THR B 172 -17.91 -40.95 -39.41
N SER B 173 -16.89 -41.04 -38.60
CA SER B 173 -16.65 -42.22 -37.78
C SER B 173 -16.71 -41.79 -36.31
N VAL B 174 -17.45 -42.56 -35.51
CA VAL B 174 -17.58 -42.25 -34.10
C VAL B 174 -17.31 -43.54 -33.33
N ALA B 175 -16.48 -43.44 -32.29
CA ALA B 175 -16.12 -44.60 -31.48
C ALA B 175 -16.16 -44.30 -29.99
N ILE B 176 -16.98 -45.03 -29.27
CA ILE B 176 -17.16 -44.78 -27.86
C ILE B 176 -16.84 -46.08 -27.14
N SER B 177 -16.29 -45.96 -25.93
CA SER B 177 -16.06 -47.12 -25.09
C SER B 177 -16.90 -47.04 -23.80
N ILE B 178 -17.68 -48.10 -23.55
CA ILE B 178 -18.59 -48.15 -22.41
C ILE B 178 -18.69 -49.55 -21.87
N PRO B 179 -19.16 -49.65 -20.64
CA PRO B 179 -19.55 -50.93 -20.05
C PRO B 179 -20.70 -51.48 -20.86
N GLY B 180 -20.81 -52.80 -20.97
CA GLY B 180 -21.86 -53.39 -21.75
C GLY B 180 -22.10 -54.82 -21.32
N ASP B 181 -23.15 -55.43 -21.86
CA ASP B 181 -23.47 -56.82 -21.60
C ASP B 181 -24.05 -57.36 -22.90
N TRP B 182 -23.14 -57.78 -23.77
CA TRP B 182 -23.51 -58.27 -25.09
C TRP B 182 -24.49 -59.43 -25.03
N PRO B 183 -24.22 -60.42 -24.20
CA PRO B 183 -25.15 -61.53 -24.03
C PRO B 183 -26.61 -61.06 -23.79
N LYS B 184 -26.80 -60.04 -22.94
CA LYS B 184 -28.14 -59.58 -22.64
C LYS B 184 -28.70 -58.65 -23.73
N ALA B 185 -27.82 -58.02 -24.49
CA ALA B 185 -28.25 -57.06 -25.50
C ALA B 185 -28.39 -57.63 -26.91
N LYS B 186 -27.73 -58.77 -27.16
CA LYS B 186 -27.68 -59.38 -28.50
C LYS B 186 -29.00 -59.29 -29.32
N SER B 187 -30.03 -59.99 -28.88
CA SER B 187 -31.29 -60.06 -29.63
C SER B 187 -31.88 -58.68 -29.94
N ARG B 188 -31.93 -57.82 -28.93
CA ARG B 188 -32.48 -56.50 -29.14
C ARG B 188 -31.65 -55.74 -30.17
N ILE B 189 -30.32 -55.79 -30.06
CA ILE B 189 -29.49 -55.08 -31.03
C ILE B 189 -29.71 -55.63 -32.41
N TYR B 190 -29.77 -56.96 -32.54
CA TYR B 190 -30.04 -57.56 -33.84
C TYR B 190 -31.40 -57.15 -34.37
N GLU B 191 -32.41 -57.15 -33.50
CA GLU B 191 -33.75 -56.82 -33.95
C GLU B 191 -33.83 -55.36 -34.38
N TYR B 192 -33.16 -54.49 -33.64
CA TYR B 192 -33.15 -53.08 -33.95
C TYR B 192 -32.63 -52.83 -35.37
N ILE B 193 -31.53 -53.47 -35.72
CA ILE B 193 -30.91 -53.26 -37.03
C ILE B 193 -31.74 -53.88 -38.09
N LYS B 194 -32.31 -55.04 -37.79
CA LYS B 194 -33.18 -55.73 -38.75
C LYS B 194 -34.45 -54.91 -39.03
N ARG B 195 -35.14 -54.52 -37.99
CA ARG B 195 -36.34 -53.72 -38.19
C ARG B 195 -36.02 -52.39 -38.91
N THR B 196 -34.78 -51.91 -38.81
CA THR B 196 -34.43 -50.67 -39.51
C THR B 196 -34.23 -50.99 -40.97
N TYR B 197 -33.47 -52.04 -41.23
CA TYR B 197 -33.26 -52.49 -42.60
C TYR B 197 -34.56 -52.70 -43.36
N ILE B 198 -35.49 -53.42 -42.76
CA ILE B 198 -36.77 -53.70 -43.40
C ILE B 198 -37.48 -52.45 -43.92
N ILE B 199 -37.39 -51.32 -43.21
CA ILE B 199 -38.00 -50.09 -43.69
C ILE B 199 -37.01 -49.09 -44.33
N THR B 200 -35.78 -49.52 -44.62
CA THR B 200 -34.78 -48.62 -45.25
C THR B 200 -34.03 -49.28 -46.41
N PRO B 201 -34.76 -49.73 -47.43
CA PRO B 201 -34.19 -50.51 -48.53
C PRO B 201 -33.20 -49.73 -49.39
N TYR B 202 -33.14 -48.42 -49.21
CA TYR B 202 -32.20 -47.62 -49.96
C TYR B 202 -30.86 -47.54 -49.24
N ALA B 203 -30.77 -48.13 -48.05
CA ALA B 203 -29.54 -48.13 -47.26
C ALA B 203 -28.80 -49.47 -47.31
N GLU B 204 -27.48 -49.42 -47.15
CA GLU B 204 -26.63 -50.60 -47.01
C GLU B 204 -26.07 -50.59 -45.56
N PHE B 205 -26.07 -51.72 -44.86
CA PHE B 205 -25.44 -51.77 -43.55
C PHE B 205 -24.50 -52.96 -43.49
N ILE B 206 -23.45 -52.85 -42.67
CA ILE B 206 -22.67 -54.03 -42.35
C ILE B 206 -22.48 -54.00 -40.84
N PHE B 207 -22.74 -55.14 -40.20
CA PHE B 207 -22.65 -55.23 -38.74
C PHE B 207 -21.73 -56.38 -38.31
N LYS B 208 -20.68 -56.04 -37.58
CA LYS B 208 -19.77 -57.02 -37.00
C LYS B 208 -19.95 -56.97 -35.48
N ASP B 209 -20.40 -58.09 -34.90
CA ASP B 209 -20.66 -58.15 -33.48
C ASP B 209 -19.44 -58.56 -32.67
N PRO B 210 -19.52 -58.49 -31.34
CA PRO B 210 -18.39 -58.77 -30.44
C PRO B 210 -17.74 -60.13 -30.61
N GLU B 211 -18.48 -61.09 -31.15
CA GLU B 211 -17.97 -62.44 -31.35
C GLU B 211 -17.41 -62.63 -32.75
N GLY B 212 -17.32 -61.56 -33.52
CA GLY B 212 -16.84 -61.66 -34.89
C GLY B 212 -17.88 -62.03 -35.95
N ASN B 213 -19.15 -62.23 -35.57
CA ASN B 213 -20.14 -62.53 -36.59
C ASN B 213 -20.39 -61.29 -37.44
N VAL B 214 -20.34 -61.42 -38.76
CA VAL B 214 -20.55 -60.29 -39.63
C VAL B 214 -21.85 -60.46 -40.39
N THR B 215 -22.70 -59.45 -40.34
CA THR B 215 -23.92 -59.47 -41.14
C THR B 215 -24.00 -58.30 -42.06
N TYR B 216 -24.35 -58.60 -43.29
CA TYR B 216 -24.46 -57.65 -44.37
C TYR B 216 -25.92 -57.49 -44.73
N TYR B 217 -26.37 -56.26 -44.94
CA TYR B 217 -27.75 -55.98 -45.33
C TYR B 217 -27.71 -55.17 -46.61
N PRO B 218 -27.95 -55.84 -47.74
CA PRO B 218 -27.77 -55.21 -49.03
C PRO B 218 -28.81 -54.15 -49.36
N ARG B 219 -28.33 -53.09 -49.98
CA ARG B 219 -29.20 -52.09 -50.56
C ARG B 219 -30.03 -52.78 -51.65
N LEU B 220 -31.32 -52.47 -51.69
CA LEU B 220 -32.22 -53.09 -52.64
C LEU B 220 -32.73 -52.12 -53.70
N THR B 221 -32.62 -50.82 -53.43
CA THR B 221 -33.05 -49.81 -54.39
C THR B 221 -32.21 -48.55 -54.25
N ASN B 222 -31.99 -47.85 -55.37
CA ASN B 222 -31.25 -46.62 -55.36
C ASN B 222 -32.18 -45.43 -55.21
N LYS B 223 -33.42 -45.70 -54.86
CA LYS B 223 -34.43 -44.66 -54.79
C LYS B 223 -34.53 -44.09 -53.38
N ILE B 224 -34.19 -42.82 -53.23
CA ILE B 224 -34.26 -42.20 -51.93
C ILE B 224 -35.46 -41.31 -51.84
N PRO B 225 -36.26 -41.51 -50.78
CA PRO B 225 -37.43 -40.66 -50.49
C PRO B 225 -37.03 -39.21 -50.38
N LYS B 226 -37.92 -38.32 -50.78
CA LYS B 226 -37.69 -36.89 -50.66
C LYS B 226 -37.35 -36.54 -49.21
N PRO B 227 -36.17 -35.94 -49.02
CA PRO B 227 -35.69 -35.57 -47.69
C PRO B 227 -36.64 -34.60 -47.04
N PRO B 228 -36.94 -34.76 -45.76
CA PRO B 228 -37.80 -33.81 -45.07
C PRO B 228 -37.11 -32.46 -44.95
N GLN B 229 -37.89 -31.39 -44.93
CA GLN B 229 -37.34 -30.05 -44.84
C GLN B 229 -37.87 -29.33 -43.63
N GLU B 230 -37.17 -28.27 -43.26
CA GLU B 230 -37.60 -27.41 -42.17
C GLU B 230 -38.85 -26.65 -42.65
N VAL B 231 -39.87 -26.64 -41.81
CA VAL B 231 -41.09 -25.90 -42.14
C VAL B 231 -41.53 -25.08 -40.95
N LYS B 232 -42.41 -24.14 -41.25
CA LYS B 232 -43.07 -23.32 -40.26
C LYS B 232 -44.07 -24.14 -39.49
N PRO B 233 -44.31 -23.73 -38.26
CA PRO B 233 -45.28 -24.40 -37.40
C PRO B 233 -46.68 -24.22 -37.94
N HIS B 234 -47.53 -25.21 -37.67
CA HIS B 234 -48.93 -25.13 -38.01
C HIS B 234 -49.60 -24.50 -36.78
N PRO B 235 -50.44 -23.51 -37.02
CA PRO B 235 -51.07 -22.73 -35.95
C PRO B 235 -51.82 -23.55 -34.94
N TYR B 236 -52.48 -24.60 -35.37
CA TYR B 236 -53.28 -25.38 -34.42
C TYR B 236 -52.46 -25.98 -33.27
N GLY B 237 -52.69 -25.49 -32.06
CA GLY B 237 -52.01 -26.01 -30.88
C GLY B 237 -50.75 -25.27 -30.48
N VAL B 238 -50.34 -24.26 -31.24
CA VAL B 238 -49.16 -23.48 -30.89
C VAL B 238 -49.49 -22.80 -29.55
N ASP B 239 -48.57 -22.83 -28.60
CA ASP B 239 -48.92 -22.32 -27.29
C ASP B 239 -48.36 -20.91 -27.08
N ARG B 240 -48.64 -20.35 -25.91
CA ARG B 240 -48.28 -18.96 -25.59
C ARG B 240 -46.78 -18.74 -25.62
N GLU B 241 -46.02 -19.66 -25.05
CA GLU B 241 -44.57 -19.52 -25.01
C GLU B 241 -43.94 -19.71 -26.39
N GLU B 242 -44.54 -20.56 -27.23
CA GLU B 242 -44.02 -20.71 -28.58
C GLU B 242 -44.22 -19.40 -29.35
N ILE B 243 -45.39 -18.79 -29.17
CA ILE B 243 -45.67 -17.53 -29.82
C ILE B 243 -44.65 -16.46 -29.41
N LYS B 244 -44.43 -16.28 -28.12
CA LYS B 244 -43.52 -15.22 -27.75
C LYS B 244 -42.06 -15.51 -28.11
N ILE B 245 -41.72 -16.79 -28.25
CA ILE B 245 -40.37 -17.16 -28.69
C ILE B 245 -40.24 -16.75 -30.17
N LEU B 246 -41.32 -16.90 -30.93
CA LEU B 246 -41.31 -16.46 -32.32
C LEU B 246 -41.27 -14.93 -32.42
N ILE B 247 -41.91 -14.26 -31.46
CA ILE B 247 -41.94 -12.81 -31.46
C ILE B 247 -40.55 -12.26 -31.26
N ASN B 248 -39.91 -12.69 -30.18
CA ASN B 248 -38.58 -12.23 -29.85
C ASN B 248 -37.53 -12.50 -30.93
N ASN B 249 -37.76 -13.53 -31.71
CA ASN B 249 -36.88 -13.88 -32.81
C ASN B 249 -37.24 -13.15 -34.08
N LEU B 250 -37.94 -12.02 -33.97
CA LEU B 250 -38.25 -11.25 -35.17
C LEU B 250 -37.18 -10.19 -35.36
N LYS B 251 -36.76 -9.98 -36.61
CA LYS B 251 -35.71 -9.03 -36.91
C LYS B 251 -36.23 -7.68 -37.43
N ARG B 252 -37.54 -7.48 -37.35
CA ARG B 252 -38.19 -6.25 -37.78
C ARG B 252 -39.18 -5.83 -36.70
N ASP B 253 -40.24 -5.15 -37.13
CA ASP B 253 -41.33 -4.76 -36.25
C ASP B 253 -42.65 -5.03 -36.97
N TYR B 254 -42.85 -6.30 -37.34
CA TYR B 254 -44.03 -6.74 -38.08
C TYR B 254 -45.32 -6.38 -37.43
N THR B 255 -46.36 -6.25 -38.24
CA THR B 255 -47.70 -6.06 -37.72
C THR B 255 -48.21 -7.44 -37.33
N ILE B 256 -49.32 -7.47 -36.62
CA ILE B 256 -49.89 -8.75 -36.23
C ILE B 256 -50.22 -9.59 -37.49
N LYS B 257 -50.92 -8.97 -38.46
CA LYS B 257 -51.26 -9.65 -39.70
C LYS B 257 -50.05 -10.23 -40.45
N GLU B 258 -48.97 -9.47 -40.51
CA GLU B 258 -47.77 -9.94 -41.20
C GLU B 258 -47.15 -11.10 -40.45
N PHE B 259 -47.24 -11.04 -39.12
CA PHE B 259 -46.67 -12.08 -38.29
C PHE B 259 -47.41 -13.37 -38.53
N LEU B 260 -48.74 -13.26 -38.60
CA LEU B 260 -49.59 -14.41 -38.85
C LEU B 260 -49.33 -15.02 -40.21
N VAL B 261 -49.23 -14.17 -41.24
CA VAL B 261 -49.12 -14.71 -42.59
C VAL B 261 -47.75 -15.28 -42.87
N ASN B 262 -46.71 -14.76 -42.22
CA ASN B 262 -45.35 -15.21 -42.50
C ASN B 262 -44.74 -16.24 -41.56
N GLU B 263 -45.26 -16.38 -40.35
CA GLU B 263 -44.61 -17.30 -39.41
C GLU B 263 -45.29 -18.66 -39.31
N PHE B 264 -46.45 -18.79 -39.94
CA PHE B 264 -47.23 -20.03 -39.81
C PHE B 264 -47.63 -20.66 -41.15
N GLN B 265 -47.92 -21.96 -41.11
CA GLN B 265 -48.46 -22.66 -42.26
C GLN B 265 -49.94 -22.36 -42.27
N SER B 266 -50.55 -22.49 -43.44
CA SER B 266 -52.01 -22.40 -43.54
C SER B 266 -52.62 -21.07 -43.22
N ILE B 267 -51.82 -20.03 -43.17
CA ILE B 267 -52.43 -18.74 -42.98
C ILE B 267 -52.09 -17.84 -44.13
N GLY B 268 -53.12 -17.48 -44.88
CA GLY B 268 -53.01 -16.47 -45.92
C GLY B 268 -53.89 -15.30 -45.52
N ASP B 269 -53.91 -14.27 -46.37
CA ASP B 269 -54.64 -13.02 -46.15
C ASP B 269 -56.02 -13.19 -45.52
N THR B 270 -56.85 -14.03 -46.14
CA THR B 270 -58.22 -14.26 -45.67
C THR B 270 -58.31 -14.96 -44.31
N THR B 271 -57.44 -15.94 -44.10
CA THR B 271 -57.41 -16.66 -42.82
C THR B 271 -56.97 -15.69 -41.74
N ALA B 272 -55.91 -14.94 -42.03
CA ALA B 272 -55.35 -13.94 -41.13
C ALA B 272 -56.43 -12.96 -40.64
N ASP B 273 -57.19 -12.41 -41.59
CA ASP B 273 -58.26 -11.46 -41.25
C ASP B 273 -59.30 -12.17 -40.40
N LYS B 274 -59.63 -13.39 -40.77
CA LYS B 274 -60.57 -14.15 -39.98
C LYS B 274 -60.00 -14.36 -38.58
N ILE B 275 -58.72 -14.75 -38.49
CA ILE B 275 -58.09 -14.95 -37.20
C ILE B 275 -58.17 -13.67 -36.33
N LEU B 276 -57.76 -12.57 -36.90
CA LEU B 276 -57.77 -11.30 -36.17
C LEU B 276 -59.12 -10.93 -35.58
N GLU B 277 -60.18 -11.14 -36.34
CA GLU B 277 -61.49 -10.79 -35.84
C GLU B 277 -61.89 -11.69 -34.68
N LEU B 278 -61.78 -13.00 -34.88
CA LEU B 278 -62.07 -13.92 -33.79
C LEU B 278 -61.23 -13.60 -32.54
N ALA B 279 -60.00 -13.16 -32.76
CA ALA B 279 -59.10 -12.91 -31.64
C ALA B 279 -59.30 -11.52 -31.06
N GLY B 280 -60.05 -10.67 -31.76
CA GLY B 280 -60.24 -9.30 -31.32
C GLY B 280 -58.92 -8.56 -31.32
N LEU B 281 -58.22 -8.60 -32.44
CA LEU B 281 -56.96 -7.87 -32.57
C LEU B 281 -56.97 -7.14 -33.90
N LYS B 282 -55.97 -6.30 -34.14
CA LYS B 282 -55.97 -5.53 -35.36
C LYS B 282 -54.76 -5.75 -36.24
N PRO B 283 -55.01 -5.84 -37.54
CA PRO B 283 -54.00 -6.16 -38.55
C PRO B 283 -52.71 -5.37 -38.43
N ASN B 284 -52.84 -4.07 -38.19
CA ASN B 284 -51.69 -3.17 -38.27
C ASN B 284 -50.95 -2.84 -36.98
N LYS B 285 -51.40 -3.37 -35.85
CA LYS B 285 -50.66 -3.18 -34.60
C LYS B 285 -49.34 -3.95 -34.69
N LYS B 286 -48.37 -3.57 -33.88
CA LYS B 286 -47.09 -4.28 -33.88
C LYS B 286 -47.23 -5.50 -32.99
N VAL B 287 -46.67 -6.63 -33.44
CA VAL B 287 -46.77 -7.88 -32.69
C VAL B 287 -45.95 -7.79 -31.41
N LYS B 288 -44.91 -6.98 -31.42
CA LYS B 288 -44.04 -6.89 -30.25
C LYS B 288 -44.75 -6.27 -29.07
N ASN B 289 -45.90 -5.62 -29.30
CA ASN B 289 -46.59 -5.00 -28.18
C ASN B 289 -47.73 -5.81 -27.67
N LEU B 290 -47.83 -7.07 -28.05
CA LEU B 290 -48.93 -7.88 -27.56
C LEU B 290 -48.87 -8.03 -26.05
N THR B 291 -50.01 -7.87 -25.37
CA THR B 291 -50.04 -8.18 -23.96
C THR B 291 -50.14 -9.69 -23.76
N GLU B 292 -49.83 -10.10 -22.53
CA GLU B 292 -49.89 -11.46 -22.05
C GLU B 292 -51.26 -12.01 -22.34
N GLU B 293 -52.27 -11.14 -22.17
CA GLU B 293 -53.66 -11.53 -22.39
C GLU B 293 -53.99 -11.63 -23.87
N GLU B 294 -53.42 -10.73 -24.67
CA GLU B 294 -53.65 -10.76 -26.11
C GLU B 294 -53.06 -12.06 -26.67
N ILE B 295 -51.85 -12.40 -26.24
CA ILE B 295 -51.23 -13.64 -26.65
C ILE B 295 -52.20 -14.81 -26.33
N THR B 296 -52.72 -14.83 -25.12
CA THR B 296 -53.69 -15.85 -24.74
C THR B 296 -54.87 -15.92 -25.73
N ARG B 297 -55.33 -14.77 -26.20
CA ARG B 297 -56.44 -14.72 -27.15
C ARG B 297 -56.10 -15.30 -28.53
N LEU B 298 -54.88 -15.04 -29.02
CA LEU B 298 -54.44 -15.60 -30.30
C LEU B 298 -54.46 -17.14 -30.17
N VAL B 299 -53.79 -17.63 -29.13
CA VAL B 299 -53.64 -19.07 -28.89
C VAL B 299 -54.97 -19.83 -28.84
N GLU B 300 -55.90 -19.35 -28.04
CA GLU B 300 -57.26 -19.90 -28.01
C GLU B 300 -57.93 -19.77 -29.39
N THR B 301 -57.74 -18.64 -30.05
CA THR B 301 -58.29 -18.48 -31.38
C THR B 301 -57.71 -19.51 -32.32
N PHE B 302 -56.44 -19.86 -32.15
CA PHE B 302 -55.84 -20.88 -33.00
C PHE B 302 -56.48 -22.25 -32.68
N LYS B 303 -56.78 -22.50 -31.41
CA LYS B 303 -57.34 -23.79 -31.01
C LYS B 303 -58.74 -24.03 -31.54
N LYS B 304 -59.56 -22.98 -31.54
CA LYS B 304 -60.95 -23.07 -31.95
C LYS B 304 -61.19 -22.81 -33.43
N TYR B 305 -60.13 -22.59 -34.20
CA TYR B 305 -60.32 -22.28 -35.61
C TYR B 305 -60.55 -23.53 -36.45
N GLU B 306 -61.61 -23.52 -37.23
CA GLU B 306 -62.04 -24.74 -37.93
C GLU B 306 -61.63 -24.85 -39.40
N ASP B 307 -61.10 -23.78 -39.97
CA ASP B 307 -60.87 -23.80 -41.40
C ASP B 307 -59.42 -23.83 -41.84
N PHE B 308 -58.56 -24.36 -40.97
CA PHE B 308 -57.15 -24.45 -41.30
C PHE B 308 -56.88 -25.54 -42.32
N ARG B 309 -56.23 -25.14 -43.40
CA ARG B 309 -55.72 -26.04 -44.40
C ARG B 309 -54.65 -26.88 -43.71
N SER B 310 -54.71 -28.17 -43.91
CA SER B 310 -53.74 -29.06 -43.29
C SER B 310 -52.27 -28.76 -43.66
N PRO B 311 -51.34 -29.24 -42.85
CA PRO B 311 -49.91 -28.99 -43.08
C PRO B 311 -49.41 -29.71 -44.30
N SER B 312 -48.36 -29.18 -44.91
CA SER B 312 -47.76 -29.83 -46.07
C SER B 312 -47.14 -31.15 -45.63
N ALA B 313 -46.62 -31.89 -46.59
CA ALA B 313 -45.98 -33.18 -46.29
C ALA B 313 -44.46 -33.03 -46.44
N ASP B 314 -44.05 -31.87 -46.91
CA ASP B 314 -42.66 -31.60 -47.10
C ASP B 314 -41.89 -31.64 -45.76
N SER B 315 -42.60 -31.66 -44.65
CA SER B 315 -41.89 -31.70 -43.39
C SER B 315 -41.77 -33.11 -42.88
N LEU B 316 -42.48 -34.02 -43.52
CA LEU B 316 -42.54 -35.37 -43.01
C LEU B 316 -41.96 -36.32 -44.02
N SER B 317 -41.58 -37.51 -43.54
CA SER B 317 -41.13 -38.55 -44.46
C SER B 317 -41.66 -39.89 -43.97
N VAL B 318 -42.57 -40.46 -44.74
CA VAL B 318 -43.26 -41.67 -44.36
C VAL B 318 -42.61 -42.91 -44.98
N ILE B 319 -43.01 -44.09 -44.52
CA ILE B 319 -42.46 -45.31 -45.07
C ILE B 319 -43.23 -45.64 -46.36
N GLY B 320 -44.55 -45.49 -46.31
CA GLY B 320 -45.36 -45.69 -47.49
C GLY B 320 -46.08 -47.02 -47.48
N GLU B 321 -47.30 -46.97 -47.97
CA GLU B 321 -48.15 -48.15 -48.02
C GLU B 321 -47.47 -49.31 -48.74
N ASP B 322 -46.86 -49.05 -49.89
CA ASP B 322 -46.13 -50.11 -50.62
C ASP B 322 -45.10 -50.82 -49.73
N LEU B 323 -44.17 -50.06 -49.17
CA LEU B 323 -43.09 -50.64 -48.38
C LEU B 323 -43.60 -51.31 -47.10
N ILE B 324 -44.51 -50.66 -46.39
CA ILE B 324 -45.06 -51.31 -45.22
C ILE B 324 -45.61 -52.70 -45.62
N GLU B 325 -46.33 -52.78 -46.73
CA GLU B 325 -46.90 -54.03 -47.15
C GLU B 325 -45.78 -55.04 -47.45
N LEU B 326 -44.88 -54.69 -48.37
CA LEU B 326 -43.73 -55.51 -48.72
C LEU B 326 -43.09 -56.06 -47.45
N GLY B 327 -42.93 -55.16 -46.48
CA GLY B 327 -42.23 -55.48 -45.25
C GLY B 327 -42.91 -56.55 -44.43
N LEU B 328 -44.21 -56.41 -44.21
CA LEU B 328 -44.93 -57.40 -43.45
C LEU B 328 -44.90 -58.77 -44.11
N LYS B 329 -45.15 -58.81 -45.41
CA LYS B 329 -45.17 -60.09 -46.11
C LYS B 329 -43.83 -60.81 -45.99
N LYS B 330 -42.75 -60.05 -46.15
CA LYS B 330 -41.41 -60.64 -46.18
C LYS B 330 -41.02 -61.26 -44.84
N ILE B 331 -41.42 -60.62 -43.73
CA ILE B 331 -41.07 -61.12 -42.41
C ILE B 331 -42.04 -62.20 -41.93
N PHE B 332 -43.32 -62.07 -42.24
CA PHE B 332 -44.32 -62.97 -41.66
C PHE B 332 -45.05 -63.91 -42.62
N ASN B 333 -44.93 -63.69 -43.92
CA ASN B 333 -45.60 -64.55 -44.90
C ASN B 333 -47.09 -64.83 -44.58
N PRO B 334 -47.89 -63.78 -44.44
CA PRO B 334 -49.32 -63.94 -44.11
C PRO B 334 -50.24 -64.22 -45.32
N ASP B 335 -51.48 -64.55 -45.01
CA ASP B 335 -52.52 -64.77 -46.02
C ASP B 335 -53.00 -63.43 -46.52
N PHE B 336 -52.93 -62.44 -45.63
CA PHE B 336 -53.42 -61.12 -45.93
C PHE B 336 -52.61 -60.03 -45.27
N ALA B 337 -52.42 -58.93 -46.00
CA ALA B 337 -51.75 -57.77 -45.47
C ALA B 337 -52.38 -56.52 -46.08
N ALA B 338 -52.42 -55.44 -45.31
CA ALA B 338 -53.01 -54.20 -45.80
C ALA B 338 -52.37 -53.01 -45.11
N SER B 339 -52.48 -51.82 -45.67
CA SER B 339 -51.89 -50.70 -44.98
C SER B 339 -52.51 -49.37 -45.34
N ILE B 340 -52.13 -48.33 -44.61
CA ILE B 340 -52.67 -46.98 -44.85
C ILE B 340 -51.69 -45.92 -44.46
N THR B 341 -51.54 -44.92 -45.33
CA THR B 341 -50.79 -43.73 -44.96
C THR B 341 -51.82 -42.57 -44.88
N ARG B 342 -52.07 -42.10 -43.67
CA ARG B 342 -53.03 -41.02 -43.49
C ARG B 342 -52.51 -39.68 -43.95
N LYS B 343 -53.44 -38.77 -44.19
CA LYS B 343 -53.09 -37.40 -44.52
C LYS B 343 -52.50 -36.69 -43.28
N PRO B 344 -51.65 -35.69 -43.52
CA PRO B 344 -50.97 -34.98 -42.43
C PRO B 344 -51.94 -34.33 -41.48
N LYS B 345 -51.69 -34.41 -40.17
CA LYS B 345 -52.46 -33.65 -39.18
C LYS B 345 -51.50 -32.76 -38.41
N ALA B 346 -51.99 -32.08 -37.39
CA ALA B 346 -51.17 -31.26 -36.55
C ALA B 346 -51.52 -31.42 -35.09
N TYR B 347 -50.51 -31.42 -34.23
CA TYR B 347 -50.78 -31.44 -32.80
C TYR B 347 -49.76 -30.46 -32.21
N GLN B 348 -50.22 -29.55 -31.38
CA GLN B 348 -49.30 -28.63 -30.70
C GLN B 348 -48.36 -27.91 -31.68
N GLY B 349 -48.88 -27.48 -32.82
CA GLY B 349 -48.05 -26.79 -33.81
C GLY B 349 -47.26 -27.70 -34.75
N HIS B 350 -47.15 -28.97 -34.41
CA HIS B 350 -46.34 -29.90 -35.20
C HIS B 350 -47.13 -30.81 -36.16
N PRO B 351 -46.73 -30.81 -37.40
CA PRO B 351 -47.32 -31.74 -38.36
C PRO B 351 -46.97 -33.17 -38.00
N PHE B 352 -47.92 -34.07 -38.26
CA PHE B 352 -47.65 -35.48 -38.10
C PHE B 352 -48.52 -36.36 -39.00
N ILE B 353 -48.11 -37.60 -39.13
CA ILE B 353 -48.81 -38.56 -39.93
C ILE B 353 -48.73 -39.87 -39.19
N VAL B 354 -49.81 -40.63 -39.23
CA VAL B 354 -49.83 -41.98 -38.71
C VAL B 354 -50.03 -42.92 -39.90
N GLU B 355 -49.24 -43.97 -39.95
CA GLU B 355 -49.38 -45.00 -40.99
C GLU B 355 -49.62 -46.28 -40.23
N ALA B 356 -50.37 -47.20 -40.81
CA ALA B 356 -50.64 -48.42 -40.09
C ALA B 356 -50.61 -49.59 -41.03
N GLY B 357 -50.33 -50.75 -40.49
CA GLY B 357 -50.34 -51.94 -41.30
C GLY B 357 -50.87 -53.11 -40.52
N VAL B 358 -51.48 -54.05 -41.23
CA VAL B 358 -52.01 -55.24 -40.63
C VAL B 358 -51.66 -56.46 -41.48
N ALA B 359 -51.46 -57.58 -40.82
CA ALA B 359 -51.12 -58.81 -41.49
C ALA B 359 -51.84 -59.87 -40.71
N PHE B 360 -52.49 -60.81 -41.39
CA PHE B 360 -53.27 -61.75 -40.63
C PHE B 360 -53.07 -63.24 -40.80
N GLY B 361 -52.29 -63.68 -41.76
CA GLY B 361 -52.24 -65.13 -41.94
C GLY B 361 -50.95 -65.91 -41.88
N GLY B 362 -50.94 -66.98 -42.69
CA GLY B 362 -49.81 -67.85 -42.92
C GLY B 362 -48.95 -68.19 -41.74
N SER B 363 -47.69 -67.83 -41.85
CA SER B 363 -46.68 -68.18 -40.87
C SER B 363 -46.79 -67.42 -39.56
N ILE B 364 -47.80 -66.57 -39.43
CA ILE B 364 -47.93 -65.81 -38.19
C ILE B 364 -48.37 -66.68 -37.01
N PRO B 365 -47.54 -66.70 -35.97
CA PRO B 365 -47.83 -67.46 -34.74
C PRO B 365 -49.26 -67.21 -34.28
N VAL B 366 -49.83 -68.20 -33.62
CA VAL B 366 -51.16 -68.07 -33.06
C VAL B 366 -51.02 -67.45 -31.67
N GLY B 367 -51.88 -66.49 -31.35
CA GLY B 367 -51.80 -65.83 -30.06
C GLY B 367 -53.10 -65.28 -29.51
N GLU B 368 -53.10 -64.92 -28.24
CA GLU B 368 -54.28 -64.34 -27.65
C GLU B 368 -54.32 -62.85 -27.99
N GLU B 369 -53.14 -62.23 -28.00
CA GLU B 369 -53.04 -60.80 -28.38
C GLU B 369 -52.24 -60.65 -29.68
N PRO B 370 -52.40 -59.53 -30.37
CA PRO B 370 -51.69 -59.29 -31.64
C PRO B 370 -50.22 -58.95 -31.42
N ILE B 371 -49.38 -59.25 -32.40
CA ILE B 371 -47.99 -58.83 -32.37
C ILE B 371 -47.99 -57.37 -32.77
N VAL B 372 -47.43 -56.52 -31.93
CA VAL B 372 -47.42 -55.11 -32.21
C VAL B 372 -46.05 -54.57 -32.57
N LEU B 373 -45.94 -54.00 -33.76
CA LEU B 373 -44.69 -53.43 -34.26
C LEU B 373 -44.80 -51.90 -34.24
N ARG B 374 -44.00 -51.24 -33.41
CA ARG B 374 -44.06 -49.79 -33.26
C ARG B 374 -42.88 -49.10 -33.93
N TYR B 375 -43.16 -48.03 -34.65
CA TYR B 375 -42.12 -47.20 -35.25
C TYR B 375 -42.37 -45.72 -34.99
N ALA B 376 -41.30 -44.96 -34.83
CA ALA B 376 -41.46 -43.54 -34.64
C ALA B 376 -40.38 -42.81 -35.42
N ASN B 377 -40.77 -41.84 -36.23
CA ASN B 377 -39.83 -41.20 -37.15
C ASN B 377 -38.86 -42.17 -37.79
N LYS B 378 -39.37 -43.33 -38.18
CA LYS B 378 -38.57 -44.33 -38.87
C LYS B 378 -37.62 -45.08 -37.94
N ILE B 379 -37.87 -45.01 -36.64
CA ILE B 379 -37.06 -45.76 -35.69
C ILE B 379 -37.90 -46.90 -35.13
N PRO B 380 -37.38 -48.12 -35.13
CA PRO B 380 -38.15 -49.22 -34.55
C PRO B 380 -38.11 -49.10 -33.05
N LEU B 381 -39.26 -49.20 -32.38
CA LEU B 381 -39.32 -49.14 -30.93
C LEU B 381 -39.31 -50.57 -30.42
N ILE B 382 -38.51 -50.83 -29.40
CA ILE B 382 -38.28 -52.19 -28.97
C ILE B 382 -38.58 -52.42 -27.50
N TYR B 383 -38.37 -51.42 -26.68
CA TYR B 383 -38.54 -51.57 -25.25
C TYR B 383 -39.84 -50.94 -24.80
N ASP B 384 -40.29 -51.33 -23.61
CA ASP B 384 -41.45 -50.74 -22.95
C ASP B 384 -42.75 -50.68 -23.75
N GLU B 385 -43.02 -51.70 -24.54
CA GLU B 385 -44.22 -51.66 -25.37
C GLU B 385 -45.49 -51.42 -24.57
N LYS B 386 -45.63 -52.06 -23.43
CA LYS B 386 -46.86 -51.91 -22.65
C LYS B 386 -47.09 -50.52 -22.05
N SER B 387 -46.11 -49.63 -22.21
CA SER B 387 -46.28 -48.27 -21.74
C SER B 387 -46.59 -47.31 -22.88
N ASP B 388 -46.46 -47.77 -24.12
CA ASP B 388 -46.61 -46.91 -25.30
C ASP B 388 -48.06 -46.61 -25.62
N VAL B 389 -48.37 -45.42 -26.15
CA VAL B 389 -49.76 -45.17 -26.51
C VAL B 389 -50.21 -46.08 -27.63
N ILE B 390 -49.29 -46.47 -28.49
CA ILE B 390 -49.66 -47.34 -29.59
C ILE B 390 -50.23 -48.63 -29.05
N TRP B 391 -49.63 -49.13 -27.97
CA TRP B 391 -50.09 -50.36 -27.37
C TRP B 391 -51.43 -50.18 -26.74
N LYS B 392 -51.61 -49.02 -26.08
CA LYS B 392 -52.88 -48.73 -25.44
C LYS B 392 -54.05 -48.71 -26.42
N VAL B 393 -53.87 -48.05 -27.54
CA VAL B 393 -54.92 -47.94 -28.53
C VAL B 393 -55.26 -49.30 -29.17
N VAL B 394 -54.23 -50.05 -29.55
CA VAL B 394 -54.40 -51.37 -30.12
C VAL B 394 -55.15 -52.24 -29.12
N GLU B 395 -54.76 -52.16 -27.87
CA GLU B 395 -55.41 -52.95 -26.82
C GLU B 395 -56.89 -52.61 -26.74
N GLU B 396 -57.20 -51.33 -26.83
CA GLU B 396 -58.58 -50.85 -26.70
C GLU B 396 -59.47 -51.17 -27.90
N LEU B 397 -58.87 -51.50 -29.03
CA LEU B 397 -59.67 -51.83 -30.21
C LEU B 397 -60.38 -53.17 -30.03
N ASP B 398 -61.62 -53.27 -30.50
CA ASP B 398 -62.35 -54.52 -30.39
C ASP B 398 -62.39 -55.24 -31.73
N TRP B 399 -61.60 -56.31 -31.82
CA TRP B 399 -61.49 -57.07 -33.05
C TRP B 399 -62.69 -58.01 -33.29
N LYS B 400 -63.43 -58.31 -32.22
CA LYS B 400 -64.62 -59.15 -32.33
C LYS B 400 -65.62 -58.55 -33.29
N ARG B 401 -65.29 -57.40 -33.86
CA ARG B 401 -66.22 -56.75 -34.78
C ARG B 401 -65.49 -56.23 -36.01
N TYR B 402 -64.33 -56.80 -36.27
CA TYR B 402 -63.62 -56.54 -37.51
C TYR B 402 -63.34 -57.89 -38.14
N GLY B 403 -63.91 -58.93 -37.53
CA GLY B 403 -63.80 -60.28 -38.08
C GLY B 403 -63.23 -61.31 -37.15
N ILE B 404 -62.21 -60.95 -36.40
CA ILE B 404 -61.59 -61.89 -35.50
C ILE B 404 -62.62 -62.43 -34.53
N GLU B 405 -63.03 -63.67 -34.77
CA GLU B 405 -64.07 -64.29 -33.97
C GLU B 405 -63.54 -65.01 -32.72
N SER B 406 -62.55 -65.89 -32.90
CA SER B 406 -61.97 -66.59 -31.76
C SER B 406 -61.23 -65.61 -30.85
N ASP B 407 -60.88 -66.06 -29.65
CA ASP B 407 -60.13 -65.21 -28.74
C ASP B 407 -58.66 -65.49 -28.97
N GLN B 408 -58.40 -66.34 -29.98
CA GLN B 408 -57.07 -66.71 -30.39
C GLN B 408 -56.95 -66.50 -31.88
N TYR B 409 -55.93 -65.75 -32.29
CA TYR B 409 -55.75 -65.38 -33.70
C TYR B 409 -54.30 -65.09 -34.03
N GLN B 410 -54.03 -64.96 -35.33
CA GLN B 410 -52.69 -64.70 -35.83
C GLN B 410 -52.68 -63.35 -36.52
N MSE B 411 -52.30 -62.31 -35.80
CA MSE B 411 -52.28 -60.98 -36.40
C MSE B 411 -51.03 -60.19 -36.06
O MSE B 411 -50.45 -60.35 -34.99
CB MSE B 411 -53.53 -60.21 -35.98
CG MSE B 411 -53.80 -58.92 -36.77
SE MSE B 411 -55.38 -58.03 -36.05
CE MSE B 411 -55.37 -58.68 -34.33
N VAL B 412 -50.59 -59.38 -37.00
CA VAL B 412 -49.50 -58.46 -36.75
C VAL B 412 -50.03 -57.07 -37.03
N VAL B 413 -49.92 -56.20 -36.03
CA VAL B 413 -50.35 -54.82 -36.15
C VAL B 413 -49.11 -53.96 -36.16
N MSE B 414 -49.01 -53.07 -37.14
CA MSE B 414 -47.88 -52.15 -37.16
C MSE B 414 -48.35 -50.71 -37.19
O MSE B 414 -49.24 -50.35 -37.95
CB MSE B 414 -46.98 -52.43 -38.36
CG MSE B 414 -45.86 -51.43 -38.48
SE MSE B 414 -44.60 -51.76 -40.00
CE MSE B 414 -45.55 -52.60 -41.07
N VAL B 415 -47.77 -49.86 -36.34
CA VAL B 415 -48.08 -48.45 -36.39
C VAL B 415 -46.82 -47.62 -36.47
N HIS B 416 -46.78 -46.74 -37.46
CA HIS B 416 -45.71 -45.77 -37.56
C HIS B 416 -46.21 -44.35 -37.32
N LEU B 417 -45.57 -43.66 -36.38
CA LEU B 417 -45.86 -42.27 -36.16
C LEU B 417 -44.68 -41.42 -36.64
N CYS B 418 -44.94 -40.40 -37.47
CA CYS B 418 -43.88 -39.50 -37.87
C CYS B 418 -44.31 -38.05 -37.76
N SER B 419 -43.43 -37.26 -37.15
CA SER B 419 -43.70 -35.87 -36.89
C SER B 419 -42.41 -35.08 -36.80
N THR B 420 -42.53 -33.77 -36.76
CA THR B 420 -41.36 -32.94 -36.52
C THR B 420 -41.11 -33.05 -35.04
N LYS B 421 -42.07 -33.63 -34.33
CA LYS B 421 -41.81 -33.91 -32.91
C LYS B 421 -42.55 -35.11 -32.39
N ILE B 422 -41.81 -36.15 -32.05
CA ILE B 422 -42.42 -37.34 -31.46
C ILE B 422 -42.33 -37.07 -29.98
N PRO B 423 -43.43 -37.19 -29.25
CA PRO B 423 -43.39 -36.94 -27.80
C PRO B 423 -43.04 -38.20 -26.99
N TYR B 424 -41.77 -38.49 -26.77
CA TYR B 424 -41.42 -39.69 -26.02
C TYR B 424 -41.67 -39.53 -24.55
N LYS B 425 -41.94 -40.64 -23.87
CA LYS B 425 -42.12 -40.64 -22.41
C LYS B 425 -40.82 -40.42 -21.64
N SER B 426 -39.70 -40.68 -22.30
CA SER B 426 -38.36 -40.52 -21.71
C SER B 426 -37.39 -40.17 -22.80
N ALA B 427 -36.28 -39.60 -22.39
CA ALA B 427 -35.23 -39.20 -23.31
C ALA B 427 -34.49 -40.41 -23.89
N GLY B 428 -34.82 -41.61 -23.43
CA GLY B 428 -34.24 -42.81 -24.02
C GLY B 428 -34.97 -43.20 -25.29
N LYS B 429 -36.06 -42.50 -25.58
CA LYS B 429 -36.87 -42.71 -26.78
C LYS B 429 -37.42 -44.10 -27.03
N GLU B 430 -37.98 -44.74 -26.02
CA GLU B 430 -38.53 -46.07 -26.30
C GLU B 430 -40.04 -46.16 -26.42
N SER B 431 -40.78 -45.21 -25.87
CA SER B 431 -42.24 -45.23 -25.96
C SER B 431 -42.86 -43.86 -26.15
N ILE B 432 -44.00 -43.84 -26.80
CA ILE B 432 -44.70 -42.61 -27.09
C ILE B 432 -45.71 -42.24 -26.03
N ALA B 433 -45.64 -40.99 -25.58
CA ALA B 433 -46.55 -40.48 -24.54
C ALA B 433 -48.03 -40.39 -24.95
N GLU B 434 -48.90 -40.26 -23.95
CA GLU B 434 -50.33 -40.18 -24.14
C GLU B 434 -50.79 -38.78 -24.54
N VAL B 435 -50.64 -38.43 -25.81
CA VAL B 435 -51.09 -37.15 -26.30
C VAL B 435 -52.36 -37.34 -27.14
N GLU B 436 -53.44 -36.71 -26.70
CA GLU B 436 -54.79 -36.86 -27.26
C GLU B 436 -54.92 -36.83 -28.80
N ASP B 437 -54.36 -35.82 -29.46
CA ASP B 437 -54.51 -35.71 -30.90
C ASP B 437 -53.84 -36.90 -31.55
N ILE B 438 -52.75 -37.34 -30.96
CA ILE B 438 -52.06 -38.52 -31.45
C ILE B 438 -52.81 -39.85 -31.20
N GLU B 439 -53.27 -40.13 -29.98
CA GLU B 439 -54.06 -41.37 -29.73
C GLU B 439 -55.23 -41.45 -30.68
N LYS B 440 -55.94 -40.34 -30.79
CA LYS B 440 -57.10 -40.19 -31.67
C LYS B 440 -56.75 -40.56 -33.13
N GLU B 441 -55.69 -39.96 -33.68
CA GLU B 441 -55.33 -40.26 -35.05
C GLU B 441 -54.72 -41.68 -35.21
N ILE B 442 -54.11 -42.22 -34.15
CA ILE B 442 -53.64 -43.61 -34.26
C ILE B 442 -54.86 -44.53 -34.35
N LYS B 443 -55.87 -44.25 -33.55
CA LYS B 443 -57.09 -45.03 -33.60
C LYS B 443 -57.77 -44.94 -34.98
N ASN B 444 -57.78 -43.74 -35.56
CA ASN B 444 -58.31 -43.59 -36.92
C ASN B 444 -57.50 -44.40 -37.94
N ALA B 445 -56.20 -44.51 -37.76
CA ALA B 445 -55.42 -45.24 -38.76
C ALA B 445 -55.65 -46.74 -38.61
N LEU B 446 -55.62 -47.22 -37.38
CA LEU B 446 -55.88 -48.60 -37.10
C LEU B 446 -57.23 -49.06 -37.63
N MSE B 447 -58.27 -48.25 -37.39
CA MSE B 447 -59.59 -48.57 -37.89
C MSE B 447 -59.64 -48.65 -39.40
O MSE B 447 -60.38 -49.45 -39.95
CB MSE B 447 -60.65 -47.61 -37.34
CG MSE B 447 -61.10 -47.92 -35.92
SE MSE B 447 -62.36 -46.61 -35.25
CE MSE B 447 -62.58 -47.30 -33.58
N GLU B 448 -58.88 -47.81 -40.10
CA GLU B 448 -58.91 -47.94 -41.56
C GLU B 448 -58.42 -49.34 -41.95
N VAL B 449 -57.28 -49.78 -41.39
CA VAL B 449 -56.76 -51.10 -41.70
C VAL B 449 -57.59 -52.26 -41.13
N ALA B 450 -58.23 -52.06 -39.99
CA ALA B 450 -59.09 -53.08 -39.44
C ALA B 450 -60.27 -53.34 -40.38
N ARG B 451 -60.83 -52.27 -40.92
CA ARG B 451 -61.90 -52.42 -41.90
C ARG B 451 -61.45 -53.18 -43.16
N LYS B 452 -60.23 -52.92 -43.65
CA LYS B 452 -59.70 -53.63 -44.82
C LYS B 452 -59.55 -55.11 -44.48
N LEU B 453 -59.32 -55.39 -43.22
CA LEU B 453 -59.21 -56.76 -42.76
C LEU B 453 -60.61 -57.36 -42.65
N LYS B 454 -61.54 -56.56 -42.11
CA LYS B 454 -62.91 -56.99 -41.90
C LYS B 454 -63.50 -57.56 -43.18
N GLN B 455 -63.25 -56.86 -44.28
CA GLN B 455 -63.69 -57.30 -45.60
C GLN B 455 -63.10 -58.68 -45.89
N TYR B 456 -61.78 -58.78 -45.89
CA TYR B 456 -61.12 -60.05 -46.15
C TYR B 456 -61.73 -61.19 -45.35
N LEU B 457 -61.68 -61.11 -44.02
CA LEU B 457 -62.20 -62.19 -43.18
C LEU B 457 -63.64 -62.53 -43.50
N SER B 458 -64.31 -61.63 -44.21
CA SER B 458 -65.68 -61.86 -44.61
C SER B 458 -65.65 -62.51 -46.00
N GLU B 459 -64.66 -62.11 -46.80
CA GLU B 459 -64.46 -62.64 -48.15
C GLU B 459 -63.92 -64.07 -48.12
N LYS B 460 -62.87 -64.30 -47.33
CA LYS B 460 -62.23 -65.61 -47.23
C LYS B 460 -63.07 -66.63 -46.45
N LYS C 6 24.38 35.69 58.47
CA LYS C 6 25.39 35.96 57.40
C LYS C 6 26.03 34.69 56.82
N GLU C 7 26.39 34.75 55.53
CA GLU C 7 27.06 33.67 54.83
C GLU C 7 28.43 33.34 55.48
N LYS C 8 28.68 32.07 55.80
CA LYS C 8 30.00 31.68 56.29
C LYS C 8 30.68 30.82 55.26
N PHE C 9 31.89 31.16 54.85
CA PHE C 9 32.56 30.37 53.82
C PHE C 9 33.52 29.35 54.44
N THR C 10 33.46 28.11 53.95
CA THR C 10 34.38 27.06 54.42
C THR C 10 34.77 26.14 53.27
N SER C 11 35.87 25.43 53.42
CA SER C 11 36.25 24.52 52.38
C SER C 11 36.15 23.09 52.85
N LEU C 12 36.16 22.16 51.92
CA LEU C 12 36.08 20.75 52.28
C LEU C 12 37.27 20.00 51.71
N SER C 13 37.68 18.94 52.41
CA SER C 13 38.63 18.02 51.83
C SER C 13 37.79 17.04 51.03
N PRO C 14 38.41 16.36 50.07
CA PRO C 14 37.68 15.39 49.24
C PRO C 14 37.02 14.29 50.08
N ALA C 15 37.59 13.93 51.21
CA ALA C 15 36.98 12.87 52.02
C ALA C 15 35.70 13.37 52.68
N GLU C 16 35.73 14.62 53.09
CA GLU C 16 34.55 15.25 53.68
C GLU C 16 33.42 15.34 52.66
N PHE C 17 33.77 15.68 51.43
CA PHE C 17 32.79 15.82 50.38
C PHE C 17 32.00 14.53 50.26
N PHE C 18 32.71 13.41 50.08
CA PHE C 18 32.08 12.13 49.88
C PHE C 18 31.39 11.56 51.14
N LYS C 19 31.86 11.98 52.29
CA LYS C 19 31.24 11.61 53.54
C LYS C 19 29.88 12.32 53.71
N ARG C 20 29.78 13.56 53.19
CA ARG C 20 28.51 14.30 53.22
C ARG C 20 27.57 13.78 52.16
N ASN C 21 28.12 13.32 51.04
CA ASN C 21 27.30 12.93 49.90
C ASN C 21 27.65 11.55 49.39
N PRO C 22 27.46 10.52 50.22
CA PRO C 22 27.84 9.15 49.85
C PRO C 22 27.04 8.69 48.62
N GLU C 23 25.87 9.27 48.37
CA GLU C 23 25.06 8.86 47.21
C GLU C 23 25.87 9.06 45.91
N LEU C 24 26.67 10.11 45.88
CA LEU C 24 27.52 10.41 44.75
C LEU C 24 28.46 9.28 44.42
N ALA C 25 28.79 8.43 45.40
CA ALA C 25 29.74 7.34 45.13
C ALA C 25 29.06 5.99 44.98
N GLY C 26 27.74 5.96 45.03
CA GLY C 26 27.04 4.70 44.95
C GLY C 26 26.62 4.11 46.29
N PHE C 27 26.53 4.94 47.34
CA PHE C 27 26.11 4.43 48.66
C PHE C 27 24.89 5.18 49.23
N PRO C 28 23.82 5.22 48.47
CA PRO C 28 22.59 5.86 48.90
C PRO C 28 21.79 5.05 49.96
N ASN C 29 21.89 3.73 49.92
CA ASN C 29 21.20 2.86 50.87
C ASN C 29 21.98 1.56 51.10
N PRO C 30 21.66 0.84 52.18
CA PRO C 30 22.44 -0.37 52.53
C PRO C 30 22.46 -1.44 51.45
N ALA C 31 21.37 -1.69 50.77
CA ALA C 31 21.40 -2.73 49.72
C ALA C 31 22.37 -2.33 48.60
N ARG C 32 22.27 -1.10 48.13
CA ARG C 32 23.15 -0.61 47.08
C ARG C 32 24.59 -0.59 47.59
N ALA C 33 24.76 -0.23 48.85
CA ALA C 33 26.09 -0.16 49.47
C ALA C 33 26.76 -1.53 49.60
N LEU C 34 25.96 -2.55 49.87
CA LEU C 34 26.49 -3.89 50.00
C LEU C 34 26.96 -4.30 48.60
N TYR C 35 26.14 -4.00 47.60
CA TYR C 35 26.45 -4.31 46.22
C TYR C 35 27.64 -3.50 45.72
N GLN C 36 27.65 -2.21 46.04
CA GLN C 36 28.74 -1.37 45.60
C GLN C 36 30.09 -1.83 46.19
N THR C 37 30.10 -2.19 47.47
CA THR C 37 31.32 -2.60 48.15
C THR C 37 31.88 -3.90 47.55
N VAL C 38 31.00 -4.84 47.27
CA VAL C 38 31.44 -6.11 46.73
C VAL C 38 32.10 -5.92 45.38
N ARG C 39 31.40 -5.17 44.55
CA ARG C 39 31.75 -4.80 43.21
C ARG C 39 33.11 -4.06 43.16
N GLU C 40 33.27 -3.05 44.00
CA GLU C 40 34.51 -2.29 44.02
C GLU C 40 35.71 -3.18 44.34
N LEU C 41 35.54 -4.04 45.35
CA LEU C 41 36.58 -4.95 45.79
C LEU C 41 36.92 -5.92 44.65
N ILE C 42 35.89 -6.46 44.02
CA ILE C 42 36.07 -7.36 42.88
C ILE C 42 36.87 -6.70 41.75
N GLU C 43 36.48 -5.47 41.41
CA GLU C 43 37.16 -4.71 40.36
C GLU C 43 38.63 -4.37 40.70
N ASN C 44 38.91 -4.07 41.95
CA ASN C 44 40.29 -3.84 42.33
C ASN C 44 41.12 -5.14 42.18
N SER C 45 40.51 -6.28 42.48
CA SER C 45 41.19 -7.57 42.40
C SER C 45 41.42 -7.97 40.97
N LEU C 46 40.46 -7.72 40.10
CA LEU C 46 40.66 -8.00 38.67
C LEU C 46 41.72 -7.11 38.04
N ASP C 47 41.75 -5.82 38.40
CA ASP C 47 42.79 -4.92 37.91
C ASP C 47 44.18 -5.37 38.36
N ALA C 48 44.26 -5.88 39.60
CA ALA C 48 45.53 -6.36 40.15
C ALA C 48 45.97 -7.71 39.60
N THR C 49 45.10 -8.34 38.82
CA THR C 49 45.42 -9.66 38.27
C THR C 49 45.58 -9.62 36.76
N ASP C 50 44.48 -9.62 36.03
CA ASP C 50 44.56 -9.72 34.58
C ASP C 50 45.26 -8.54 33.89
N VAL C 51 45.40 -7.42 34.58
CA VAL C 51 46.12 -6.30 33.99
C VAL C 51 47.61 -6.58 34.00
N HIS C 52 48.02 -7.51 34.84
CA HIS C 52 49.42 -7.86 34.93
C HIS C 52 49.69 -9.31 34.52
N GLY C 53 48.84 -9.84 33.65
CA GLY C 53 49.03 -11.19 33.12
C GLY C 53 48.79 -12.37 34.05
N ILE C 54 48.10 -12.15 35.18
CA ILE C 54 47.83 -13.21 36.14
C ILE C 54 46.40 -13.71 35.98
N LEU C 55 46.23 -15.01 35.72
CA LEU C 55 44.87 -15.57 35.69
C LEU C 55 44.23 -15.42 37.07
N PRO C 56 43.12 -14.72 37.15
CA PRO C 56 42.53 -14.38 38.45
C PRO C 56 41.89 -15.53 39.22
N ASN C 57 42.18 -15.58 40.51
CA ASN C 57 41.48 -16.47 41.44
C ASN C 57 40.98 -15.57 42.56
N ILE C 58 39.67 -15.46 42.72
CA ILE C 58 39.12 -14.53 43.66
C ILE C 58 38.09 -15.19 44.50
N LYS C 59 38.21 -15.02 45.82
CA LYS C 59 37.25 -15.56 46.78
C LYS C 59 36.51 -14.38 47.41
N ILE C 60 35.21 -14.30 47.19
CA ILE C 60 34.43 -13.26 47.82
C ILE C 60 33.60 -13.89 48.92
N THR C 61 33.61 -13.29 50.12
CA THR C 61 32.71 -13.75 51.17
C THR C 61 32.02 -12.57 51.86
N ILE C 62 30.81 -12.80 52.30
CA ILE C 62 30.04 -11.78 52.97
C ILE C 62 29.45 -12.47 54.17
N ASP C 63 29.81 -12.04 55.37
CA ASP C 63 29.28 -12.66 56.58
C ASP C 63 28.38 -11.67 57.28
N LEU C 64 27.32 -12.17 57.88
CA LEU C 64 26.49 -11.34 58.71
C LEU C 64 27.20 -11.39 60.05
N ILE C 65 27.49 -10.24 60.65
CA ILE C 65 28.17 -10.30 61.94
C ILE C 65 27.25 -9.88 63.04
N ASP C 66 26.31 -9.01 62.70
CA ASP C 66 25.35 -8.52 63.66
C ASP C 66 23.98 -8.36 63.00
N ASP C 67 23.08 -9.29 63.28
CA ASP C 67 21.74 -9.31 62.70
C ASP C 67 20.95 -8.05 63.01
N ALA C 68 20.83 -7.77 64.30
CA ALA C 68 20.10 -6.61 64.78
C ALA C 68 20.51 -5.30 64.09
N ARG C 69 21.82 -5.06 63.99
CA ARG C 69 22.32 -3.84 63.36
C ARG C 69 22.57 -4.00 61.85
N GLN C 70 22.26 -5.18 61.32
CA GLN C 70 22.43 -5.42 59.88
C GLN C 70 23.83 -5.01 59.38
N ILE C 71 24.86 -5.55 60.02
CA ILE C 71 26.24 -5.30 59.63
C ILE C 71 26.83 -6.52 58.96
N TYR C 72 27.40 -6.32 57.78
CA TYR C 72 28.03 -7.39 57.05
C TYR C 72 29.49 -7.11 56.90
N LYS C 73 30.29 -8.18 56.89
CA LYS C 73 31.73 -8.06 56.67
C LYS C 73 31.96 -8.65 55.29
N VAL C 74 32.50 -7.84 54.40
CA VAL C 74 32.76 -8.25 53.05
C VAL C 74 34.26 -8.44 52.89
N ASN C 75 34.65 -9.58 52.34
CA ASN C 75 36.05 -9.94 52.20
C ASN C 75 36.32 -10.43 50.80
N VAL C 76 37.37 -9.86 50.19
CA VAL C 76 37.78 -10.32 48.89
C VAL C 76 39.27 -10.60 48.91
N VAL C 77 39.61 -11.82 48.50
CA VAL C 77 40.96 -12.31 48.46
C VAL C 77 41.30 -12.60 46.99
N ASP C 78 42.46 -12.13 46.55
CA ASP C 78 42.89 -12.38 45.18
C ASP C 78 44.32 -12.85 45.13
N ASN C 79 44.79 -13.22 43.95
CA ASN C 79 46.18 -13.60 43.78
C ASN C 79 46.85 -12.58 42.89
N GLY C 80 46.62 -11.29 43.15
CA GLY C 80 47.16 -10.23 42.31
C GLY C 80 48.56 -9.80 42.70
N ILE C 81 48.98 -8.65 42.17
CA ILE C 81 50.35 -8.15 42.45
C ILE C 81 50.51 -7.60 43.86
N GLY C 82 49.42 -7.54 44.60
CA GLY C 82 49.51 -7.03 45.95
C GLY C 82 49.85 -5.54 45.95
N ILE C 83 50.13 -4.98 47.12
CA ILE C 83 50.42 -3.55 47.26
C ILE C 83 51.65 -3.31 48.12
N PRO C 84 52.64 -2.57 47.60
CA PRO C 84 53.83 -2.21 48.36
C PRO C 84 53.41 -1.64 49.69
N PRO C 85 54.01 -2.20 50.72
CA PRO C 85 53.74 -1.82 52.12
C PRO C 85 53.56 -0.34 52.29
N GLN C 86 54.47 0.46 51.78
CA GLN C 86 54.41 1.89 52.06
C GLN C 86 53.27 2.62 51.33
N GLU C 87 52.70 2.00 50.31
CA GLU C 87 51.57 2.61 49.59
C GLU C 87 50.19 2.22 50.19
N VAL C 88 50.15 1.21 51.03
CA VAL C 88 48.85 0.74 51.51
C VAL C 88 47.98 1.78 52.24
N PRO C 89 48.55 2.54 53.18
CA PRO C 89 47.73 3.48 53.96
C PRO C 89 47.06 4.49 53.03
N ASN C 90 47.81 5.07 52.09
CA ASN C 90 47.25 6.05 51.17
C ASN C 90 46.25 5.43 50.16
N ALA C 91 46.60 4.26 49.64
CA ALA C 91 45.72 3.52 48.72
C ALA C 91 44.34 3.26 49.28
N PHE C 92 44.25 3.01 50.58
CA PHE C 92 42.96 2.67 51.15
C PHE C 92 42.41 3.77 52.03
N GLY C 93 43.21 4.79 52.30
CA GLY C 93 42.79 5.82 53.22
C GLY C 93 42.95 7.27 52.82
N ARG C 94 43.37 7.54 51.58
CA ARG C 94 43.41 8.89 51.07
C ARG C 94 42.52 8.93 49.82
N VAL C 95 41.40 9.64 49.91
CA VAL C 95 40.47 9.80 48.80
C VAL C 95 41.16 10.55 47.70
N LEU C 96 41.03 10.05 46.48
CA LEU C 96 41.68 10.59 45.30
C LEU C 96 43.17 10.22 45.24
N TYR C 97 43.45 8.95 45.47
CA TYR C 97 44.80 8.41 45.37
C TYR C 97 44.67 7.12 44.58
N SER C 98 45.52 6.91 43.58
CA SER C 98 45.27 5.79 42.70
C SER C 98 46.50 5.40 41.88
N SER C 99 46.52 4.17 41.39
CA SER C 99 47.54 3.80 40.43
C SER C 99 46.92 3.78 39.06
N LYS C 100 45.70 4.31 38.95
CA LYS C 100 44.97 4.25 37.68
C LYS C 100 44.68 5.58 36.98
N TYR C 101 45.40 6.62 37.36
CA TYR C 101 45.28 7.90 36.69
C TYR C 101 46.02 7.90 35.36
N VAL C 102 46.97 7.00 35.23
CA VAL C 102 47.68 6.84 33.98
C VAL C 102 46.71 6.41 32.88
N ASN C 103 47.03 6.80 31.65
CA ASN C 103 46.20 6.56 30.47
C ASN C 103 46.23 5.09 30.01
N ARG C 104 45.34 4.27 30.58
CA ARG C 104 45.31 2.83 30.33
C ARG C 104 43.90 2.33 30.64
N GLN C 105 43.45 1.30 29.94
CA GLN C 105 42.13 0.72 30.22
C GLN C 105 42.10 -0.14 31.47
N THR C 106 41.58 0.39 32.58
CA THR C 106 41.41 -0.43 33.77
C THR C 106 39.97 -0.32 34.24
N ARG C 107 39.55 -1.18 35.14
CA ARG C 107 38.18 -1.12 35.65
C ARG C 107 38.06 0.11 36.57
N GLY C 108 39.11 0.38 37.35
CA GLY C 108 39.12 1.51 38.27
C GLY C 108 39.64 2.76 37.57
N MSE C 109 39.27 3.93 38.08
CA MSE C 109 39.60 5.16 37.37
C MSE C 109 39.60 6.41 38.22
O MSE C 109 40.30 7.37 37.90
CB MSE C 109 38.63 5.36 36.16
CG MSE C 109 37.20 5.58 36.55
SE MSE C 109 36.09 6.09 35.05
CE MSE C 109 36.95 4.69 33.64
N TYR C 110 38.83 6.42 39.31
CA TYR C 110 38.73 7.60 40.14
C TYR C 110 39.73 7.73 41.31
N GLY C 111 40.19 6.61 41.83
CA GLY C 111 41.00 6.65 43.03
C GLY C 111 40.08 6.88 44.20
N LEU C 112 38.84 6.39 44.08
CA LEU C 112 37.83 6.66 45.07
C LEU C 112 37.16 5.42 45.65
N GLY C 113 36.88 4.46 44.81
CA GLY C 113 36.03 3.31 45.13
C GLY C 113 36.14 2.66 46.49
N VAL C 114 37.32 2.13 46.82
CA VAL C 114 37.41 1.41 48.08
C VAL C 114 37.34 2.41 49.23
N LYS C 115 37.76 3.65 48.98
CA LYS C 115 37.70 4.65 50.02
C LYS C 115 36.25 5.08 50.31
N ALA C 116 35.38 5.03 49.29
CA ALA C 116 33.95 5.31 49.54
C ALA C 116 33.36 4.25 50.47
N ALA C 117 33.71 2.99 50.25
CA ALA C 117 33.26 1.92 51.13
C ALA C 117 33.81 2.15 52.53
N VAL C 118 35.08 2.54 52.60
CA VAL C 118 35.67 2.72 53.91
C VAL C 118 34.95 3.85 54.66
N LEU C 119 34.64 4.94 53.95
CA LEU C 119 33.93 6.06 54.58
C LEU C 119 32.57 5.60 55.06
N TYR C 120 31.87 4.84 54.23
CA TYR C 120 30.55 4.37 54.61
C TYR C 120 30.66 3.48 55.84
N SER C 121 31.77 2.77 55.95
CA SER C 121 32.01 1.88 57.06
C SER C 121 32.14 2.61 58.37
N GLN C 122 32.93 3.69 58.38
CA GLN C 122 33.16 4.51 59.56
C GLN C 122 31.91 5.28 59.97
N MSE C 123 31.10 5.64 58.98
CA MSE C 123 29.88 6.38 59.25
C MSE C 123 28.89 5.54 60.08
O MSE C 123 28.12 6.07 60.87
CB MSE C 123 29.18 6.82 57.96
CG MSE C 123 29.93 7.88 57.14
SE MSE C 123 28.90 8.40 55.52
CE MSE C 123 27.57 9.28 56.31
N HIS C 124 28.94 4.24 59.92
CA HIS C 124 27.91 3.42 60.52
C HIS C 124 28.35 2.36 61.53
N GLN C 125 29.65 2.16 61.67
CA GLN C 125 30.17 1.02 62.40
C GLN C 125 31.58 1.33 62.95
N ASP C 126 32.05 0.54 63.93
CA ASP C 126 33.30 0.72 64.71
C ASP C 126 34.60 0.16 64.16
N LYS C 127 34.51 -0.96 63.48
CA LYS C 127 35.71 -1.68 63.13
C LYS C 127 36.42 -1.21 61.90
N PRO C 128 37.75 -1.03 62.04
CA PRO C 128 38.59 -0.52 60.97
C PRO C 128 38.64 -1.52 59.85
N ILE C 129 38.97 -1.07 58.65
CA ILE C 129 39.09 -1.96 57.54
C ILE C 129 40.38 -2.74 57.72
N GLU C 130 40.39 -3.98 57.23
CA GLU C 130 41.53 -4.88 57.35
C GLU C 130 42.11 -5.17 55.98
N ILE C 131 43.43 -5.09 55.88
CA ILE C 131 44.14 -5.33 54.64
C ILE C 131 45.37 -6.24 54.86
N GLU C 132 45.45 -7.33 54.10
CA GLU C 132 46.62 -8.18 54.12
C GLU C 132 47.17 -8.31 52.70
N THR C 133 48.46 -8.04 52.53
CA THR C 133 49.02 -8.07 51.18
C THR C 133 50.44 -8.59 51.11
N SER C 134 50.74 -9.21 49.96
CA SER C 134 52.06 -9.79 49.72
C SER C 134 52.45 -9.64 48.26
N PRO C 135 53.26 -8.64 47.96
CA PRO C 135 53.71 -8.41 46.57
C PRO C 135 54.53 -9.59 46.06
N VAL C 136 54.89 -9.57 44.78
CA VAL C 136 55.68 -10.64 44.15
C VAL C 136 56.97 -10.99 44.92
N ASN C 137 57.20 -12.28 45.15
CA ASN C 137 58.38 -12.79 45.89
C ASN C 137 58.86 -11.97 47.10
N SER C 138 57.91 -11.60 47.96
CA SER C 138 58.22 -10.90 49.19
C SER C 138 58.28 -11.90 50.33
N LYS C 139 59.23 -11.71 51.23
CA LYS C 139 59.36 -12.64 52.34
C LYS C 139 58.35 -12.39 53.44
N ARG C 140 57.51 -11.39 53.27
CA ARG C 140 56.55 -11.08 54.32
C ARG C 140 55.12 -10.75 53.86
N ILE C 141 54.14 -11.17 54.64
CA ILE C 141 52.76 -10.75 54.40
C ILE C 141 52.53 -9.58 55.33
N TYR C 142 52.21 -8.43 54.77
CA TYR C 142 52.05 -7.24 55.58
C TYR C 142 50.60 -7.02 55.94
N THR C 143 50.35 -6.62 57.17
CA THR C 143 48.96 -6.48 57.59
C THR C 143 48.64 -5.09 58.13
N PHE C 144 47.45 -4.61 57.83
CA PHE C 144 47.07 -3.27 58.23
C PHE C 144 45.66 -3.18 58.75
N LYS C 145 45.45 -2.22 59.62
CA LYS C 145 44.13 -1.79 60.04
C LYS C 145 44.14 -0.27 60.01
N LEU C 146 43.17 0.32 59.30
CA LEU C 146 43.12 1.76 59.19
C LEU C 146 41.74 2.36 59.17
N LYS C 147 41.72 3.66 59.45
CA LYS C 147 40.57 4.51 59.35
C LYS C 147 41.03 5.68 58.50
N ILE C 148 40.13 6.61 58.24
CA ILE C 148 40.48 7.76 57.47
C ILE C 148 40.17 8.93 58.34
N ASP C 149 41.12 9.87 58.41
CA ASP C 149 40.92 11.14 59.07
C ASP C 149 40.19 12.05 58.06
N ILE C 150 38.88 12.05 58.07
CA ILE C 150 38.14 12.75 57.03
C ILE C 150 38.50 14.22 56.90
N ASN C 151 38.56 14.93 58.02
CA ASN C 151 38.95 16.34 57.95
C ASN C 151 40.27 16.55 57.24
N LYS C 152 41.25 15.67 57.46
CA LYS C 152 42.54 15.85 56.79
C LYS C 152 42.65 15.04 55.50
N ASN C 153 41.68 14.17 55.25
CA ASN C 153 41.80 13.22 54.16
C ASN C 153 43.15 12.51 54.21
N GLU C 154 43.48 11.97 55.38
CA GLU C 154 44.66 11.11 55.49
C GLU C 154 44.36 9.85 56.25
N PRO C 155 45.11 8.82 55.95
CA PRO C 155 45.01 7.54 56.64
C PRO C 155 45.47 7.63 58.08
N ILE C 156 44.80 6.86 58.94
CA ILE C 156 45.20 6.65 60.33
C ILE C 156 45.49 5.15 60.45
N ILE C 157 46.75 4.81 60.77
CA ILE C 157 47.12 3.41 60.91
C ILE C 157 46.82 2.95 62.32
N VAL C 158 45.78 2.14 62.44
CA VAL C 158 45.35 1.65 63.74
C VAL C 158 46.24 0.52 64.21
N GLU C 159 46.54 -0.38 63.29
CA GLU C 159 47.37 -1.53 63.58
C GLU C 159 48.19 -1.82 62.35
N ARG C 160 49.40 -2.30 62.55
CA ARG C 160 50.33 -2.51 61.46
C ARG C 160 51.23 -3.66 61.86
N GLY C 161 51.57 -4.51 60.90
CA GLY C 161 52.43 -5.64 61.20
C GLY C 161 52.80 -6.49 60.01
N SER C 162 53.63 -7.51 60.25
CA SER C 162 54.04 -8.42 59.20
C SER C 162 54.29 -9.81 59.74
N VAL C 163 53.91 -10.80 58.96
CA VAL C 163 54.15 -12.17 59.31
C VAL C 163 54.98 -12.76 58.20
N GLU C 164 55.61 -13.90 58.47
CA GLU C 164 56.47 -14.56 57.52
C GLU C 164 55.62 -15.32 56.50
N ASN C 165 55.96 -15.17 55.22
CA ASN C 165 55.22 -15.88 54.19
C ASN C 165 55.74 -17.31 54.07
N THR C 166 54.89 -18.27 54.42
CA THR C 166 55.29 -19.69 54.47
C THR C 166 55.04 -20.52 53.21
N ARG C 167 53.81 -20.54 52.72
CA ARG C 167 53.48 -21.41 51.60
C ARG C 167 53.01 -20.72 50.31
N GLY C 168 53.77 -19.75 49.82
CA GLY C 168 53.43 -19.09 48.56
C GLY C 168 52.15 -18.28 48.62
N PHE C 169 52.27 -16.99 48.37
CA PHE C 169 51.12 -16.11 48.50
C PHE C 169 51.44 -14.71 48.06
N HIS C 170 51.20 -14.39 46.79
CA HIS C 170 51.14 -13.01 46.38
C HIS C 170 49.67 -12.68 46.18
N GLY C 171 49.26 -11.48 46.58
CA GLY C 171 47.89 -11.08 46.44
C GLY C 171 47.46 -10.25 47.62
N THR C 172 46.16 -10.02 47.71
CA THR C 172 45.61 -9.14 48.71
C THR C 172 44.28 -9.65 49.23
N SER C 173 44.08 -9.46 50.51
CA SER C 173 42.79 -9.68 51.14
C SER C 173 42.35 -8.35 51.70
N VAL C 174 41.08 -8.01 51.51
CA VAL C 174 40.52 -6.78 52.02
C VAL C 174 39.25 -7.13 52.75
N ALA C 175 39.07 -6.60 53.95
CA ALA C 175 37.85 -6.88 54.70
C ALA C 175 37.27 -5.62 55.29
N ILE C 176 35.98 -5.39 55.05
CA ILE C 176 35.34 -4.13 55.42
C ILE C 176 33.98 -4.44 55.98
N SER C 177 33.61 -3.75 57.06
CA SER C 177 32.33 -3.97 57.72
C SER C 177 31.36 -2.85 57.42
N ILE C 178 30.24 -3.18 56.80
CA ILE C 178 29.27 -2.16 56.42
C ILE C 178 27.85 -2.54 56.71
N PRO C 179 26.99 -1.55 56.82
CA PRO C 179 25.56 -1.83 56.86
C PRO C 179 25.20 -2.38 55.48
N GLY C 180 24.24 -3.29 55.41
CA GLY C 180 23.78 -3.80 54.14
C GLY C 180 22.36 -4.32 54.25
N ASP C 181 21.77 -4.69 53.12
CA ASP C 181 20.43 -5.29 53.09
C ASP C 181 20.52 -6.46 52.10
N TRP C 182 20.91 -7.63 52.61
CA TRP C 182 21.18 -8.78 51.75
C TRP C 182 20.01 -9.19 50.88
N PRO C 183 18.82 -9.35 51.46
CA PRO C 183 17.67 -9.78 50.66
C PRO C 183 17.43 -8.84 49.49
N LYS C 184 17.60 -7.54 49.71
CA LYS C 184 17.38 -6.60 48.61
C LYS C 184 18.50 -6.60 47.58
N ALA C 185 19.73 -6.85 48.02
CA ALA C 185 20.89 -6.83 47.11
C ALA C 185 21.18 -8.19 46.49
N LYS C 186 20.64 -9.23 47.10
CA LYS C 186 20.95 -10.59 46.70
C LYS C 186 20.99 -10.82 45.19
N SER C 187 19.91 -10.49 44.49
CA SER C 187 19.82 -10.84 43.08
C SER C 187 20.75 -10.05 42.18
N ARG C 188 21.07 -8.82 42.58
CA ARG C 188 21.97 -8.01 41.79
C ARG C 188 23.45 -8.36 42.02
N ILE C 189 23.79 -8.78 43.24
CA ILE C 189 25.15 -9.23 43.50
C ILE C 189 25.44 -10.48 42.68
N TYR C 190 24.53 -11.46 42.73
CA TYR C 190 24.65 -12.69 41.94
C TYR C 190 24.75 -12.39 40.45
N GLU C 191 23.93 -11.46 39.99
CA GLU C 191 23.91 -11.16 38.59
C GLU C 191 25.25 -10.52 38.15
N TYR C 192 25.81 -9.64 38.95
CA TYR C 192 27.08 -9.02 38.62
C TYR C 192 28.18 -10.09 38.53
N ILE C 193 28.21 -10.98 39.52
CA ILE C 193 29.22 -12.02 39.51
C ILE C 193 29.01 -12.92 38.29
N LYS C 194 27.79 -13.37 38.09
CA LYS C 194 27.51 -14.22 36.95
C LYS C 194 27.91 -13.55 35.64
N ARG C 195 27.49 -12.31 35.46
CA ARG C 195 27.80 -11.58 34.24
C ARG C 195 29.30 -11.26 34.06
N THR C 196 30.02 -11.08 35.14
CA THR C 196 31.46 -10.91 35.06
C THR C 196 32.11 -12.23 34.59
N TYR C 197 31.71 -13.33 35.19
CA TYR C 197 32.25 -14.63 34.87
C TYR C 197 32.07 -15.00 33.39
N ILE C 198 30.87 -14.78 32.87
CA ILE C 198 30.60 -15.13 31.48
C ILE C 198 31.63 -14.54 30.52
N ILE C 199 32.09 -13.30 30.76
CA ILE C 199 33.03 -12.64 29.84
C ILE C 199 34.47 -12.71 30.33
N THR C 200 34.70 -13.46 31.40
CA THR C 200 36.04 -13.61 31.99
C THR C 200 36.29 -15.09 32.26
N PRO C 201 36.33 -15.91 31.22
CA PRO C 201 36.44 -17.36 31.41
C PRO C 201 37.83 -17.78 31.88
N TYR C 202 38.74 -16.81 31.98
CA TYR C 202 40.10 -17.11 32.41
C TYR C 202 40.19 -16.91 33.91
N ALA C 203 39.12 -16.42 34.50
CA ALA C 203 39.11 -16.17 35.93
C ALA C 203 38.43 -17.31 36.67
N GLU C 204 38.69 -17.43 37.96
CA GLU C 204 38.02 -18.41 38.78
C GLU C 204 37.55 -17.69 40.03
N PHE C 205 36.25 -17.70 40.28
CA PHE C 205 35.74 -17.04 41.48
C PHE C 205 35.16 -18.03 42.50
N ILE C 206 35.14 -17.62 43.74
CA ILE C 206 34.45 -18.37 44.76
C ILE C 206 33.54 -17.40 45.50
N PHE C 207 32.25 -17.73 45.62
CA PHE C 207 31.31 -16.86 46.32
C PHE C 207 30.61 -17.52 47.50
N LYS C 208 30.77 -16.92 48.68
CA LYS C 208 30.10 -17.35 49.91
C LYS C 208 29.24 -16.19 50.41
N ASP C 209 27.93 -16.33 50.32
CA ASP C 209 27.03 -15.25 50.73
C ASP C 209 26.68 -15.34 52.20
N PRO C 210 25.91 -14.37 52.71
CA PRO C 210 25.64 -14.28 54.14
C PRO C 210 24.65 -15.34 54.66
N GLU C 211 24.01 -16.07 53.75
CA GLU C 211 23.16 -17.19 54.15
C GLU C 211 24.06 -18.42 54.30
N GLY C 212 25.33 -18.25 53.92
CA GLY C 212 26.29 -19.33 54.01
C GLY C 212 26.35 -20.22 52.77
N ASN C 213 25.78 -19.76 51.67
CA ASN C 213 25.85 -20.50 50.40
C ASN C 213 27.16 -20.22 49.71
N VAL C 214 27.77 -21.27 49.19
CA VAL C 214 29.02 -21.13 48.48
C VAL C 214 28.82 -21.59 47.04
N THR C 215 29.20 -20.74 46.10
CA THR C 215 29.11 -21.10 44.70
C THR C 215 30.51 -21.04 44.05
N TYR C 216 30.79 -22.02 43.19
CA TYR C 216 32.07 -22.08 42.48
C TYR C 216 31.87 -21.76 41.00
N TYR C 217 32.86 -21.09 40.43
CA TYR C 217 32.85 -20.75 39.03
C TYR C 217 34.17 -21.24 38.46
N PRO C 218 34.17 -22.44 37.86
CA PRO C 218 35.37 -23.06 37.30
C PRO C 218 36.14 -22.13 36.35
N ARG C 219 37.40 -22.43 36.12
CA ARG C 219 38.19 -21.69 35.16
C ARG C 219 38.09 -22.44 33.85
N LEU C 220 37.47 -21.81 32.86
CA LEU C 220 37.22 -22.50 31.59
C LEU C 220 38.42 -22.53 30.65
N THR C 221 39.35 -21.57 30.82
CA THR C 221 40.51 -21.49 29.94
C THR C 221 41.76 -20.87 30.59
N ASN C 222 42.91 -21.16 30.03
CA ASN C 222 44.16 -20.64 30.56
C ASN C 222 44.68 -19.51 29.67
N LYS C 223 43.88 -19.16 28.67
CA LYS C 223 44.25 -18.10 27.74
C LYS C 223 43.80 -16.73 28.27
N ILE C 224 44.78 -15.88 28.61
CA ILE C 224 44.49 -14.52 29.05
C ILE C 224 44.76 -13.48 27.93
N PRO C 225 43.83 -12.53 27.75
CA PRO C 225 43.92 -11.38 26.79
C PRO C 225 45.12 -10.38 26.87
N LYS C 226 45.93 -10.12 25.84
CA LYS C 226 47.04 -9.15 26.02
C LYS C 226 46.63 -8.10 27.08
N PRO C 227 47.36 -7.98 28.19
CA PRO C 227 47.18 -6.83 29.10
C PRO C 227 47.13 -5.50 28.38
N PRO C 228 46.23 -4.63 28.83
CA PRO C 228 46.22 -3.26 28.35
C PRO C 228 47.44 -2.61 28.94
N GLN C 229 48.08 -1.76 28.16
CA GLN C 229 49.23 -1.03 28.63
C GLN C 229 48.87 0.43 28.57
N GLU C 230 49.65 1.24 29.27
CA GLU C 230 49.54 2.68 29.21
C GLU C 230 49.86 3.08 27.77
N VAL C 231 49.12 4.05 27.23
CA VAL C 231 49.35 4.52 25.88
C VAL C 231 49.30 6.04 25.84
N LYS C 232 49.70 6.61 24.72
CA LYS C 232 49.67 8.04 24.56
C LYS C 232 48.27 8.44 24.14
N PRO C 233 47.89 9.66 24.45
CA PRO C 233 46.60 10.19 24.00
C PRO C 233 46.55 10.28 22.49
N HIS C 234 45.33 10.31 21.97
CA HIS C 234 45.09 10.55 20.56
C HIS C 234 44.76 12.01 20.59
N PRO C 235 45.18 12.76 19.59
CA PRO C 235 45.02 14.21 19.61
C PRO C 235 43.58 14.64 19.48
N TYR C 236 42.75 13.84 18.80
CA TYR C 236 41.36 14.25 18.59
C TYR C 236 40.61 14.45 19.94
N GLY C 237 40.22 15.69 20.22
CA GLY C 237 39.49 15.97 21.44
C GLY C 237 40.31 16.33 22.68
N VAL C 238 41.63 16.31 22.59
CA VAL C 238 42.49 16.72 23.68
C VAL C 238 42.17 18.20 23.96
N ASP C 239 42.00 18.57 25.23
CA ASP C 239 41.59 19.93 25.54
C ASP C 239 42.70 20.84 26.05
N ARG C 240 42.38 22.11 26.21
CA ARG C 240 43.38 23.13 26.61
C ARG C 240 44.15 22.79 27.89
N GLU C 241 43.45 22.31 28.88
CA GLU C 241 44.13 22.08 30.14
C GLU C 241 44.87 20.79 30.13
N GLU C 242 44.48 19.90 29.23
CA GLU C 242 45.18 18.64 29.09
C GLU C 242 46.53 18.87 28.41
N ILE C 243 46.56 19.79 27.45
CA ILE C 243 47.79 20.18 26.80
C ILE C 243 48.74 20.75 27.86
N LYS C 244 48.22 21.60 28.73
CA LYS C 244 49.03 22.17 29.82
C LYS C 244 49.57 21.09 30.77
N ILE C 245 48.81 20.03 30.98
CA ILE C 245 49.30 18.95 31.80
C ILE C 245 50.41 18.18 31.07
N LEU C 246 50.24 17.92 29.78
CA LEU C 246 51.27 17.24 29.02
C LEU C 246 52.58 18.04 29.05
N ILE C 247 52.45 19.36 28.93
CA ILE C 247 53.60 20.25 28.91
C ILE C 247 54.30 20.34 30.25
N ASN C 248 53.52 20.42 31.31
CA ASN C 248 54.09 20.53 32.65
C ASN C 248 54.83 19.27 33.02
N ASN C 249 54.38 18.14 32.47
CA ASN C 249 54.99 16.86 32.82
C ASN C 249 56.16 16.45 31.95
N LEU C 250 56.60 17.33 31.07
CA LEU C 250 57.70 17.01 30.18
C LEU C 250 59.01 16.94 30.93
N LYS C 251 59.87 16.01 30.52
CA LYS C 251 61.21 15.88 31.09
C LYS C 251 62.21 16.55 30.17
N ARG C 252 61.77 16.82 28.96
CA ARG C 252 62.63 17.43 27.97
C ARG C 252 62.10 18.80 27.59
N ASP C 253 62.96 19.61 26.98
CA ASP C 253 62.57 20.92 26.49
C ASP C 253 62.20 20.81 25.03
N TYR C 254 61.13 20.09 24.76
CA TYR C 254 60.68 19.85 23.39
C TYR C 254 60.22 21.10 22.64
N THR C 255 60.40 21.05 21.33
CA THR C 255 59.79 22.04 20.45
C THR C 255 58.38 21.56 20.20
N ILE C 256 57.56 22.41 19.59
CA ILE C 256 56.17 22.05 19.36
C ILE C 256 56.12 20.79 18.50
N LYS C 257 56.97 20.75 17.46
CA LYS C 257 56.94 19.61 16.56
C LYS C 257 57.33 18.34 17.30
N GLU C 258 58.35 18.42 18.13
CA GLU C 258 58.79 17.28 18.92
C GLU C 258 57.69 16.84 19.86
N PHE C 259 56.96 17.83 20.39
CA PHE C 259 55.90 17.60 21.34
C PHE C 259 54.80 16.81 20.63
N LEU C 260 54.43 17.29 19.45
CA LEU C 260 53.38 16.67 18.69
C LEU C 260 53.66 15.20 18.40
N VAL C 261 54.87 14.89 17.95
CA VAL C 261 55.14 13.50 17.60
C VAL C 261 55.48 12.56 18.74
N ASN C 262 56.05 13.09 19.82
CA ASN C 262 56.37 12.23 20.95
C ASN C 262 55.31 12.12 22.03
N GLU C 263 54.34 13.02 22.07
CA GLU C 263 53.41 12.96 23.16
C GLU C 263 52.09 12.37 22.73
N PHE C 264 51.90 12.25 21.42
CA PHE C 264 50.64 11.79 20.89
C PHE C 264 50.77 10.57 20.00
N GLN C 265 49.73 9.75 20.02
CA GLN C 265 49.51 8.62 19.10
C GLN C 265 48.99 9.20 17.78
N SER C 266 49.25 8.52 16.67
CA SER C 266 48.80 8.98 15.32
C SER C 266 49.40 10.29 14.83
N ILE C 267 50.49 10.72 15.43
CA ILE C 267 51.16 11.88 14.91
C ILE C 267 52.58 11.52 14.59
N GLY C 268 52.87 11.42 13.31
CA GLY C 268 54.23 11.18 12.87
C GLY C 268 54.82 12.49 12.35
N ASP C 269 55.97 12.41 11.74
CA ASP C 269 56.65 13.61 11.28
C ASP C 269 55.82 14.43 10.28
N THR C 270 55.24 13.76 9.31
CA THR C 270 54.45 14.44 8.30
C THR C 270 53.22 15.08 8.91
N THR C 271 52.42 14.28 9.63
CA THR C 271 51.19 14.78 10.22
C THR C 271 51.49 16.00 11.10
N ALA C 272 52.60 15.93 11.82
CA ALA C 272 52.96 17.05 12.69
C ALA C 272 53.24 18.31 11.87
N ASP C 273 53.78 18.15 10.67
CA ASP C 273 54.05 19.30 9.82
C ASP C 273 52.73 19.94 9.42
N LYS C 274 51.77 19.10 9.04
CA LYS C 274 50.44 19.56 8.66
C LYS C 274 49.73 20.30 9.77
N ILE C 275 49.73 19.71 10.97
CA ILE C 275 49.07 20.31 12.15
C ILE C 275 49.62 21.71 12.48
N LEU C 276 50.95 21.84 12.48
CA LEU C 276 51.59 23.10 12.79
C LEU C 276 51.27 24.14 11.76
N GLU C 277 51.23 23.70 10.51
CA GLU C 277 50.89 24.56 9.39
C GLU C 277 49.43 24.99 9.53
N LEU C 278 48.59 24.13 10.09
CA LEU C 278 47.17 24.47 10.17
C LEU C 278 46.88 25.34 11.39
N ALA C 279 47.64 25.11 12.45
CA ALA C 279 47.42 25.84 13.68
C ALA C 279 48.11 27.20 13.71
N GLY C 280 49.03 27.43 12.77
CA GLY C 280 49.78 28.69 12.76
C GLY C 280 50.86 28.71 13.84
N LEU C 281 51.56 27.60 14.00
CA LEU C 281 52.60 27.51 15.03
C LEU C 281 53.94 27.26 14.38
N LYS C 282 55.00 27.79 14.99
CA LYS C 282 56.34 27.55 14.49
C LYS C 282 56.91 26.27 15.05
N PRO C 283 57.37 25.42 14.14
CA PRO C 283 57.93 24.12 14.51
C PRO C 283 59.02 24.16 15.55
N ASN C 284 59.90 25.15 15.50
CA ASN C 284 61.01 25.15 16.43
C ASN C 284 60.79 25.95 17.70
N LYS C 285 59.57 26.45 17.89
CA LYS C 285 59.26 27.10 19.15
C LYS C 285 59.17 26.04 20.22
N LYS C 286 59.65 26.36 21.42
CA LYS C 286 59.62 25.44 22.54
C LYS C 286 58.19 25.40 23.11
N VAL C 287 57.64 24.19 23.31
CA VAL C 287 56.27 24.09 23.79
C VAL C 287 56.03 24.85 25.05
N LYS C 288 57.01 24.84 25.94
CA LYS C 288 56.87 25.55 27.20
C LYS C 288 56.61 27.04 27.00
N ASN C 289 56.84 27.56 25.79
CA ASN C 289 56.63 29.00 25.55
C ASN C 289 55.30 29.32 24.86
N LEU C 290 54.51 28.28 24.59
CA LEU C 290 53.17 28.47 24.02
C LEU C 290 52.32 29.43 24.86
N THR C 291 51.68 30.39 24.20
CA THR C 291 50.74 31.26 24.89
C THR C 291 49.37 30.60 25.00
N GLU C 292 48.52 31.18 25.83
CA GLU C 292 47.18 30.68 25.99
C GLU C 292 46.37 30.61 24.68
N GLU C 293 46.54 31.62 23.84
CA GLU C 293 45.80 31.71 22.58
C GLU C 293 46.39 30.77 21.56
N GLU C 294 47.62 30.36 21.77
CA GLU C 294 48.23 29.36 20.87
C GLU C 294 47.75 27.96 21.21
N ILE C 295 47.62 27.69 22.50
CA ILE C 295 47.11 26.42 22.95
C ILE C 295 45.69 26.25 22.40
N THR C 296 44.91 27.30 22.50
CA THR C 296 43.57 27.26 21.96
C THR C 296 43.58 26.85 20.48
N ARG C 297 44.50 27.40 19.68
CA ARG C 297 44.54 27.10 18.26
C ARG C 297 44.91 25.61 17.98
N LEU C 298 45.80 25.07 18.80
CA LEU C 298 46.25 23.71 18.67
C LEU C 298 45.08 22.77 18.93
N VAL C 299 44.34 23.06 19.99
CA VAL C 299 43.16 22.28 20.34
C VAL C 299 42.07 22.31 19.28
N GLU C 300 41.75 23.50 18.78
CA GLU C 300 40.76 23.62 17.72
C GLU C 300 41.22 22.84 16.50
N THR C 301 42.50 22.94 16.19
CA THR C 301 43.08 22.24 15.05
C THR C 301 42.99 20.74 15.27
N PHE C 302 43.25 20.29 16.49
CA PHE C 302 43.16 18.85 16.80
C PHE C 302 41.73 18.38 16.60
N LYS C 303 40.79 19.24 16.95
CA LYS C 303 39.37 18.90 16.94
C LYS C 303 38.73 18.81 15.56
N LYS C 304 39.30 19.49 14.58
CA LYS C 304 38.67 19.48 13.26
C LYS C 304 39.49 18.84 12.16
N TYR C 305 40.71 18.41 12.48
CA TYR C 305 41.57 17.76 11.51
C TYR C 305 40.94 16.44 11.09
N GLU C 306 40.81 16.22 9.80
CA GLU C 306 40.12 15.04 9.28
C GLU C 306 40.98 13.83 8.95
N ASP C 307 42.30 13.94 9.07
CA ASP C 307 43.15 12.88 8.56
C ASP C 307 43.99 12.13 9.58
N PHE C 308 43.49 12.00 10.81
CA PHE C 308 44.23 11.28 11.86
C PHE C 308 44.05 9.78 11.73
N ARG C 309 45.14 9.03 11.82
CA ARG C 309 45.02 7.57 11.88
C ARG C 309 44.25 7.28 13.16
N SER C 310 43.41 6.27 13.10
CA SER C 310 42.70 5.79 14.25
C SER C 310 43.71 5.34 15.31
N PRO C 311 43.31 5.39 16.58
CA PRO C 311 44.16 4.91 17.66
C PRO C 311 44.46 3.42 17.52
N SER C 312 45.64 3.03 17.98
CA SER C 312 46.04 1.64 18.03
C SER C 312 44.92 0.76 18.66
N ALA C 313 44.62 -0.38 18.03
CA ALA C 313 43.56 -1.28 18.51
C ALA C 313 44.02 -2.08 19.70
N ASP C 314 45.33 -2.09 19.89
CA ASP C 314 45.93 -2.84 20.98
C ASP C 314 46.16 -1.93 22.18
N SER C 315 45.59 -0.74 22.15
CA SER C 315 45.72 0.12 23.32
C SER C 315 44.56 -0.13 24.24
N LEU C 316 43.70 -1.07 23.86
CA LEU C 316 42.53 -1.46 24.64
C LEU C 316 42.41 -2.97 24.73
N SER C 317 41.56 -3.43 25.62
CA SER C 317 41.28 -4.85 25.75
C SER C 317 39.79 -5.15 25.60
N VAL C 318 39.43 -5.93 24.60
CA VAL C 318 38.03 -6.16 24.29
C VAL C 318 37.54 -7.56 24.66
N ILE C 319 36.23 -7.72 24.75
CA ILE C 319 35.68 -9.03 25.03
C ILE C 319 35.87 -9.92 23.81
N GLY C 320 35.51 -9.40 22.63
CA GLY C 320 35.68 -10.14 21.39
C GLY C 320 34.40 -10.78 20.89
N GLU C 321 34.20 -10.75 19.57
CA GLU C 321 33.02 -11.30 18.95
C GLU C 321 32.76 -12.74 19.38
N ASP C 322 33.77 -13.59 19.25
CA ASP C 322 33.63 -15.01 19.61
C ASP C 322 33.04 -15.18 21.00
N LEU C 323 33.63 -14.51 21.97
CA LEU C 323 33.20 -14.63 23.35
C LEU C 323 31.82 -14.05 23.53
N ILE C 324 31.54 -12.97 22.81
CA ILE C 324 30.26 -12.31 22.94
C ILE C 324 29.15 -13.26 22.50
N GLU C 325 29.34 -13.90 21.35
CA GLU C 325 28.33 -14.84 20.86
C GLU C 325 28.21 -16.04 21.78
N LEU C 326 29.33 -16.52 22.30
CA LEU C 326 29.30 -17.65 23.23
C LEU C 326 28.51 -17.32 24.50
N GLY C 327 28.66 -16.10 24.99
CA GLY C 327 27.96 -15.67 26.19
C GLY C 327 26.45 -15.57 25.99
N LEU C 328 26.04 -15.04 24.85
CA LEU C 328 24.62 -14.93 24.58
C LEU C 328 23.96 -16.29 24.41
N LYS C 329 24.57 -17.17 23.63
CA LYS C 329 23.98 -18.48 23.40
C LYS C 329 23.80 -19.23 24.71
N LYS C 330 24.86 -19.30 25.51
CA LYS C 330 24.82 -20.04 26.78
C LYS C 330 23.67 -19.57 27.68
N ILE C 331 23.51 -18.26 27.80
CA ILE C 331 22.49 -17.74 28.68
C ILE C 331 21.10 -17.72 28.05
N PHE C 332 21.05 -17.57 26.72
CA PHE C 332 19.75 -17.42 26.06
C PHE C 332 19.32 -18.53 25.10
N ASN C 333 20.27 -19.12 24.38
CA ASN C 333 19.92 -20.20 23.47
C ASN C 333 18.89 -19.70 22.47
N PRO C 334 19.26 -18.65 21.73
CA PRO C 334 18.36 -18.01 20.79
C PRO C 334 18.48 -18.68 19.44
N ASP C 335 17.60 -18.32 18.53
CA ASP C 335 17.67 -18.86 17.19
C ASP C 335 18.78 -18.18 16.45
N PHE C 336 19.05 -16.94 16.83
CA PHE C 336 20.02 -16.11 16.14
C PHE C 336 20.91 -15.32 17.11
N ALA C 337 22.14 -15.07 16.70
CA ALA C 337 23.09 -14.29 17.48
C ALA C 337 24.17 -13.82 16.54
N ALA C 338 24.45 -12.52 16.58
CA ALA C 338 25.50 -11.91 15.77
C ALA C 338 26.20 -10.83 16.60
N SER C 339 27.40 -10.45 16.19
CA SER C 339 28.15 -9.49 16.96
C SER C 339 29.16 -8.77 16.08
N ILE C 340 29.73 -7.69 16.62
CA ILE C 340 30.74 -6.94 15.93
C ILE C 340 31.69 -6.30 16.94
N THR C 341 32.99 -6.43 16.69
CA THR C 341 33.95 -5.68 17.46
C THR C 341 34.41 -4.55 16.56
N ARG C 342 33.96 -3.33 16.84
CA ARG C 342 34.25 -2.20 15.97
C ARG C 342 35.71 -1.75 16.00
N LYS C 343 36.13 -1.05 14.96
CA LYS C 343 37.47 -0.49 14.86
C LYS C 343 37.58 0.67 15.84
N PRO C 344 38.76 0.89 16.38
CA PRO C 344 38.95 1.89 17.45
C PRO C 344 38.63 3.30 17.00
N LYS C 345 38.25 4.17 17.94
CA LYS C 345 37.99 5.58 17.64
C LYS C 345 38.50 6.38 18.82
N ALA C 346 38.15 7.65 18.86
CA ALA C 346 38.66 8.49 19.93
C ALA C 346 37.65 9.50 20.39
N TYR C 347 37.60 9.75 21.68
CA TYR C 347 36.80 10.86 22.17
C TYR C 347 37.64 11.56 23.21
N GLN C 348 37.67 12.88 23.15
CA GLN C 348 38.40 13.66 24.11
C GLN C 348 39.77 13.08 24.40
N GLY C 349 40.51 12.76 23.34
CA GLY C 349 41.86 12.27 23.50
C GLY C 349 41.99 10.81 23.89
N HIS C 350 40.87 10.14 24.17
CA HIS C 350 40.91 8.75 24.62
C HIS C 350 40.46 7.78 23.54
N PRO C 351 41.24 6.74 23.31
CA PRO C 351 40.84 5.65 22.40
C PRO C 351 39.64 4.91 23.00
N PHE C 352 38.73 4.44 22.17
CA PHE C 352 37.64 3.64 22.66
C PHE C 352 37.16 2.70 21.60
N ILE C 353 36.66 1.56 22.02
CA ILE C 353 36.07 0.61 21.10
C ILE C 353 34.70 0.26 21.60
N VAL C 354 33.73 0.22 20.68
CA VAL C 354 32.39 -0.26 20.99
C VAL C 354 32.19 -1.64 20.41
N GLU C 355 31.65 -2.57 21.20
CA GLU C 355 31.31 -3.90 20.72
C GLU C 355 29.81 -4.10 20.92
N ALA C 356 29.15 -4.67 19.92
CA ALA C 356 27.72 -4.88 20.07
C ALA C 356 27.35 -6.28 19.66
N GLY C 357 26.34 -6.80 20.35
CA GLY C 357 25.85 -8.13 20.10
C GLY C 357 24.33 -8.11 20.08
N VAL C 358 23.75 -9.04 19.35
CA VAL C 358 22.31 -9.11 19.26
C VAL C 358 21.88 -10.57 19.17
N ALA C 359 20.89 -10.94 19.98
CA ALA C 359 20.37 -12.29 19.99
C ALA C 359 18.86 -12.21 19.83
N PHE C 360 18.29 -13.21 19.18
CA PHE C 360 16.86 -13.22 18.89
C PHE C 360 16.22 -14.61 18.99
N GLY C 361 15.01 -14.65 19.53
CA GLY C 361 14.20 -15.86 19.59
C GLY C 361 14.85 -16.99 20.36
N GLY C 362 14.14 -18.13 20.46
CA GLY C 362 14.63 -19.26 21.21
C GLY C 362 14.06 -19.15 22.61
N SER C 363 14.90 -19.27 23.63
CA SER C 363 14.42 -19.17 24.99
C SER C 363 14.31 -17.72 25.49
N ILE C 364 14.54 -16.75 24.61
CA ILE C 364 14.39 -15.35 25.02
C ILE C 364 12.94 -15.02 25.25
N PRO C 365 12.63 -14.57 26.45
CA PRO C 365 11.26 -14.21 26.82
C PRO C 365 10.69 -13.19 25.86
N VAL C 366 9.42 -13.37 25.52
CA VAL C 366 8.68 -12.45 24.68
C VAL C 366 8.43 -11.21 25.53
N GLY C 367 8.50 -10.02 24.93
CA GLY C 367 8.33 -8.80 25.70
C GLY C 367 8.08 -7.57 24.85
N GLU C 368 7.80 -6.45 25.51
CA GLU C 368 7.52 -5.21 24.80
C GLU C 368 8.78 -4.39 24.44
N GLU C 369 9.93 -4.76 24.98
CA GLU C 369 11.16 -4.06 24.65
C GLU C 369 12.36 -4.99 24.78
N PRO C 370 13.43 -4.67 24.08
CA PRO C 370 14.63 -5.52 24.06
C PRO C 370 15.24 -5.66 25.44
N ILE C 371 15.85 -6.79 25.73
CA ILE C 371 16.64 -6.87 26.95
C ILE C 371 17.99 -6.32 26.55
N VAL C 372 18.47 -5.34 27.30
CA VAL C 372 19.74 -4.68 27.02
C VAL C 372 20.76 -5.02 28.11
N LEU C 373 21.91 -5.53 27.70
CA LEU C 373 22.98 -5.87 28.60
C LEU C 373 24.13 -4.90 28.38
N ARG C 374 24.45 -4.13 29.42
CA ARG C 374 25.48 -3.09 29.33
C ARG C 374 26.80 -3.51 30.00
N TYR C 375 27.90 -3.25 29.30
CA TYR C 375 29.22 -3.47 29.85
C TYR C 375 30.13 -2.28 29.51
N ALA C 376 30.98 -1.91 30.45
CA ALA C 376 31.95 -0.84 30.23
C ALA C 376 33.27 -1.29 30.81
N ASN C 377 34.30 -1.37 29.97
CA ASN C 377 35.61 -1.86 30.41
C ASN C 377 35.46 -3.20 31.13
N LYS C 378 34.61 -4.03 30.56
CA LYS C 378 34.49 -5.40 31.04
C LYS C 378 33.81 -5.49 32.40
N ILE C 379 33.07 -4.46 32.78
CA ILE C 379 32.26 -4.50 33.99
C ILE C 379 30.79 -4.45 33.58
N PRO C 380 30.00 -5.37 34.10
CA PRO C 380 28.56 -5.38 33.81
C PRO C 380 27.86 -4.29 34.57
N LEU C 381 27.04 -3.52 33.88
CA LEU C 381 26.26 -2.50 34.54
C LEU C 381 24.91 -3.08 34.92
N ILE C 382 24.53 -2.92 36.19
CA ILE C 382 23.28 -3.50 36.68
C ILE C 382 22.19 -2.44 36.95
N TYR C 383 22.57 -1.37 37.64
CA TYR C 383 21.65 -0.31 38.01
C TYR C 383 21.43 0.82 36.97
N ASP C 384 20.45 1.67 37.25
CA ASP C 384 20.18 2.90 36.50
C ASP C 384 20.15 2.77 34.99
N GLU C 385 19.79 1.62 34.47
CA GLU C 385 19.85 1.40 33.03
C GLU C 385 19.13 2.47 32.18
N LYS C 386 17.95 2.90 32.57
CA LYS C 386 17.21 3.82 31.72
C LYS C 386 17.81 5.22 31.58
N SER C 387 18.90 5.49 32.30
CA SER C 387 19.53 6.80 32.14
C SER C 387 20.83 6.70 31.35
N ASP C 388 21.19 5.48 31.02
CA ASP C 388 22.40 5.20 30.29
C ASP C 388 22.24 5.58 28.83
N VAL C 389 23.31 6.07 28.22
CA VAL C 389 23.28 6.45 26.81
C VAL C 389 23.05 5.22 25.91
N ILE C 390 23.45 4.03 26.38
CA ILE C 390 23.21 2.84 25.58
C ILE C 390 21.70 2.64 25.45
N TRP C 391 21.00 2.82 26.55
CA TRP C 391 19.56 2.69 26.57
C TRP C 391 18.91 3.71 25.65
N LYS C 392 19.41 4.93 25.69
CA LYS C 392 18.85 5.97 24.84
C LYS C 392 19.02 5.60 23.37
N VAL C 393 20.12 4.95 23.01
CA VAL C 393 20.34 4.64 21.61
C VAL C 393 19.44 3.48 21.17
N VAL C 394 19.44 2.41 21.95
CA VAL C 394 18.54 1.30 21.72
C VAL C 394 17.08 1.81 21.60
N GLU C 395 16.65 2.61 22.54
CA GLU C 395 15.28 3.09 22.49
C GLU C 395 14.99 4.03 21.32
N GLU C 396 16.00 4.68 20.77
CA GLU C 396 15.74 5.57 19.66
C GLU C 396 15.74 4.86 18.31
N LEU C 397 16.36 3.68 18.26
CA LEU C 397 16.32 2.89 17.03
C LEU C 397 14.90 2.42 16.74
N ASP C 398 14.48 2.54 15.49
CA ASP C 398 13.18 2.02 15.08
C ASP C 398 13.31 0.55 14.67
N TRP C 399 13.15 -0.35 15.61
CA TRP C 399 13.34 -1.77 15.34
C TRP C 399 12.34 -2.33 14.31
N LYS C 400 11.28 -1.58 14.04
CA LYS C 400 10.31 -1.98 13.03
C LYS C 400 10.98 -1.92 11.67
N ARG C 401 12.13 -1.25 11.58
CA ARG C 401 12.84 -1.12 10.30
C ARG C 401 13.94 -2.14 10.11
N TYR C 402 14.18 -2.97 11.11
CA TYR C 402 15.16 -4.03 10.99
C TYR C 402 14.49 -5.40 11.11
N GLY C 403 13.18 -5.44 10.90
CA GLY C 403 12.47 -6.71 10.87
C GLY C 403 11.54 -7.07 12.01
N ILE C 404 11.57 -6.33 13.11
CA ILE C 404 10.65 -6.65 14.17
C ILE C 404 9.29 -6.09 13.84
N GLU C 405 8.36 -6.98 13.48
CA GLU C 405 7.05 -6.58 13.00
C GLU C 405 6.01 -6.39 14.11
N SER C 406 6.18 -7.14 15.19
CA SER C 406 5.23 -7.10 16.29
C SER C 406 5.59 -6.04 17.30
N ASP C 407 4.71 -5.86 18.26
CA ASP C 407 4.99 -5.02 19.40
C ASP C 407 5.64 -5.95 20.38
N GLN C 408 5.61 -7.23 20.04
CA GLN C 408 6.23 -8.26 20.87
C GLN C 408 7.70 -8.43 20.48
N TYR C 409 8.51 -8.84 21.43
CA TYR C 409 9.96 -8.87 21.24
C TYR C 409 10.56 -10.12 21.79
N GLN C 410 11.44 -10.72 21.02
CA GLN C 410 12.23 -11.85 21.48
C GLN C 410 13.68 -11.50 21.23
N MSE C 411 14.13 -10.41 21.85
CA MSE C 411 15.44 -9.87 21.51
C MSE C 411 16.31 -9.39 22.67
O MSE C 411 15.84 -8.81 23.65
CB MSE C 411 15.28 -8.76 20.47
CG MSE C 411 16.51 -7.93 20.22
SE MSE C 411 16.15 -6.55 18.90
CE MSE C 411 14.70 -5.73 19.70
N VAL C 412 17.61 -9.64 22.53
CA VAL C 412 18.61 -9.18 23.46
C VAL C 412 19.62 -8.32 22.71
N VAL C 413 19.94 -7.15 23.27
CA VAL C 413 20.98 -6.30 22.73
C VAL C 413 22.08 -6.20 23.77
N MSE C 414 23.31 -6.42 23.35
CA MSE C 414 24.42 -6.28 24.25
C MSE C 414 25.36 -5.24 23.68
O MSE C 414 25.68 -5.29 22.49
CB MSE C 414 25.15 -7.60 24.43
CG MSE C 414 26.35 -7.50 25.35
SE MSE C 414 27.02 -9.27 25.76
CE MSE C 414 26.84 -10.04 23.99
N VAL C 415 25.79 -4.29 24.50
CA VAL C 415 26.75 -3.29 24.08
C VAL C 415 27.89 -3.18 25.07
N HIS C 416 29.12 -3.27 24.57
CA HIS C 416 30.28 -3.11 25.41
C HIS C 416 31.08 -1.90 24.97
N LEU C 417 31.28 -0.96 25.89
CA LEU C 417 32.12 0.21 25.65
C LEU C 417 33.46 0.05 26.37
N CYS C 418 34.58 0.07 25.66
CA CYS C 418 35.84 0.05 26.36
C CYS C 418 36.72 1.21 25.93
N SER C 419 37.46 1.75 26.87
CA SER C 419 38.25 2.93 26.62
C SER C 419 39.24 3.17 27.74
N THR C 420 40.19 4.07 27.52
CA THR C 420 41.05 4.44 28.61
C THR C 420 40.26 5.35 29.55
N LYS C 421 39.09 5.77 29.11
CA LYS C 421 38.24 6.50 30.02
C LYS C 421 36.77 6.33 29.70
N ILE C 422 36.07 5.70 30.64
CA ILE C 422 34.64 5.55 30.57
C ILE C 422 33.98 6.76 31.24
N PRO C 423 33.15 7.48 30.51
CA PRO C 423 32.49 8.66 31.06
C PRO C 423 31.21 8.31 31.83
N TYR C 424 31.32 7.89 33.08
CA TYR C 424 30.13 7.56 33.86
C TYR C 424 29.38 8.83 34.28
N LYS C 425 28.12 8.68 34.64
CA LYS C 425 27.38 9.83 35.12
C LYS C 425 27.72 10.12 36.56
N SER C 426 28.25 9.12 37.27
CA SER C 426 28.59 9.29 38.68
C SER C 426 29.70 8.38 39.08
N ALA C 427 30.27 8.67 40.24
CA ALA C 427 31.37 7.91 40.75
C ALA C 427 30.98 6.50 41.14
N GLY C 428 29.69 6.25 41.29
CA GLY C 428 29.20 4.90 41.49
C GLY C 428 29.33 4.01 40.25
N LYS C 429 29.62 4.62 39.11
CA LYS C 429 29.89 3.87 37.87
C LYS C 429 28.82 2.91 37.36
N GLU C 430 27.59 3.36 37.26
CA GLU C 430 26.54 2.44 36.84
C GLU C 430 25.89 2.77 35.49
N SER C 431 26.14 3.96 34.95
CA SER C 431 25.57 4.33 33.64
C SER C 431 26.48 5.27 32.90
N ILE C 432 26.55 5.12 31.59
CA ILE C 432 27.46 5.94 30.80
C ILE C 432 26.78 7.25 30.37
N ALA C 433 27.50 8.37 30.40
CA ALA C 433 26.91 9.67 30.07
C ALA C 433 26.81 9.96 28.58
N GLU C 434 26.03 10.99 28.24
CA GLU C 434 25.74 11.33 26.85
C GLU C 434 26.85 12.09 26.18
N VAL C 435 27.94 11.39 25.89
CA VAL C 435 29.06 11.96 25.19
C VAL C 435 28.80 11.73 23.70
N GLU C 436 28.84 12.79 22.90
CA GLU C 436 28.44 12.74 21.50
C GLU C 436 29.14 11.66 20.69
N ASP C 437 30.48 11.68 20.70
CA ASP C 437 31.24 10.75 19.88
C ASP C 437 30.93 9.32 20.22
N ILE C 438 30.65 9.07 21.49
CA ILE C 438 30.35 7.73 21.95
C ILE C 438 28.91 7.35 21.58
N GLU C 439 27.97 8.25 21.85
CA GLU C 439 26.59 8.04 21.42
C GLU C 439 26.57 7.64 19.94
N LYS C 440 27.27 8.39 19.12
CA LYS C 440 27.30 8.15 17.67
C LYS C 440 27.92 6.79 17.30
N GLU C 441 29.02 6.44 17.94
CA GLU C 441 29.64 5.16 17.65
C GLU C 441 28.78 3.97 18.13
N ILE C 442 28.08 4.10 19.25
CA ILE C 442 27.20 3.04 19.72
C ILE C 442 26.07 2.84 18.71
N LYS C 443 25.48 3.93 18.28
CA LYS C 443 24.43 3.87 17.26
C LYS C 443 24.91 3.23 15.95
N ASN C 444 26.06 3.65 15.44
CA ASN C 444 26.58 3.04 14.23
C ASN C 444 26.83 1.56 14.45
N ALA C 445 27.23 1.21 15.67
CA ALA C 445 27.54 -0.17 16.00
C ALA C 445 26.27 -1.01 16.07
N LEU C 446 25.26 -0.52 16.80
CA LEU C 446 24.00 -1.22 16.89
C LEU C 446 23.42 -1.42 15.50
N MSE C 447 23.51 -0.40 14.66
CA MSE C 447 22.96 -0.52 13.32
C MSE C 447 23.60 -1.67 12.56
O MSE C 447 22.89 -2.47 11.93
CB MSE C 447 23.09 0.80 12.56
CG MSE C 447 21.92 1.74 12.80
SE MSE C 447 22.21 3.54 12.13
CE MSE C 447 20.63 4.31 12.78
N GLU C 448 24.92 -1.78 12.62
CA GLU C 448 25.63 -2.86 11.94
C GLU C 448 24.99 -4.19 12.27
N VAL C 449 24.95 -4.54 13.56
CA VAL C 449 24.37 -5.81 13.98
C VAL C 449 22.88 -5.87 13.74
N ALA C 450 22.20 -4.74 13.84
CA ALA C 450 20.77 -4.74 13.56
C ALA C 450 20.56 -5.15 12.11
N ARG C 451 21.47 -4.76 11.23
CA ARG C 451 21.35 -5.13 9.82
C ARG C 451 21.49 -6.64 9.66
N LYS C 452 22.34 -7.26 10.45
CA LYS C 452 22.46 -8.70 10.34
C LYS C 452 21.18 -9.35 10.83
N LEU C 453 20.57 -8.77 11.85
CA LEU C 453 19.36 -9.34 12.41
C LEU C 453 18.28 -9.26 11.35
N LYS C 454 18.21 -8.10 10.72
CA LYS C 454 17.27 -7.87 9.64
C LYS C 454 17.40 -8.95 8.56
N GLN C 455 18.63 -9.22 8.11
CA GLN C 455 18.84 -10.19 7.04
C GLN C 455 18.28 -11.53 7.45
N TYR C 456 18.52 -11.90 8.71
CA TYR C 456 18.03 -13.16 9.25
C TYR C 456 16.52 -13.19 9.25
N LEU C 457 15.92 -12.16 9.82
CA LEU C 457 14.47 -12.06 9.90
C LEU C 457 13.80 -12.08 8.52
N SER C 458 14.35 -11.33 7.59
CA SER C 458 13.77 -11.23 6.26
C SER C 458 13.92 -12.57 5.51
N GLU C 459 15.04 -13.26 5.72
CA GLU C 459 15.25 -14.57 5.14
C GLU C 459 14.25 -15.54 5.73
N LYS C 460 14.30 -15.71 7.05
CA LYS C 460 13.38 -16.62 7.70
C LYS C 460 11.96 -16.38 7.21
N ARG C 461 11.64 -15.12 6.93
CA ARG C 461 10.31 -14.77 6.48
C ARG C 461 10.08 -15.21 5.05
N LYS C 462 11.07 -14.99 4.20
CA LYS C 462 10.93 -15.35 2.80
C LYS C 462 10.95 -16.87 2.64
N GLU C 463 11.67 -17.55 3.51
CA GLU C 463 11.75 -19.00 3.49
C GLU C 463 10.44 -19.65 3.92
N GLN C 464 9.78 -19.03 4.91
CA GLN C 464 8.54 -19.58 5.43
C GLN C 464 7.47 -19.47 4.35
N GLU C 465 7.50 -18.34 3.65
CA GLU C 465 6.55 -18.08 2.59
C GLU C 465 6.79 -18.93 1.33
N ALA C 466 8.04 -19.19 1.00
CA ALA C 466 8.34 -20.04 -0.15
C ALA C 466 7.90 -21.49 0.13
N LYS C 467 8.09 -21.95 1.36
CA LYS C 467 7.63 -23.29 1.75
C LYS C 467 6.12 -23.40 1.66
N LYS C 468 5.43 -22.45 2.28
CA LYS C 468 3.99 -22.43 2.23
C LYS C 468 3.52 -22.64 0.80
N LYS C 469 4.30 -22.14 -0.16
CA LYS C 469 3.91 -22.23 -1.56
C LYS C 469 4.08 -23.64 -2.12
N LEU C 470 5.11 -24.35 -1.68
CA LEU C 470 5.31 -25.72 -2.13
C LEU C 470 4.11 -26.61 -1.75
N LEU C 471 3.59 -26.44 -0.54
CA LEU C 471 2.48 -27.25 -0.04
C LEU C 471 1.11 -26.55 -0.12
N LYS D 6 54.94 -1.54 35.90
CA LYS D 6 54.58 -1.46 37.34
C LYS D 6 53.57 -0.34 37.66
N GLU D 7 52.91 -0.44 38.80
CA GLU D 7 51.94 0.56 39.22
C GLU D 7 52.61 1.80 39.80
N LYS D 8 52.14 2.98 39.39
CA LYS D 8 52.65 4.24 39.90
C LYS D 8 51.53 4.92 40.67
N PHE D 9 51.81 5.41 41.87
CA PHE D 9 50.77 5.97 42.69
C PHE D 9 50.85 7.48 42.71
N THR D 10 49.70 8.13 42.61
CA THR D 10 49.63 9.57 42.59
C THR D 10 48.31 10.10 43.13
N SER D 11 48.34 11.39 43.43
CA SER D 11 47.19 12.08 43.99
C SER D 11 46.63 13.16 43.08
N LEU D 12 45.32 13.37 43.16
CA LEU D 12 44.65 14.42 42.44
C LEU D 12 44.07 15.46 43.39
N SER D 13 44.11 16.72 42.98
CA SER D 13 43.38 17.74 43.70
C SER D 13 41.94 17.62 43.21
N PRO D 14 41.00 18.15 43.96
CA PRO D 14 39.60 18.11 43.53
C PRO D 14 39.40 18.77 42.15
N ALA D 15 40.17 19.82 41.84
CA ALA D 15 40.02 20.45 40.52
C ALA D 15 40.46 19.53 39.39
N GLU D 16 41.58 18.83 39.56
CA GLU D 16 42.01 17.91 38.50
C GLU D 16 41.00 16.78 38.34
N PHE D 17 40.42 16.36 39.46
CA PHE D 17 39.42 15.30 39.44
C PHE D 17 38.25 15.69 38.55
N PHE D 18 37.73 16.91 38.72
CA PHE D 18 36.57 17.28 37.91
C PHE D 18 36.97 17.66 36.48
N LYS D 19 38.21 18.10 36.32
CA LYS D 19 38.70 18.38 35.00
C LYS D 19 38.85 17.12 34.16
N ARG D 20 39.34 16.03 34.76
CA ARG D 20 39.46 14.76 34.05
C ARG D 20 38.06 14.20 33.78
N ASN D 21 37.10 14.56 34.61
CA ASN D 21 35.80 13.92 34.56
C ASN D 21 34.62 14.88 34.55
N PRO D 22 34.59 15.79 33.57
CA PRO D 22 33.57 16.85 33.54
C PRO D 22 32.17 16.27 33.56
N GLU D 23 32.00 15.04 33.08
CA GLU D 23 30.65 14.44 33.07
C GLU D 23 30.05 14.32 34.47
N LEU D 24 30.88 14.20 35.49
CA LEU D 24 30.36 14.00 36.86
C LEU D 24 29.60 15.21 37.39
N ALA D 25 29.89 16.38 36.82
CA ALA D 25 29.34 17.62 37.28
C ALA D 25 28.25 18.11 36.34
N GLY D 26 27.93 17.31 35.33
CA GLY D 26 26.91 17.73 34.38
C GLY D 26 27.45 18.39 33.12
N PHE D 27 28.72 18.12 32.76
CA PHE D 27 29.29 18.68 31.50
C PHE D 27 29.80 17.62 30.51
N PRO D 28 28.92 16.75 30.03
CA PRO D 28 29.31 15.69 29.08
C PRO D 28 29.31 16.14 27.62
N ASN D 29 28.57 17.20 27.33
CA ASN D 29 28.53 17.73 26.00
C ASN D 29 28.17 19.23 26.02
N PRO D 30 28.43 19.92 24.91
CA PRO D 30 28.19 21.35 24.79
C PRO D 30 26.76 21.77 25.08
N ALA D 31 25.78 21.02 24.57
CA ALA D 31 24.39 21.37 24.81
C ALA D 31 24.11 21.35 26.31
N ARG D 32 24.44 20.23 26.93
CA ARG D 32 24.21 20.13 28.36
C ARG D 32 25.04 21.10 29.14
N ALA D 33 26.26 21.38 28.67
CA ALA D 33 27.15 22.38 29.29
C ALA D 33 26.50 23.73 29.38
N LEU D 34 25.87 24.14 28.28
CA LEU D 34 25.25 25.45 28.18
C LEU D 34 24.03 25.58 29.14
N TYR D 35 23.21 24.55 29.23
CA TYR D 35 22.08 24.51 30.15
C TYR D 35 22.58 24.48 31.59
N GLN D 36 23.56 23.62 31.86
CA GLN D 36 24.11 23.47 33.19
C GLN D 36 24.67 24.79 33.73
N THR D 37 25.39 25.48 32.88
CA THR D 37 26.02 26.74 33.27
C THR D 37 24.97 27.79 33.59
N VAL D 38 23.95 27.88 32.76
CA VAL D 38 22.85 28.80 33.00
C VAL D 38 22.11 28.47 34.30
N ARG D 39 21.77 27.19 34.46
CA ARG D 39 21.16 26.65 35.65
C ARG D 39 21.96 27.02 36.91
N GLU D 40 23.26 26.70 36.89
CA GLU D 40 24.09 26.92 38.08
C GLU D 40 24.12 28.36 38.49
N LEU D 41 24.23 29.24 37.52
CA LEU D 41 24.28 30.66 37.84
C LEU D 41 22.92 31.15 38.40
N ILE D 42 21.81 30.71 37.80
CA ILE D 42 20.50 31.14 38.29
C ILE D 42 20.28 30.70 39.74
N GLU D 43 20.66 29.45 40.04
CA GLU D 43 20.50 28.92 41.36
C GLU D 43 21.35 29.68 42.37
N ASN D 44 22.54 30.09 41.94
CA ASN D 44 23.37 30.92 42.83
C ASN D 44 22.73 32.28 43.09
N SER D 45 22.13 32.84 42.06
CA SER D 45 21.51 34.14 42.15
C SER D 45 20.24 34.07 43.03
N LEU D 46 19.50 32.98 42.97
CA LEU D 46 18.35 32.81 43.86
C LEU D 46 18.78 32.60 45.32
N ASP D 47 19.76 31.71 45.57
CA ASP D 47 20.23 31.51 46.95
C ASP D 47 20.72 32.83 47.55
N ALA D 48 21.27 33.71 46.71
CA ALA D 48 21.75 35.00 47.19
C ALA D 48 20.64 36.07 47.39
N THR D 49 19.42 35.81 46.91
CA THR D 49 18.32 36.75 47.07
C THR D 49 17.24 36.27 48.07
N ASP D 50 16.43 35.30 47.67
CA ASP D 50 15.33 34.92 48.52
C ASP D 50 15.74 34.29 49.85
N VAL D 51 16.93 33.70 49.88
CA VAL D 51 17.43 33.20 51.16
C VAL D 51 17.70 34.35 52.13
N HIS D 52 17.78 35.56 51.62
CA HIS D 52 18.07 36.69 52.47
C HIS D 52 16.93 37.72 52.48
N GLY D 53 15.74 37.27 52.10
CA GLY D 53 14.57 38.13 52.14
C GLY D 53 14.51 39.18 51.04
N ILE D 54 15.26 38.97 49.97
CA ILE D 54 15.22 39.90 48.85
C ILE D 54 14.40 39.33 47.73
N LEU D 55 13.46 40.12 47.21
CA LEU D 55 12.70 39.72 46.01
C LEU D 55 13.67 39.65 44.85
N PRO D 56 13.85 38.47 44.29
CA PRO D 56 14.90 38.25 43.27
C PRO D 56 14.64 38.95 41.92
N ASN D 57 15.55 39.79 41.47
CA ASN D 57 15.47 40.33 40.12
C ASN D 57 16.64 39.73 39.35
N ILE D 58 16.37 38.77 38.49
CA ILE D 58 17.47 38.09 37.87
C ILE D 58 17.42 38.17 36.38
N LYS D 59 18.51 38.65 35.80
CA LYS D 59 18.66 38.74 34.35
C LYS D 59 19.73 37.78 33.79
N ILE D 60 19.38 37.06 32.73
CA ILE D 60 20.27 36.08 32.12
C ILE D 60 20.46 36.38 30.64
N THR D 61 21.69 36.49 30.20
CA THR D 61 21.94 36.73 28.80
C THR D 61 22.94 35.73 28.27
N ILE D 62 22.60 35.18 27.11
CA ILE D 62 23.45 34.27 26.35
C ILE D 62 23.82 34.88 25.00
N ASP D 63 25.11 35.11 24.78
CA ASP D 63 25.58 35.65 23.50
C ASP D 63 26.43 34.66 22.76
N LEU D 64 26.29 34.64 21.44
CA LEU D 64 27.15 33.83 20.63
C LEU D 64 28.32 34.74 20.26
N ILE D 65 29.51 34.35 20.69
CA ILE D 65 30.68 35.19 20.44
C ILE D 65 31.61 34.64 19.36
N ASP D 66 31.41 33.39 18.95
CA ASP D 66 32.27 32.81 17.91
C ASP D 66 31.55 31.64 17.26
N ASP D 67 31.02 31.89 16.06
CA ASP D 67 30.25 30.90 15.32
C ASP D 67 31.01 29.61 15.06
N ALA D 68 32.22 29.75 14.55
CA ALA D 68 33.01 28.59 14.15
C ALA D 68 33.35 27.70 15.33
N ARG D 69 33.82 28.32 16.40
CA ARG D 69 34.20 27.57 17.58
C ARG D 69 32.96 27.33 18.43
N GLN D 70 31.86 27.98 18.07
CA GLN D 70 30.61 27.85 18.82
C GLN D 70 30.82 28.16 20.31
N ILE D 71 31.40 29.33 20.61
CA ILE D 71 31.58 29.79 21.97
C ILE D 71 30.47 30.80 22.33
N TYR D 72 29.90 30.65 23.53
CA TYR D 72 28.87 31.55 24.00
C TYR D 72 29.27 32.20 25.31
N LYS D 73 28.94 33.48 25.48
CA LYS D 73 29.13 34.15 26.76
C LYS D 73 27.81 34.15 27.52
N VAL D 74 27.85 33.68 28.75
CA VAL D 74 26.68 33.63 29.60
C VAL D 74 26.82 34.57 30.76
N ASN D 75 25.99 35.60 30.81
CA ASN D 75 26.05 36.58 31.89
C ASN D 75 24.77 36.58 32.73
N VAL D 76 24.95 36.42 34.04
CA VAL D 76 23.83 36.42 34.95
C VAL D 76 24.06 37.49 36.01
N VAL D 77 23.07 38.36 36.18
CA VAL D 77 23.15 39.48 37.08
C VAL D 77 21.95 39.43 38.04
N ASP D 78 22.19 39.63 39.32
CA ASP D 78 21.11 39.57 40.30
C ASP D 78 21.18 40.75 41.25
N ASN D 79 20.14 40.92 42.05
CA ASN D 79 20.11 41.96 43.06
C ASN D 79 20.26 41.36 44.46
N GLY D 80 21.18 40.39 44.58
CA GLY D 80 21.38 39.66 45.82
C GLY D 80 22.37 40.29 46.79
N ILE D 81 22.79 39.52 47.79
CA ILE D 81 23.65 40.04 48.84
C ILE D 81 25.06 40.36 48.41
N GLY D 82 25.44 39.99 47.19
CA GLY D 82 26.81 40.21 46.79
C GLY D 82 27.74 39.25 47.50
N ILE D 83 29.05 39.43 47.32
CA ILE D 83 30.04 38.56 47.90
C ILE D 83 31.15 39.43 48.44
N PRO D 84 31.54 39.26 49.68
CA PRO D 84 32.66 40.05 50.20
C PRO D 84 33.82 39.81 49.23
N PRO D 85 34.48 40.89 48.83
CA PRO D 85 35.59 40.82 47.88
C PRO D 85 36.63 39.81 48.25
N GLN D 86 37.02 39.72 49.52
CA GLN D 86 38.07 38.80 49.92
C GLN D 86 37.71 37.34 49.70
N GLU D 87 36.45 37.06 49.41
CA GLU D 87 36.06 35.67 49.18
C GLU D 87 35.71 35.34 47.76
N VAL D 88 35.74 36.32 46.88
CA VAL D 88 35.42 36.10 45.48
C VAL D 88 36.37 35.09 44.80
N PRO D 89 37.67 35.23 45.03
CA PRO D 89 38.65 34.31 44.41
C PRO D 89 38.43 32.84 44.74
N ASN D 90 38.22 32.52 46.02
CA ASN D 90 37.95 31.13 46.39
C ASN D 90 36.54 30.67 45.97
N ALA D 91 35.56 31.55 46.13
CA ALA D 91 34.17 31.20 45.81
C ALA D 91 34.00 30.74 44.39
N PHE D 92 34.78 31.33 43.48
CA PHE D 92 34.65 31.06 42.05
C PHE D 92 35.82 30.26 41.51
N GLY D 93 36.89 30.21 42.28
CA GLY D 93 38.13 29.59 41.81
C GLY D 93 38.75 28.49 42.66
N ARG D 94 38.07 28.08 43.73
CA ARG D 94 38.50 26.93 44.52
C ARG D 94 37.40 25.89 44.64
N VAL D 95 37.64 24.69 44.10
CA VAL D 95 36.63 23.62 44.11
C VAL D 95 36.37 23.09 45.54
N LEU D 96 35.11 22.86 45.88
CA LEU D 96 34.74 22.43 47.25
C LEU D 96 34.89 23.60 48.19
N TYR D 97 34.30 24.72 47.81
CA TYR D 97 34.34 25.92 48.60
C TYR D 97 32.95 26.54 48.53
N SER D 98 32.33 26.77 49.68
CA SER D 98 30.94 27.16 49.70
C SER D 98 30.48 27.82 51.01
N SER D 99 29.45 28.63 50.93
CA SER D 99 28.84 29.18 52.12
C SER D 99 27.62 28.32 52.43
N LYS D 100 27.45 27.20 51.71
CA LYS D 100 26.22 26.40 51.87
C LYS D 100 26.45 25.01 52.43
N TYR D 101 27.57 24.84 53.14
CA TYR D 101 27.84 23.56 53.76
C TYR D 101 27.04 23.48 55.08
N VAL D 102 26.79 24.61 55.66
CA VAL D 102 26.01 24.72 56.84
C VAL D 102 24.61 24.08 56.62
N ASN D 103 24.00 23.54 57.69
CA ASN D 103 22.71 22.85 57.61
C ASN D 103 21.51 23.76 57.39
N ARG D 104 21.05 23.81 56.15
CA ARG D 104 20.03 24.80 55.77
C ARG D 104 19.58 24.51 54.34
N GLN D 105 18.28 24.64 54.07
CA GLN D 105 17.77 24.48 52.72
C GLN D 105 18.19 25.57 51.74
N THR D 106 19.18 25.30 50.88
CA THR D 106 19.51 26.19 49.77
C THR D 106 19.56 25.35 48.48
N ARG D 107 19.44 25.98 47.35
CA ARG D 107 19.58 25.22 46.10
C ARG D 107 20.99 24.64 45.97
N GLY D 108 21.99 25.42 46.31
CA GLY D 108 23.39 24.95 46.27
C GLY D 108 23.74 24.11 47.50
N MSE D 109 24.78 23.27 47.34
CA MSE D 109 25.11 22.17 48.27
C MSE D 109 26.62 21.80 48.28
O MSE D 109 27.20 21.55 49.33
CB MSE D 109 24.48 20.89 47.69
CG MSE D 109 23.14 20.56 48.04
SE MSE D 109 22.84 18.74 47.33
CE MSE D 109 23.61 17.76 48.74
N TYR D 110 27.16 21.62 47.07
CA TYR D 110 28.47 21.02 46.90
C TYR D 110 29.69 21.94 47.00
N GLY D 111 29.50 23.24 46.77
CA GLY D 111 30.63 24.13 46.64
C GLY D 111 31.45 23.78 45.40
N LEU D 112 30.74 23.46 44.32
CA LEU D 112 31.33 22.97 43.07
C LEU D 112 30.72 23.64 41.82
N GLY D 113 29.41 23.82 41.82
CA GLY D 113 28.64 24.26 40.66
C GLY D 113 29.34 25.20 39.69
N VAL D 114 29.57 26.41 40.15
CA VAL D 114 30.11 27.40 39.27
C VAL D 114 31.56 27.11 38.85
N LYS D 115 32.35 26.47 39.74
CA LYS D 115 33.71 26.11 39.38
C LYS D 115 33.72 25.05 38.28
N ALA D 116 32.68 24.21 38.26
CA ALA D 116 32.63 23.19 37.21
C ALA D 116 32.45 23.86 35.87
N ALA D 117 31.68 24.94 35.85
CA ALA D 117 31.51 25.73 34.64
C ALA D 117 32.84 26.40 34.29
N VAL D 118 33.48 26.98 35.30
CA VAL D 118 34.79 27.57 35.10
C VAL D 118 35.82 26.54 34.54
N LEU D 119 35.77 25.30 35.00
CA LEU D 119 36.71 24.30 34.49
C LEU D 119 36.45 24.02 33.01
N TYR D 120 35.17 23.88 32.65
CA TYR D 120 34.81 23.54 31.28
C TYR D 120 35.20 24.69 30.40
N SER D 121 35.15 25.89 30.98
CA SER D 121 35.53 27.10 30.28
C SER D 121 37.04 27.13 30.00
N GLN D 122 37.87 26.84 31.00
CA GLN D 122 39.31 26.87 30.77
C GLN D 122 39.74 25.73 29.85
N MSE D 123 39.01 24.62 29.92
CA MSE D 123 39.29 23.49 29.03
C MSE D 123 39.11 23.83 27.54
O MSE D 123 39.79 23.30 26.68
CB MSE D 123 38.38 22.31 29.36
CG MSE D 123 38.95 21.30 30.34
SE MSE D 123 37.53 19.98 30.95
CE MSE D 123 37.08 20.90 32.36
N HIS D 124 38.20 24.75 27.23
CA HIS D 124 37.93 24.96 25.82
C HIS D 124 38.15 26.34 25.25
N GLN D 125 38.40 27.33 26.10
CA GLN D 125 38.66 28.68 25.58
C GLN D 125 39.57 29.40 26.56
N ASP D 126 39.99 30.61 26.26
CA ASP D 126 41.05 31.20 27.05
C ASP D 126 40.75 32.52 27.80
N LYS D 127 39.52 32.99 27.72
CA LYS D 127 39.19 34.21 28.46
C LYS D 127 38.79 33.81 29.86
N PRO D 128 39.20 34.57 30.86
CA PRO D 128 38.88 34.23 32.25
C PRO D 128 37.44 34.59 32.56
N ILE D 129 36.90 34.10 33.66
CA ILE D 129 35.55 34.46 34.02
C ILE D 129 35.57 35.85 34.64
N GLU D 130 34.46 36.57 34.55
CA GLU D 130 34.40 37.92 35.06
C GLU D 130 33.33 38.07 36.13
N ILE D 131 33.68 38.67 37.25
CA ILE D 131 32.74 38.85 38.33
C ILE D 131 32.70 40.30 38.79
N GLU D 132 31.51 40.86 38.91
CA GLU D 132 31.41 42.17 39.50
C GLU D 132 30.44 42.03 40.67
N THR D 133 30.77 42.61 41.80
CA THR D 133 29.90 42.48 42.92
C THR D 133 29.90 43.67 43.87
N SER D 134 28.76 43.90 44.50
CA SER D 134 28.64 45.02 45.43
C SER D 134 27.70 44.66 46.58
N PRO D 135 28.23 44.42 47.77
CA PRO D 135 27.35 44.10 48.90
C PRO D 135 26.49 45.28 49.34
N VAL D 136 25.56 45.02 50.26
CA VAL D 136 24.61 46.04 50.70
C VAL D 136 25.23 47.37 51.11
N ASN D 137 24.61 48.46 50.66
CA ASN D 137 25.01 49.82 51.03
C ASN D 137 26.36 50.29 50.56
N SER D 138 27.09 49.44 49.86
CA SER D 138 28.43 49.77 49.40
C SER D 138 28.42 50.82 48.31
N LYS D 139 29.48 51.62 48.27
CA LYS D 139 29.60 52.68 47.28
C LYS D 139 30.59 52.27 46.22
N ARG D 140 31.07 51.05 46.34
CA ARG D 140 32.02 50.49 45.39
C ARG D 140 31.41 49.27 44.70
N ILE D 141 31.85 49.04 43.47
CA ILE D 141 31.60 47.78 42.81
C ILE D 141 32.97 47.14 42.69
N TYR D 142 33.08 45.89 43.13
CA TYR D 142 34.37 45.18 43.06
C TYR D 142 34.39 44.23 41.87
N THR D 143 35.49 44.27 41.13
CA THR D 143 35.60 43.51 39.87
C THR D 143 36.72 42.48 39.90
N PHE D 144 36.47 41.28 39.35
CA PHE D 144 37.51 40.23 39.31
C PHE D 144 37.53 39.48 38.00
N LYS D 145 38.74 39.17 37.53
CA LYS D 145 38.91 38.24 36.39
C LYS D 145 39.66 37.09 36.99
N LEU D 146 39.13 35.87 36.81
CA LEU D 146 39.74 34.74 37.49
C LEU D 146 39.95 33.53 36.62
N LYS D 147 40.92 32.72 37.01
CA LYS D 147 41.14 31.41 36.45
C LYS D 147 41.31 30.48 37.63
N ILE D 148 41.27 29.19 37.35
CA ILE D 148 41.54 28.20 38.35
C ILE D 148 42.87 27.52 38.00
N ASP D 149 43.78 27.41 39.00
CA ASP D 149 45.02 26.64 38.87
C ASP D 149 44.62 25.24 39.28
N ILE D 150 44.38 24.39 38.31
CA ILE D 150 43.78 23.12 38.64
C ILE D 150 44.70 22.15 39.35
N ASN D 151 45.99 22.22 39.04
CA ASN D 151 47.00 21.41 39.72
C ASN D 151 46.89 21.66 41.21
N LYS D 152 46.81 22.94 41.58
CA LYS D 152 46.78 23.30 42.99
C LYS D 152 45.39 23.44 43.56
N ASN D 153 44.39 23.52 42.69
CA ASN D 153 43.04 23.85 43.12
C ASN D 153 42.97 25.16 43.88
N GLU D 154 43.58 26.19 43.33
CA GLU D 154 43.62 27.53 43.92
C GLU D 154 43.28 28.51 42.81
N PRO D 155 42.70 29.64 43.17
CA PRO D 155 42.38 30.65 42.19
C PRO D 155 43.61 31.42 41.76
N ILE D 156 43.55 31.95 40.54
CA ILE D 156 44.56 32.88 40.03
C ILE D 156 43.78 34.16 39.74
N ILE D 157 44.22 35.26 40.32
CA ILE D 157 43.61 36.54 40.08
C ILE D 157 44.30 37.18 38.90
N VAL D 158 43.71 37.06 37.72
CA VAL D 158 44.25 37.67 36.49
C VAL D 158 44.25 39.19 36.53
N GLU D 159 43.22 39.75 37.11
CA GLU D 159 43.05 41.19 37.10
C GLU D 159 42.02 41.44 38.19
N ARG D 160 42.05 42.62 38.76
CA ARG D 160 41.13 42.93 39.83
C ARG D 160 41.20 44.42 40.14
N GLY D 161 40.11 44.98 40.65
CA GLY D 161 40.05 46.39 40.96
C GLY D 161 38.72 46.79 41.57
N SER D 162 38.37 48.07 41.46
CA SER D 162 37.12 48.56 42.03
C SER D 162 36.71 49.90 41.44
N VAL D 163 35.43 50.02 41.12
CA VAL D 163 34.89 51.22 40.50
C VAL D 163 33.84 51.86 41.40
N GLU D 164 33.60 53.16 41.23
CA GLU D 164 32.59 53.89 42.00
C GLU D 164 31.21 53.44 41.55
N ASN D 165 30.35 53.13 42.51
CA ASN D 165 29.00 52.68 42.20
C ASN D 165 28.07 53.85 41.83
N THR D 166 28.26 54.41 40.63
CA THR D 166 27.52 55.59 40.17
C THR D 166 26.03 55.38 40.16
N ARG D 167 25.61 54.13 39.92
CA ARG D 167 24.21 53.80 40.02
C ARG D 167 23.99 53.21 41.39
N GLY D 168 22.88 52.53 41.57
CA GLY D 168 22.64 51.95 42.87
C GLY D 168 22.95 50.48 42.88
N PHE D 169 23.57 49.99 41.80
CA PHE D 169 23.83 48.54 41.66
C PHE D 169 24.23 47.83 42.93
N HIS D 170 23.38 46.89 43.35
CA HIS D 170 23.69 46.05 44.50
C HIS D 170 23.41 44.59 44.15
N GLY D 171 24.44 43.75 44.31
CA GLY D 171 24.32 42.34 43.93
C GLY D 171 25.53 41.81 43.18
N THR D 172 25.29 40.87 42.27
CA THR D 172 26.39 40.26 41.54
C THR D 172 26.18 40.03 40.05
N SER D 173 27.24 40.23 39.28
CA SER D 173 27.28 39.89 37.86
C SER D 173 28.38 38.87 37.63
N VAL D 174 28.02 37.76 36.95
CA VAL D 174 28.97 36.72 36.60
C VAL D 174 28.93 36.48 35.09
N ALA D 175 30.09 36.51 34.42
CA ALA D 175 30.12 36.21 32.98
C ALA D 175 31.14 35.11 32.66
N ILE D 176 30.69 34.11 31.89
CA ILE D 176 31.51 32.95 31.56
C ILE D 176 31.36 32.56 30.09
N SER D 177 32.48 32.19 29.46
CA SER D 177 32.47 31.74 28.08
C SER D 177 32.72 30.25 28.00
N ILE D 178 31.81 29.55 27.33
CA ILE D 178 31.88 28.13 27.25
C ILE D 178 31.43 27.68 25.90
N PRO D 179 31.94 26.54 25.45
CA PRO D 179 31.40 25.94 24.24
C PRO D 179 29.94 25.68 24.54
N GLY D 180 29.12 25.67 23.50
CA GLY D 180 27.72 25.41 23.71
C GLY D 180 27.02 25.04 22.44
N ASP D 181 25.77 24.63 22.57
CA ASP D 181 24.99 24.29 21.39
C ASP D 181 23.55 24.79 21.60
N TRP D 182 23.33 26.06 21.27
CA TRP D 182 22.05 26.74 21.54
C TRP D 182 20.82 26.01 20.99
N PRO D 183 20.81 25.68 19.71
CA PRO D 183 19.67 24.95 19.14
C PRO D 183 19.30 23.68 19.91
N LYS D 184 20.27 22.94 20.43
CA LYS D 184 19.93 21.73 21.16
C LYS D 184 19.46 22.02 22.57
N ALA D 185 19.95 23.11 23.17
CA ALA D 185 19.68 23.37 24.57
C ALA D 185 18.48 24.30 24.79
N LYS D 186 18.09 24.98 23.73
CA LYS D 186 17.08 26.02 23.80
C LYS D 186 15.81 25.62 24.57
N SER D 187 15.10 24.61 24.09
CA SER D 187 13.85 24.23 24.68
C SER D 187 14.04 23.82 26.14
N ARG D 188 15.19 23.24 26.45
CA ARG D 188 15.42 22.83 27.83
C ARG D 188 15.76 24.04 28.71
N ILE D 189 16.44 25.02 28.16
CA ILE D 189 16.69 26.20 28.95
C ILE D 189 15.41 27.02 29.18
N TYR D 190 14.61 27.23 28.14
CA TYR D 190 13.34 27.92 28.29
C TYR D 190 12.43 27.14 29.27
N GLU D 191 12.45 25.82 29.18
CA GLU D 191 11.60 25.06 30.07
C GLU D 191 12.02 25.22 31.54
N TYR D 192 13.32 25.14 31.81
CA TYR D 192 13.84 25.29 33.17
C TYR D 192 13.38 26.62 33.79
N ILE D 193 13.61 27.72 33.07
CA ILE D 193 13.26 29.04 33.57
C ILE D 193 11.74 29.17 33.82
N LYS D 194 10.94 28.63 32.90
CA LYS D 194 9.50 28.69 33.02
C LYS D 194 9.03 27.87 34.20
N ARG D 195 9.58 26.68 34.36
CA ARG D 195 9.15 25.82 35.46
C ARG D 195 9.53 26.40 36.81
N THR D 196 10.61 27.19 36.82
CA THR D 196 11.07 27.90 38.00
C THR D 196 10.13 29.04 38.23
N TYR D 197 9.83 29.75 37.15
CA TYR D 197 8.91 30.88 37.20
C TYR D 197 7.62 30.57 37.93
N ILE D 198 6.99 29.47 37.55
CA ILE D 198 5.68 29.11 38.04
C ILE D 198 5.59 28.79 39.54
N ILE D 199 6.71 28.40 40.15
CA ILE D 199 6.67 28.16 41.58
C ILE D 199 7.33 29.28 42.37
N THR D 200 7.78 30.32 41.68
CA THR D 200 8.50 31.44 42.31
C THR D 200 7.91 32.75 41.85
N PRO D 201 6.63 32.97 42.13
CA PRO D 201 5.94 34.16 41.60
C PRO D 201 6.46 35.47 42.17
N TYR D 202 7.26 35.40 43.22
CA TYR D 202 7.81 36.63 43.82
C TYR D 202 9.13 37.03 43.20
N ALA D 203 9.59 36.28 42.22
CA ALA D 203 10.82 36.64 41.52
C ALA D 203 10.47 37.18 40.13
N GLU D 204 11.34 37.99 39.57
CA GLU D 204 11.18 38.39 38.19
C GLU D 204 12.41 37.95 37.42
N PHE D 205 12.24 37.25 36.31
CA PHE D 205 13.36 36.81 35.51
C PHE D 205 13.34 37.51 34.13
N ILE D 206 14.48 37.98 33.65
CA ILE D 206 14.57 38.48 32.29
C ILE D 206 15.55 37.62 31.53
N PHE D 207 15.13 37.05 30.41
CA PHE D 207 16.00 36.17 29.62
C PHE D 207 16.25 36.71 28.20
N LYS D 208 17.51 36.89 27.85
CA LYS D 208 17.88 37.33 26.52
C LYS D 208 18.66 36.24 25.82
N ASP D 209 18.10 35.66 24.77
CA ASP D 209 18.76 34.57 24.03
C ASP D 209 19.74 35.05 22.95
N PRO D 210 20.48 34.12 22.36
CA PRO D 210 21.53 34.48 21.39
C PRO D 210 20.97 35.05 20.11
N GLU D 211 19.71 34.71 19.84
CA GLU D 211 19.00 35.27 18.71
C GLU D 211 18.53 36.71 19.02
N GLY D 212 18.78 37.19 20.24
CA GLY D 212 18.43 38.58 20.55
C GLY D 212 17.04 38.77 21.15
N ASN D 213 16.29 37.69 21.22
CA ASN D 213 14.99 37.73 21.85
C ASN D 213 15.12 37.97 23.34
N VAL D 214 14.18 38.72 23.90
CA VAL D 214 14.15 38.98 25.32
C VAL D 214 12.79 38.53 25.83
N THR D 215 12.76 37.79 26.92
CA THR D 215 11.50 37.34 27.48
C THR D 215 11.48 37.60 28.98
N TYR D 216 10.39 38.21 29.46
CA TYR D 216 10.24 38.51 30.89
C TYR D 216 9.40 37.43 31.54
N TYR D 217 9.67 37.19 32.83
CA TYR D 217 8.92 36.29 33.65
C TYR D 217 8.59 37.21 34.83
N PRO D 218 7.50 37.93 34.67
CA PRO D 218 7.18 39.07 35.55
C PRO D 218 6.75 38.68 36.95
N ARG D 219 7.20 39.45 37.92
CA ARG D 219 6.83 39.26 39.30
C ARG D 219 5.31 39.39 39.46
N LEU D 220 4.70 38.47 40.18
CA LEU D 220 3.26 38.51 40.43
C LEU D 220 2.95 38.84 41.91
N THR D 221 3.93 38.73 42.79
CA THR D 221 3.67 39.11 44.16
C THR D 221 4.89 39.66 44.88
N ASN D 222 4.62 40.57 45.81
CA ASN D 222 5.65 41.12 46.64
C ASN D 222 5.76 40.32 47.92
N LYS D 223 5.00 39.25 48.04
CA LYS D 223 5.14 38.43 49.23
C LYS D 223 6.26 37.43 49.04
N ILE D 224 7.16 37.39 50.00
CA ILE D 224 8.29 36.48 49.94
C ILE D 224 8.22 35.53 51.11
N PRO D 225 8.37 34.24 50.83
CA PRO D 225 8.30 33.21 51.87
C PRO D 225 9.35 33.48 52.90
N LYS D 226 9.09 33.14 54.16
CA LYS D 226 10.10 33.30 55.19
C LYS D 226 11.34 32.55 54.76
N PRO D 227 12.47 33.22 54.78
CA PRO D 227 13.74 32.62 54.34
C PRO D 227 14.15 31.44 55.21
N PRO D 228 14.69 30.38 54.62
CA PRO D 228 15.13 29.20 55.39
C PRO D 228 16.32 29.59 56.21
N GLN D 229 16.53 29.00 57.38
CA GLN D 229 17.68 29.34 58.23
C GLN D 229 18.45 28.09 58.59
N GLU D 230 19.65 28.27 59.11
CA GLU D 230 20.45 27.17 59.60
C GLU D 230 19.74 26.63 60.85
N VAL D 231 19.58 25.30 60.92
CA VAL D 231 18.95 24.66 62.05
C VAL D 231 19.78 23.53 62.57
N LYS D 232 19.42 23.03 63.74
CA LYS D 232 20.08 21.87 64.32
C LYS D 232 19.65 20.59 63.60
N PRO D 233 20.54 19.63 63.54
CA PRO D 233 20.22 18.31 63.02
C PRO D 233 19.08 17.66 63.88
N HIS D 234 18.33 16.77 63.25
CA HIS D 234 17.34 16.03 63.98
C HIS D 234 18.10 14.77 64.26
N PRO D 235 17.85 14.11 65.38
CA PRO D 235 18.64 12.94 65.79
C PRO D 235 18.47 11.75 64.90
N TYR D 236 17.28 11.58 64.35
CA TYR D 236 17.03 10.38 63.58
C TYR D 236 17.96 10.26 62.38
N GLY D 237 18.84 9.27 62.43
CA GLY D 237 19.75 8.94 61.34
C GLY D 237 21.08 9.66 61.34
N VAL D 238 21.35 10.51 62.30
CA VAL D 238 22.67 11.13 62.30
C VAL D 238 23.69 10.01 62.44
N ASP D 239 24.76 10.05 61.64
CA ASP D 239 25.75 8.97 61.64
C ASP D 239 26.94 9.23 62.55
N ARG D 240 27.89 8.29 62.57
CA ARG D 240 29.01 8.32 63.53
C ARG D 240 29.97 9.48 63.30
N GLU D 241 30.28 9.75 62.05
CA GLU D 241 31.18 10.83 61.72
C GLU D 241 30.56 12.19 62.02
N GLU D 242 29.25 12.30 61.95
CA GLU D 242 28.58 13.58 62.20
C GLU D 242 28.60 13.87 63.69
N ILE D 243 28.47 12.82 64.50
CA ILE D 243 28.59 12.94 65.94
C ILE D 243 29.98 13.43 66.31
N LYS D 244 31.00 12.91 65.63
CA LYS D 244 32.38 13.33 65.93
C LYS D 244 32.55 14.82 65.57
N ILE D 245 31.98 15.21 64.44
CA ILE D 245 32.08 16.60 64.01
C ILE D 245 31.40 17.53 65.02
N LEU D 246 30.19 17.18 65.44
CA LEU D 246 29.48 17.97 66.43
C LEU D 246 30.27 18.05 67.72
N ILE D 247 30.97 16.97 68.05
CA ILE D 247 31.77 16.97 69.26
C ILE D 247 33.00 17.85 69.06
N ASN D 248 33.64 17.75 67.89
CA ASN D 248 34.84 18.55 67.63
C ASN D 248 34.60 20.08 67.62
N ASN D 249 33.40 20.50 67.25
CA ASN D 249 33.10 21.92 67.14
C ASN D 249 32.63 22.53 68.45
N LEU D 250 32.51 21.71 69.47
CA LEU D 250 32.06 22.17 70.77
C LEU D 250 33.04 23.17 71.37
N LYS D 251 32.53 24.21 71.99
CA LYS D 251 33.39 25.23 72.58
C LYS D 251 33.58 25.08 74.09
N ARG D 252 32.75 24.25 74.72
CA ARG D 252 32.85 23.99 76.15
C ARG D 252 32.89 22.48 76.43
N ASP D 253 32.95 22.12 77.71
CA ASP D 253 32.95 20.72 78.15
C ASP D 253 31.54 20.28 78.53
N TYR D 254 30.78 19.83 77.56
CA TYR D 254 29.42 19.38 77.84
C TYR D 254 29.36 17.91 78.21
N THR D 255 28.40 17.57 79.05
CA THR D 255 28.14 16.19 79.40
C THR D 255 27.38 15.58 78.23
N ILE D 256 27.27 14.27 78.18
CA ILE D 256 26.49 13.67 77.10
C ILE D 256 25.05 14.20 77.07
N LYS D 257 24.48 14.43 78.24
CA LYS D 257 23.13 14.92 78.31
C LYS D 257 22.99 16.35 77.79
N GLU D 258 23.89 17.24 78.19
CA GLU D 258 23.82 18.62 77.73
C GLU D 258 24.00 18.63 76.20
N PHE D 259 24.91 17.77 75.72
CA PHE D 259 25.14 17.60 74.30
C PHE D 259 23.86 17.22 73.57
N LEU D 260 23.16 16.22 74.06
CA LEU D 260 21.95 15.78 73.37
C LEU D 260 20.85 16.86 73.30
N VAL D 261 20.69 17.62 74.39
CA VAL D 261 19.67 18.66 74.40
C VAL D 261 20.08 19.83 73.52
N ASN D 262 21.33 20.24 73.67
CA ASN D 262 21.85 21.43 72.97
C ASN D 262 22.09 21.34 71.46
N GLU D 263 22.54 20.18 70.99
CA GLU D 263 22.99 20.04 69.61
C GLU D 263 21.97 19.49 68.63
N PHE D 264 20.86 18.96 69.13
CA PHE D 264 19.83 18.35 68.30
C PHE D 264 18.45 18.98 68.53
N GLN D 265 17.67 19.15 67.49
CA GLN D 265 16.31 19.58 67.66
C GLN D 265 15.51 18.32 67.97
N SER D 266 14.30 18.48 68.52
CA SER D 266 13.48 17.34 68.88
C SER D 266 14.06 16.54 70.06
N ILE D 267 14.93 17.18 70.84
CA ILE D 267 15.44 16.51 72.03
C ILE D 267 15.41 17.46 73.20
N GLY D 268 14.56 17.16 74.16
CA GLY D 268 14.44 17.97 75.36
C GLY D 268 15.02 17.23 76.54
N ASP D 269 14.76 17.69 77.75
CA ASP D 269 15.32 17.04 78.93
C ASP D 269 14.87 15.60 79.06
N THR D 270 13.59 15.34 78.83
CA THR D 270 13.09 14.00 79.00
C THR D 270 13.48 13.05 77.87
N THR D 271 13.40 13.51 76.64
CA THR D 271 13.85 12.70 75.49
C THR D 271 15.31 12.33 75.70
N ALA D 272 16.10 13.30 76.15
CA ALA D 272 17.50 13.07 76.45
C ALA D 272 17.64 11.96 77.52
N ASP D 273 16.94 12.11 78.63
CA ASP D 273 16.94 11.07 79.65
C ASP D 273 16.63 9.70 79.01
N LYS D 274 15.59 9.63 78.20
CA LYS D 274 15.21 8.39 77.53
C LYS D 274 16.32 7.85 76.62
N ILE D 275 16.86 8.71 75.76
CA ILE D 275 17.91 8.28 74.86
C ILE D 275 19.08 7.70 75.63
N LEU D 276 19.52 8.37 76.68
CA LEU D 276 20.68 7.92 77.42
C LEU D 276 20.51 6.52 77.99
N GLU D 277 19.28 6.17 78.35
CA GLU D 277 18.98 4.87 78.92
C GLU D 277 18.88 3.74 77.89
N LEU D 278 18.43 4.06 76.69
CA LEU D 278 18.42 3.08 75.63
C LEU D 278 19.86 2.79 75.20
N ALA D 279 20.69 3.83 75.16
CA ALA D 279 22.06 3.70 74.67
C ALA D 279 23.03 3.25 75.77
N GLY D 280 22.55 3.27 77.01
CA GLY D 280 23.35 2.84 78.16
C GLY D 280 24.48 3.77 78.50
N LEU D 281 24.25 5.07 78.36
CA LEU D 281 25.27 6.09 78.59
C LEU D 281 25.06 6.86 79.89
N LYS D 282 26.16 7.24 80.55
CA LYS D 282 26.04 8.00 81.78
C LYS D 282 25.76 9.44 81.46
N PRO D 283 24.64 9.96 81.92
CA PRO D 283 24.28 11.37 81.70
C PRO D 283 25.45 12.34 81.86
N ASN D 284 26.16 12.26 82.99
CA ASN D 284 27.21 13.23 83.31
C ASN D 284 28.57 12.91 82.71
N LYS D 285 28.66 11.89 81.88
CA LYS D 285 29.93 11.66 81.25
C LYS D 285 30.17 12.85 80.30
N LYS D 286 31.41 13.31 80.20
CA LYS D 286 31.73 14.40 79.27
C LYS D 286 31.88 13.84 77.85
N VAL D 287 31.09 14.40 76.91
CA VAL D 287 31.00 13.89 75.53
C VAL D 287 32.35 13.78 74.83
N LYS D 288 33.29 14.65 75.16
CA LYS D 288 34.59 14.60 74.51
C LYS D 288 35.27 13.26 74.82
N ASN D 289 34.76 12.52 75.80
CA ASN D 289 35.33 11.22 76.18
C ASN D 289 34.57 9.99 75.63
N LEU D 290 33.59 10.19 74.77
CA LEU D 290 32.88 9.09 74.16
C LEU D 290 33.84 8.19 73.38
N THR D 291 33.72 6.87 73.58
CA THR D 291 34.53 5.89 72.86
C THR D 291 33.87 5.58 71.52
N GLU D 292 34.62 4.88 70.68
CA GLU D 292 34.14 4.46 69.38
C GLU D 292 32.90 3.58 69.50
N GLU D 293 32.89 2.70 70.50
CA GLU D 293 31.73 1.85 70.73
C GLU D 293 30.54 2.66 71.22
N GLU D 294 30.79 3.67 72.03
CA GLU D 294 29.67 4.43 72.56
C GLU D 294 28.98 5.34 71.53
N ILE D 295 29.76 5.91 70.63
CA ILE D 295 29.24 6.72 69.55
C ILE D 295 28.36 5.81 68.67
N THR D 296 28.83 4.59 68.44
CA THR D 296 28.06 3.61 67.67
C THR D 296 26.73 3.29 68.37
N ARG D 297 26.78 3.08 69.68
CA ARG D 297 25.55 2.84 70.41
C ARG D 297 24.60 4.06 70.33
N LEU D 298 25.17 5.26 70.32
CA LEU D 298 24.32 6.43 70.28
C LEU D 298 23.58 6.48 68.95
N VAL D 299 24.34 6.34 67.88
CA VAL D 299 23.82 6.35 66.53
C VAL D 299 22.73 5.30 66.32
N GLU D 300 22.97 4.06 66.73
CA GLU D 300 21.99 2.99 66.59
C GLU D 300 20.72 3.31 67.39
N THR D 301 20.91 3.87 68.59
CA THR D 301 19.77 4.26 69.43
C THR D 301 18.96 5.33 68.69
N PHE D 302 19.64 6.26 68.02
CA PHE D 302 18.97 7.34 67.26
C PHE D 302 18.18 6.70 66.11
N LYS D 303 18.73 5.65 65.51
CA LYS D 303 18.11 5.02 64.37
C LYS D 303 16.79 4.34 64.74
N LYS D 304 16.80 3.68 65.90
CA LYS D 304 15.73 2.79 66.33
C LYS D 304 14.64 3.48 67.17
N TYR D 305 14.94 4.62 67.78
CA TYR D 305 13.98 5.32 68.65
C TYR D 305 12.71 5.74 67.91
N GLU D 306 11.56 5.28 68.41
CA GLU D 306 10.29 5.47 67.72
C GLU D 306 9.51 6.73 68.15
N ASP D 307 10.03 7.48 69.12
CA ASP D 307 9.26 8.58 69.71
C ASP D 307 9.79 10.01 69.50
N PHE D 308 10.61 10.24 68.49
CA PHE D 308 11.08 11.61 68.26
C PHE D 308 9.95 12.47 67.73
N ARG D 309 9.79 13.66 68.28
CA ARG D 309 8.87 14.60 67.68
C ARG D 309 9.46 14.96 66.34
N SER D 310 8.62 15.36 65.41
CA SER D 310 9.13 15.60 64.08
C SER D 310 9.91 16.92 64.06
N PRO D 311 10.78 17.08 63.06
CA PRO D 311 11.58 18.29 62.94
C PRO D 311 10.65 19.45 62.72
N SER D 312 11.08 20.67 63.00
CA SER D 312 10.19 21.80 62.81
C SER D 312 10.02 22.11 61.32
N ALA D 313 8.79 22.44 60.95
CA ALA D 313 8.49 22.77 59.57
C ALA D 313 9.24 24.01 59.13
N ASP D 314 9.57 24.87 60.09
CA ASP D 314 10.26 26.12 59.78
C ASP D 314 11.71 25.90 59.39
N SER D 315 12.14 24.65 59.38
CA SER D 315 13.51 24.33 58.98
C SER D 315 13.64 24.39 57.46
N LEU D 316 12.50 24.45 56.77
CA LEU D 316 12.51 24.39 55.31
C LEU D 316 11.66 25.46 54.62
N SER D 317 11.72 25.49 53.29
CA SER D 317 10.92 26.41 52.50
C SER D 317 10.15 25.63 51.45
N VAL D 318 8.83 25.62 51.55
CA VAL D 318 8.02 24.82 50.63
C VAL D 318 7.35 25.63 49.55
N ILE D 319 6.82 24.97 48.53
CA ILE D 319 6.06 25.67 47.51
C ILE D 319 4.69 26.02 48.05
N GLY D 320 4.05 25.07 48.70
CA GLY D 320 2.74 25.31 49.28
C GLY D 320 1.63 24.72 48.44
N GLU D 321 0.73 24.02 49.08
CA GLU D 321 -0.40 23.35 48.44
C GLU D 321 -1.11 24.23 47.39
N ASP D 322 -1.42 25.46 47.77
CA ASP D 322 -2.16 26.36 46.89
C ASP D 322 -1.39 26.69 45.61
N LEU D 323 -0.15 27.15 45.78
CA LEU D 323 0.68 27.49 44.65
C LEU D 323 0.87 26.28 43.77
N ILE D 324 0.90 25.07 44.34
CA ILE D 324 1.08 23.87 43.53
C ILE D 324 -0.15 23.62 42.69
N GLU D 325 -1.31 23.70 43.32
CA GLU D 325 -2.56 23.51 42.61
C GLU D 325 -2.72 24.55 41.50
N LEU D 326 -2.55 25.81 41.86
CA LEU D 326 -2.76 26.90 40.92
C LEU D 326 -1.81 26.76 39.76
N GLY D 327 -0.55 26.47 40.07
CA GLY D 327 0.45 26.30 39.06
C GLY D 327 0.08 25.21 38.09
N LEU D 328 -0.54 24.13 38.57
CA LEU D 328 -0.88 23.07 37.67
C LEU D 328 -2.05 23.43 36.77
N LYS D 329 -2.92 24.33 37.24
CA LYS D 329 -4.08 24.71 36.45
C LYS D 329 -3.69 25.73 35.43
N LYS D 330 -2.86 26.68 35.83
CA LYS D 330 -2.44 27.73 34.92
C LYS D 330 -1.77 27.11 33.70
N ILE D 331 -0.94 26.09 33.94
CA ILE D 331 -0.14 25.47 32.90
C ILE D 331 -0.86 24.42 32.07
N PHE D 332 -1.79 23.69 32.69
CA PHE D 332 -2.37 22.53 32.01
C PHE D 332 -3.87 22.58 31.71
N ASN D 333 -4.57 23.50 32.36
CA ASN D 333 -6.04 23.56 32.30
C ASN D 333 -6.73 22.20 32.46
N PRO D 334 -6.53 21.57 33.60
CA PRO D 334 -7.10 20.25 33.83
C PRO D 334 -8.56 20.39 34.20
N ASP D 335 -9.29 19.29 34.24
CA ASP D 335 -10.64 19.30 34.74
C ASP D 335 -10.55 19.27 36.26
N PHE D 336 -9.47 18.66 36.77
CA PHE D 336 -9.24 18.48 38.18
C PHE D 336 -7.75 18.56 38.52
N ALA D 337 -7.43 19.19 39.65
CA ALA D 337 -6.08 19.23 40.19
C ALA D 337 -6.23 19.15 41.70
N ALA D 338 -5.17 18.72 42.36
CA ALA D 338 -5.15 18.65 43.81
C ALA D 338 -3.69 18.53 44.26
N SER D 339 -3.41 18.81 45.52
CA SER D 339 -2.05 18.80 46.01
C SER D 339 -2.02 18.63 47.49
N ILE D 340 -0.85 18.36 48.04
CA ILE D 340 -0.68 18.23 49.47
C ILE D 340 0.73 18.60 49.87
N THR D 341 0.85 19.18 51.05
CA THR D 341 2.12 19.47 51.65
C THR D 341 2.19 18.65 52.93
N ARG D 342 3.02 17.61 52.90
CA ARG D 342 3.14 16.71 54.03
C ARG D 342 3.82 17.36 55.22
N LYS D 343 3.62 16.79 56.39
CA LYS D 343 4.36 17.22 57.57
C LYS D 343 5.83 16.81 57.41
N PRO D 344 6.71 17.56 58.05
CA PRO D 344 8.15 17.29 57.98
C PRO D 344 8.52 15.91 58.49
N LYS D 345 9.51 15.29 57.85
CA LYS D 345 10.08 14.03 58.33
C LYS D 345 11.56 14.26 58.37
N ALA D 346 12.31 13.19 58.57
CA ALA D 346 13.75 13.29 58.64
C ALA D 346 14.41 12.06 58.04
N TYR D 347 15.58 12.23 57.46
CA TYR D 347 16.37 11.13 56.93
C TYR D 347 17.82 11.55 57.11
N GLN D 348 18.65 10.64 57.64
CA GLN D 348 20.06 10.91 57.85
C GLN D 348 20.32 12.23 58.58
N GLY D 349 19.45 12.53 59.54
CA GLY D 349 19.60 13.73 60.37
C GLY D 349 19.12 15.02 59.72
N HIS D 350 18.65 14.90 58.49
CA HIS D 350 18.18 16.07 57.74
C HIS D 350 16.65 16.17 57.69
N PRO D 351 16.07 17.28 58.08
CA PRO D 351 14.62 17.47 57.92
C PRO D 351 14.26 17.52 56.44
N PHE D 352 13.11 16.96 56.07
CA PHE D 352 12.65 17.05 54.69
C PHE D 352 11.14 17.05 54.63
N ILE D 353 10.61 17.63 53.56
CA ILE D 353 9.18 17.61 53.32
C ILE D 353 8.92 17.19 51.86
N VAL D 354 7.89 16.38 51.66
CA VAL D 354 7.48 16.02 50.31
C VAL D 354 6.18 16.73 49.98
N GLU D 355 6.13 17.37 48.82
CA GLU D 355 4.90 17.98 48.38
C GLU D 355 4.50 17.26 47.11
N ALA D 356 3.22 17.06 46.90
CA ALA D 356 2.82 16.42 45.67
C ALA D 356 1.60 17.11 45.08
N GLY D 357 1.42 16.96 43.78
CA GLY D 357 0.21 17.43 43.14
C GLY D 357 -0.17 16.52 41.99
N VAL D 358 -1.42 16.64 41.56
CA VAL D 358 -1.93 15.87 40.46
C VAL D 358 -2.93 16.71 39.71
N ALA D 359 -2.97 16.52 38.40
CA ALA D 359 -3.88 17.25 37.51
C ALA D 359 -4.40 16.22 36.51
N PHE D 360 -5.70 16.25 36.22
CA PHE D 360 -6.22 15.14 35.44
C PHE D 360 -7.26 15.31 34.38
N GLY D 361 -7.13 16.22 33.46
CA GLY D 361 -8.04 16.19 32.33
C GLY D 361 -7.83 17.42 31.49
N GLY D 362 -8.91 17.90 30.87
CA GLY D 362 -8.85 19.14 30.12
C GLY D 362 -7.82 19.13 29.01
N SER D 363 -6.86 20.03 29.08
CA SER D 363 -5.89 20.17 28.00
C SER D 363 -4.75 19.18 28.07
N ILE D 364 -4.70 18.38 29.12
CA ILE D 364 -3.63 17.40 29.23
C ILE D 364 -3.74 16.40 28.09
N PRO D 365 -2.62 16.18 27.42
CA PRO D 365 -2.55 15.22 26.31
C PRO D 365 -2.84 13.81 26.81
N VAL D 366 -3.15 12.91 25.88
CA VAL D 366 -3.43 11.53 26.22
C VAL D 366 -2.17 10.69 26.04
N GLY D 367 -1.81 9.91 27.06
CA GLY D 367 -0.64 9.06 26.99
C GLY D 367 -0.88 7.76 27.73
N GLU D 368 0.16 6.91 27.81
CA GLU D 368 0.04 5.61 28.48
C GLU D 368 0.64 5.66 29.87
N GLU D 369 1.32 6.77 30.16
CA GLU D 369 1.90 7.02 31.47
C GLU D 369 1.71 8.49 31.80
N PRO D 370 1.79 8.83 33.07
CA PRO D 370 1.62 10.22 33.50
C PRO D 370 2.78 11.07 33.06
N ILE D 371 2.52 12.36 32.89
CA ILE D 371 3.59 13.33 32.76
C ILE D 371 4.06 13.60 34.18
N VAL D 372 5.36 13.52 34.41
CA VAL D 372 5.89 13.69 35.75
C VAL D 372 6.72 14.97 35.89
N LEU D 373 6.40 15.79 36.88
CA LEU D 373 7.16 17.02 37.12
C LEU D 373 7.84 16.90 38.45
N ARG D 374 9.15 16.87 38.40
CA ARG D 374 10.03 16.71 39.55
C ARG D 374 10.65 18.03 39.98
N TYR D 375 10.62 18.31 41.28
CA TYR D 375 11.33 19.48 41.78
C TYR D 375 12.14 19.05 42.99
N ALA D 376 13.19 19.81 43.31
CA ALA D 376 14.01 19.55 44.50
C ALA D 376 14.58 20.85 45.02
N ASN D 377 14.24 21.20 46.25
CA ASN D 377 14.67 22.52 46.77
C ASN D 377 14.28 23.64 45.80
N LYS D 378 13.07 23.55 45.28
CA LYS D 378 12.55 24.56 44.38
C LYS D 378 13.26 24.62 43.02
N ILE D 379 14.09 23.63 42.71
CA ILE D 379 14.72 23.56 41.40
C ILE D 379 13.96 22.54 40.55
N PRO D 380 13.62 22.90 39.33
CA PRO D 380 12.95 21.94 38.45
C PRO D 380 13.99 21.00 37.88
N LEU D 381 13.67 19.71 37.85
CA LEU D 381 14.53 18.67 37.33
C LEU D 381 14.09 18.30 35.91
N ILE D 382 15.03 18.37 34.96
CA ILE D 382 14.68 18.23 33.54
C ILE D 382 15.24 16.98 32.90
N TYR D 383 16.48 16.64 33.23
CA TYR D 383 17.19 15.50 32.64
C TYR D 383 17.12 14.23 33.49
N ASP D 384 17.58 13.11 32.90
CA ASP D 384 17.68 11.82 33.60
C ASP D 384 16.42 11.43 34.34
N GLU D 385 15.28 11.85 33.82
CA GLU D 385 13.98 11.60 34.41
C GLU D 385 13.79 10.19 34.97
N LYS D 386 14.07 9.17 34.17
CA LYS D 386 13.77 7.80 34.57
C LYS D 386 14.75 7.16 35.57
N SER D 387 15.76 7.89 36.00
CA SER D 387 16.65 7.39 37.03
C SER D 387 16.19 7.88 38.37
N ASP D 388 15.29 8.86 38.35
CA ASP D 388 14.84 9.49 39.56
C ASP D 388 13.96 8.56 40.38
N VAL D 389 14.12 8.62 41.69
CA VAL D 389 13.32 7.81 42.57
C VAL D 389 11.85 8.20 42.47
N ILE D 390 11.59 9.44 42.08
CA ILE D 390 10.22 9.88 41.92
C ILE D 390 9.56 9.07 40.81
N TRP D 391 10.28 8.95 39.69
CA TRP D 391 9.79 8.16 38.57
C TRP D 391 9.57 6.72 39.03
N LYS D 392 10.55 6.17 39.74
CA LYS D 392 10.47 4.81 40.23
C LYS D 392 9.16 4.62 40.97
N VAL D 393 8.90 5.48 41.94
CA VAL D 393 7.67 5.34 42.71
C VAL D 393 6.41 5.52 41.87
N VAL D 394 6.42 6.47 40.95
CA VAL D 394 5.24 6.73 40.14
C VAL D 394 5.00 5.52 39.29
N GLU D 395 6.08 4.93 38.80
CA GLU D 395 6.02 3.72 37.99
C GLU D 395 5.43 2.53 38.75
N GLU D 396 5.83 2.39 40.01
CA GLU D 396 5.37 1.28 40.83
C GLU D 396 3.92 1.45 41.29
N LEU D 397 3.42 2.68 41.24
CA LEU D 397 2.06 2.96 41.69
C LEU D 397 1.01 2.44 40.73
N ASP D 398 0.14 1.57 41.25
CA ASP D 398 -0.94 0.97 40.48
C ASP D 398 -2.10 1.95 40.42
N TRP D 399 -2.40 2.46 39.23
CA TRP D 399 -3.41 3.49 39.10
C TRP D 399 -4.84 2.98 38.92
N LYS D 400 -4.97 1.70 38.62
CA LYS D 400 -6.29 1.10 38.57
C LYS D 400 -6.89 1.23 39.98
N ARG D 401 -6.07 0.96 40.98
CA ARG D 401 -6.54 1.00 42.36
C ARG D 401 -7.13 2.36 42.68
N TYR D 402 -6.85 3.34 41.85
CA TYR D 402 -7.26 4.71 42.16
C TYR D 402 -8.37 5.28 41.29
N GLY D 403 -8.72 4.58 40.22
CA GLY D 403 -9.85 5.02 39.44
C GLY D 403 -9.67 5.00 37.95
N ILE D 404 -8.43 5.03 37.49
CA ILE D 404 -8.22 4.97 36.05
C ILE D 404 -8.62 3.59 35.56
N GLU D 405 -9.32 3.55 34.44
CA GLU D 405 -9.86 2.30 33.93
C GLU D 405 -9.30 2.00 32.55
N SER D 406 -8.58 2.97 31.99
CA SER D 406 -8.03 2.80 30.65
C SER D 406 -6.53 2.97 30.60
N ASP D 407 -5.87 2.15 29.78
CA ASP D 407 -4.43 2.25 29.58
C ASP D 407 -4.14 3.49 28.72
N GLN D 408 -4.91 4.54 28.99
CA GLN D 408 -4.81 5.77 28.25
C GLN D 408 -5.48 6.83 29.10
N TYR D 409 -4.70 7.79 29.57
CA TYR D 409 -5.21 8.82 30.44
C TYR D 409 -4.54 10.15 30.21
N GLN D 410 -5.07 11.17 30.87
CA GLN D 410 -4.53 12.49 30.78
C GLN D 410 -4.14 12.86 32.17
N MSE D 411 -2.91 12.48 32.57
CA MSE D 411 -2.44 12.76 33.90
C MSE D 411 -1.08 13.48 34.01
O MSE D 411 -0.11 13.17 33.31
CB MSE D 411 -2.40 11.48 34.73
CG MSE D 411 -2.19 11.77 36.22
SE MSE D 411 -2.51 10.21 37.29
CE MSE D 411 -1.90 8.96 36.09
N VAL D 412 -1.03 14.45 34.92
CA VAL D 412 0.21 15.08 35.29
C VAL D 412 0.39 14.78 36.77
N VAL D 413 1.58 14.35 37.18
CA VAL D 413 1.87 14.17 38.60
C VAL D 413 3.09 15.01 38.95
N MSE D 414 3.03 15.78 40.05
CA MSE D 414 4.20 16.47 40.48
C MSE D 414 4.67 16.17 41.90
O MSE D 414 3.88 15.91 42.81
CB MSE D 414 4.27 17.99 40.11
CG MSE D 414 3.16 18.98 40.51
SE MSE D 414 3.97 20.85 40.73
CE MSE D 414 5.01 20.20 42.46
N VAL D 415 5.99 16.19 42.07
CA VAL D 415 6.55 15.92 43.35
C VAL D 415 7.66 16.93 43.63
N HIS D 416 7.62 17.51 44.81
CA HIS D 416 8.70 18.39 45.26
C HIS D 416 9.27 17.75 46.51
N LEU D 417 10.58 17.66 46.56
CA LEU D 417 11.27 17.20 47.74
C LEU D 417 12.06 18.43 48.18
N CYS D 418 11.86 18.88 49.39
CA CYS D 418 12.69 19.94 49.86
C CYS D 418 13.32 19.50 51.15
N SER D 419 14.59 19.80 51.31
CA SER D 419 15.32 19.31 52.45
C SER D 419 16.60 20.07 52.64
N THR D 420 17.06 19.96 53.85
CA THR D 420 18.29 20.58 54.23
C THR D 420 19.42 19.88 53.46
N LYS D 421 19.11 18.75 52.82
CA LYS D 421 20.07 18.03 51.98
C LYS D 421 19.32 17.13 50.98
N ILE D 422 19.49 17.41 49.69
CA ILE D 422 18.89 16.59 48.63
C ILE D 422 19.92 15.57 48.19
N PRO D 423 19.57 14.29 48.23
CA PRO D 423 20.51 13.23 47.86
C PRO D 423 20.55 12.94 46.35
N TYR D 424 21.21 13.78 45.56
CA TYR D 424 21.26 13.60 44.11
C TYR D 424 22.07 12.37 43.67
N LYS D 425 21.73 11.83 42.50
CA LYS D 425 22.48 10.73 41.89
C LYS D 425 23.84 11.18 41.34
N SER D 426 23.97 12.47 41.07
CA SER D 426 25.25 12.96 40.57
C SER D 426 25.36 14.42 40.88
N ALA D 427 26.57 14.95 40.86
CA ALA D 427 26.79 16.32 41.26
C ALA D 427 26.27 17.28 40.22
N GLY D 428 25.76 16.72 39.11
CA GLY D 428 25.06 17.50 38.11
C GLY D 428 23.65 17.87 38.59
N LYS D 429 23.20 17.20 39.66
CA LYS D 429 21.89 17.47 40.30
C LYS D 429 20.67 17.34 39.43
N GLU D 430 20.49 16.25 38.73
CA GLU D 430 19.32 16.18 37.88
C GLU D 430 18.36 15.10 38.30
N SER D 431 18.79 14.20 39.18
CA SER D 431 17.92 13.13 39.63
C SER D 431 18.24 12.77 41.05
N ILE D 432 17.22 12.35 41.79
CA ILE D 432 17.36 12.06 43.20
C ILE D 432 17.59 10.59 43.46
N ALA D 433 18.51 10.29 44.36
CA ALA D 433 18.88 8.90 44.65
C ALA D 433 17.83 8.18 45.48
N GLU D 434 17.93 6.85 45.47
CA GLU D 434 17.02 6.00 46.20
C GLU D 434 17.39 5.97 47.65
N VAL D 435 16.80 6.84 48.44
CA VAL D 435 16.99 6.83 49.87
C VAL D 435 15.67 6.33 50.44
N GLU D 436 15.74 5.22 51.18
CA GLU D 436 14.59 4.55 51.78
C GLU D 436 13.53 5.48 52.38
N ASP D 437 13.92 6.29 53.35
CA ASP D 437 12.97 7.11 54.06
C ASP D 437 12.32 8.12 53.12
N ILE D 438 13.06 8.56 52.11
CA ILE D 438 12.50 9.49 51.15
C ILE D 438 11.59 8.80 50.12
N GLU D 439 12.01 7.64 49.64
CA GLU D 439 11.17 6.89 48.73
C GLU D 439 9.80 6.60 49.35
N LYS D 440 9.82 6.14 50.59
CA LYS D 440 8.61 5.80 51.32
C LYS D 440 7.69 7.01 51.45
N GLU D 441 8.26 8.15 51.82
CA GLU D 441 7.48 9.36 52.04
C GLU D 441 6.89 9.92 50.73
N ILE D 442 7.62 9.79 49.64
CA ILE D 442 7.11 10.21 48.36
C ILE D 442 5.93 9.32 48.01
N LYS D 443 6.09 8.02 48.25
CA LYS D 443 4.99 7.11 47.96
C LYS D 443 3.74 7.50 48.75
N ASN D 444 3.91 7.72 50.06
CA ASN D 444 2.78 8.13 50.90
C ASN D 444 2.16 9.42 50.38
N ALA D 445 3.01 10.37 49.97
CA ALA D 445 2.49 11.62 49.44
C ALA D 445 1.66 11.35 48.21
N LEU D 446 2.21 10.58 47.30
CA LEU D 446 1.49 10.29 46.08
C LEU D 446 0.20 9.58 46.37
N MSE D 447 0.20 8.74 47.39
CA MSE D 447 -1.02 8.06 47.74
C MSE D 447 -2.09 9.03 48.23
O MSE D 447 -3.27 8.87 47.89
CB MSE D 447 -0.77 6.94 48.72
CG MSE D 447 -0.31 5.71 48.01
SE MSE D 447 0.06 4.21 49.18
CE MSE D 447 0.33 2.94 47.75
N GLU D 448 -1.69 10.06 48.99
CA GLU D 448 -2.67 11.05 49.44
C GLU D 448 -3.34 11.76 48.26
N VAL D 449 -2.57 12.17 47.25
CA VAL D 449 -3.23 12.86 46.15
C VAL D 449 -3.99 11.93 45.24
N ALA D 450 -3.50 10.70 45.09
CA ALA D 450 -4.19 9.70 44.29
C ALA D 450 -5.58 9.42 44.84
N ARG D 451 -5.69 9.42 46.17
CA ARG D 451 -6.98 9.22 46.81
C ARG D 451 -7.90 10.40 46.51
N LYS D 452 -7.33 11.58 46.29
CA LYS D 452 -8.16 12.73 45.95
C LYS D 452 -8.58 12.67 44.49
N LEU D 453 -7.73 12.06 43.65
CA LEU D 453 -8.08 11.86 42.26
C LEU D 453 -9.15 10.77 42.17
N LYS D 454 -9.03 9.75 43.04
CA LYS D 454 -9.99 8.67 43.06
C LYS D 454 -11.38 9.22 43.33
N GLN D 455 -11.49 9.92 44.45
CA GLN D 455 -12.73 10.53 44.88
C GLN D 455 -13.33 11.37 43.76
N TYR D 456 -12.51 12.19 43.11
CA TYR D 456 -13.00 13.02 41.99
C TYR D 456 -13.64 12.16 40.92
N LEU D 457 -12.89 11.19 40.44
CA LEU D 457 -13.34 10.30 39.36
C LEU D 457 -14.57 9.56 39.77
N SER D 458 -14.61 9.14 41.03
CA SER D 458 -15.76 8.45 41.58
C SER D 458 -16.99 9.32 41.35
N GLU D 459 -17.00 10.49 41.99
CA GLU D 459 -18.10 11.41 41.85
C GLU D 459 -18.42 11.66 40.38
N LYS D 460 -17.38 11.85 39.59
CA LYS D 460 -17.55 12.11 38.16
C LYS D 460 -18.19 10.93 37.42
N ARG D 461 -18.34 9.79 38.09
CA ARG D 461 -19.00 8.64 37.49
C ARG D 461 -20.41 8.53 38.04
N LYS D 462 -20.58 8.91 39.30
CA LYS D 462 -21.90 8.89 39.92
C LYS D 462 -22.79 9.97 39.29
N GLU D 463 -22.19 11.10 38.93
CA GLU D 463 -22.91 12.22 38.35
C GLU D 463 -23.49 11.90 36.96
N GLN D 464 -22.70 11.25 36.11
CA GLN D 464 -23.15 10.90 34.77
C GLN D 464 -24.35 9.93 34.81
N GLU D 465 -24.31 8.98 35.74
CA GLU D 465 -25.39 8.02 35.89
C GLU D 465 -26.68 8.72 36.34
N ALA D 466 -26.53 9.80 37.10
CA ALA D 466 -27.66 10.59 37.56
C ALA D 466 -28.15 11.56 36.48
N LYS E 6 17.93 33.67 -50.39
CA LYS E 6 19.27 33.71 -49.76
C LYS E 6 19.18 33.73 -48.22
N GLU E 7 20.20 34.27 -47.56
CA GLU E 7 20.26 34.33 -46.09
C GLU E 7 21.01 35.58 -45.61
N LYS E 8 20.37 36.38 -44.76
CA LYS E 8 21.04 37.55 -44.16
C LYS E 8 21.11 37.51 -42.62
N PHE E 9 22.34 37.45 -42.11
CA PHE E 9 22.60 37.28 -40.70
C PHE E 9 22.58 38.60 -39.92
N THR E 10 21.83 38.63 -38.82
CA THR E 10 21.72 39.84 -37.99
C THR E 10 21.76 39.53 -36.50
N SER E 11 21.86 40.57 -35.68
CA SER E 11 21.96 40.39 -34.24
C SER E 11 20.96 41.18 -33.41
N LEU E 12 20.57 40.58 -32.28
CA LEU E 12 19.59 41.18 -31.37
C LEU E 12 20.21 41.53 -30.03
N SER E 13 19.66 42.55 -29.39
CA SER E 13 20.02 42.86 -28.03
C SER E 13 19.04 42.10 -27.13
N PRO E 14 19.42 41.90 -25.88
CA PRO E 14 18.54 41.22 -24.90
C PRO E 14 17.10 41.78 -24.88
N ALA E 15 16.95 43.10 -24.94
CA ALA E 15 15.62 43.70 -24.97
C ALA E 15 14.82 43.28 -26.21
N GLU E 16 15.44 43.30 -27.39
CA GLU E 16 14.75 42.91 -28.63
C GLU E 16 14.34 41.45 -28.60
N PHE E 17 15.13 40.63 -27.94
CA PHE E 17 14.84 39.21 -27.88
C PHE E 17 13.52 38.93 -27.13
N PHE E 18 13.33 39.58 -26.00
CA PHE E 18 12.11 39.41 -25.22
C PHE E 18 10.97 40.27 -25.77
N LYS E 19 11.30 41.35 -26.46
CA LYS E 19 10.26 42.13 -27.10
C LYS E 19 9.61 41.29 -28.20
N ARG E 20 10.42 40.50 -28.91
CA ARG E 20 9.93 39.66 -30.00
C ARG E 20 9.29 38.40 -29.46
N ASN E 21 9.64 38.05 -28.24
CA ASN E 21 9.22 36.79 -27.66
C ASN E 21 8.75 36.92 -26.22
N PRO E 22 7.70 37.70 -26.01
CA PRO E 22 7.18 38.00 -24.67
C PRO E 22 6.71 36.72 -23.98
N GLU E 23 6.24 35.77 -24.78
CA GLU E 23 5.78 34.47 -24.28
C GLU E 23 6.86 33.78 -23.47
N LEU E 24 8.11 34.12 -23.74
CA LEU E 24 9.21 33.45 -23.03
C LEU E 24 9.36 33.95 -21.61
N ALA E 25 8.86 35.15 -21.33
CA ALA E 25 9.00 35.75 -20.00
C ALA E 25 7.71 35.69 -19.20
N GLY E 26 6.75 34.90 -19.68
CA GLY E 26 5.46 34.81 -19.04
C GLY E 26 4.44 35.85 -19.45
N PHE E 27 4.60 36.44 -20.64
CA PHE E 27 3.62 37.42 -21.14
C PHE E 27 3.05 37.00 -22.49
N PRO E 28 2.34 35.88 -22.53
CA PRO E 28 1.79 35.37 -23.79
C PRO E 28 0.42 35.95 -24.14
N ASN E 29 -0.32 36.41 -23.14
CA ASN E 29 -1.64 36.99 -23.36
C ASN E 29 -1.91 37.95 -22.23
N PRO E 30 -2.95 38.76 -22.38
CA PRO E 30 -3.29 39.79 -21.38
C PRO E 30 -3.67 39.25 -19.99
N ALA E 31 -4.33 38.11 -19.91
CA ALA E 31 -4.65 37.54 -18.61
C ALA E 31 -3.37 37.21 -17.84
N ARG E 32 -2.47 36.49 -18.51
CA ARG E 32 -1.22 36.07 -17.90
C ARG E 32 -0.38 37.28 -17.61
N ALA E 33 -0.35 38.21 -18.57
CA ALA E 33 0.46 39.43 -18.39
C ALA E 33 0.04 40.15 -17.12
N LEU E 34 -1.28 40.32 -16.94
CA LEU E 34 -1.80 40.95 -15.73
C LEU E 34 -1.30 40.23 -14.50
N TYR E 35 -1.47 38.90 -14.48
CA TYR E 35 -0.98 38.05 -13.40
C TYR E 35 0.53 38.16 -13.21
N GLN E 36 1.30 38.16 -14.30
CA GLN E 36 2.76 38.13 -14.21
C GLN E 36 3.30 39.44 -13.67
N THR E 37 2.64 40.53 -14.01
CA THR E 37 3.07 41.85 -13.58
C THR E 37 2.85 42.04 -12.07
N VAL E 38 1.67 41.73 -11.60
CA VAL E 38 1.40 41.73 -10.17
C VAL E 38 2.45 40.87 -9.43
N ARG E 39 2.58 39.63 -9.88
CA ARG E 39 3.53 38.70 -9.28
C ARG E 39 5.00 39.18 -9.33
N GLU E 40 5.43 39.78 -10.42
CA GLU E 40 6.83 40.24 -10.48
C GLU E 40 7.08 41.40 -9.54
N LEU E 41 6.14 42.33 -9.45
CA LEU E 41 6.32 43.43 -8.53
C LEU E 41 6.29 42.94 -7.07
N ILE E 42 5.39 42.01 -6.74
CA ILE E 42 5.31 41.51 -5.34
C ILE E 42 6.56 40.77 -4.94
N GLU E 43 7.11 39.99 -5.88
CA GLU E 43 8.37 39.30 -5.60
C GLU E 43 9.54 40.23 -5.43
N ASN E 44 9.59 41.29 -6.23
CA ASN E 44 10.59 42.30 -6.02
C ASN E 44 10.46 42.98 -4.61
N SER E 45 9.23 43.30 -4.20
CA SER E 45 8.97 43.93 -2.89
C SER E 45 9.29 43.02 -1.70
N LEU E 46 9.01 41.73 -1.86
CA LEU E 46 9.39 40.78 -0.82
C LEU E 46 10.91 40.68 -0.73
N ASP E 47 11.61 40.63 -1.89
CA ASP E 47 13.09 40.54 -1.85
C ASP E 47 13.71 41.81 -1.28
N ALA E 48 13.04 42.95 -1.42
CA ALA E 48 13.57 44.19 -0.88
C ALA E 48 13.20 44.33 0.60
N THR E 49 12.40 43.41 1.11
CA THR E 49 12.02 43.47 2.52
C THR E 49 12.61 42.37 3.38
N ASP E 50 12.07 41.15 3.30
CA ASP E 50 12.52 40.13 4.25
C ASP E 50 13.96 39.72 4.11
N VAL E 51 14.48 39.78 2.90
CA VAL E 51 15.89 39.51 2.69
C VAL E 51 16.78 40.52 3.45
N HIS E 52 16.23 41.62 3.93
CA HIS E 52 17.04 42.57 4.69
C HIS E 52 16.51 42.79 6.08
N GLY E 53 15.73 41.83 6.57
CA GLY E 53 15.23 41.89 7.91
C GLY E 53 14.00 42.77 8.16
N ILE E 54 13.38 43.25 7.10
CA ILE E 54 12.24 44.14 7.26
C ILE E 54 10.91 43.37 7.21
N LEU E 55 10.04 43.62 8.19
CA LEU E 55 8.70 43.10 8.13
C LEU E 55 8.01 43.78 6.94
N PRO E 56 7.61 43.01 5.92
CA PRO E 56 7.00 43.58 4.71
C PRO E 56 5.61 44.14 4.93
N ASN E 57 5.38 45.38 4.48
CA ASN E 57 4.03 45.97 4.38
C ASN E 57 3.83 46.26 2.90
N ILE E 58 2.97 45.49 2.25
CA ILE E 58 2.89 45.66 0.82
C ILE E 58 1.47 45.98 0.39
N LYS E 59 1.32 47.01 -0.42
CA LYS E 59 0.03 47.40 -0.91
C LYS E 59 -0.01 47.20 -2.40
N ILE E 60 -1.05 46.51 -2.85
CA ILE E 60 -1.20 46.23 -4.27
C ILE E 60 -2.50 46.85 -4.77
N THR E 61 -2.45 47.67 -5.81
CA THR E 61 -3.69 48.15 -6.40
C THR E 61 -3.65 47.91 -7.90
N ILE E 62 -4.79 47.57 -8.46
CA ILE E 62 -4.93 47.41 -9.91
C ILE E 62 -6.15 48.19 -10.33
N ASP E 63 -5.99 49.19 -11.18
CA ASP E 63 -7.14 49.97 -11.65
C ASP E 63 -7.36 49.86 -13.16
N LEU E 64 -8.61 49.70 -13.55
CA LEU E 64 -8.96 49.71 -14.96
C LEU E 64 -8.89 51.18 -15.40
N ILE E 65 -7.90 51.54 -16.20
CA ILE E 65 -7.79 52.95 -16.58
C ILE E 65 -8.43 53.27 -17.92
N ASP E 66 -8.45 52.31 -18.84
CA ASP E 66 -9.13 52.49 -20.13
C ASP E 66 -9.96 51.25 -20.50
N ASP E 67 -11.27 51.38 -20.43
CA ASP E 67 -12.16 50.25 -20.67
C ASP E 67 -12.12 49.69 -22.09
N ALA E 68 -12.27 50.54 -23.09
CA ALA E 68 -12.26 50.05 -24.47
C ALA E 68 -10.94 49.43 -24.84
N ARG E 69 -9.85 49.96 -24.29
CA ARG E 69 -8.52 49.43 -24.58
C ARG E 69 -8.10 48.37 -23.56
N GLN E 70 -8.86 48.25 -22.46
CA GLN E 70 -8.54 47.28 -21.41
C GLN E 70 -7.12 47.45 -20.86
N ILE E 71 -6.76 48.68 -20.52
CA ILE E 71 -5.45 48.99 -19.93
C ILE E 71 -5.65 49.14 -18.43
N TYR E 72 -4.74 48.54 -17.66
CA TYR E 72 -4.82 48.56 -16.21
C TYR E 72 -3.57 49.16 -15.74
N LYS E 73 -3.66 49.91 -14.65
CA LYS E 73 -2.48 50.41 -14.00
C LYS E 73 -2.35 49.51 -12.81
N VAL E 74 -1.16 48.95 -12.67
CA VAL E 74 -0.82 48.11 -11.53
C VAL E 74 0.19 48.90 -10.69
N ASN E 75 -0.13 49.10 -9.42
CA ASN E 75 0.76 49.81 -8.49
C ASN E 75 1.04 48.93 -7.29
N VAL E 76 2.32 48.79 -6.93
CA VAL E 76 2.74 48.04 -5.77
C VAL E 76 3.68 48.93 -4.95
N VAL E 77 3.37 49.08 -3.66
CA VAL E 77 4.15 49.92 -2.75
C VAL E 77 4.66 49.05 -1.62
N ASP E 78 5.93 49.19 -1.27
CA ASP E 78 6.50 48.38 -0.19
C ASP E 78 7.29 49.32 0.73
N ASN E 79 7.77 48.76 1.86
CA ASN E 79 8.61 49.46 2.82
C ASN E 79 9.98 48.82 2.83
N GLY E 80 10.45 48.38 1.68
CA GLY E 80 11.75 47.73 1.52
C GLY E 80 12.92 48.72 1.42
N ILE E 81 14.11 48.20 1.13
CA ILE E 81 15.32 49.02 1.12
C ILE E 81 15.40 50.07 0.01
N GLY E 82 14.42 50.13 -0.88
CA GLY E 82 14.55 51.06 -2.01
C GLY E 82 15.73 50.77 -2.92
N ILE E 83 16.00 51.69 -3.86
CA ILE E 83 17.10 51.53 -4.84
C ILE E 83 17.88 52.83 -4.91
N PRO E 84 19.22 52.78 -4.85
CA PRO E 84 20.00 54.01 -4.99
C PRO E 84 19.58 54.69 -6.28
N PRO E 85 19.37 56.01 -6.21
CA PRO E 85 18.86 56.75 -7.38
C PRO E 85 19.63 56.45 -8.67
N GLN E 86 20.96 56.42 -8.59
CA GLN E 86 21.79 56.21 -9.78
C GLN E 86 21.64 54.84 -10.44
N GLU E 87 21.05 53.85 -9.75
CA GLU E 87 20.90 52.53 -10.35
C GLU E 87 19.47 52.24 -10.83
N VAL E 88 18.55 53.14 -10.55
CA VAL E 88 17.14 52.96 -10.93
C VAL E 88 16.97 52.74 -12.44
N PRO E 89 17.48 53.67 -13.27
CA PRO E 89 17.32 53.52 -14.72
C PRO E 89 17.73 52.13 -15.17
N ASN E 90 18.88 51.63 -14.73
CA ASN E 90 19.34 50.32 -15.18
C ASN E 90 18.47 49.21 -14.56
N ALA E 91 18.09 49.38 -13.29
CA ALA E 91 17.31 48.35 -12.61
C ALA E 91 15.97 48.06 -13.30
N PHE E 92 15.33 49.09 -13.83
CA PHE E 92 14.04 48.94 -14.47
C PHE E 92 14.09 49.04 -15.99
N GLY E 93 15.25 49.44 -16.53
CA GLY E 93 15.34 49.76 -17.94
C GLY E 93 16.45 49.11 -18.77
N ARG E 94 17.20 48.20 -18.15
CA ARG E 94 18.20 47.41 -18.85
C ARG E 94 17.93 45.92 -18.62
N VAL E 95 17.52 45.22 -19.66
CA VAL E 95 17.31 43.79 -19.59
C VAL E 95 18.63 43.09 -19.23
N LEU E 96 18.57 42.15 -18.29
CA LEU E 96 19.74 41.44 -17.75
C LEU E 96 20.58 42.32 -16.84
N TYR E 97 19.89 43.00 -15.95
CA TYR E 97 20.53 43.76 -14.87
C TYR E 97 19.83 43.36 -13.57
N SER E 98 20.62 42.96 -12.56
CA SER E 98 20.09 42.43 -11.30
C SER E 98 21.07 42.63 -10.14
N SER E 99 20.55 42.61 -8.91
CA SER E 99 21.41 42.57 -7.71
C SER E 99 21.25 41.17 -7.14
N LYS E 100 20.67 40.28 -7.95
CA LYS E 100 20.39 38.91 -7.50
C LYS E 100 21.16 37.82 -8.25
N TYR E 101 22.21 38.20 -8.96
CA TYR E 101 23.02 37.20 -9.64
C TYR E 101 23.96 36.52 -8.62
N VAL E 102 24.26 37.26 -7.57
CA VAL E 102 24.99 36.76 -6.42
C VAL E 102 24.43 35.41 -5.92
N ASN E 103 25.28 34.58 -5.35
CA ASN E 103 24.89 33.24 -4.89
C ASN E 103 24.14 33.28 -3.54
N ARG E 104 22.83 33.43 -3.63
CA ARG E 104 21.98 33.61 -2.45
C ARG E 104 20.53 33.29 -2.83
N GLN E 105 19.76 32.76 -1.89
CA GLN E 105 18.36 32.49 -2.15
C GLN E 105 17.55 33.79 -2.20
N THR E 106 17.02 34.15 -3.38
CA THR E 106 16.01 35.21 -3.49
C THR E 106 14.88 34.79 -4.41
N ARG E 107 13.82 35.57 -4.40
CA ARG E 107 12.70 35.23 -5.24
C ARG E 107 13.14 35.53 -6.69
N GLY E 108 13.80 36.66 -6.90
CA GLY E 108 14.29 37.04 -8.22
C GLY E 108 15.66 36.46 -8.60
N MSE E 109 15.82 36.08 -9.87
CA MSE E 109 17.05 35.43 -10.30
C MSE E 109 17.55 35.74 -11.73
O MSE E 109 18.63 35.33 -12.06
CB MSE E 109 16.86 33.90 -10.18
CG MSE E 109 15.80 33.41 -11.11
SE MSE E 109 15.53 31.51 -11.05
CE MSE E 109 16.98 30.99 -10.22
N TYR E 110 16.79 36.48 -12.54
CA TYR E 110 17.18 36.70 -13.95
C TYR E 110 17.56 38.12 -14.34
N GLY E 111 17.16 39.09 -13.55
CA GLY E 111 17.34 40.46 -13.96
C GLY E 111 16.48 40.75 -15.19
N LEU E 112 15.30 40.14 -15.22
CA LEU E 112 14.37 40.27 -16.34
C LEU E 112 12.95 40.76 -15.95
N GLY E 113 12.41 40.16 -14.91
CA GLY E 113 11.01 40.31 -14.53
C GLY E 113 10.33 41.63 -14.80
N VAL E 114 10.75 42.65 -14.05
CA VAL E 114 10.12 43.94 -14.20
C VAL E 114 10.33 44.56 -15.58
N LYS E 115 11.46 44.28 -16.25
CA LYS E 115 11.68 44.79 -17.61
C LYS E 115 10.77 44.15 -18.63
N ALA E 116 10.47 42.88 -18.45
CA ALA E 116 9.54 42.21 -19.34
C ALA E 116 8.20 42.91 -19.23
N ALA E 117 7.80 43.30 -18.02
CA ALA E 117 6.52 44.01 -17.85
C ALA E 117 6.60 45.39 -18.53
N VAL E 118 7.77 46.02 -18.42
CA VAL E 118 8.02 47.29 -19.10
C VAL E 118 7.98 47.10 -20.64
N LEU E 119 8.60 46.04 -21.14
CA LEU E 119 8.56 45.80 -22.57
C LEU E 119 7.10 45.66 -23.03
N TYR E 120 6.34 44.82 -22.33
CA TYR E 120 4.93 44.59 -22.66
C TYR E 120 4.14 45.89 -22.60
N SER E 121 4.43 46.73 -21.62
CA SER E 121 3.75 48.01 -21.49
C SER E 121 4.01 48.93 -22.70
N GLN E 122 5.23 48.89 -23.22
CA GLN E 122 5.64 49.76 -24.32
C GLN E 122 5.05 49.30 -25.60
N MSE E 123 4.89 48.01 -25.75
CA MSE E 123 4.44 47.51 -27.02
C MSE E 123 2.92 47.67 -27.25
O MSE E 123 2.44 47.46 -28.37
CB MSE E 123 5.05 46.14 -27.35
CG MSE E 123 4.41 44.89 -26.76
SE MSE E 123 5.74 43.34 -26.89
CE MSE E 123 7.04 44.03 -25.73
N HIS E 124 2.21 48.14 -26.23
CA HIS E 124 0.75 48.24 -26.29
C HIS E 124 0.15 49.56 -25.83
N GLN E 125 0.89 50.35 -25.05
CA GLN E 125 0.37 51.67 -24.67
C GLN E 125 1.52 52.68 -24.61
N ASP E 126 1.23 53.94 -24.32
CA ASP E 126 2.30 54.95 -24.36
C ASP E 126 2.79 55.58 -23.03
N LYS E 127 2.16 55.29 -21.91
CA LYS E 127 2.67 55.85 -20.65
C LYS E 127 3.89 55.09 -20.12
N PRO E 128 4.88 55.84 -19.63
CA PRO E 128 6.10 55.26 -19.07
C PRO E 128 5.89 54.66 -17.70
N ILE E 129 6.70 53.67 -17.34
CA ILE E 129 6.65 53.14 -15.99
C ILE E 129 7.04 54.26 -14.98
N GLU E 130 6.41 54.28 -13.81
CA GLU E 130 6.70 55.29 -12.79
C GLU E 130 7.25 54.61 -11.56
N ILE E 131 8.39 55.11 -11.10
CA ILE E 131 9.07 54.60 -9.93
C ILE E 131 9.35 55.72 -8.95
N GLU E 132 9.16 55.42 -7.67
CA GLU E 132 9.50 56.35 -6.63
C GLU E 132 10.16 55.53 -5.58
N THR E 133 11.33 55.97 -5.16
CA THR E 133 12.07 55.17 -4.21
C THR E 133 12.84 56.00 -3.21
N SER E 134 13.01 55.44 -2.03
CA SER E 134 13.67 56.15 -0.95
C SER E 134 14.49 55.16 -0.15
N PRO E 135 15.80 55.10 -0.41
CA PRO E 135 16.71 54.20 0.31
C PRO E 135 16.76 54.49 1.80
N VAL E 136 17.49 53.66 2.55
CA VAL E 136 17.63 53.82 4.00
C VAL E 136 18.19 55.19 4.36
N ASN E 137 17.58 55.83 5.37
CA ASN E 137 18.00 57.14 5.82
C ASN E 137 18.09 58.11 4.64
N SER E 138 17.01 58.23 3.88
CA SER E 138 17.00 59.21 2.81
C SER E 138 15.96 60.26 3.13
N LYS E 139 16.36 61.52 2.99
CA LYS E 139 15.46 62.60 3.30
C LYS E 139 14.73 62.98 2.02
N ARG E 140 14.85 62.10 1.01
CA ARG E 140 14.27 62.34 -0.30
C ARG E 140 13.58 61.13 -0.93
N ILE E 141 12.49 61.37 -1.64
CA ILE E 141 11.92 60.33 -2.46
C ILE E 141 12.31 60.64 -3.90
N TYR E 142 13.10 59.77 -4.49
CA TYR E 142 13.53 59.97 -5.89
C TYR E 142 12.47 59.47 -6.85
N THR E 143 12.10 60.32 -7.80
CA THR E 143 11.04 59.98 -8.76
C THR E 143 11.58 59.80 -10.16
N PHE E 144 11.00 58.84 -10.88
CA PHE E 144 11.44 58.47 -12.21
C PHE E 144 10.27 58.04 -13.12
N LYS E 145 10.36 58.46 -14.39
CA LYS E 145 9.50 57.95 -15.45
C LYS E 145 10.42 57.36 -16.50
N LEU E 146 10.24 56.08 -16.79
CA LEU E 146 11.17 55.38 -17.66
C LEU E 146 10.58 54.67 -18.88
N LYS E 147 11.43 54.49 -19.89
CA LYS E 147 11.12 53.64 -21.04
C LYS E 147 12.39 52.88 -21.36
N ILE E 148 12.27 51.84 -22.16
CA ILE E 148 13.45 51.08 -22.57
C ILE E 148 13.76 51.24 -24.05
N ASP E 149 14.97 51.68 -24.38
CA ASP E 149 15.42 51.70 -25.77
C ASP E 149 15.71 50.26 -26.18
N ILE E 150 14.84 49.70 -26.99
CA ILE E 150 14.97 48.28 -27.32
C ILE E 150 16.26 47.88 -27.97
N ASN E 151 16.62 48.56 -29.06
CA ASN E 151 17.79 48.22 -29.84
C ASN E 151 19.04 48.35 -28.99
N LYS E 152 19.20 49.49 -28.35
CA LYS E 152 20.34 49.73 -27.47
C LYS E 152 20.33 48.84 -26.23
N ASN E 153 19.13 48.47 -25.78
CA ASN E 153 18.94 47.83 -24.48
C ASN E 153 19.47 48.76 -23.39
N GLU E 154 18.99 49.99 -23.43
CA GLU E 154 19.39 50.96 -22.44
C GLU E 154 18.21 51.76 -21.94
N PRO E 155 18.27 52.15 -20.68
CA PRO E 155 17.27 53.03 -20.09
C PRO E 155 17.13 54.32 -20.88
N ILE E 156 15.91 54.85 -20.91
CA ILE E 156 15.63 56.18 -21.40
C ILE E 156 14.98 56.87 -20.22
N ILE E 157 15.55 57.97 -19.78
CA ILE E 157 14.96 58.70 -18.69
C ILE E 157 14.05 59.77 -19.25
N VAL E 158 12.75 59.52 -19.22
CA VAL E 158 11.78 60.49 -19.68
C VAL E 158 11.70 61.63 -18.68
N GLU E 159 11.72 61.29 -17.40
CA GLU E 159 11.62 62.32 -16.37
C GLU E 159 12.38 61.90 -15.11
N ARG E 160 12.99 62.86 -14.44
CA ARG E 160 13.81 62.58 -13.28
C ARG E 160 13.57 63.70 -12.28
N GLY E 161 13.39 63.35 -11.02
CA GLY E 161 13.16 64.35 -10.01
C GLY E 161 13.23 63.77 -8.62
N SER E 162 12.75 64.54 -7.66
CA SER E 162 12.67 64.04 -6.31
C SER E 162 11.74 64.89 -5.50
N VAL E 163 11.32 64.34 -4.38
CA VAL E 163 10.33 64.96 -3.55
C VAL E 163 10.82 64.85 -2.11
N GLU E 164 10.29 65.68 -1.22
CA GLU E 164 10.75 65.69 0.16
C GLU E 164 10.29 64.47 0.93
N ASN E 165 11.22 63.82 1.61
CA ASN E 165 10.86 62.70 2.47
C ASN E 165 10.68 63.28 3.85
N THR E 166 10.20 62.50 4.80
CA THR E 166 9.90 63.06 6.09
C THR E 166 9.94 62.01 7.22
N PHE E 169 11.93 57.11 6.05
CA PHE E 169 11.20 56.35 5.03
C PHE E 169 12.20 55.65 4.15
N HIS E 170 11.91 54.39 3.88
CA HIS E 170 12.56 53.67 2.83
C HIS E 170 11.43 52.87 2.24
N GLY E 171 11.44 52.73 0.94
CA GLY E 171 10.44 51.97 0.26
C GLY E 171 10.49 52.30 -1.20
N THR E 172 9.71 51.54 -1.96
CA THR E 172 9.60 51.72 -3.38
C THR E 172 8.15 51.60 -3.83
N SER E 173 7.80 52.40 -4.81
CA SER E 173 6.50 52.35 -5.39
C SER E 173 6.72 52.21 -6.87
N VAL E 174 6.17 51.16 -7.45
CA VAL E 174 6.23 50.98 -8.88
C VAL E 174 4.80 50.99 -9.42
N ALA E 175 4.57 51.75 -10.47
CA ALA E 175 3.25 51.79 -11.14
C ALA E 175 3.47 51.58 -12.61
N ILE E 176 2.73 50.66 -13.18
CA ILE E 176 2.92 50.37 -14.60
C ILE E 176 1.62 50.06 -15.30
N SER E 177 1.46 50.54 -16.53
CA SER E 177 0.25 50.31 -17.29
C SER E 177 0.42 49.24 -18.36
N ILE E 178 -0.48 48.26 -18.37
CA ILE E 178 -0.44 47.16 -19.31
C ILE E 178 -1.83 46.76 -19.73
N PRO E 179 -1.90 46.12 -20.89
CA PRO E 179 -3.13 45.50 -21.37
C PRO E 179 -3.38 44.35 -20.41
N GLY E 180 -4.63 44.00 -20.20
CA GLY E 180 -4.93 42.92 -19.25
C GLY E 180 -6.32 42.34 -19.47
N ASP E 181 -6.60 41.27 -18.73
CA ASP E 181 -7.91 40.62 -18.80
C ASP E 181 -8.28 40.19 -17.37
N TRP E 182 -8.81 41.12 -16.59
CA TRP E 182 -9.07 40.89 -15.17
C TRP E 182 -9.91 39.67 -14.86
N PRO E 183 -11.09 39.58 -15.45
CA PRO E 183 -11.96 38.45 -15.18
C PRO E 183 -11.24 37.13 -15.37
N LYS E 184 -10.31 37.03 -16.31
CA LYS E 184 -9.62 35.77 -16.53
C LYS E 184 -8.47 35.55 -15.57
N ALA E 185 -7.87 36.61 -15.07
CA ALA E 185 -6.73 36.46 -14.19
C ALA E 185 -7.14 36.43 -12.73
N LYS E 186 -8.37 36.84 -12.48
CA LYS E 186 -8.82 37.15 -11.12
C LYS E 186 -8.53 36.07 -10.09
N SER E 187 -9.07 34.89 -10.33
CA SER E 187 -8.95 33.82 -9.39
C SER E 187 -7.46 33.47 -9.17
N ARG E 188 -6.66 33.54 -10.21
CA ARG E 188 -5.25 33.21 -10.08
C ARG E 188 -4.52 34.30 -9.32
N ILE E 189 -4.89 35.54 -9.51
CA ILE E 189 -4.24 36.61 -8.77
C ILE E 189 -4.55 36.47 -7.27
N TYR E 190 -5.79 36.19 -6.95
CA TYR E 190 -6.14 35.98 -5.55
C TYR E 190 -5.47 34.76 -4.99
N GLU E 191 -5.40 33.66 -5.76
CA GLU E 191 -4.76 32.50 -5.19
C GLU E 191 -3.31 32.79 -4.88
N TYR E 192 -2.64 33.53 -5.76
CA TYR E 192 -1.23 33.84 -5.59
C TYR E 192 -1.01 34.63 -4.28
N ILE E 193 -1.91 35.55 -3.97
CA ILE E 193 -1.75 36.42 -2.79
C ILE E 193 -2.08 35.64 -1.53
N LYS E 194 -3.16 34.86 -1.58
CA LYS E 194 -3.52 34.03 -0.44
C LYS E 194 -2.39 33.02 -0.11
N ARG E 195 -1.89 32.36 -1.13
CA ARG E 195 -0.85 31.36 -0.88
C ARG E 195 0.45 31.97 -0.43
N THR E 196 0.72 33.20 -0.87
CA THR E 196 1.87 33.94 -0.38
C THR E 196 1.68 34.24 1.09
N TYR E 197 0.49 34.67 1.46
CA TYR E 197 0.21 35.08 2.83
C TYR E 197 0.28 33.90 3.81
N ILE E 198 -0.27 32.74 3.45
CA ILE E 198 -0.23 31.61 4.38
C ILE E 198 1.17 31.25 4.86
N ILE E 199 2.17 31.40 4.01
CA ILE E 199 3.55 31.07 4.41
C ILE E 199 4.36 32.32 4.74
N THR E 200 3.72 33.49 4.73
CA THR E 200 4.41 34.73 5.12
C THR E 200 3.61 35.50 6.19
N PRO E 201 3.49 34.92 7.38
CA PRO E 201 2.63 35.48 8.42
C PRO E 201 3.25 36.76 9.01
N TYR E 202 4.50 37.02 8.70
CA TYR E 202 5.16 38.22 9.23
C TYR E 202 4.97 39.38 8.27
N ALA E 203 4.28 39.16 7.15
CA ALA E 203 4.02 40.26 6.25
C ALA E 203 2.58 40.72 6.36
N GLU E 204 2.34 41.93 5.92
CA GLU E 204 1.01 42.50 5.86
C GLU E 204 0.71 42.92 4.41
N PHE E 205 -0.40 42.45 3.84
CA PHE E 205 -0.78 42.84 2.50
C PHE E 205 -2.13 43.51 2.47
N ILE E 206 -2.27 44.45 1.53
CA ILE E 206 -3.57 45.07 1.23
C ILE E 206 -3.68 44.97 -0.27
N PHE E 207 -4.83 44.50 -0.73
CA PHE E 207 -5.11 44.31 -2.16
C PHE E 207 -6.41 44.97 -2.57
N LYS E 208 -6.34 45.99 -3.44
CA LYS E 208 -7.56 46.57 -4.02
C LYS E 208 -7.59 46.17 -5.50
N ASP E 209 -8.62 45.43 -5.89
CA ASP E 209 -8.73 44.91 -7.25
C ASP E 209 -9.48 45.81 -8.20
N PRO E 210 -9.37 45.56 -9.52
CA PRO E 210 -10.03 46.39 -10.53
C PRO E 210 -11.48 46.77 -10.21
N GLU E 211 -12.22 45.88 -9.55
CA GLU E 211 -13.66 46.09 -9.22
C GLU E 211 -13.93 46.93 -7.98
N GLY E 212 -12.90 47.25 -7.20
CA GLY E 212 -13.13 48.02 -6.01
C GLY E 212 -13.10 47.18 -4.75
N ASN E 213 -12.98 45.86 -4.92
CA ASN E 213 -12.85 44.95 -3.79
C ASN E 213 -11.51 45.17 -3.11
N VAL E 214 -11.53 45.25 -1.79
CA VAL E 214 -10.33 45.45 -1.03
C VAL E 214 -10.17 44.28 -0.08
N THR E 215 -8.96 43.80 0.06
CA THR E 215 -8.71 42.65 0.93
C THR E 215 -7.46 42.94 1.77
N TYR E 216 -7.54 42.58 3.03
CA TYR E 216 -6.53 42.94 4.02
C TYR E 216 -6.03 41.67 4.67
N TYR E 217 -4.71 41.50 4.65
CA TYR E 217 -4.05 40.32 5.19
C TYR E 217 -3.10 40.86 6.26
N PRO E 218 -3.53 40.84 7.52
CA PRO E 218 -2.77 41.43 8.62
C PRO E 218 -1.57 40.56 9.04
N ARG E 219 -0.53 41.20 9.51
CA ARG E 219 0.62 40.48 9.98
C ARG E 219 0.29 39.78 11.29
N LEU E 220 0.75 38.54 11.44
CA LEU E 220 0.41 37.73 12.60
C LEU E 220 1.55 37.55 13.59
N THR E 221 2.77 37.81 13.13
CA THR E 221 3.95 37.67 13.98
C THR E 221 4.97 38.74 13.58
N ASN E 222 5.74 39.22 14.54
CA ASN E 222 6.75 40.19 14.21
C ASN E 222 8.10 39.50 14.14
N LYS E 223 8.07 38.17 14.13
CA LYS E 223 9.27 37.35 14.03
C LYS E 223 9.64 37.10 12.58
N ILE E 224 10.82 37.55 12.17
CA ILE E 224 11.28 37.33 10.82
C ILE E 224 12.34 36.25 10.79
N PRO E 225 12.24 35.35 9.83
CA PRO E 225 13.23 34.29 9.63
C PRO E 225 14.59 34.88 9.30
N LYS E 226 15.67 34.23 9.73
CA LYS E 226 17.01 34.68 9.40
C LYS E 226 17.17 34.84 7.89
N PRO E 227 17.46 36.05 7.46
CA PRO E 227 17.60 36.35 6.04
C PRO E 227 18.74 35.55 5.42
N PRO E 228 18.56 35.10 4.19
CA PRO E 228 19.56 34.27 3.52
C PRO E 228 20.70 35.17 3.12
N GLN E 229 21.91 34.64 3.10
CA GLN E 229 23.08 35.43 2.75
C GLN E 229 23.76 34.86 1.53
N GLU E 230 24.64 35.65 0.96
CA GLU E 230 25.48 35.21 -0.14
C GLU E 230 26.44 34.14 0.42
N VAL E 231 26.49 33.00 -0.25
CA VAL E 231 27.37 31.91 0.15
C VAL E 231 28.26 31.46 -1.01
N LYS E 232 29.33 30.78 -0.66
CA LYS E 232 30.27 30.23 -1.61
C LYS E 232 29.64 29.00 -2.22
N PRO E 233 29.97 28.71 -3.46
CA PRO E 233 29.43 27.51 -4.13
C PRO E 233 29.86 26.26 -3.38
N HIS E 234 29.10 25.18 -3.57
CA HIS E 234 29.46 23.86 -3.06
C HIS E 234 30.01 23.10 -4.25
N PRO E 235 31.07 22.34 -4.05
CA PRO E 235 31.84 21.75 -5.17
C PRO E 235 31.03 20.88 -6.08
N TYR E 236 30.17 20.06 -5.50
CA TYR E 236 29.46 19.05 -6.26
C TYR E 236 28.63 19.65 -7.37
N GLY E 237 29.09 19.46 -8.58
CA GLY E 237 28.34 19.87 -9.74
C GLY E 237 28.82 21.16 -10.36
N VAL E 238 29.81 21.81 -9.76
CA VAL E 238 30.32 23.06 -10.33
C VAL E 238 30.91 22.77 -11.71
N ASP E 239 30.62 23.64 -12.68
CA ASP E 239 31.01 23.38 -14.05
C ASP E 239 32.28 24.08 -14.49
N ARG E 240 32.84 23.58 -15.59
CA ARG E 240 34.09 24.10 -16.12
C ARG E 240 34.05 25.60 -16.23
N GLU E 241 32.98 26.11 -16.82
CA GLU E 241 32.89 27.55 -17.07
C GLU E 241 32.78 28.36 -15.76
N GLU E 242 32.22 27.77 -14.72
CA GLU E 242 32.09 28.46 -13.43
C GLU E 242 33.45 28.61 -12.74
N ILE E 243 34.29 27.59 -12.89
CA ILE E 243 35.62 27.63 -12.32
C ILE E 243 36.45 28.80 -12.89
N LYS E 244 36.28 29.08 -14.18
CA LYS E 244 37.04 30.14 -14.82
C LYS E 244 36.65 31.49 -14.26
N ILE E 245 35.37 31.65 -13.94
CA ILE E 245 34.87 32.87 -13.36
C ILE E 245 35.45 33.02 -11.97
N LEU E 246 35.45 31.93 -11.23
CA LEU E 246 35.99 31.94 -9.88
C LEU E 246 37.47 32.31 -9.98
N ILE E 247 38.20 31.57 -10.81
CA ILE E 247 39.62 31.81 -11.02
C ILE E 247 39.84 33.25 -11.46
N ASN E 248 39.10 33.69 -12.48
CA ASN E 248 39.28 35.06 -12.93
C ASN E 248 39.13 36.03 -11.77
N ASN E 249 37.91 36.14 -11.27
CA ASN E 249 37.66 37.01 -10.13
C ASN E 249 38.52 36.56 -8.96
N LEU E 250 39.70 37.15 -8.84
CA LEU E 250 40.61 36.84 -7.75
C LEU E 250 41.50 38.04 -7.48
N LYS E 251 41.79 38.28 -6.21
CA LYS E 251 42.72 39.34 -5.84
C LYS E 251 44.07 38.71 -5.53
N ARG E 252 44.04 37.58 -4.84
CA ARG E 252 45.25 36.87 -4.46
C ARG E 252 45.66 35.86 -5.53
N ASP E 253 46.95 35.78 -5.84
CA ASP E 253 47.40 34.72 -6.71
C ASP E 253 47.50 33.47 -5.85
N TYR E 254 46.56 32.56 -6.03
CA TYR E 254 46.43 31.41 -5.17
C TYR E 254 47.24 30.22 -5.59
N THR E 255 46.87 29.06 -5.05
CA THR E 255 47.44 27.79 -5.42
C THR E 255 46.21 26.93 -5.60
N ILE E 256 46.33 25.85 -6.35
CA ILE E 256 45.16 25.01 -6.54
C ILE E 256 44.59 24.61 -5.17
N LYS E 257 45.48 24.35 -4.22
CA LYS E 257 45.05 24.02 -2.86
C LYS E 257 44.31 25.19 -2.21
N GLU E 258 44.97 26.34 -2.15
CA GLU E 258 44.35 27.52 -1.55
C GLU E 258 43.02 27.84 -2.25
N PHE E 259 42.96 27.58 -3.54
CA PHE E 259 41.75 27.82 -4.31
C PHE E 259 40.63 26.97 -3.78
N LEU E 260 40.91 25.69 -3.62
CA LEU E 260 39.90 24.76 -3.19
C LEU E 260 39.31 25.11 -1.83
N VAL E 261 40.17 25.39 -0.86
CA VAL E 261 39.70 25.64 0.49
C VAL E 261 39.02 26.98 0.70
N ASN E 262 39.43 28.01 -0.05
CA ASN E 262 38.91 29.37 0.15
C ASN E 262 37.73 29.84 -0.74
N GLU E 263 37.47 29.16 -1.84
CA GLU E 263 36.40 29.60 -2.74
C GLU E 263 35.22 28.65 -2.76
N PHE E 264 35.31 27.54 -2.04
CA PHE E 264 34.21 26.60 -1.99
C PHE E 264 33.83 26.31 -0.57
N GLN E 265 32.58 25.94 -0.40
CA GLN E 265 32.02 25.55 0.88
C GLN E 265 32.32 24.03 0.96
N SER E 266 32.41 23.48 2.16
CA SER E 266 32.62 22.03 2.32
C SER E 266 34.00 21.48 1.87
N ILE E 267 35.01 22.34 1.75
CA ILE E 267 36.36 21.85 1.41
C ILE E 267 37.39 22.23 2.47
N GLY E 268 37.85 21.24 3.21
CA GLY E 268 38.86 21.43 4.22
C GLY E 268 40.20 20.96 3.68
N ASP E 269 41.27 21.40 4.34
CA ASP E 269 42.63 21.01 4.00
C ASP E 269 42.69 19.59 3.49
N THR E 270 42.31 18.67 4.35
CA THR E 270 42.36 17.26 4.06
C THR E 270 41.51 16.90 2.87
N THR E 271 40.23 17.25 2.93
CA THR E 271 39.33 17.04 1.80
C THR E 271 39.96 17.67 0.53
N ALA E 272 40.72 18.74 0.70
CA ALA E 272 41.37 19.38 -0.44
C ALA E 272 42.55 18.58 -0.97
N ASP E 273 43.26 17.90 -0.08
CA ASP E 273 44.41 17.08 -0.49
C ASP E 273 43.92 15.82 -1.17
N LYS E 274 42.81 15.27 -0.67
CA LYS E 274 42.23 14.06 -1.25
C LYS E 274 41.72 14.34 -2.66
N ILE E 275 41.30 15.56 -2.91
CA ILE E 275 40.76 15.88 -4.21
C ILE E 275 41.82 16.05 -5.29
N LEU E 276 42.85 16.82 -4.99
CA LEU E 276 43.92 17.00 -5.94
C LEU E 276 44.59 15.67 -6.29
N GLU E 277 44.63 14.74 -5.34
CA GLU E 277 45.27 13.44 -5.59
C GLU E 277 44.43 12.69 -6.62
N LEU E 278 43.12 12.76 -6.48
CA LEU E 278 42.20 12.11 -7.40
C LEU E 278 42.14 12.85 -8.74
N ALA E 279 42.38 14.16 -8.69
CA ALA E 279 42.32 14.99 -9.87
C ALA E 279 43.65 15.03 -10.63
N GLY E 280 44.66 14.41 -10.06
CA GLY E 280 45.97 14.39 -10.67
C GLY E 280 46.51 15.79 -10.90
N LEU E 281 46.29 16.66 -9.93
CA LEU E 281 46.78 18.02 -10.02
C LEU E 281 47.83 18.20 -8.95
N LYS E 282 48.61 19.27 -9.03
CA LYS E 282 49.57 19.48 -7.99
C LYS E 282 49.25 20.66 -7.09
N PRO E 283 49.28 20.40 -5.79
CA PRO E 283 48.85 21.33 -4.75
C PRO E 283 49.40 22.75 -4.84
N ASN E 284 50.60 22.93 -5.37
CA ASN E 284 51.23 24.24 -5.31
C ASN E 284 51.20 25.07 -6.59
N LYS E 285 50.62 24.51 -7.66
CA LYS E 285 50.50 25.25 -8.92
C LYS E 285 49.58 26.44 -8.70
N LYS E 286 49.89 27.57 -9.33
CA LYS E 286 49.05 28.76 -9.21
C LYS E 286 47.82 28.57 -10.08
N VAL E 287 46.63 28.79 -9.49
CA VAL E 287 45.36 28.54 -10.17
C VAL E 287 45.16 29.36 -11.43
N LYS E 288 46.02 30.34 -11.63
CA LYS E 288 45.94 31.14 -12.84
C LYS E 288 46.66 30.44 -13.99
N ASN E 289 47.01 29.17 -13.81
CA ASN E 289 47.68 28.42 -14.87
C ASN E 289 47.00 27.12 -15.23
N LEU E 290 45.92 26.78 -14.52
CA LEU E 290 45.20 25.55 -14.82
C LEU E 290 44.93 25.43 -16.32
N THR E 291 45.45 24.39 -16.94
CA THR E 291 45.15 24.15 -18.34
C THR E 291 43.75 23.54 -18.50
N GLU E 292 43.08 23.93 -19.57
CA GLU E 292 41.73 23.47 -19.88
C GLU E 292 41.48 21.97 -19.65
N GLU E 293 42.52 21.17 -19.60
CA GLU E 293 42.36 19.74 -19.34
C GLU E 293 42.30 19.52 -17.83
N GLU E 294 43.05 20.34 -17.09
CA GLU E 294 43.07 20.26 -15.65
C GLU E 294 41.73 20.73 -15.08
N ILE E 295 41.18 21.78 -15.68
CA ILE E 295 39.85 22.23 -15.28
C ILE E 295 38.83 21.10 -15.47
N THR E 296 38.84 20.48 -16.65
CA THR E 296 37.94 19.36 -16.91
C THR E 296 38.12 18.31 -15.87
N ARG E 297 39.38 18.05 -15.51
CA ARG E 297 39.68 17.01 -14.56
C ARG E 297 39.21 17.45 -13.19
N LEU E 298 39.37 18.72 -12.91
CA LEU E 298 38.88 19.29 -11.67
C LEU E 298 37.36 19.10 -11.59
N VAL E 299 36.65 19.57 -12.61
CA VAL E 299 35.20 19.51 -12.59
C VAL E 299 34.68 18.10 -12.40
N GLU E 300 35.33 17.13 -13.05
CA GLU E 300 34.81 15.77 -13.05
C GLU E 300 35.07 14.96 -11.77
N THR E 301 36.11 15.31 -11.03
CA THR E 301 36.35 14.62 -9.75
C THR E 301 35.42 15.19 -8.70
N PHE E 302 34.92 16.40 -8.93
CA PHE E 302 33.90 16.97 -8.07
C PHE E 302 32.61 16.16 -8.15
N LYS E 303 32.30 15.65 -9.35
CA LYS E 303 31.03 14.96 -9.53
C LYS E 303 31.00 13.56 -8.96
N LYS E 304 32.18 13.00 -8.69
CA LYS E 304 32.24 11.59 -8.27
C LYS E 304 32.54 11.38 -6.79
N TYR E 305 33.22 12.34 -6.16
CA TYR E 305 33.56 12.24 -4.75
C TYR E 305 32.33 11.96 -3.89
N GLU E 306 32.28 10.76 -3.32
CA GLU E 306 31.16 10.37 -2.48
C GLU E 306 31.26 10.91 -1.04
N ASP E 307 32.25 11.73 -0.75
CA ASP E 307 32.48 12.13 0.64
C ASP E 307 32.42 13.63 0.98
N PHE E 308 31.96 14.46 0.05
CA PHE E 308 31.87 15.88 0.37
C PHE E 308 30.88 16.07 1.52
N ARG E 309 31.05 17.13 2.27
CA ARG E 309 30.10 17.44 3.32
C ARG E 309 28.92 18.17 2.70
N SER E 310 27.77 18.09 3.34
CA SER E 310 26.60 18.79 2.89
C SER E 310 26.80 20.29 3.05
N PRO E 311 26.21 21.04 2.14
CA PRO E 311 26.24 22.51 2.18
C PRO E 311 25.58 23.03 3.43
N SER E 312 25.91 24.26 3.79
CA SER E 312 25.27 24.94 4.90
C SER E 312 23.77 25.07 4.70
N ALA E 313 23.02 24.49 5.64
CA ALA E 313 21.57 24.62 5.65
C ALA E 313 21.27 26.01 6.13
N ASP E 314 22.34 26.71 6.51
CA ASP E 314 22.24 28.02 7.11
C ASP E 314 22.16 29.14 6.09
N SER E 315 22.34 28.89 4.82
CA SER E 315 21.97 30.00 3.94
C SER E 315 20.93 29.85 2.86
N LEU E 316 19.84 29.26 3.29
CA LEU E 316 18.65 29.12 2.50
C LEU E 316 17.59 29.59 3.47
N SER E 317 16.44 30.01 2.98
CA SER E 317 15.38 30.38 3.86
C SER E 317 14.21 29.44 3.64
N VAL E 318 13.92 28.61 4.63
CA VAL E 318 12.88 27.63 4.51
C VAL E 318 11.61 28.08 5.23
N ILE E 319 10.48 27.44 4.93
CA ILE E 319 9.21 27.73 5.56
C ILE E 319 9.19 27.06 6.92
N GLY E 320 9.64 25.80 6.98
CA GLY E 320 9.73 25.10 8.23
C GLY E 320 8.51 24.26 8.49
N GLU E 321 8.71 23.19 9.25
CA GLU E 321 7.65 22.23 9.48
C GLU E 321 6.42 22.83 10.16
N ASP E 322 6.61 23.54 11.27
CA ASP E 322 5.45 24.09 11.99
C ASP E 322 4.51 24.93 11.12
N LEU E 323 5.08 25.86 10.36
CA LEU E 323 4.29 26.73 9.49
C LEU E 323 3.62 25.91 8.41
N ILE E 324 4.39 25.03 7.78
CA ILE E 324 3.83 24.16 6.76
C ILE E 324 2.56 23.48 7.28
N GLU E 325 2.67 22.87 8.46
CA GLU E 325 1.55 22.14 9.02
C GLU E 325 0.42 23.08 9.40
N LEU E 326 0.78 24.19 10.04
CA LEU E 326 -0.18 25.22 10.41
C LEU E 326 -0.99 25.68 9.16
N GLY E 327 -0.28 26.03 8.09
CA GLY E 327 -0.94 26.50 6.89
C GLY E 327 -1.90 25.47 6.30
N LEU E 328 -1.48 24.22 6.27
CA LEU E 328 -2.30 23.16 5.75
C LEU E 328 -3.55 23.02 6.58
N LYS E 329 -3.40 23.14 7.90
CA LYS E 329 -4.56 22.96 8.76
C LYS E 329 -5.51 24.12 8.60
N LYS E 330 -4.96 25.33 8.56
CA LYS E 330 -5.80 26.51 8.40
C LYS E 330 -6.67 26.40 7.14
N ILE E 331 -6.03 26.12 6.01
CA ILE E 331 -6.74 26.12 4.73
C ILE E 331 -7.65 24.93 4.50
N PHE E 332 -7.22 23.73 4.86
CA PHE E 332 -7.98 22.54 4.51
C PHE E 332 -8.75 21.84 5.65
N ASN E 333 -8.45 22.15 6.90
CA ASN E 333 -9.08 21.46 8.05
C ASN E 333 -9.04 19.95 7.88
N PRO E 334 -7.83 19.40 7.75
CA PRO E 334 -7.63 17.96 7.57
C PRO E 334 -7.87 17.20 8.85
N ASP E 335 -7.94 15.87 8.78
CA ASP E 335 -8.00 15.03 9.97
C ASP E 335 -6.55 14.77 10.39
N PHE E 336 -5.65 14.81 9.40
CA PHE E 336 -4.24 14.56 9.63
C PHE E 336 -3.38 15.47 8.75
N ALA E 337 -2.18 15.78 9.25
CA ALA E 337 -1.23 16.61 8.54
C ALA E 337 0.15 16.31 9.08
N ALA E 338 1.16 16.45 8.21
CA ALA E 338 2.56 16.17 8.57
C ALA E 338 3.48 16.82 7.56
N SER E 339 4.72 17.05 7.97
CA SER E 339 5.68 17.68 7.09
C SER E 339 7.09 17.38 7.49
N ILE E 340 7.97 17.62 6.56
CA ILE E 340 9.36 17.43 6.79
C ILE E 340 10.14 18.54 6.08
N THR E 341 11.22 18.95 6.72
CA THR E 341 12.14 19.89 6.16
C THR E 341 13.44 19.11 6.07
N ARG E 342 13.80 18.74 4.85
CA ARG E 342 14.97 17.91 4.61
C ARG E 342 16.28 18.62 4.89
N LYS E 343 17.33 17.82 5.04
CA LYS E 343 18.69 18.33 5.21
C LYS E 343 19.18 18.80 3.84
N PRO E 344 20.03 19.81 3.83
CA PRO E 344 20.53 20.40 2.59
C PRO E 344 21.33 19.45 1.71
N LYS E 345 21.07 19.59 0.42
CA LYS E 345 21.82 18.87 -0.61
C LYS E 345 22.39 19.88 -1.61
N ALA E 346 22.98 19.39 -2.69
CA ALA E 346 23.52 20.28 -3.71
C ALA E 346 23.24 19.77 -5.09
N TYR E 347 23.12 20.69 -6.02
CA TYR E 347 22.95 20.36 -7.41
C TYR E 347 23.66 21.45 -8.21
N GLN E 348 24.46 21.02 -9.17
CA GLN E 348 25.20 21.92 -10.02
C GLN E 348 25.90 22.99 -9.21
N GLY E 349 26.43 22.59 -8.05
CA GLY E 349 27.13 23.50 -7.15
C GLY E 349 26.24 24.44 -6.36
N HIS E 350 24.93 24.18 -6.34
CA HIS E 350 24.02 25.05 -5.62
C HIS E 350 23.38 24.34 -4.44
N PRO E 351 23.46 24.94 -3.27
CA PRO E 351 22.77 24.39 -2.10
C PRO E 351 21.26 24.41 -2.36
N PHE E 352 20.56 23.38 -1.93
CA PHE E 352 19.13 23.40 -2.04
C PHE E 352 18.51 22.55 -0.95
N ILE E 353 17.27 22.88 -0.62
CA ILE E 353 16.52 22.13 0.35
C ILE E 353 15.13 21.83 -0.16
N VAL E 354 14.65 20.62 0.12
CA VAL E 354 13.27 20.29 -0.18
C VAL E 354 12.48 20.11 1.09
N GLU E 355 11.29 20.70 1.14
CA GLU E 355 10.39 20.49 2.25
C GLU E 355 9.14 19.85 1.65
N ALA E 356 8.45 19.02 2.40
CA ALA E 356 7.24 18.45 1.89
C ALA E 356 6.19 18.43 3.00
N GLY E 357 4.94 18.52 2.61
CA GLY E 357 3.85 18.49 3.56
C GLY E 357 2.73 17.66 2.99
N VAL E 358 1.97 17.02 3.85
CA VAL E 358 0.84 16.23 3.41
C VAL E 358 -0.31 16.37 4.40
N ALA E 359 -1.50 16.58 3.88
CA ALA E 359 -2.69 16.65 4.70
C ALA E 359 -3.74 15.65 4.20
N PHE E 360 -4.55 15.13 5.10
CA PHE E 360 -5.51 14.08 4.73
C PHE E 360 -6.84 14.16 5.45
N GLY E 361 -7.89 13.77 4.73
CA GLY E 361 -9.25 13.65 5.27
C GLY E 361 -9.95 14.95 5.62
N GLY E 362 -10.86 14.90 6.60
CA GLY E 362 -11.57 16.09 7.04
C GLY E 362 -12.25 16.81 5.89
N SER E 363 -12.02 18.13 5.80
CA SER E 363 -12.67 18.92 4.76
C SER E 363 -11.95 18.92 3.41
N ILE E 364 -10.92 18.11 3.26
CA ILE E 364 -10.24 18.11 1.97
C ILE E 364 -11.19 17.51 0.94
N PRO E 365 -11.28 18.14 -0.23
CA PRO E 365 -12.12 17.65 -1.33
C PRO E 365 -11.60 16.33 -1.88
N VAL E 366 -12.51 15.52 -2.37
CA VAL E 366 -12.14 14.27 -2.99
C VAL E 366 -12.02 14.49 -4.47
N GLY E 367 -10.94 14.00 -5.05
CA GLY E 367 -10.77 14.18 -6.47
C GLY E 367 -10.09 12.97 -7.03
N GLU E 368 -9.92 12.95 -8.35
CA GLU E 368 -9.24 11.82 -8.93
C GLU E 368 -7.73 12.06 -8.93
N GLU E 369 -7.35 13.32 -8.68
CA GLU E 369 -5.93 13.64 -8.51
C GLU E 369 -5.70 14.39 -7.21
N PRO E 370 -4.59 14.10 -6.54
CA PRO E 370 -4.26 14.78 -5.30
C PRO E 370 -4.14 16.27 -5.57
N ILE E 371 -4.44 17.10 -4.58
CA ILE E 371 -4.20 18.52 -4.71
C ILE E 371 -2.70 18.72 -4.49
N VAL E 372 -2.04 19.34 -5.47
CA VAL E 372 -0.60 19.58 -5.35
C VAL E 372 -0.27 21.08 -5.30
N LEU E 373 0.31 21.50 -4.18
CA LEU E 373 0.71 22.89 -3.94
C LEU E 373 2.22 23.02 -4.11
N ARG E 374 2.66 23.67 -5.18
CA ARG E 374 4.07 23.81 -5.42
C ARG E 374 4.56 25.18 -4.98
N TYR E 375 5.72 25.23 -4.31
CA TYR E 375 6.38 26.49 -3.94
C TYR E 375 7.86 26.40 -4.36
N ALA E 376 8.45 27.52 -4.76
CA ALA E 376 9.87 27.57 -5.12
C ALA E 376 10.42 28.89 -4.59
N ASN E 377 11.41 28.80 -3.71
CA ASN E 377 11.90 30.00 -3.03
C ASN E 377 10.78 30.84 -2.49
N LYS E 378 9.85 30.18 -1.83
CA LYS E 378 8.77 30.88 -1.15
C LYS E 378 7.79 31.61 -2.11
N ILE E 379 7.84 31.28 -3.38
CA ILE E 379 6.86 31.74 -4.36
C ILE E 379 5.93 30.58 -4.70
N PRO E 380 4.62 30.77 -4.58
CA PRO E 380 3.64 29.72 -4.92
C PRO E 380 3.52 29.58 -6.45
N LEU E 381 3.60 28.36 -6.97
CA LEU E 381 3.51 28.13 -8.42
C LEU E 381 2.05 27.87 -8.78
N ILE E 382 1.52 28.61 -9.73
CA ILE E 382 0.09 28.52 -10.04
C ILE E 382 -0.19 27.96 -11.45
N TYR E 383 0.70 28.25 -12.39
CA TYR E 383 0.51 27.79 -13.76
C TYR E 383 1.32 26.54 -14.12
N ASP E 384 0.89 25.88 -15.18
CA ASP E 384 1.62 24.78 -15.79
C ASP E 384 1.98 23.67 -14.84
N GLU E 385 1.07 23.34 -13.93
CA GLU E 385 1.39 22.35 -12.93
C GLU E 385 1.83 20.98 -13.51
N LYS E 386 1.35 20.62 -14.69
CA LYS E 386 1.65 19.29 -15.18
C LYS E 386 2.97 19.12 -15.87
N SER E 387 3.68 20.23 -16.11
CA SER E 387 4.98 20.16 -16.73
C SER E 387 6.10 20.29 -15.67
N ASP E 388 5.69 20.36 -14.41
CA ASP E 388 6.57 20.53 -13.25
C ASP E 388 7.12 19.19 -12.72
N VAL E 389 8.39 19.20 -12.30
CA VAL E 389 9.01 17.99 -11.85
C VAL E 389 8.30 17.47 -10.60
N ILE E 390 7.77 18.40 -9.80
CA ILE E 390 7.06 18.01 -8.59
C ILE E 390 5.87 17.13 -8.93
N TRP E 391 5.09 17.55 -9.90
CA TRP E 391 3.90 16.82 -10.31
C TRP E 391 4.25 15.41 -10.73
N LYS E 392 5.30 15.29 -11.55
CA LYS E 392 5.74 13.98 -12.05
C LYS E 392 6.06 13.01 -10.91
N VAL E 393 6.89 13.45 -9.97
CA VAL E 393 7.23 12.59 -8.83
C VAL E 393 5.98 12.17 -8.08
N VAL E 394 5.05 13.10 -7.92
CA VAL E 394 3.80 12.79 -7.24
C VAL E 394 2.99 11.78 -8.05
N GLU E 395 2.93 11.98 -9.36
CA GLU E 395 2.21 11.05 -10.21
C GLU E 395 2.92 9.68 -10.30
N GLU E 396 4.22 9.64 -9.99
CA GLU E 396 4.96 8.40 -10.14
C GLU E 396 5.20 7.62 -8.85
N LEU E 397 4.67 8.12 -7.74
CA LEU E 397 4.84 7.48 -6.44
C LEU E 397 3.69 6.54 -6.16
N ASP E 398 3.98 5.25 -5.94
CA ASP E 398 2.92 4.29 -5.65
C ASP E 398 2.29 4.59 -4.29
N TRP E 399 1.21 5.36 -4.29
CA TRP E 399 0.53 5.73 -3.07
C TRP E 399 -0.20 4.54 -2.42
N LYS E 400 -0.53 3.55 -3.25
CA LYS E 400 -1.17 2.32 -2.78
C LYS E 400 -0.18 1.49 -1.99
N ARG E 401 0.74 2.17 -1.34
CA ARG E 401 1.81 1.52 -0.62
C ARG E 401 1.88 2.18 0.73
N TYR E 402 1.11 3.24 0.89
CA TYR E 402 1.05 3.98 2.13
C TYR E 402 -0.37 4.03 2.67
N GLY E 403 -1.26 3.29 2.03
CA GLY E 403 -2.63 3.18 2.50
C GLY E 403 -3.68 3.90 1.68
N ILE E 404 -3.32 4.32 0.47
CA ILE E 404 -4.29 5.01 -0.37
C ILE E 404 -4.75 4.08 -1.42
N GLU E 405 -5.95 4.27 -1.88
CA GLU E 405 -6.29 3.52 -3.04
C GLU E 405 -5.66 4.37 -4.14
N SER E 406 -6.10 4.33 -5.38
CA SER E 406 -5.31 5.07 -6.39
C SER E 406 -6.19 5.55 -7.48
N ASP E 407 -7.46 5.63 -7.14
CA ASP E 407 -8.48 6.00 -8.06
C ASP E 407 -8.93 7.40 -7.68
N GLN E 408 -9.04 7.64 -6.37
CA GLN E 408 -9.51 8.92 -5.83
C GLN E 408 -8.66 9.29 -4.61
N TYR E 409 -8.56 10.57 -4.31
CA TYR E 409 -7.78 11.01 -3.15
C TYR E 409 -8.56 12.02 -2.36
N GLN E 410 -8.29 12.06 -1.06
CA GLN E 410 -8.74 13.13 -0.18
C GLN E 410 -7.45 13.58 0.48
N MSE E 411 -6.53 14.06 -0.35
CA MSE E 411 -5.18 14.37 0.09
C MSE E 411 -4.65 15.67 -0.55
O MSE E 411 -4.99 16.01 -1.67
CB MSE E 411 -4.29 13.18 -0.29
CG MSE E 411 -2.87 13.20 0.26
SE MSE E 411 -1.85 11.61 -0.33
CE MSE E 411 -1.76 11.84 -2.26
N VAL E 412 -3.82 16.39 0.20
CA VAL E 412 -3.13 17.54 -0.34
C VAL E 412 -1.64 17.30 -0.14
N VAL E 413 -0.87 17.37 -1.22
CA VAL E 413 0.57 17.21 -1.10
C VAL E 413 1.21 18.57 -1.37
N MSE E 414 2.11 18.98 -0.48
CA MSE E 414 2.77 20.27 -0.62
C MSE E 414 4.28 20.08 -0.74
O MSE E 414 4.89 19.37 0.04
CB MSE E 414 2.41 21.16 0.59
CG MSE E 414 3.18 22.43 0.66
SE MSE E 414 2.49 23.70 1.95
CE MSE E 414 4.15 24.74 2.19
N VAL E 415 4.89 20.70 -1.73
CA VAL E 415 6.33 20.58 -1.85
C VAL E 415 6.96 21.93 -2.04
N HIS E 416 7.98 22.23 -1.28
CA HIS E 416 8.67 23.50 -1.47
C HIS E 416 10.14 23.26 -1.82
N LEU E 417 10.59 23.84 -2.93
CA LEU E 417 11.98 23.76 -3.30
C LEU E 417 12.62 25.13 -3.09
N CYS E 418 13.72 25.18 -2.34
CA CYS E 418 14.43 26.45 -2.12
C CYS E 418 15.91 26.30 -2.35
N SER E 419 16.51 27.25 -3.02
CA SER E 419 17.90 27.12 -3.42
C SER E 419 18.49 28.48 -3.75
N THR E 420 19.78 28.51 -4.00
CA THR E 420 20.39 29.71 -4.54
C THR E 420 20.04 29.78 -6.03
N LYS E 421 19.54 28.68 -6.58
CA LYS E 421 19.09 28.65 -7.96
C LYS E 421 17.96 27.65 -8.19
N ILE E 422 16.79 28.17 -8.55
CA ILE E 422 15.69 27.31 -8.92
C ILE E 422 15.74 27.16 -10.43
N PRO E 423 15.83 25.94 -10.94
CA PRO E 423 15.90 25.74 -12.38
C PRO E 423 14.49 25.75 -13.00
N TYR E 424 13.98 26.89 -13.38
CA TYR E 424 12.68 26.98 -14.03
C TYR E 424 12.79 26.57 -15.51
N LYS E 425 11.71 26.05 -16.04
CA LYS E 425 11.66 25.68 -17.45
C LYS E 425 11.49 26.88 -18.34
N SER E 426 11.11 28.00 -17.75
CA SER E 426 10.88 29.23 -18.51
C SER E 426 11.13 30.41 -17.64
N ALA E 427 11.53 31.52 -18.23
CA ALA E 427 11.77 32.71 -17.46
C ALA E 427 10.45 33.21 -16.87
N GLY E 428 9.35 32.60 -17.28
CA GLY E 428 8.06 32.90 -16.69
C GLY E 428 7.97 32.41 -15.26
N LYS E 429 8.91 31.54 -14.89
CA LYS E 429 9.05 31.02 -13.53
C LYS E 429 7.81 30.36 -13.03
N GLU E 430 7.21 29.49 -13.81
CA GLU E 430 5.99 28.84 -13.33
C GLU E 430 6.06 27.33 -13.12
N SER E 431 7.15 26.72 -13.53
CA SER E 431 7.32 25.28 -13.27
C SER E 431 8.79 24.90 -13.22
N ILE E 432 9.08 23.87 -12.43
CA ILE E 432 10.44 23.43 -12.22
C ILE E 432 10.87 22.36 -13.20
N ALA E 433 12.05 22.58 -13.79
CA ALA E 433 12.68 21.69 -14.78
C ALA E 433 13.12 20.38 -14.19
N GLU E 434 13.29 19.41 -15.07
CA GLU E 434 13.66 18.04 -14.68
C GLU E 434 15.15 17.89 -14.48
N VAL E 435 15.59 18.11 -13.25
CA VAL E 435 17.01 17.99 -12.90
C VAL E 435 17.07 16.82 -11.93
N GLU E 436 17.76 15.76 -12.34
CA GLU E 436 17.75 14.48 -11.63
C GLU E 436 18.04 14.57 -10.14
N ASP E 437 19.05 15.34 -9.73
CA ASP E 437 19.36 15.44 -8.32
C ASP E 437 18.15 15.94 -7.55
N ILE E 438 17.51 16.98 -8.07
CA ILE E 438 16.35 17.54 -7.38
C ILE E 438 15.19 16.56 -7.41
N GLU E 439 14.96 15.94 -8.57
CA GLU E 439 13.86 14.99 -8.71
C GLU E 439 13.96 13.90 -7.65
N LYS E 440 15.15 13.39 -7.47
CA LYS E 440 15.39 12.31 -6.53
C LYS E 440 15.16 12.78 -5.08
N GLU E 441 15.59 13.99 -4.76
CA GLU E 441 15.38 14.52 -3.42
C GLU E 441 13.93 14.88 -3.16
N ILE E 442 13.19 15.20 -4.21
CA ILE E 442 11.77 15.41 -4.05
C ILE E 442 11.07 14.09 -3.73
N LYS E 443 11.47 13.00 -4.42
CA LYS E 443 10.92 11.67 -4.13
C LYS E 443 11.22 11.29 -2.68
N ASN E 444 12.48 11.43 -2.30
CA ASN E 444 12.87 11.08 -0.94
C ASN E 444 12.08 11.83 0.12
N ALA E 445 11.80 13.09 -0.10
CA ALA E 445 11.04 13.87 0.88
C ALA E 445 9.60 13.42 0.94
N LEU E 446 9.00 13.16 -0.23
CA LEU E 446 7.62 12.71 -0.27
C LEU E 446 7.46 11.38 0.48
N MSE E 447 8.42 10.50 0.30
CA MSE E 447 8.37 9.20 0.98
C MSE E 447 8.39 9.37 2.49
O MSE E 447 7.65 8.70 3.22
CB MSE E 447 9.49 8.27 0.49
CG MSE E 447 9.32 7.87 -0.96
SE MSE E 447 10.70 6.67 -1.62
CE MSE E 447 10.57 7.06 -3.49
N GLU E 448 9.25 10.27 2.96
CA GLU E 448 9.33 10.52 4.39
C GLU E 448 8.00 10.98 4.98
N VAL E 449 7.23 11.78 4.23
CA VAL E 449 5.94 12.20 4.74
C VAL E 449 4.91 11.12 4.53
N ALA E 450 4.99 10.49 3.36
CA ALA E 450 4.10 9.39 3.03
C ALA E 450 4.17 8.33 4.14
N ARG E 451 5.37 8.11 4.68
CA ARG E 451 5.53 7.14 5.77
C ARG E 451 4.75 7.58 7.00
N LYS E 452 4.74 8.87 7.25
CA LYS E 452 4.02 9.41 8.39
C LYS E 452 2.52 9.27 8.19
N LEU E 453 2.08 9.36 6.94
CA LEU E 453 0.65 9.26 6.63
C LEU E 453 0.19 7.84 6.80
N LYS E 454 1.00 6.89 6.35
CA LYS E 454 0.70 5.46 6.47
C LYS E 454 0.43 5.08 7.93
N GLN E 455 1.32 5.52 8.82
CA GLN E 455 1.14 5.26 10.24
C GLN E 455 -0.20 5.80 10.73
N TYR E 456 -0.58 6.99 10.26
CA TYR E 456 -1.85 7.56 10.69
C TYR E 456 -2.99 6.68 10.26
N LEU E 457 -2.97 6.32 8.98
CA LEU E 457 -4.01 5.49 8.40
C LEU E 457 -3.97 4.08 8.96
N SER E 458 -2.90 3.75 9.67
CA SER E 458 -2.80 2.45 10.28
C SER E 458 -3.37 2.48 11.68
N GLU E 459 -3.20 3.60 12.37
CA GLU E 459 -3.74 3.77 13.70
C GLU E 459 -5.24 3.91 13.66
N LYS E 460 -5.76 4.41 12.54
CA LYS E 460 -7.19 4.62 12.41
C LYS E 460 -7.93 3.34 12.06
N ARG E 461 -7.26 2.46 11.32
CA ARG E 461 -7.84 1.17 10.98
C ARG E 461 -7.90 0.28 12.21
N LYS E 462 -7.07 0.61 13.20
CA LYS E 462 -7.05 -0.14 14.45
C LYS E 462 -8.08 0.43 15.42
N GLU E 463 -8.24 1.75 15.40
CA GLU E 463 -9.22 2.42 16.27
C GLU E 463 -10.65 2.19 15.80
N LYS F 6 24.47 44.37 1.73
CA LYS F 6 24.09 45.38 0.68
C LYS F 6 24.00 44.81 -0.74
N GLU F 7 23.04 45.31 -1.51
CA GLU F 7 22.81 44.82 -2.86
C GLU F 7 23.88 45.34 -3.82
N LYS F 8 24.36 44.44 -4.69
CA LYS F 8 25.40 44.75 -5.66
C LYS F 8 24.84 44.55 -7.07
N PHE F 9 24.77 45.63 -7.84
CA PHE F 9 24.19 45.57 -9.17
C PHE F 9 25.19 45.24 -10.26
N THR F 10 24.92 44.18 -11.00
CA THR F 10 25.77 43.83 -12.12
C THR F 10 24.96 43.55 -13.37
N SER F 11 25.64 43.11 -14.42
CA SER F 11 24.99 42.94 -15.69
C SER F 11 25.48 41.67 -16.34
N LEU F 12 24.60 41.00 -17.08
CA LEU F 12 24.93 39.77 -17.78
C LEU F 12 24.87 39.96 -19.29
N SER F 13 25.54 39.08 -20.01
CA SER F 13 25.44 39.04 -21.46
C SER F 13 24.58 37.82 -21.79
N PRO F 14 23.98 37.81 -22.97
CA PRO F 14 23.09 36.71 -23.36
C PRO F 14 23.74 35.32 -23.18
N ALA F 15 25.05 35.21 -23.37
CA ALA F 15 25.72 33.92 -23.18
C ALA F 15 25.78 33.57 -21.71
N GLU F 16 26.15 34.55 -20.89
CA GLU F 16 26.22 34.36 -19.44
C GLU F 16 24.86 33.88 -18.95
N PHE F 17 23.82 34.59 -19.40
CA PHE F 17 22.45 34.30 -19.02
C PHE F 17 22.09 32.84 -19.27
N PHE F 18 22.30 32.38 -20.50
CA PHE F 18 21.92 31.03 -20.85
C PHE F 18 22.85 29.98 -20.23
N LYS F 19 24.10 30.37 -20.00
CA LYS F 19 25.04 29.45 -19.38
C LYS F 19 24.63 29.20 -17.95
N ARG F 20 24.16 30.26 -17.28
CA ARG F 20 23.62 30.17 -15.92
C ARG F 20 22.33 29.41 -15.88
N ASN F 21 21.48 29.64 -16.86
CA ASN F 21 20.17 28.99 -16.84
C ASN F 21 19.98 28.12 -18.06
N PRO F 22 20.73 27.03 -18.11
CA PRO F 22 20.75 26.12 -19.26
C PRO F 22 19.41 25.46 -19.49
N GLU F 23 18.62 25.25 -18.46
CA GLU F 23 17.30 24.64 -18.65
C GLU F 23 16.39 25.50 -19.51
N LEU F 24 16.69 26.78 -19.62
CA LEU F 24 15.87 27.68 -20.43
C LEU F 24 15.86 27.24 -21.89
N ALA F 25 16.95 26.63 -22.34
CA ALA F 25 17.04 26.20 -23.73
C ALA F 25 16.70 24.74 -23.90
N GLY F 26 16.28 24.11 -22.82
CA GLY F 26 15.96 22.70 -22.88
C GLY F 26 17.17 21.84 -22.61
N PHE F 27 18.11 22.34 -21.81
CA PHE F 27 19.25 21.55 -21.41
C PHE F 27 19.29 21.32 -19.91
N PRO F 28 18.23 20.72 -19.35
CA PRO F 28 18.21 20.43 -17.93
C PRO F 28 19.16 19.25 -17.69
N ASN F 29 18.71 18.03 -17.99
CA ASN F 29 19.53 16.85 -17.80
C ASN F 29 20.10 16.33 -19.12
N PRO F 30 21.14 15.51 -19.02
CA PRO F 30 21.86 15.02 -20.21
C PRO F 30 20.99 14.25 -21.21
N ALA F 31 20.03 13.45 -20.73
CA ALA F 31 19.12 12.73 -21.62
C ALA F 31 18.23 13.68 -22.41
N ARG F 32 18.04 14.89 -21.89
CA ARG F 32 17.27 15.89 -22.61
C ARG F 32 18.21 16.63 -23.52
N ALA F 33 19.44 16.81 -23.05
CA ALA F 33 20.45 17.53 -23.79
C ALA F 33 20.94 16.72 -24.98
N LEU F 34 20.66 15.42 -24.98
CA LEU F 34 21.08 14.60 -26.10
C LEU F 34 20.00 14.64 -27.16
N TYR F 35 18.76 14.74 -26.71
CA TYR F 35 17.62 14.82 -27.61
C TYR F 35 17.43 16.24 -28.11
N GLN F 36 18.21 17.19 -27.59
CA GLN F 36 18.06 18.60 -27.96
C GLN F 36 19.12 19.02 -28.95
N THR F 37 20.30 18.45 -28.82
CA THR F 37 21.41 18.80 -29.70
C THR F 37 21.20 18.14 -31.06
N VAL F 38 20.72 16.90 -31.03
CA VAL F 38 20.40 16.16 -32.24
C VAL F 38 19.29 16.91 -32.98
N ARG F 39 18.22 17.20 -32.25
CA ARG F 39 17.05 17.90 -32.76
C ARG F 39 17.39 19.27 -33.34
N GLU F 40 18.19 20.05 -32.63
CA GLU F 40 18.55 21.38 -33.09
C GLU F 40 19.43 21.25 -34.32
N LEU F 41 20.05 20.08 -34.49
CA LEU F 41 20.92 19.83 -35.64
C LEU F 41 20.14 19.33 -36.85
N ILE F 42 19.12 18.51 -36.60
CA ILE F 42 18.27 18.01 -37.68
C ILE F 42 17.43 19.15 -38.20
N GLU F 43 17.32 20.21 -37.40
CA GLU F 43 16.54 21.39 -37.79
C GLU F 43 17.35 22.38 -38.63
N ASN F 44 18.41 22.92 -38.05
CA ASN F 44 19.30 23.84 -38.77
C ASN F 44 19.61 23.33 -40.16
N SER F 45 19.85 22.04 -40.24
CA SER F 45 20.11 21.39 -41.50
C SER F 45 18.86 21.46 -42.32
N LEU F 46 17.81 20.78 -41.86
CA LEU F 46 16.54 20.79 -42.57
C LEU F 46 16.24 22.17 -43.07
N ASP F 47 16.30 23.16 -42.19
CA ASP F 47 16.13 24.52 -42.64
C ASP F 47 17.01 24.71 -43.83
N ALA F 48 18.31 24.55 -43.63
CA ALA F 48 19.32 24.71 -44.70
C ALA F 48 19.07 23.92 -45.99
N THR F 49 18.06 23.07 -45.99
CA THR F 49 17.81 22.24 -47.16
C THR F 49 16.56 22.69 -47.91
N ASP F 50 15.43 22.17 -47.46
CA ASP F 50 14.13 22.35 -48.12
C ASP F 50 13.68 23.81 -48.32
N VAL F 51 14.39 24.76 -47.71
CA VAL F 51 14.00 26.16 -47.81
C VAL F 51 14.66 26.81 -49.02
N HIS F 52 15.47 26.03 -49.72
CA HIS F 52 16.13 26.50 -50.93
C HIS F 52 16.03 25.44 -52.02
N GLY F 53 14.91 24.71 -52.02
CA GLY F 53 14.63 23.71 -53.03
C GLY F 53 15.51 22.46 -53.07
N ILE F 54 16.35 22.28 -52.05
CA ILE F 54 17.25 21.15 -52.01
C ILE F 54 16.63 19.90 -51.39
N LEU F 55 16.66 18.79 -52.14
CA LEU F 55 16.15 17.49 -51.66
C LEU F 55 17.04 16.93 -50.55
N PRO F 56 16.58 17.06 -49.31
CA PRO F 56 17.39 16.72 -48.12
C PRO F 56 17.96 15.31 -48.04
N ASN F 57 19.27 15.25 -47.87
CA ASN F 57 19.99 14.02 -47.58
C ASN F 57 20.70 14.29 -46.28
N ILE F 58 20.13 13.86 -45.17
CA ILE F 58 20.73 14.12 -43.87
C ILE F 58 21.13 12.83 -43.21
N LYS F 59 22.30 12.83 -42.59
CA LYS F 59 22.74 11.69 -41.80
C LYS F 59 23.36 12.17 -40.49
N ILE F 60 23.04 11.47 -39.41
CA ILE F 60 23.54 11.82 -38.09
C ILE F 60 23.92 10.55 -37.33
N THR F 61 24.99 10.63 -36.54
CA THR F 61 25.46 9.46 -35.79
C THR F 61 25.76 9.77 -34.34
N ILE F 62 25.67 8.74 -33.50
CA ILE F 62 25.90 8.86 -32.07
C ILE F 62 26.99 7.90 -31.62
N ASP F 63 28.09 8.47 -31.13
CA ASP F 63 29.23 7.68 -30.64
C ASP F 63 29.57 8.05 -29.19
N LEU F 64 29.66 7.03 -28.33
CA LEU F 64 29.88 7.20 -26.90
C LEU F 64 31.37 7.32 -26.53
N ILE F 65 32.05 8.31 -27.09
CA ILE F 65 33.48 8.53 -26.83
C ILE F 65 34.03 8.13 -25.43
N ASP F 66 33.72 8.93 -24.41
CA ASP F 66 34.22 8.66 -23.06
C ASP F 66 33.15 7.93 -22.24
N ASP F 67 33.19 6.60 -22.29
CA ASP F 67 32.19 5.76 -21.63
C ASP F 67 32.10 5.96 -20.12
N ALA F 68 32.84 6.93 -19.60
CA ALA F 68 32.83 7.19 -18.16
C ALA F 68 32.54 8.65 -17.88
N ARG F 69 33.36 9.53 -18.45
CA ARG F 69 33.04 10.94 -18.39
C ARG F 69 31.81 11.12 -19.29
N GLN F 70 31.22 9.98 -19.65
CA GLN F 70 29.98 9.86 -20.47
C GLN F 70 29.79 10.85 -21.62
N ILE F 71 30.81 11.08 -22.44
CA ILE F 71 30.69 12.08 -23.52
C ILE F 71 30.24 11.50 -24.86
N TYR F 72 29.05 11.89 -25.32
CA TYR F 72 28.56 11.44 -26.62
C TYR F 72 29.00 12.39 -27.72
N LYS F 73 29.03 11.90 -28.95
CA LYS F 73 29.46 12.70 -30.09
C LYS F 73 28.39 12.72 -31.15
N VAL F 74 27.72 13.86 -31.28
CA VAL F 74 26.65 14.01 -32.26
C VAL F 74 27.24 14.50 -33.57
N ASN F 75 27.10 13.69 -34.61
CA ASN F 75 27.63 14.02 -35.92
C ASN F 75 26.51 14.21 -36.92
N VAL F 76 26.30 15.45 -37.35
CA VAL F 76 25.23 15.77 -38.29
C VAL F 76 25.72 16.22 -39.67
N VAL F 77 25.40 15.44 -40.70
CA VAL F 77 25.83 15.75 -42.07
C VAL F 77 24.69 16.13 -42.99
N ASP F 78 24.79 17.31 -43.62
CA ASP F 78 23.75 17.78 -44.50
C ASP F 78 24.23 18.17 -45.90
N ASN F 79 23.39 17.85 -46.89
CA ASN F 79 23.66 18.25 -48.27
C ASN F 79 22.96 19.56 -48.52
N GLY F 80 23.31 20.56 -47.72
CA GLY F 80 22.64 21.85 -47.75
C GLY F 80 23.38 22.93 -48.50
N ILE F 81 23.15 24.19 -48.13
CA ILE F 81 23.75 25.31 -48.84
C ILE F 81 24.94 25.90 -48.11
N GLY F 82 25.38 25.23 -47.06
CA GLY F 82 26.51 25.68 -46.27
C GLY F 82 26.36 27.04 -45.63
N ILE F 83 27.47 27.54 -45.11
CA ILE F 83 27.49 28.83 -44.42
C ILE F 83 28.69 29.65 -44.86
N PRO F 84 28.44 30.90 -45.25
CA PRO F 84 29.51 31.83 -45.64
C PRO F 84 30.54 31.92 -44.52
N PRO F 85 31.76 31.56 -44.84
CA PRO F 85 32.87 31.55 -43.88
C PRO F 85 32.89 32.76 -42.95
N GLN F 86 32.80 33.96 -43.51
CA GLN F 86 32.87 35.19 -42.73
C GLN F 86 31.75 35.27 -41.67
N GLU F 87 30.84 34.30 -41.71
CA GLU F 87 29.73 34.25 -40.77
C GLU F 87 29.62 32.88 -40.10
N VAL F 88 30.74 32.25 -39.80
CA VAL F 88 30.68 30.98 -39.11
C VAL F 88 30.89 31.22 -37.63
N PRO F 89 31.82 32.11 -37.30
CA PRO F 89 32.10 32.47 -35.91
C PRO F 89 30.82 32.90 -35.21
N ASN F 90 30.31 34.08 -35.54
CA ASN F 90 29.07 34.55 -34.93
C ASN F 90 27.95 33.52 -34.98
N ALA F 91 27.69 32.98 -36.16
CA ALA F 91 26.63 31.99 -36.34
C ALA F 91 26.67 30.88 -35.29
N PHE F 92 27.84 30.34 -35.03
CA PHE F 92 27.98 29.22 -34.11
C PHE F 92 28.53 29.65 -32.76
N GLY F 93 28.99 30.89 -32.66
CA GLY F 93 29.64 31.32 -31.44
C GLY F 93 29.14 32.62 -30.84
N ARG F 94 28.08 33.16 -31.39
CA ARG F 94 27.53 34.35 -30.80
C ARG F 94 26.08 34.13 -30.43
N VAL F 95 25.71 34.55 -29.23
CA VAL F 95 24.35 34.36 -28.73
C VAL F 95 23.42 35.47 -29.21
N LEU F 96 22.32 35.08 -29.85
CA LEU F 96 21.35 36.01 -30.44
C LEU F 96 21.89 36.53 -31.77
N TYR F 97 22.28 35.60 -32.63
CA TYR F 97 22.78 35.90 -33.96
C TYR F 97 22.09 34.99 -34.94
N SER F 98 21.39 35.56 -35.93
CA SER F 98 20.60 34.72 -36.82
C SER F 98 20.37 35.28 -38.22
N SER F 99 19.98 34.37 -39.12
CA SER F 99 19.56 34.70 -40.47
C SER F 99 18.09 34.32 -40.59
N LYS F 100 17.48 34.04 -39.45
CA LYS F 100 16.08 33.65 -39.43
C LYS F 100 15.19 34.65 -38.68
N TYR F 101 15.69 35.86 -38.48
CA TYR F 101 14.91 36.91 -37.84
C TYR F 101 14.07 37.70 -38.83
N VAL F 102 13.91 37.17 -40.04
CA VAL F 102 13.07 37.84 -41.02
C VAL F 102 11.69 37.22 -41.02
N ASN F 103 10.69 37.99 -41.42
CA ASN F 103 9.32 37.49 -41.43
C ASN F 103 9.12 36.34 -42.40
N ARG F 104 9.55 35.16 -42.02
CA ARG F 104 9.46 33.99 -42.90
C ARG F 104 9.44 32.73 -42.06
N GLN F 105 8.66 31.74 -42.49
CA GLN F 105 8.56 30.50 -41.73
C GLN F 105 9.80 29.68 -41.80
N THR F 106 10.51 29.57 -40.68
CA THR F 106 11.65 28.68 -40.59
C THR F 106 11.54 27.90 -39.29
N ARG F 107 12.21 26.77 -39.22
CA ARG F 107 12.20 25.98 -38.00
C ARG F 107 12.82 26.78 -36.84
N GLY F 108 13.91 27.49 -37.12
CA GLY F 108 14.57 28.31 -36.11
C GLY F 108 14.04 29.73 -36.08
N MSE F 109 14.22 30.40 -34.94
CA MSE F 109 13.70 31.74 -34.73
C MSE F 109 14.45 32.62 -33.69
O MSE F 109 14.34 33.84 -33.76
CB MSE F 109 12.24 31.62 -34.31
CG MSE F 109 12.07 30.60 -33.21
SE MSE F 109 10.32 30.54 -32.51
CE MSE F 109 10.07 32.36 -32.12
N TYR F 110 15.23 32.01 -32.78
CA TYR F 110 15.82 32.73 -31.62
C TYR F 110 17.25 33.25 -31.54
N GLY F 111 18.18 32.63 -32.21
CA GLY F 111 19.54 33.09 -31.97
C GLY F 111 20.36 32.18 -31.09
N LEU F 112 19.78 31.09 -30.55
CA LEU F 112 20.57 30.17 -29.71
C LEU F 112 20.39 28.63 -29.76
N GLY F 113 20.07 28.04 -30.89
CA GLY F 113 19.96 26.59 -30.92
C GLY F 113 21.32 25.89 -30.77
N VAL F 114 22.30 26.31 -31.57
CA VAL F 114 23.62 25.71 -31.52
C VAL F 114 24.47 26.28 -30.42
N LYS F 115 24.44 27.58 -30.24
CA LYS F 115 25.23 28.17 -29.16
C LYS F 115 24.86 27.45 -27.87
N ALA F 116 23.58 27.41 -27.55
CA ALA F 116 23.10 26.74 -26.36
C ALA F 116 23.73 25.36 -26.24
N ALA F 117 23.83 24.63 -27.36
CA ALA F 117 24.47 23.32 -27.29
C ALA F 117 25.95 23.51 -27.03
N VAL F 118 26.54 24.48 -27.72
CA VAL F 118 27.95 24.76 -27.52
C VAL F 118 28.24 25.14 -26.05
N LEU F 119 27.47 26.09 -25.51
CA LEU F 119 27.64 26.49 -24.11
C LEU F 119 27.62 25.25 -23.24
N TYR F 120 26.70 24.35 -23.53
CA TYR F 120 26.58 23.13 -22.77
C TYR F 120 27.77 22.17 -22.96
N SER F 121 28.42 22.22 -24.11
CA SER F 121 29.60 21.39 -24.35
C SER F 121 30.77 21.94 -23.55
N GLN F 122 30.82 23.26 -23.47
CA GLN F 122 31.86 23.97 -22.77
C GLN F 122 31.82 23.73 -21.26
N MSE F 123 30.63 23.80 -20.68
CA MSE F 123 30.53 23.63 -19.24
C MSE F 123 30.99 22.24 -18.78
O MSE F 123 31.35 22.04 -17.62
CB MSE F 123 29.09 23.88 -18.76
CG MSE F 123 28.51 25.22 -19.13
SE MSE F 123 26.66 25.43 -18.47
CE MSE F 123 25.87 23.88 -19.28
N HIS F 124 30.96 21.26 -19.69
CA HIS F 124 31.28 19.89 -19.31
C HIS F 124 32.40 19.19 -20.09
N GLN F 125 33.21 19.92 -20.87
CA GLN F 125 34.20 19.24 -21.73
C GLN F 125 35.25 20.12 -22.39
N ASP F 126 36.08 19.47 -23.21
CA ASP F 126 37.21 20.10 -23.91
C ASP F 126 37.03 20.26 -25.43
N LYS F 127 36.56 19.20 -26.10
CA LYS F 127 36.45 19.17 -27.58
C LYS F 127 35.47 20.18 -28.19
N PRO F 128 35.97 21.33 -28.63
CA PRO F 128 35.14 22.35 -29.28
C PRO F 128 34.25 21.72 -30.34
N ILE F 129 33.35 22.50 -30.92
CA ILE F 129 32.46 21.93 -31.92
C ILE F 129 33.12 21.91 -33.29
N GLU F 130 33.02 20.78 -33.96
CA GLU F 130 33.61 20.63 -35.29
C GLU F 130 32.58 21.11 -36.30
N ILE F 131 33.04 21.91 -37.26
CA ILE F 131 32.17 22.41 -38.32
C ILE F 131 32.86 22.29 -39.67
N GLU F 132 32.10 21.94 -40.69
CA GLU F 132 32.62 21.83 -42.05
C GLU F 132 31.57 22.33 -43.05
N THR F 133 31.97 23.24 -43.95
CA THR F 133 31.02 23.81 -44.93
C THR F 133 31.46 23.73 -46.40
N SER F 134 30.62 24.30 -47.25
CA SER F 134 30.84 24.40 -48.69
C SER F 134 29.77 25.36 -49.23
N PRO F 135 30.02 26.64 -49.04
CA PRO F 135 29.09 27.74 -49.35
C PRO F 135 28.18 27.67 -50.59
N VAL F 136 28.71 27.50 -51.79
CA VAL F 136 27.88 27.45 -53.00
C VAL F 136 28.62 26.85 -54.20
N SER F 138 32.40 27.15 -54.11
CA SER F 138 33.41 26.80 -53.11
C SER F 138 34.46 25.83 -53.61
N LYS F 139 35.64 26.35 -53.92
CA LYS F 139 36.77 25.50 -54.28
C LYS F 139 37.29 25.00 -52.95
N ARG F 140 36.69 25.52 -51.89
CA ARG F 140 37.10 25.22 -50.53
C ARG F 140 36.07 24.44 -49.73
N ILE F 141 36.55 23.55 -48.88
CA ILE F 141 35.71 22.85 -47.92
C ILE F 141 36.18 23.30 -46.53
N TYR F 142 35.75 24.51 -46.16
CA TYR F 142 36.18 25.15 -44.90
C TYR F 142 36.10 24.27 -43.64
N THR F 143 37.08 24.43 -42.76
CA THR F 143 37.08 23.72 -41.48
C THR F 143 37.13 24.72 -40.33
N PHE F 144 36.65 24.28 -39.17
CA PHE F 144 36.55 25.16 -38.01
C PHE F 144 36.56 24.46 -36.67
N LYS F 145 37.11 25.15 -35.69
CA LYS F 145 37.06 24.72 -34.30
C LYS F 145 36.82 25.98 -33.47
N LEU F 146 35.61 26.08 -32.91
CA LEU F 146 35.20 27.29 -32.20
C LEU F 146 34.95 27.09 -30.73
N LYS F 147 34.81 28.21 -30.03
CA LYS F 147 34.44 28.23 -28.62
C LYS F 147 33.82 29.59 -28.31
N ILE F 148 32.84 29.60 -27.40
CA ILE F 148 32.18 30.86 -27.05
C ILE F 148 32.88 31.53 -25.88
N ASP F 149 33.16 32.82 -26.02
CA ASP F 149 33.69 33.59 -24.92
C ASP F 149 32.52 34.04 -24.07
N ILE F 150 32.07 33.13 -23.22
CA ILE F 150 30.90 33.32 -22.37
C ILE F 150 31.02 34.41 -21.28
N ASN F 151 31.60 35.56 -21.62
CA ASN F 151 31.59 36.78 -20.78
C ASN F 151 31.34 37.95 -21.70
N LYS F 152 31.96 37.90 -22.88
CA LYS F 152 31.80 38.95 -23.87
C LYS F 152 30.76 38.58 -24.89
N ASN F 153 30.42 37.30 -24.96
CA ASN F 153 29.51 36.81 -25.97
C ASN F 153 30.16 36.98 -27.35
N GLU F 154 31.28 36.29 -27.55
CA GLU F 154 32.06 36.39 -28.79
C GLU F 154 32.78 35.08 -29.07
N PRO F 155 32.91 34.75 -30.34
CA PRO F 155 33.53 33.50 -30.79
C PRO F 155 35.03 33.38 -30.51
N ILE F 156 35.52 32.15 -30.55
CA ILE F 156 36.94 31.85 -30.41
C ILE F 156 37.34 30.93 -31.56
N ILE F 157 38.02 31.48 -32.56
CA ILE F 157 38.51 30.69 -33.68
C ILE F 157 39.71 29.88 -33.18
N VAL F 158 39.60 28.56 -33.26
CA VAL F 158 40.66 27.68 -32.77
C VAL F 158 41.44 26.91 -33.86
N GLU F 159 40.76 26.45 -34.91
CA GLU F 159 41.44 25.78 -36.02
C GLU F 159 40.76 26.06 -37.37
N ARG F 160 41.52 26.56 -38.35
CA ARG F 160 41.01 26.90 -39.68
C ARG F 160 41.56 25.97 -40.77
N GLY F 161 40.73 25.60 -41.73
CA GLY F 161 41.16 24.73 -42.81
C GLY F 161 40.59 25.10 -44.17
N SER F 162 41.43 25.00 -45.21
CA SER F 162 41.02 25.29 -46.58
C SER F 162 41.35 24.13 -47.52
N VAL F 163 40.56 23.07 -47.45
CA VAL F 163 40.78 21.88 -48.28
C VAL F 163 40.06 21.99 -49.63
N GLU F 164 40.20 20.95 -50.45
CA GLU F 164 39.59 20.93 -51.78
C GLU F 164 38.34 20.03 -51.81
N ASN F 165 37.50 20.23 -52.81
CA ASN F 165 36.26 19.45 -52.93
C ASN F 165 36.27 18.56 -54.17
N THR F 166 35.11 18.41 -54.79
CA THR F 166 34.98 17.60 -56.00
C THR F 166 34.14 18.33 -57.05
N HIS F 170 27.92 20.84 -51.90
CA HIS F 170 27.42 21.89 -51.02
C HIS F 170 26.71 21.29 -49.81
N GLY F 171 27.15 21.70 -48.62
CA GLY F 171 26.56 21.20 -47.38
C GLY F 171 27.35 21.62 -46.16
N THR F 172 27.06 20.99 -45.03
CA THR F 172 27.73 21.33 -43.79
C THR F 172 27.80 20.17 -42.83
N SER F 173 28.91 20.07 -42.13
CA SER F 173 29.08 19.06 -41.09
C SER F 173 29.13 19.75 -39.74
N VAL F 174 28.37 19.22 -38.80
CA VAL F 174 28.39 19.76 -37.47
C VAL F 174 28.59 18.62 -36.51
N ALA F 175 29.53 18.79 -35.59
CA ALA F 175 29.81 17.78 -34.60
C ALA F 175 29.96 18.41 -33.22
N ILE F 176 29.01 18.11 -32.35
CA ILE F 176 29.07 18.61 -30.97
C ILE F 176 29.43 17.48 -30.04
N SER F 177 30.15 17.82 -28.98
CA SER F 177 30.55 16.85 -27.99
C SER F 177 29.92 17.20 -26.64
N ILE F 178 29.02 16.34 -26.17
CA ILE F 178 28.22 16.64 -24.98
C ILE F 178 27.86 15.44 -24.12
N PRO F 179 27.56 15.72 -22.86
CA PRO F 179 27.05 14.71 -21.93
C PRO F 179 25.69 14.21 -22.41
N GLY F 180 25.43 12.92 -22.31
CA GLY F 180 24.15 12.38 -22.75
C GLY F 180 23.70 11.19 -21.93
N ASP F 181 22.70 10.48 -22.41
CA ASP F 181 22.16 9.30 -21.73
C ASP F 181 21.23 8.59 -22.68
N TRP F 182 21.83 7.78 -23.56
CA TRP F 182 21.07 7.12 -24.62
C TRP F 182 19.84 6.34 -24.16
N PRO F 183 20.02 5.31 -23.33
CA PRO F 183 18.92 4.44 -22.94
C PRO F 183 17.66 5.20 -22.52
N LYS F 184 17.82 6.27 -21.76
CA LYS F 184 16.67 7.04 -21.32
C LYS F 184 16.15 7.96 -22.43
N ALA F 185 17.05 8.41 -23.29
CA ALA F 185 16.70 9.27 -24.41
C ALA F 185 16.55 8.48 -25.70
N LYS F 186 16.37 7.17 -25.60
CA LYS F 186 16.27 6.30 -26.78
C LYS F 186 14.92 6.43 -27.50
N SER F 187 13.84 6.19 -26.76
CA SER F 187 12.50 6.22 -27.33
C SER F 187 12.18 7.57 -27.96
N ARG F 188 12.80 8.65 -27.45
CA ARG F 188 12.45 9.99 -27.93
C ARG F 188 13.25 10.47 -29.15
N ILE F 189 14.41 9.87 -29.39
CA ILE F 189 15.20 10.30 -30.52
C ILE F 189 14.82 9.54 -31.78
N TYR F 190 14.10 8.44 -31.62
CA TYR F 190 13.59 7.69 -32.76
C TYR F 190 12.26 8.26 -33.18
N GLU F 191 11.43 8.61 -32.20
CA GLU F 191 10.11 9.16 -32.48
C GLU F 191 10.25 10.50 -33.21
N TYR F 192 11.37 11.21 -32.99
CA TYR F 192 11.61 12.49 -33.66
C TYR F 192 11.93 12.26 -35.13
N ILE F 193 13.07 11.65 -35.39
CA ILE F 193 13.53 11.37 -36.76
C ILE F 193 12.44 10.70 -37.60
N LYS F 194 11.67 9.81 -36.97
CA LYS F 194 10.56 9.11 -37.62
C LYS F 194 9.47 10.09 -37.98
N ARG F 195 8.90 10.71 -36.95
CA ARG F 195 7.83 11.68 -37.14
C ARG F 195 8.24 12.81 -38.07
N THR F 196 9.54 13.08 -38.12
CA THR F 196 10.04 14.08 -39.04
C THR F 196 10.00 13.56 -40.47
N TYR F 197 9.99 12.23 -40.60
CA TYR F 197 10.05 11.56 -41.90
C TYR F 197 8.69 11.37 -42.54
N ILE F 198 7.77 10.76 -41.81
CA ILE F 198 6.43 10.45 -42.31
C ILE F 198 5.72 11.65 -42.91
N ILE F 199 6.19 12.84 -42.57
CA ILE F 199 5.63 14.04 -43.16
C ILE F 199 6.65 14.70 -44.07
N THR F 200 7.86 14.15 -44.12
CA THR F 200 8.90 14.76 -44.92
C THR F 200 9.50 13.78 -45.96
N PRO F 201 8.64 13.27 -46.85
CA PRO F 201 9.03 12.30 -47.88
C PRO F 201 10.06 12.71 -48.94
N TYR F 202 10.44 13.98 -49.03
CA TYR F 202 11.39 14.39 -50.06
C TYR F 202 12.81 14.50 -49.53
N ALA F 203 13.15 13.69 -48.53
CA ALA F 203 14.45 13.78 -47.91
C ALA F 203 15.02 12.41 -47.61
N GLU F 204 16.35 12.32 -47.55
CA GLU F 204 17.01 11.06 -47.21
C GLU F 204 17.55 11.11 -45.79
N PHE F 205 17.12 10.15 -44.98
CA PHE F 205 17.56 10.07 -43.59
C PHE F 205 18.37 8.82 -43.30
N ILE F 206 19.55 9.04 -42.74
CA ILE F 206 20.42 7.97 -42.29
C ILE F 206 20.86 8.29 -40.87
N PHE F 207 20.57 7.37 -39.95
CA PHE F 207 20.88 7.58 -38.56
C PHE F 207 21.42 6.28 -37.92
N LYS F 208 22.42 6.44 -37.06
CA LYS F 208 23.02 5.31 -36.36
C LYS F 208 23.16 5.60 -34.87
N ASP F 209 22.33 4.93 -34.08
CA ASP F 209 22.26 5.15 -32.65
C ASP F 209 23.38 4.47 -31.91
N PRO F 210 23.43 4.69 -30.60
CA PRO F 210 24.43 4.07 -29.76
C PRO F 210 24.88 2.72 -30.26
N GLU F 211 25.80 2.85 -31.22
CA GLU F 211 26.50 1.80 -31.95
C GLU F 211 25.75 0.50 -32.17
N ASN F 213 23.65 0.48 -34.67
CA ASN F 213 22.30 0.59 -35.20
C ASN F 213 22.14 1.63 -36.32
N VAL F 214 21.46 1.21 -37.38
CA VAL F 214 21.22 2.04 -38.57
C VAL F 214 19.86 1.75 -39.20
N THR F 215 19.00 2.75 -39.28
CA THR F 215 17.69 2.63 -39.92
C THR F 215 17.64 3.59 -41.10
N TYR F 216 17.60 3.06 -42.33
CA TYR F 216 17.57 3.92 -43.50
C TYR F 216 16.20 4.54 -43.72
N TYR F 217 16.20 5.83 -44.01
CA TYR F 217 14.99 6.59 -44.36
C TYR F 217 15.26 7.24 -45.73
N PRO F 218 15.18 6.37 -46.72
CA PRO F 218 15.16 6.67 -48.15
C PRO F 218 14.19 7.74 -48.66
N ARG F 219 14.38 8.16 -49.89
CA ARG F 219 13.60 9.23 -50.48
C ARG F 219 12.46 8.68 -51.32
N LEU F 220 11.24 9.17 -51.08
CA LEU F 220 10.08 8.70 -51.83
C LEU F 220 9.59 9.65 -52.93
N THR F 221 10.11 10.88 -52.99
CA THR F 221 9.61 11.81 -54.00
C THR F 221 10.51 13.03 -54.26
N ASN F 222 10.91 13.22 -55.52
CA ASN F 222 11.68 14.39 -55.93
C ASN F 222 10.84 15.68 -55.97
N LYS F 223 9.52 15.53 -55.79
CA LYS F 223 8.60 16.66 -55.78
C LYS F 223 8.77 17.47 -54.51
N ILE F 224 9.27 18.70 -54.65
CA ILE F 224 9.52 19.55 -53.49
C ILE F 224 8.59 20.74 -53.41
N PRO F 225 8.00 20.94 -52.23
CA PRO F 225 7.06 22.03 -51.99
C PRO F 225 7.63 23.40 -52.29
N LYS F 226 6.74 24.33 -52.66
CA LYS F 226 7.08 25.71 -52.90
C LYS F 226 7.64 26.30 -51.61
N PRO F 227 8.95 26.53 -51.61
CA PRO F 227 9.67 27.01 -50.42
C PRO F 227 9.10 28.29 -49.83
N PRO F 228 9.22 28.44 -48.52
CA PRO F 228 8.76 29.63 -47.80
C PRO F 228 9.60 30.87 -48.11
N GLN F 229 8.96 32.03 -48.15
CA GLN F 229 9.64 33.29 -48.50
C GLN F 229 9.45 34.34 -47.42
N GLU F 230 10.27 35.38 -47.45
CA GLU F 230 10.13 36.51 -46.55
C GLU F 230 8.92 37.30 -47.00
N VAL F 231 8.17 37.85 -46.05
CA VAL F 231 6.97 38.61 -46.38
C VAL F 231 6.79 39.84 -45.50
N LYS F 232 5.72 40.57 -45.75
CA LYS F 232 5.40 41.74 -44.98
C LYS F 232 4.45 41.36 -43.85
N PRO F 233 4.40 42.17 -42.80
CA PRO F 233 3.53 41.88 -41.66
C PRO F 233 2.08 42.04 -42.05
N HIS F 234 1.20 41.34 -41.36
CA HIS F 234 -0.21 41.56 -41.55
C HIS F 234 -0.52 42.60 -40.48
N PRO F 235 -1.39 43.54 -40.80
CA PRO F 235 -1.70 44.64 -39.90
C PRO F 235 -2.29 44.25 -38.55
N TYR F 236 -2.99 43.12 -38.45
CA TYR F 236 -3.68 42.77 -37.19
C TYR F 236 -2.77 42.30 -36.06
N GLY F 237 -2.66 43.12 -35.01
CA GLY F 237 -1.82 42.80 -33.88
C GLY F 237 -0.41 43.40 -33.92
N VAL F 238 -0.01 44.01 -35.03
CA VAL F 238 1.32 44.61 -35.07
C VAL F 238 1.36 45.55 -33.89
N ASP F 239 2.39 45.46 -33.06
CA ASP F 239 2.43 46.29 -31.85
C ASP F 239 3.19 47.59 -32.05
N ARG F 240 3.19 48.43 -31.02
CA ARG F 240 3.77 49.77 -31.07
C ARG F 240 5.27 49.80 -31.37
N GLU F 241 6.00 48.81 -30.87
CA GLU F 241 7.42 48.72 -31.14
C GLU F 241 7.69 48.28 -32.57
N GLU F 242 6.82 47.43 -33.13
CA GLU F 242 6.99 47.01 -34.52
C GLU F 242 6.75 48.17 -35.48
N ILE F 243 5.83 49.05 -35.12
CA ILE F 243 5.56 50.20 -35.92
C ILE F 243 6.80 51.05 -35.97
N LYS F 244 7.39 51.30 -34.80
CA LYS F 244 8.61 52.09 -34.68
C LYS F 244 9.76 51.53 -35.46
N ILE F 245 9.84 50.21 -35.56
CA ILE F 245 10.89 49.57 -36.34
C ILE F 245 10.63 49.67 -37.84
N LEU F 246 9.38 49.52 -38.25
CA LEU F 246 9.02 49.61 -39.66
C LEU F 246 9.35 50.99 -40.19
N ILE F 247 9.12 52.00 -39.35
CA ILE F 247 9.39 53.37 -39.72
C ILE F 247 10.90 53.61 -39.94
N ASN F 248 11.57 54.23 -38.99
CA ASN F 248 13.00 54.46 -39.13
C ASN F 248 13.65 53.60 -40.23
N ASN F 249 13.35 52.30 -40.20
CA ASN F 249 13.87 51.34 -41.20
C ASN F 249 13.46 51.63 -42.64
N LEU F 250 12.68 52.68 -42.85
CA LEU F 250 12.27 53.06 -44.19
C LEU F 250 13.45 53.67 -44.93
N LYS F 251 13.53 53.43 -46.24
CA LYS F 251 14.65 53.98 -47.01
C LYS F 251 14.42 55.43 -47.43
N ARG F 252 13.16 55.80 -47.64
CA ARG F 252 12.84 57.19 -47.95
C ARG F 252 11.54 57.65 -47.30
N ASP F 253 11.28 58.95 -47.37
CA ASP F 253 10.14 59.60 -46.71
C ASP F 253 8.77 59.17 -47.22
N TYR F 254 8.03 58.44 -46.40
CA TYR F 254 6.67 58.02 -46.75
C TYR F 254 5.58 58.84 -46.05
N THR F 255 4.36 58.76 -46.57
CA THR F 255 3.21 59.37 -45.92
C THR F 255 2.51 58.28 -45.13
N ILE F 256 1.70 58.66 -44.14
CA ILE F 256 0.98 57.66 -43.37
C ILE F 256 0.26 56.70 -44.31
N LYS F 257 -0.50 57.26 -45.24
CA LYS F 257 -1.23 56.47 -46.20
C LYS F 257 -0.29 55.58 -47.02
N GLU F 258 0.85 56.14 -47.42
CA GLU F 258 1.86 55.42 -48.19
C GLU F 258 2.47 54.32 -47.34
N PHE F 259 2.62 54.62 -46.06
CA PHE F 259 3.17 53.65 -45.14
C PHE F 259 2.20 52.49 -45.02
N LEU F 260 0.93 52.81 -44.80
CA LEU F 260 -0.13 51.80 -44.68
C LEU F 260 -0.21 50.86 -45.86
N VAL F 261 -0.28 51.42 -47.07
CA VAL F 261 -0.39 50.57 -48.25
C VAL F 261 0.92 49.87 -48.62
N ASN F 262 2.06 50.47 -48.27
CA ASN F 262 3.33 49.84 -48.67
C ASN F 262 3.99 48.78 -47.79
N GLU F 263 4.05 49.01 -46.48
CA GLU F 263 4.75 48.09 -45.60
C GLU F 263 3.87 47.13 -44.82
N PHE F 264 2.78 46.64 -45.43
CA PHE F 264 1.86 45.71 -44.78
C PHE F 264 1.11 44.87 -45.80
N GLN F 265 0.96 43.58 -45.53
CA GLN F 265 0.09 42.73 -46.34
C GLN F 265 -1.34 43.24 -46.22
N SER F 266 -2.22 42.69 -47.07
CA SER F 266 -3.65 42.96 -47.03
C SER F 266 -4.07 44.40 -46.73
N ILE F 267 -3.39 45.39 -47.27
CA ILE F 267 -3.87 46.75 -47.16
C ILE F 267 -3.80 47.50 -48.49
N GLY F 268 -4.93 48.09 -48.87
CA GLY F 268 -5.03 48.87 -50.10
C GLY F 268 -5.62 50.23 -49.83
N ASP F 269 -5.87 50.99 -50.90
CA ASP F 269 -6.37 52.34 -50.79
C ASP F 269 -7.62 52.44 -49.93
N THR F 270 -8.59 51.58 -50.20
CA THR F 270 -9.85 51.59 -49.45
C THR F 270 -9.61 51.32 -47.97
N THR F 271 -8.93 50.23 -47.68
CA THR F 271 -8.65 49.86 -46.29
C THR F 271 -7.90 50.99 -45.54
N ALA F 272 -6.85 51.52 -46.16
CA ALA F 272 -6.10 52.61 -45.57
C ALA F 272 -7.01 53.76 -45.17
N ASP F 273 -7.88 54.17 -46.10
CA ASP F 273 -8.77 55.30 -45.85
C ASP F 273 -9.64 55.02 -44.66
N LYS F 274 -10.12 53.79 -44.56
CA LYS F 274 -10.89 53.40 -43.41
C LYS F 274 -10.00 53.37 -42.14
N ILE F 275 -8.81 52.79 -42.24
CA ILE F 275 -7.93 52.78 -41.07
C ILE F 275 -7.70 54.21 -40.57
N LEU F 276 -7.27 55.08 -41.48
CA LEU F 276 -7.00 56.49 -41.16
C LEU F 276 -8.18 57.19 -40.49
N GLU F 277 -9.39 56.90 -40.94
CA GLU F 277 -10.56 57.55 -40.36
C GLU F 277 -10.88 56.95 -38.99
N LEU F 278 -10.72 55.64 -38.87
CA LEU F 278 -10.98 55.01 -37.58
C LEU F 278 -9.93 55.50 -36.59
N ALA F 279 -8.68 55.55 -37.04
CA ALA F 279 -7.57 55.99 -36.20
C ALA F 279 -7.57 57.50 -35.95
N GLY F 280 -8.04 58.28 -36.93
CA GLY F 280 -8.02 59.73 -36.84
C GLY F 280 -6.62 60.25 -37.16
N LEU F 281 -6.04 59.74 -38.24
CA LEU F 281 -4.72 60.14 -38.67
C LEU F 281 -4.84 60.82 -40.01
N LYS F 282 -3.93 61.74 -40.29
CA LYS F 282 -3.94 62.50 -41.52
C LYS F 282 -3.16 61.77 -42.60
N PRO F 283 -3.85 61.42 -43.67
CA PRO F 283 -3.30 60.59 -44.76
C PRO F 283 -1.90 60.93 -45.30
N ASN F 284 -1.65 62.14 -45.73
CA ASN F 284 -0.36 62.41 -46.35
C ASN F 284 0.78 62.82 -45.43
N LYS F 285 0.50 62.88 -44.13
CA LYS F 285 1.53 63.19 -43.13
C LYS F 285 2.69 62.20 -43.22
N LYS F 286 3.86 62.59 -42.76
CA LYS F 286 5.01 61.71 -42.83
C LYS F 286 5.12 60.78 -41.62
N VAL F 287 5.03 59.48 -41.88
CA VAL F 287 5.13 58.47 -40.84
C VAL F 287 6.09 58.93 -39.76
N LYS F 288 7.28 59.34 -40.21
CA LYS F 288 8.37 59.80 -39.34
C LYS F 288 7.94 60.73 -38.21
N ASN F 289 6.85 61.46 -38.42
CA ASN F 289 6.39 62.43 -37.44
C ASN F 289 5.23 61.98 -36.55
N LEU F 290 4.89 60.70 -36.60
CA LEU F 290 3.82 60.18 -35.76
C LEU F 290 4.18 60.34 -34.31
N THR F 291 3.27 60.90 -33.54
CA THR F 291 3.48 61.01 -32.12
C THR F 291 3.29 59.64 -31.49
N GLU F 292 3.95 59.45 -30.36
CA GLU F 292 3.79 58.25 -29.60
C GLU F 292 2.28 58.00 -29.36
N GLU F 293 1.59 59.08 -29.01
CA GLU F 293 0.18 59.05 -28.67
C GLU F 293 -0.66 58.68 -29.91
N GLU F 294 -0.09 58.87 -31.10
CA GLU F 294 -0.72 58.50 -32.35
C GLU F 294 -0.42 57.05 -32.70
N ILE F 295 0.81 56.59 -32.41
CA ILE F 295 1.16 55.19 -32.68
C ILE F 295 0.22 54.20 -31.98
N THR F 296 -0.19 54.54 -30.77
CA THR F 296 -1.10 53.71 -30.00
C THR F 296 -2.42 53.55 -30.77
N ARG F 297 -3.05 54.69 -31.07
CA ARG F 297 -4.30 54.70 -31.82
C ARG F 297 -4.23 53.84 -33.09
N LEU F 298 -3.11 53.88 -33.78
CA LEU F 298 -2.98 53.10 -35.00
C LEU F 298 -2.98 51.62 -34.67
N VAL F 299 -2.19 51.24 -33.67
CA VAL F 299 -2.11 49.86 -33.24
C VAL F 299 -3.48 49.38 -32.71
N GLU F 300 -4.16 50.24 -31.96
CA GLU F 300 -5.48 49.89 -31.45
C GLU F 300 -6.48 49.76 -32.61
N THR F 301 -6.32 50.57 -33.66
CA THR F 301 -7.23 50.50 -34.80
C THR F 301 -6.96 49.21 -35.54
N PHE F 302 -5.69 48.92 -35.74
CA PHE F 302 -5.27 47.66 -36.34
C PHE F 302 -5.89 46.49 -35.54
N LYS F 303 -5.80 46.55 -34.22
CA LYS F 303 -6.29 45.45 -33.40
C LYS F 303 -7.81 45.23 -33.54
N LYS F 304 -8.57 46.32 -33.72
CA LYS F 304 -10.04 46.27 -33.78
C LYS F 304 -10.69 46.22 -35.18
N TYR F 305 -9.97 46.64 -36.21
CA TYR F 305 -10.53 46.68 -37.56
C TYR F 305 -11.08 45.32 -37.96
N GLU F 306 -12.30 45.30 -38.47
CA GLU F 306 -12.97 44.03 -38.75
C GLU F 306 -12.84 43.51 -40.17
N ASP F 307 -12.27 44.30 -41.09
CA ASP F 307 -12.37 43.96 -42.51
C ASP F 307 -11.11 43.71 -43.31
N PHE F 308 -10.05 43.27 -42.64
CA PHE F 308 -8.80 42.93 -43.33
C PHE F 308 -8.95 41.63 -44.11
N ARG F 309 -8.46 41.59 -45.35
CA ARG F 309 -8.43 40.31 -46.07
C ARG F 309 -7.42 39.43 -45.33
N SER F 310 -7.58 38.12 -45.46
CA SER F 310 -6.60 37.17 -44.92
C SER F 310 -5.23 37.44 -45.53
N PRO F 311 -4.16 37.02 -44.86
CA PRO F 311 -2.82 37.19 -45.41
C PRO F 311 -2.57 36.07 -46.41
N SER F 312 -1.58 36.26 -47.26
CA SER F 312 -1.23 35.27 -48.26
C SER F 312 -0.82 33.95 -47.60
N ALA F 313 -0.87 32.88 -48.36
CA ALA F 313 -0.52 31.56 -47.85
C ALA F 313 0.68 30.98 -48.56
N ASP F 314 1.63 31.82 -48.94
CA ASP F 314 2.86 31.31 -49.54
C ASP F 314 4.08 31.68 -48.70
N SER F 315 3.85 32.47 -47.65
CA SER F 315 4.92 32.81 -46.71
C SER F 315 5.05 31.67 -45.73
N LEU F 316 4.19 30.68 -45.88
CA LEU F 316 4.16 29.52 -45.02
C LEU F 316 4.38 28.26 -45.88
N SER F 317 4.72 27.15 -45.25
CA SER F 317 4.83 25.90 -45.96
C SER F 317 4.07 24.83 -45.19
N VAL F 318 3.06 24.27 -45.82
CA VAL F 318 2.21 23.31 -45.15
C VAL F 318 2.63 21.88 -45.45
N ILE F 319 1.88 20.93 -44.91
CA ILE F 319 2.11 19.54 -45.23
C ILE F 319 1.17 19.21 -46.37
N GLY F 320 -0.12 19.08 -46.07
CA GLY F 320 -1.13 18.84 -47.08
C GLY F 320 -2.17 17.82 -46.65
N GLU F 321 -3.42 18.06 -47.00
CA GLU F 321 -4.50 17.15 -46.65
C GLU F 321 -4.23 15.74 -47.16
N ASP F 322 -3.34 15.60 -48.14
CA ASP F 322 -3.13 14.30 -48.76
C ASP F 322 -1.79 13.63 -48.40
N LEU F 323 -0.94 14.34 -47.68
CA LEU F 323 0.33 13.78 -47.23
C LEU F 323 0.23 13.60 -45.74
N ILE F 324 -0.70 14.34 -45.14
CA ILE F 324 -1.00 14.16 -43.73
C ILE F 324 -1.78 12.86 -43.64
N GLU F 325 -2.71 12.66 -44.56
CA GLU F 325 -3.50 11.44 -44.61
C GLU F 325 -2.67 10.21 -44.94
N LEU F 326 -1.71 10.35 -45.85
CA LEU F 326 -0.82 9.22 -46.15
C LEU F 326 -0.22 8.76 -44.83
N GLY F 327 0.62 9.62 -44.27
CA GLY F 327 1.28 9.35 -43.02
C GLY F 327 0.38 8.63 -42.03
N LEU F 328 -0.75 9.23 -41.70
CA LEU F 328 -1.64 8.64 -40.72
C LEU F 328 -1.96 7.19 -41.06
N LYS F 329 -2.42 6.97 -42.29
CA LYS F 329 -2.71 5.62 -42.76
C LYS F 329 -1.44 4.77 -42.77
N LYS F 330 -0.32 5.44 -43.02
CA LYS F 330 0.98 4.80 -43.14
C LYS F 330 1.75 4.54 -41.81
N ILE F 331 1.07 4.56 -40.67
CA ILE F 331 1.77 4.35 -39.38
C ILE F 331 0.85 3.64 -38.43
N PHE F 332 -0.32 4.18 -38.33
CA PHE F 332 -1.40 3.47 -37.74
C PHE F 332 -1.90 2.96 -39.08
N ASN F 333 -2.53 1.80 -39.11
CA ASN F 333 -3.06 1.34 -40.37
C ASN F 333 -4.56 1.53 -40.28
N PRO F 334 -4.97 2.79 -40.42
CA PRO F 334 -6.37 3.21 -40.36
C PRO F 334 -7.49 2.39 -40.98
N ASP F 335 -8.69 2.86 -40.67
CA ASP F 335 -9.94 2.36 -41.19
C ASP F 335 -10.55 3.57 -41.93
N PHE F 336 -10.46 4.75 -41.31
CA PHE F 336 -10.94 6.02 -41.89
C PHE F 336 -10.04 7.15 -41.45
N ALA F 337 -9.48 7.90 -42.40
CA ALA F 337 -8.59 9.01 -42.08
C ALA F 337 -8.91 10.24 -42.91
N ALA F 338 -8.79 11.43 -42.32
CA ALA F 338 -9.11 12.67 -43.01
C ALA F 338 -8.29 13.83 -42.49
N SER F 339 -8.35 14.96 -43.18
CA SER F 339 -7.53 16.11 -42.82
C SER F 339 -7.95 17.40 -43.46
N ILE F 340 -7.49 18.50 -42.89
CA ILE F 340 -7.79 19.83 -43.41
C ILE F 340 -6.56 20.72 -43.35
N THR F 341 -6.42 21.60 -44.34
CA THR F 341 -5.31 22.53 -44.35
C THR F 341 -5.85 23.95 -44.42
N ARG F 342 -6.46 24.39 -43.33
CA ARG F 342 -7.12 25.69 -43.25
C ARG F 342 -6.42 26.85 -43.97
N LYS F 343 -7.21 27.89 -44.22
CA LYS F 343 -6.76 29.11 -44.88
C LYS F 343 -6.03 30.01 -43.87
N PRO F 344 -5.09 30.82 -44.35
CA PRO F 344 -4.24 31.64 -43.49
C PRO F 344 -4.98 32.62 -42.60
N LYS F 345 -4.50 32.81 -41.39
CA LYS F 345 -5.03 33.85 -40.52
C LYS F 345 -3.83 34.62 -40.06
N ALA F 346 -4.07 35.64 -39.24
CA ALA F 346 -2.97 36.42 -38.68
C ALA F 346 -3.14 36.57 -37.18
N TYR F 347 -2.01 36.54 -36.48
CA TYR F 347 -1.99 36.78 -35.06
C TYR F 347 -0.75 37.60 -34.74
N GLN F 348 -0.95 38.68 -33.99
CA GLN F 348 0.16 39.51 -33.58
C GLN F 348 1.01 39.82 -34.80
N GLY F 349 0.35 40.01 -35.93
CA GLY F 349 1.06 40.42 -37.12
C GLY F 349 1.68 39.35 -37.99
N HIS F 350 1.65 38.10 -37.53
CA HIS F 350 2.24 36.97 -38.28
C HIS F 350 1.17 36.08 -38.89
N PRO F 351 1.30 35.87 -40.19
CA PRO F 351 0.38 34.98 -40.88
C PRO F 351 0.54 33.60 -40.28
N PHE F 352 -0.51 32.81 -40.18
CA PHE F 352 -0.31 31.43 -39.74
C PHE F 352 -1.37 30.54 -40.30
N ILE F 353 -1.11 29.23 -40.27
CA ILE F 353 -2.06 28.25 -40.77
C ILE F 353 -2.10 27.11 -39.79
N VAL F 354 -3.28 26.54 -39.60
CA VAL F 354 -3.41 25.37 -38.77
C VAL F 354 -3.86 24.22 -39.64
N GLU F 355 -3.12 23.13 -39.63
CA GLU F 355 -3.57 21.92 -40.31
C GLU F 355 -3.90 20.92 -39.24
N ALA F 356 -4.83 20.03 -39.53
CA ALA F 356 -5.19 18.97 -38.61
C ALA F 356 -5.41 17.66 -39.36
N GLY F 357 -5.57 16.58 -38.62
CA GLY F 357 -5.80 15.29 -39.22
C GLY F 357 -6.33 14.33 -38.19
N VAL F 358 -7.11 13.36 -38.63
CA VAL F 358 -7.64 12.35 -37.71
C VAL F 358 -7.59 10.98 -38.38
N ALA F 359 -7.37 9.95 -37.56
CA ALA F 359 -7.39 8.55 -38.01
C ALA F 359 -8.23 7.80 -37.00
N PHE F 360 -8.99 6.80 -37.43
CA PHE F 360 -9.90 6.19 -36.46
C PHE F 360 -9.95 4.70 -36.22
N GLY F 361 -9.25 3.89 -36.99
CA GLY F 361 -9.42 2.47 -36.74
C GLY F 361 -8.28 1.53 -37.03
N GLY F 362 -8.65 0.32 -37.41
CA GLY F 362 -7.72 -0.73 -37.77
C GLY F 362 -6.75 -1.10 -36.68
N SER F 363 -5.47 -0.95 -36.99
CA SER F 363 -4.40 -1.32 -36.08
C SER F 363 -4.18 -0.25 -35.01
N ILE F 364 -5.08 0.71 -34.95
CA ILE F 364 -4.96 1.77 -33.97
C ILE F 364 -5.26 1.22 -32.59
N PRO F 365 -4.28 1.32 -31.71
CA PRO F 365 -4.41 0.85 -30.32
C PRO F 365 -5.68 1.40 -29.67
N VAL F 366 -6.08 0.78 -28.58
CA VAL F 366 -7.24 1.25 -27.83
C VAL F 366 -6.75 2.01 -26.61
N GLY F 367 -7.60 2.87 -26.08
CA GLY F 367 -7.25 3.66 -24.91
C GLY F 367 -8.32 4.68 -24.66
N GLU F 368 -8.25 5.35 -23.51
CA GLU F 368 -9.27 6.31 -23.11
C GLU F 368 -9.17 7.64 -23.85
N GLU F 369 -7.94 8.13 -24.00
CA GLU F 369 -7.70 9.43 -24.61
C GLU F 369 -7.14 9.29 -26.02
N PRO F 370 -7.55 10.18 -26.91
CA PRO F 370 -7.00 10.23 -28.26
C PRO F 370 -5.49 10.29 -28.16
N ILE F 371 -4.81 9.81 -29.20
CA ILE F 371 -3.37 9.89 -29.25
C ILE F 371 -3.04 11.12 -30.06
N VAL F 372 -2.41 12.09 -29.42
CA VAL F 372 -2.18 13.38 -30.06
C VAL F 372 -0.76 13.59 -30.61
N LEU F 373 -0.68 14.00 -31.87
CA LEU F 373 0.60 14.27 -32.51
C LEU F 373 0.74 15.76 -32.84
N ARG F 374 1.73 16.42 -32.24
CA ARG F 374 1.92 17.85 -32.47
C ARG F 374 3.12 18.15 -33.35
N TYR F 375 2.94 19.01 -34.34
CA TYR F 375 4.05 19.51 -35.13
C TYR F 375 3.93 21.03 -35.09
N ALA F 376 5.05 21.72 -35.27
CA ALA F 376 5.03 23.16 -35.35
C ALA F 376 6.06 23.53 -36.38
N ASN F 377 5.68 24.34 -37.36
CA ASN F 377 6.60 24.62 -38.45
C ASN F 377 7.37 23.37 -38.88
N LYS F 378 6.66 22.26 -39.09
CA LYS F 378 7.26 21.01 -39.53
C LYS F 378 8.27 20.44 -38.53
N ILE F 379 7.94 20.56 -37.24
CA ILE F 379 8.77 20.02 -36.17
C ILE F 379 7.89 19.18 -35.25
N PRO F 380 8.18 17.90 -35.14
CA PRO F 380 7.43 17.05 -34.21
C PRO F 380 7.70 17.56 -32.81
N LEU F 381 6.72 17.48 -31.93
CA LEU F 381 6.90 17.92 -30.56
C LEU F 381 6.78 16.72 -29.65
N ILE F 382 7.83 16.44 -28.89
CA ILE F 382 7.86 15.25 -28.06
C ILE F 382 7.65 15.52 -26.57
N TYR F 383 8.36 16.49 -26.02
CA TYR F 383 8.27 16.76 -24.59
C TYR F 383 7.09 17.66 -24.19
N ASP F 384 6.73 17.62 -22.92
CA ASP F 384 5.77 18.53 -22.33
C ASP F 384 4.41 18.65 -23.01
N GLU F 385 3.84 17.53 -23.45
CA GLU F 385 2.58 17.61 -24.18
C GLU F 385 1.46 18.22 -23.36
N LYS F 386 1.37 17.85 -22.08
CA LYS F 386 0.29 18.31 -21.22
C LYS F 386 0.31 19.80 -20.97
N SER F 387 1.44 20.44 -21.28
CA SER F 387 1.56 21.86 -21.09
C SER F 387 1.23 22.63 -22.38
N ASP F 388 1.31 21.95 -23.52
CA ASP F 388 1.07 22.57 -24.83
C ASP F 388 -0.37 23.04 -25.05
N VAL F 389 -0.51 24.14 -25.79
CA VAL F 389 -1.82 24.68 -26.08
C VAL F 389 -2.56 23.74 -27.01
N ILE F 390 -1.83 23.10 -27.92
CA ILE F 390 -2.46 22.16 -28.83
C ILE F 390 -3.14 21.05 -28.03
N TRP F 391 -2.50 20.62 -26.95
CA TRP F 391 -3.06 19.54 -26.13
C TRP F 391 -4.34 19.95 -25.42
N LYS F 392 -4.36 21.16 -24.89
CA LYS F 392 -5.51 21.61 -24.11
C LYS F 392 -6.72 21.88 -24.99
N VAL F 393 -6.49 22.19 -26.25
CA VAL F 393 -7.59 22.40 -27.18
C VAL F 393 -8.18 21.06 -27.53
N VAL F 394 -7.33 20.15 -27.98
CA VAL F 394 -7.77 18.80 -28.35
C VAL F 394 -8.56 18.14 -27.22
N GLU F 395 -8.16 18.42 -25.99
CA GLU F 395 -8.79 17.84 -24.83
C GLU F 395 -10.17 18.44 -24.55
N GLU F 396 -10.43 19.65 -25.04
CA GLU F 396 -11.69 20.35 -24.78
C GLU F 396 -12.83 19.87 -25.67
N LEU F 397 -12.53 18.97 -26.60
CA LEU F 397 -13.50 18.52 -27.57
C LEU F 397 -14.35 17.36 -27.07
N ASP F 398 -15.63 17.62 -26.82
CA ASP F 398 -16.56 16.58 -26.40
C ASP F 398 -16.73 15.62 -27.57
N TRP F 399 -15.89 14.61 -27.62
CA TRP F 399 -15.89 13.68 -28.75
C TRP F 399 -17.18 12.89 -28.90
N LYS F 400 -18.01 12.90 -27.86
CA LYS F 400 -19.32 12.26 -27.92
C LYS F 400 -20.10 12.88 -29.08
N ARG F 401 -20.62 14.08 -28.86
CA ARG F 401 -21.39 14.78 -29.89
C ARG F 401 -21.01 14.41 -31.33
N TYR F 402 -19.77 14.00 -31.55
CA TYR F 402 -19.33 13.64 -32.89
C TYR F 402 -19.63 12.18 -33.23
N GLY F 403 -18.74 11.27 -32.86
CA GLY F 403 -18.98 9.86 -33.11
C GLY F 403 -19.11 9.11 -31.79
N ILE F 404 -18.05 8.43 -31.40
CA ILE F 404 -17.98 7.74 -30.12
C ILE F 404 -19.26 7.80 -29.30
N SER F 406 -18.51 4.93 -26.26
CA SER F 406 -17.78 4.01 -25.40
C SER F 406 -16.69 4.73 -24.62
N ASP F 407 -16.55 4.39 -23.33
CA ASP F 407 -15.51 4.99 -22.50
C ASP F 407 -14.15 4.47 -22.90
N GLN F 408 -13.99 4.20 -24.20
CA GLN F 408 -12.74 3.71 -24.76
C GLN F 408 -12.87 3.78 -26.27
N TYR F 409 -11.83 4.24 -26.96
CA TYR F 409 -11.96 4.41 -28.40
C TYR F 409 -10.68 4.23 -29.19
N GLN F 410 -10.83 4.26 -30.50
CA GLN F 410 -9.71 4.12 -31.42
C GLN F 410 -9.49 5.45 -32.14
N MSE F 411 -8.55 6.26 -31.67
CA MSE F 411 -8.36 7.58 -32.27
C MSE F 411 -6.97 8.19 -32.25
O MSE F 411 -6.28 8.18 -31.24
CB MSE F 411 -9.36 8.56 -31.68
CG MSE F 411 -9.10 9.99 -32.11
SE MSE F 411 -10.71 11.05 -32.04
CE MSE F 411 -11.36 10.47 -30.34
N VAL F 412 -6.60 8.78 -33.38
CA VAL F 412 -5.37 9.55 -33.50
C VAL F 412 -5.72 10.91 -34.06
N VAL F 413 -5.25 11.95 -33.40
CA VAL F 413 -5.50 13.32 -33.83
C VAL F 413 -4.19 14.06 -33.91
N MSE F 414 -3.93 14.74 -35.02
CA MSE F 414 -2.70 15.53 -35.14
C MSE F 414 -2.95 16.98 -35.58
O MSE F 414 -3.87 17.26 -36.35
CB MSE F 414 -1.67 14.85 -36.04
CG MSE F 414 -2.00 14.79 -37.51
SE MSE F 414 -0.34 14.55 -38.55
CE MSE F 414 0.05 16.44 -38.84
N VAL F 415 -2.12 17.88 -35.09
CA VAL F 415 -2.26 19.28 -35.37
C VAL F 415 -0.91 19.84 -35.72
N HIS F 416 -0.84 20.61 -36.79
CA HIS F 416 0.39 21.29 -37.13
C HIS F 416 0.15 22.80 -37.25
N LEU F 417 0.96 23.57 -36.54
CA LEU F 417 0.85 25.01 -36.61
C LEU F 417 2.04 25.52 -37.38
N CYS F 418 1.80 26.38 -38.36
CA CYS F 418 2.91 26.98 -39.09
C CYS F 418 2.72 28.47 -39.21
N SER F 419 3.82 29.20 -39.07
CA SER F 419 3.77 30.64 -39.02
C SER F 419 5.14 31.22 -39.11
N THR F 420 5.24 32.53 -39.30
CA THR F 420 6.55 33.17 -39.31
C THR F 420 7.02 33.36 -37.86
N LYS F 421 6.16 33.01 -36.92
CA LYS F 421 6.56 33.06 -35.52
C LYS F 421 5.67 32.15 -34.68
N ILE F 422 6.23 31.01 -34.26
CA ILE F 422 5.57 30.10 -33.33
C ILE F 422 5.85 30.66 -31.95
N PRO F 423 4.83 30.80 -31.13
CA PRO F 423 5.00 31.34 -29.77
C PRO F 423 5.29 30.19 -28.82
N TYR F 424 6.54 29.72 -28.80
CA TYR F 424 6.88 28.60 -27.92
C TYR F 424 6.86 29.08 -26.47
N LYS F 425 6.50 28.18 -25.55
CA LYS F 425 6.50 28.53 -24.14
C LYS F 425 7.90 28.71 -23.60
N SER F 426 8.87 28.04 -24.24
CA SER F 426 10.25 28.15 -23.78
C SER F 426 11.15 27.88 -24.94
N ALA F 427 12.39 28.36 -24.87
CA ALA F 427 13.35 28.06 -25.92
C ALA F 427 13.65 26.57 -25.79
N GLY F 428 14.20 25.95 -26.80
CA GLY F 428 14.33 24.49 -26.71
C GLY F 428 12.97 23.99 -27.15
N LYS F 429 11.97 24.84 -26.91
CA LYS F 429 10.63 24.76 -27.47
C LYS F 429 9.82 23.49 -27.51
N GLU F 430 9.37 22.92 -26.43
CA GLU F 430 8.57 21.73 -26.72
C GLU F 430 7.09 22.02 -26.80
N SER F 431 6.69 23.27 -26.57
CA SER F 431 5.25 23.54 -26.51
C SER F 431 4.84 24.96 -26.90
N ILE F 432 3.66 25.07 -27.53
CA ILE F 432 3.13 26.35 -27.97
C ILE F 432 2.42 27.09 -26.84
N ALA F 433 2.63 28.39 -26.74
CA ALA F 433 2.03 29.18 -25.67
C ALA F 433 0.54 29.46 -25.91
N GLU F 434 -0.14 29.87 -24.85
CA GLU F 434 -1.60 30.09 -24.91
C GLU F 434 -2.00 31.40 -25.61
N VAL F 435 -2.09 31.38 -26.94
CA VAL F 435 -2.50 32.55 -27.68
C VAL F 435 -3.92 32.36 -28.23
N GLU F 436 -4.82 33.28 -27.88
CA GLU F 436 -6.25 33.19 -28.17
C GLU F 436 -6.63 32.86 -29.62
N ASP F 437 -6.16 33.65 -30.56
CA ASP F 437 -6.47 33.44 -31.97
C ASP F 437 -5.98 32.09 -32.46
N ILE F 438 -4.79 31.71 -32.04
CA ILE F 438 -4.20 30.45 -32.44
C ILE F 438 -5.08 29.36 -31.86
N GLU F 439 -5.47 29.56 -30.62
CA GLU F 439 -6.31 28.61 -29.93
C GLU F 439 -7.68 28.54 -30.60
N LYS F 440 -8.18 29.69 -31.06
CA LYS F 440 -9.44 29.70 -31.79
C LYS F 440 -9.34 28.90 -33.09
N GLU F 441 -8.26 29.11 -33.83
CA GLU F 441 -8.11 28.41 -35.10
C GLU F 441 -7.82 26.91 -34.94
N ILE F 442 -7.12 26.52 -33.90
CA ILE F 442 -6.88 25.10 -33.68
C ILE F 442 -8.23 24.40 -33.51
N LYS F 443 -9.05 24.91 -32.61
CA LYS F 443 -10.39 24.34 -32.37
C LYS F 443 -11.20 24.25 -33.67
N ASN F 444 -11.00 25.21 -34.57
CA ASN F 444 -11.74 25.24 -35.84
C ASN F 444 -11.31 24.11 -36.75
N ALA F 445 -10.00 23.94 -36.92
CA ALA F 445 -9.46 22.87 -37.72
C ALA F 445 -9.91 21.54 -37.16
N LEU F 446 -9.83 21.41 -35.85
CA LEU F 446 -10.26 20.19 -35.22
C LEU F 446 -11.65 19.86 -35.69
N MSE F 447 -12.59 20.73 -35.37
CA MSE F 447 -13.96 20.53 -35.76
C MSE F 447 -14.13 20.20 -37.23
O MSE F 447 -14.90 19.32 -37.58
CB MSE F 447 -14.81 21.74 -35.36
CG MSE F 447 -15.26 21.70 -33.91
SE MSE F 447 -15.83 23.43 -33.25
CE MSE F 447 -16.58 22.81 -31.51
N GLU F 448 -13.42 20.92 -38.11
CA GLU F 448 -13.56 20.70 -39.55
C GLU F 448 -13.18 19.28 -39.99
N VAL F 449 -12.44 18.57 -39.15
CA VAL F 449 -12.10 17.19 -39.45
C VAL F 449 -12.84 16.23 -38.52
N ALA F 450 -13.47 16.77 -37.50
CA ALA F 450 -14.23 15.92 -36.59
C ALA F 450 -15.62 15.65 -37.16
N ARG F 451 -16.08 16.54 -38.03
CA ARG F 451 -17.39 16.39 -38.65
C ARG F 451 -17.31 15.28 -39.69
N LYS F 452 -16.15 15.15 -40.33
CA LYS F 452 -15.93 14.09 -41.29
C LYS F 452 -16.02 12.76 -40.56
N LEU F 453 -15.31 12.65 -39.45
CA LEU F 453 -15.37 11.45 -38.65
C LEU F 453 -16.81 11.21 -38.21
N LYS F 454 -17.50 12.28 -37.82
CA LYS F 454 -18.89 12.17 -37.41
C LYS F 454 -19.69 11.51 -38.52
N GLN F 455 -19.53 12.02 -39.74
CA GLN F 455 -20.21 11.44 -40.88
C GLN F 455 -19.86 9.97 -41.03
N TYR F 456 -18.57 9.66 -41.12
CA TYR F 456 -18.16 8.27 -41.27
C TYR F 456 -18.87 7.36 -40.26
N LEU F 457 -18.69 7.66 -38.98
CA LEU F 457 -19.28 6.85 -37.91
C LEU F 457 -20.78 6.70 -38.09
N SER F 458 -21.46 7.78 -38.45
CA SER F 458 -22.89 7.75 -38.69
C SER F 458 -23.24 6.70 -39.75
N GLU F 459 -22.36 6.55 -40.74
CA GLU F 459 -22.59 5.60 -41.82
C GLU F 459 -22.30 4.15 -41.44
N LYS F 460 -21.21 3.92 -40.70
CA LYS F 460 -20.86 2.58 -40.28
C LYS F 460 -21.98 1.96 -39.45
N ARG F 461 -22.56 2.75 -38.56
CA ARG F 461 -23.65 2.29 -37.69
C ARG F 461 -24.93 2.00 -38.45
N LYS F 462 -25.16 2.72 -39.55
CA LYS F 462 -26.33 2.47 -40.37
C LYS F 462 -26.13 1.14 -41.10
N GLU F 463 -24.90 0.91 -41.56
CA GLU F 463 -24.54 -0.32 -42.25
C GLU F 463 -24.61 -1.53 -41.33
N GLN F 464 -24.31 -1.33 -40.04
CA GLN F 464 -24.38 -2.39 -39.06
C GLN F 464 -25.83 -2.77 -38.76
N GLU F 465 -26.67 -1.75 -38.61
CA GLU F 465 -28.09 -1.95 -38.30
C GLU F 465 -28.87 -2.40 -39.54
MG MG G . -40.15 -31.02 -5.89
PG ANP H . -37.98 -32.43 -7.90
O1G ANP H . -37.70 -31.80 -9.23
O2G ANP H . -39.34 -32.07 -7.44
O3G ANP H . -37.84 -33.92 -7.97
PB ANP H . -37.21 -30.43 -6.05
O1B ANP H . -38.36 -30.55 -5.12
O2B ANP H . -35.98 -30.09 -5.28
N3B ANP H . -36.90 -31.85 -6.80
PA ANP H . -38.68 -28.42 -7.00
O1A ANP H . -39.95 -29.16 -6.84
O2A ANP H . -38.66 -27.59 -8.22
O3A ANP H . -37.50 -29.37 -7.10
O5' ANP H . -38.50 -27.50 -5.79
C5' ANP H . -37.36 -26.66 -5.76
C4' ANP H . -36.91 -26.31 -4.35
O4' ANP H . -37.75 -25.35 -3.74
C3' ANP H . -36.94 -27.49 -3.39
O3' ANP H . -35.76 -28.25 -3.49
C2' ANP H . -37.12 -26.83 -2.03
O2' ANP H . -35.90 -26.40 -1.46
C1' ANP H . -37.92 -25.58 -2.36
N9 ANP H . -39.35 -25.75 -2.08
C8 ANP H . -40.35 -25.97 -2.96
N7 ANP H . -41.55 -26.01 -2.35
C5 ANP H . -41.32 -25.81 -1.06
C6 ANP H . -42.14 -25.72 0.16
N6 ANP H . -43.52 -25.88 0.12
N1 ANP H . -41.51 -25.49 1.30
C2 ANP H . -40.18 -25.33 1.38
N3 ANP H . -39.36 -25.40 0.33
C4 ANP H . -39.88 -25.63 -0.87
MG MG I . -28.72 -38.03 -31.78
PG ANP J . -30.93 -36.60 -29.92
O1G ANP J . -30.49 -36.29 -28.53
O2G ANP J . -30.14 -37.72 -30.44
O3G ANP J . -32.37 -36.98 -29.98
PB ANP J . -29.24 -35.05 -31.67
O1B ANP J . -29.00 -36.17 -32.61
O2B ANP J . -29.30 -33.73 -32.35
N3B ANP J . -30.70 -35.28 -30.91
PA ANP J . -26.87 -35.82 -30.61
O1A ANP J . -27.14 -37.28 -30.79
O2A ANP J . -26.22 -35.54 -29.30
O3A ANP J . -28.15 -34.98 -30.62
O5' ANP J . -26.00 -35.34 -31.76
C5' ANP J . -25.65 -33.97 -31.73
C4' ANP J . -25.42 -33.36 -33.11
O4' ANP J . -24.18 -33.78 -33.69
C3' ANP J . -26.46 -33.75 -34.16
O3' ANP J . -27.55 -32.86 -34.10
C2' ANP J . -25.68 -33.65 -35.46
O2' ANP J . -25.77 -32.33 -35.97
C1' ANP J . -24.23 -33.93 -35.10
N9 ANP J . -23.88 -35.30 -35.49
C8 ANP J . -23.88 -36.34 -34.69
N7 ANP J . -23.53 -37.44 -35.39
C5 ANP J . -23.30 -37.11 -36.64
C6 ANP J . -22.90 -37.82 -37.84
N6 ANP J . -22.68 -39.19 -37.79
N1 ANP J . -22.76 -37.11 -38.94
C2 ANP J . -23.01 -35.80 -38.96
N3 ANP J . -23.38 -35.09 -37.88
C4 ANP J . -23.54 -35.69 -36.72
MG MG K . 38.86 0.80 42.68
PG ANP L . 38.16 3.64 41.40
O1G ANP L . 37.84 4.72 42.36
O2G ANP L . 37.82 2.30 41.97
O3G ANP L . 37.45 3.81 40.08
PB ANP L . 40.89 2.96 41.97
O1B ANP L . 40.70 1.49 41.80
O2B ANP L . 42.27 3.32 41.52
N3B ANP L . 39.79 3.75 41.06
PA ANP L . 40.57 2.48 44.59
O1A ANP L . 39.50 1.43 44.46
O2A ANP L . 40.27 3.32 45.78
O3A ANP L . 40.67 3.40 43.38
O5' ANP L . 41.92 1.81 44.76
C5' ANP L . 43.03 2.60 45.14
C4' ANP L . 44.29 1.93 44.69
O4' ANP L . 44.64 0.85 45.56
C3' ANP L . 44.16 1.26 43.32
O3' ANP L . 44.40 2.17 42.28
C2' ANP L . 45.15 0.10 43.40
O2' ANP L . 46.47 0.55 43.08
C1' ANP L . 45.17 -0.26 44.87
N9 ANP L . 44.41 -1.51 45.18
C8 ANP L . 43.22 -1.58 45.80
N7 ANP L . 42.85 -2.88 45.96
C5 ANP L . 43.81 -3.65 45.45
C6 ANP L . 44.04 -5.10 45.29
N6 ANP L . 43.11 -6.03 45.72
N1 ANP L . 45.16 -5.49 44.69
C2 ANP L . 46.08 -4.61 44.26
N3 ANP L . 45.94 -3.29 44.39
C4 ANP L . 44.85 -2.75 44.94
MG MG M . 26.01 26.98 43.33
NA NA N . 17.09 19.99 71.48
PG ANP O . 26.76 23.96 44.38
O1G ANP O . 28.03 23.38 43.84
O2G ANP O . 26.19 24.93 43.42
O3G ANP O . 25.74 22.88 44.69
PB ANP O . 27.50 26.31 45.81
O1B ANP O . 26.40 27.13 45.20
O2B ANP O . 27.72 26.73 47.24
N3B ANP O . 27.10 24.72 45.80
PA ANP O . 29.05 27.41 43.90
O1A ANP O . 28.00 27.28 42.82
O2A ANP O . 30.38 27.10 43.29
O3A ANP O . 28.78 26.44 45.03
O5' ANP O . 29.10 28.76 44.54
C5' ANP O . 30.18 29.00 45.40
C4' ANP O . 29.84 30.01 46.46
O4' ANP O . 29.93 31.33 45.93
C3' ANP O . 28.40 29.91 46.91
O3' ANP O . 28.22 29.01 47.99
C2' ANP O . 28.04 31.34 47.29
O2' ANP O . 28.36 31.64 48.63
C1' ANP O . 28.91 32.18 46.38
N9 ANP O . 28.14 32.68 45.22
C8 ANP O . 28.14 32.19 43.97
N7 ANP O . 27.35 32.93 43.17
C5 ANP O . 26.83 33.92 43.89
C6 ANP O . 25.91 35.06 43.64
N6 ANP O . 25.34 35.31 42.39
N1 ANP O . 25.65 35.84 44.68
C2 ANP O . 26.18 35.64 45.89
N3 ANP O . 27.01 34.61 46.18
C4 ANP O . 27.36 33.75 45.24
MG MG P . 12.31 40.48 -10.13
PG ANP Q . 13.98 38.32 -11.97
O1G ANP Q . 14.11 38.65 -13.43
O2G ANP Q . 12.78 39.00 -11.42
O3G ANP Q . 13.90 36.86 -11.73
PB ANP Q . 15.34 40.44 -10.64
O1B ANP Q . 14.36 40.64 -9.53
O2B ANP Q . 16.71 40.75 -10.15
N3B ANP Q . 15.32 38.88 -11.15
PA ANP Q . 14.01 42.48 -11.83
O1A ANP Q . 12.65 42.08 -11.39
O2A ANP Q . 13.97 43.06 -13.21
O3A ANP Q . 14.96 41.31 -11.84
O5' ANP Q . 14.49 43.55 -10.88
C5' ANP Q . 15.71 44.22 -11.17
C4' ANP Q . 16.36 44.72 -9.89
O4' ANP Q . 15.72 45.90 -9.42
C3' ANP Q . 16.24 43.76 -8.70
O3' ANP Q . 17.30 42.83 -8.70
C2' ANP Q . 16.29 44.69 -7.50
O2' ANP Q . 17.64 44.91 -7.16
C1' ANP Q . 15.70 46.01 -8.01
N9 ANP Q . 14.30 46.17 -7.56
C8 ANP Q . 13.20 45.96 -8.28
N7 ANP Q . 12.09 46.24 -7.57
C5 ANP Q . 12.46 46.65 -6.38
C6 ANP Q . 11.81 47.11 -5.15
N6 ANP Q . 10.42 47.18 -5.01
N1 ANP Q . 12.59 47.44 -4.14
C2 ANP Q . 13.92 47.37 -4.22
N3 ANP Q . 14.59 46.97 -5.30
C4 ANP Q . 13.93 46.60 -6.38
MG MG R . 18.97 27.21 -35.11
PG ANP S . 17.13 28.88 -33.22
O1G ANP S . 17.90 29.45 -32.08
O2G ANP S . 17.51 27.45 -33.47
O3G ANP S . 15.65 28.87 -32.97
PB ANP S . 18.80 29.76 -35.42
O1B ANP S . 18.73 28.50 -36.20
O2B ANP S . 18.87 31.00 -36.28
N3B ANP S . 17.42 29.90 -34.49
PA ANP S . 21.08 28.71 -34.53
O1A ANP S . 20.50 27.33 -34.60
O2A ANP S . 21.86 28.85 -33.25
O3A ANP S . 20.01 29.77 -34.52
O5' ANP S . 21.97 28.96 -35.70
C5' ANP S . 22.43 30.27 -35.96
C4' ANP S . 22.67 30.41 -37.45
O4' ANP S . 23.58 29.42 -37.96
C3' ANP S . 21.39 30.18 -38.23
O3' ANP S . 20.77 31.41 -38.57
C2' ANP S . 21.81 29.39 -39.48
O2' ANP S . 21.81 30.23 -40.62
C1' ANP S . 23.25 28.94 -39.28
N9 ANP S . 23.30 27.47 -39.47
C8 ANP S . 23.21 26.57 -38.48
N7 ANP S . 23.27 25.30 -38.96
C5 ANP S . 23.40 25.37 -40.28
C6 ANP S . 23.53 24.39 -41.37
N6 ANP S . 23.52 23.01 -41.12
N1 ANP S . 23.64 24.87 -42.60
C2 ANP S . 23.65 26.19 -42.85
N3 ANP S . 23.56 27.14 -41.92
C4 ANP S . 23.42 26.80 -40.63
#